data_2VVL
#
_entry.id   2VVL
#
_cell.length_a   103.287
_cell.length_b   187.248
_cell.length_c   132.432
_cell.angle_alpha   90.00
_cell.angle_beta   90.10
_cell.angle_gamma   90.00
#
_symmetry.space_group_name_H-M   'P 1 21 1'
#
loop_
_entity.id
_entity.type
_entity.pdbx_description
1 polymer 'MONOAMINE OXIDASE N'
2 polymer 'MONOAMINE OXIDASE N'
3 non-polymer 'FLAVIN-ADENINE DINUCLEOTIDE'
4 non-polymer 1,2-ETHANEDIOL
5 water water
#
loop_
_entity_poly.entity_id
_entity_poly.type
_entity_poly.pdbx_seq_one_letter_code
_entity_poly.pdbx_strand_id
1 'polypeptide(L)'
;MTSRDGYQWTPETGLTQGVPSLGVISPPTNIEDTDKDGPWDVIVIGGGYCGLTATRDLTVAGFKTLLLEARDRIGGRSWS
SNIDGYPYEMGGTWVHWHQSHVWREITRYKMHNALSPSFNFSRGVNHFQLRTNPTTSTYMTHEAEDELLRSALHKFTNVD
GTNGRTVLPFPHDMFYVPEFRKYDEMSYSERIDQIRDELSLNERSSLEAFILLCSGGTLENSSFGEFLHWWAMSGYTYQG
CMDCLMSYKFKDGQSAFARRFWEEAAGTGRLGYVFGCPVRSVVNERDAARVTARDGREFVAKRVVCTIPLNVLSTIQFSP
ALSTERISAMQAGHVSMCTKVHAEVDNKDMRSWTGIAYPFNKLCYAIGDGTTPAGNTHLVCFGTDANHIQPDEDVRETLK
AVGQLAPGTFGVKRLVFHNWVKDEFAKGAWFFSRPGMVSECLQGLREKHGGVVFANSDWALGWRSFIDGAIEEGTRAARV
VLEELGTKREVKARL
;
A,B,C,D,E,F,H
2 'polypeptide(L)'
;MTSRDGYQWTPETGLTQGVTSLGVISPPTNIEDTDKDGPWDVIVIGGGYCGLTATRDLTVAGFKTLLLEARDRIGGRSWS
SNIDGYPYEMGGTWVHWHQSHVWREITRYKMHNALSPSFNFSRGVNHFQLRTNPTTSTYMTHEAEDELLRSALHKFTNVD
GTNGRTVLPFPHDMFYVPEFRKYDEMSYSERIDQIRDELSLNERSSLEAFILLCSGGTLENSSFGEFLHWWAMSGYTYQG
CMDCLMSYKFKDGQSAFARRFWEEAAGTGRLGYVFGCPVRSVVNERDAARVTARDGREFVAKRVVCTIPLNVLSTIQFSP
ALSTERISAMQAGHVSMCTKVHAEVDNKDMRSWTGIAYPFNKLCYAIGDGTTPAGNTHLVCFGTDANHIQPDEDVRETLK
AVGQLAPGTFGVKRLVFHNWVKDEFAKGAWFFSRPGMVSECLQGLREKHGGVVFANSDWALGWRSFIDGAIEEGTRAARV
VLEELGTKREVKARL
;
G
#
loop_
_chem_comp.id
_chem_comp.type
_chem_comp.name
_chem_comp.formula
EDO non-polymer 1,2-ETHANEDIOL 'C2 H6 O2'
FAD non-polymer 'FLAVIN-ADENINE DINUCLEOTIDE' 'C27 H33 N9 O15 P2'
#
# COMPACT_ATOMS: atom_id res chain seq x y z
N MET A 1 53.09 11.59 53.92
CA MET A 1 53.18 12.00 55.38
C MET A 1 51.86 11.67 56.09
N THR A 2 51.93 11.46 57.40
CA THR A 2 50.78 11.06 58.20
C THR A 2 50.05 12.23 58.89
N SER A 3 48.73 12.27 58.71
CA SER A 3 47.90 13.38 59.22
C SER A 3 47.50 13.12 60.65
N ARG A 4 47.10 14.15 61.36
CA ARG A 4 46.50 14.01 62.66
C ARG A 4 45.05 13.52 62.69
N ASP A 5 44.36 13.65 61.56
CA ASP A 5 42.97 13.32 61.22
C ASP A 5 42.78 11.82 60.93
N GLY A 6 41.62 11.31 61.11
CA GLY A 6 41.47 9.93 60.87
C GLY A 6 41.82 8.99 61.99
N TYR A 7 41.33 7.82 61.81
CA TYR A 7 41.39 6.72 62.76
C TYR A 7 41.57 5.44 61.95
N GLN A 8 42.25 4.49 62.55
CA GLN A 8 42.42 3.18 61.97
C GLN A 8 42.25 2.16 63.07
N TRP A 9 41.69 1.00 62.74
CA TRP A 9 41.56 -0.08 63.70
C TRP A 9 41.89 -1.39 63.02
N THR A 10 42.64 -2.23 63.70
CA THR A 10 42.77 -3.65 63.33
C THR A 10 42.71 -4.50 64.61
N PRO A 11 42.34 -5.76 64.50
CA PRO A 11 42.36 -6.61 65.68
C PRO A 11 43.73 -6.63 66.41
N GLU A 12 44.84 -6.74 65.67
CA GLU A 12 46.19 -6.76 66.25
C GLU A 12 46.62 -5.49 67.01
N THR A 13 46.15 -4.31 66.57
CA THR A 13 46.68 -3.02 67.06
C THR A 13 45.73 -2.24 67.95
N GLY A 14 44.45 -2.57 67.91
CA GLY A 14 43.43 -1.70 68.46
C GLY A 14 43.30 -0.41 67.64
N LEU A 15 42.66 0.57 68.23
CA LEU A 15 42.41 1.83 67.62
C LEU A 15 43.56 2.78 67.65
N THR A 16 44.07 3.15 66.50
CA THR A 16 45.08 4.20 66.47
C THR A 16 44.54 5.44 65.79
N GLN A 17 45.03 6.59 66.18
CA GLN A 17 44.65 7.87 65.64
C GLN A 17 45.72 8.46 64.73
N GLY A 18 45.30 9.00 63.59
CA GLY A 18 46.20 9.59 62.60
C GLY A 18 46.55 8.60 61.51
N VAL A 19 46.29 8.99 60.25
CA VAL A 19 46.54 8.14 59.07
C VAL A 19 47.26 8.92 57.95
N PRO A 20 47.94 8.21 57.04
CA PRO A 20 48.63 8.93 55.95
C PRO A 20 47.64 9.57 54.98
N SER A 21 48.13 10.57 54.25
CA SER A 21 47.37 11.22 53.18
C SER A 21 48.32 12.06 52.35
N LEU A 22 48.14 12.01 51.04
CA LEU A 22 48.86 12.88 50.14
C LEU A 22 48.42 14.33 50.35
N GLY A 23 47.30 14.52 51.03
CA GLY A 23 46.83 15.86 51.34
C GLY A 23 47.73 16.63 52.30
N VAL A 24 48.52 15.91 53.07
CA VAL A 24 49.43 16.51 54.03
C VAL A 24 50.56 17.31 53.42
N ILE A 25 50.64 18.54 53.83
CA ILE A 25 51.62 19.45 53.34
C ILE A 25 52.59 19.89 54.40
N SER A 26 53.84 19.83 54.11
CA SER A 26 54.47 18.90 53.27
C SER A 26 55.81 19.29 53.81
N PRO A 27 56.15 20.56 53.61
CA PRO A 27 56.58 21.53 54.59
C PRO A 27 55.42 22.48 55.00
N PRO A 28 55.16 22.65 56.28
CA PRO A 28 53.87 23.22 56.76
C PRO A 28 53.69 24.72 56.56
N THR A 29 54.76 25.42 56.21
CA THR A 29 54.72 26.82 55.80
C THR A 29 55.89 27.12 54.85
N ASN A 30 55.75 28.18 54.06
CA ASN A 30 56.83 28.63 53.16
C ASN A 30 57.02 30.14 53.34
N ILE A 31 56.50 30.65 54.45
CA ILE A 31 56.47 32.08 54.74
C ILE A 31 57.67 32.51 55.60
N TRP A 40 49.93 40.83 51.32
CA TRP A 40 49.24 39.95 50.37
C TRP A 40 48.11 40.65 49.67
N ASP A 41 47.91 40.31 48.39
CA ASP A 41 46.73 40.79 47.68
C ASP A 41 45.51 40.13 48.29
N VAL A 42 45.60 38.83 48.57
CA VAL A 42 44.44 38.06 49.05
C VAL A 42 44.88 37.05 50.09
N ILE A 43 44.07 36.89 51.13
CA ILE A 43 44.16 35.74 52.00
C ILE A 43 42.95 34.82 51.74
N VAL A 44 43.23 33.52 51.66
CA VAL A 44 42.21 32.52 51.57
C VAL A 44 42.28 31.69 52.84
N ILE A 45 41.17 31.66 53.58
CA ILE A 45 41.10 30.86 54.80
C ILE A 45 40.47 29.50 54.48
N GLY A 46 41.26 28.43 54.63
CA GLY A 46 40.80 27.08 54.37
C GLY A 46 41.27 26.49 53.05
N GLY A 47 41.74 25.25 53.10
CA GLY A 47 42.21 24.58 51.91
C GLY A 47 41.44 23.33 51.57
N GLY A 48 40.13 23.40 51.63
CA GLY A 48 39.33 22.40 50.95
C GLY A 48 39.16 22.87 49.50
N TYR A 49 38.24 22.27 48.78
CA TYR A 49 38.18 22.48 47.32
C TYR A 49 37.78 23.90 46.94
N CYS A 50 37.02 24.57 47.82
CA CYS A 50 36.63 25.95 47.59
C CYS A 50 37.86 26.85 47.66
N GLY A 51 38.65 26.67 48.71
CA GLY A 51 39.85 27.43 48.91
C GLY A 51 40.90 27.10 47.88
N LEU A 52 41.02 25.84 47.52
CA LEU A 52 41.98 25.43 46.51
C LEU A 52 41.66 26.07 45.16
N THR A 53 40.39 26.06 44.77
CA THR A 53 39.96 26.64 43.49
C THR A 53 40.16 28.15 43.48
N ALA A 54 39.74 28.84 44.55
CA ALA A 54 39.95 30.30 44.64
C ALA A 54 41.43 30.64 44.53
N THR A 55 42.25 29.85 45.24
CA THR A 55 43.68 30.06 45.30
C THR A 55 44.35 29.78 43.96
N ARG A 56 44.03 28.67 43.35
CA ARG A 56 44.45 28.35 42.03
C ARG A 56 44.06 29.43 41.04
N ASP A 57 42.82 29.83 41.02
CA ASP A 57 42.37 30.88 40.11
C ASP A 57 43.08 32.23 40.31
N LEU A 58 43.21 32.64 41.57
CA LEU A 58 43.80 33.94 41.90
C LEU A 58 45.30 34.01 41.61
N THR A 59 46.05 32.98 41.98
CA THR A 59 47.49 32.97 41.72
C THR A 59 47.80 32.93 40.22
N VAL A 60 47.09 32.08 39.47
CA VAL A 60 47.23 32.00 38.00
C VAL A 60 46.96 33.36 37.36
N ALA A 61 46.00 34.11 37.89
CA ALA A 61 45.63 35.41 37.33
C ALA A 61 46.53 36.57 37.79
N GLY A 62 47.57 36.26 38.57
CA GLY A 62 48.57 37.27 38.92
C GLY A 62 48.57 37.88 40.32
N PHE A 63 47.75 37.37 41.24
CA PHE A 63 47.70 37.90 42.60
C PHE A 63 48.59 37.11 43.58
N LYS A 64 49.27 37.82 44.48
CA LYS A 64 49.95 37.19 45.59
C LYS A 64 48.88 36.73 46.58
N THR A 65 48.92 35.46 46.94
CA THR A 65 47.86 34.85 47.70
C THR A 65 48.40 34.00 48.83
N LEU A 66 47.88 34.24 50.03
CA LEU A 66 48.25 33.49 51.22
C LEU A 66 47.10 32.59 51.66
N LEU A 67 47.34 31.31 51.68
CA LEU A 67 46.39 30.36 52.17
C LEU A 67 46.65 29.97 53.59
N LEU A 68 45.66 30.17 54.43
CA LEU A 68 45.70 29.79 55.82
C LEU A 68 44.76 28.63 56.09
N GLU A 69 45.30 27.55 56.65
CA GLU A 69 44.55 26.35 56.93
C GLU A 69 44.82 25.85 58.36
N ALA A 70 43.74 25.42 59.01
CA ALA A 70 43.75 25.01 60.38
C ALA A 70 44.40 23.66 60.55
N ARG A 71 44.17 22.78 59.59
CA ARG A 71 44.64 21.41 59.61
C ARG A 71 46.04 21.22 59.15
N ASP A 72 46.50 19.96 59.18
CA ASP A 72 47.87 19.73 58.65
C ASP A 72 47.89 19.36 57.16
N ARG A 73 46.73 19.53 56.51
CA ARG A 73 46.48 18.97 55.17
C ARG A 73 45.50 19.83 54.39
N ILE A 74 45.47 19.63 53.06
CA ILE A 74 44.46 20.23 52.19
C ILE A 74 43.26 19.29 52.05
N GLY A 75 42.20 19.75 51.40
CA GLY A 75 41.03 18.88 51.09
C GLY A 75 39.77 19.08 51.96
N GLY A 76 39.96 19.62 53.15
CA GLY A 76 38.85 19.86 54.07
C GLY A 76 38.00 18.64 54.29
N ARG A 77 36.75 18.71 53.84
CA ARG A 77 35.80 17.65 54.09
C ARG A 77 35.95 16.49 53.11
N SER A 78 36.94 16.61 52.23
CA SER A 78 37.26 15.54 51.28
C SER A 78 38.75 15.22 51.30
N TRP A 79 39.11 13.95 51.48
CA TRP A 79 40.53 13.57 51.52
C TRP A 79 40.67 12.07 51.67
N SER A 80 41.81 11.56 51.21
CA SER A 80 41.99 10.14 51.17
C SER A 80 43.27 9.65 51.84
N SER A 81 43.19 8.44 52.37
CA SER A 81 44.29 7.84 53.05
C SER A 81 44.67 6.52 52.39
N ASN A 82 45.88 6.47 51.85
CA ASN A 82 46.36 5.24 51.27
C ASN A 82 46.92 4.33 52.35
N ILE A 83 46.23 3.22 52.60
CA ILE A 83 46.66 2.23 53.57
C ILE A 83 46.76 0.86 52.92
N ASP A 84 47.99 0.33 52.94
CA ASP A 84 48.35 -0.92 52.28
C ASP A 84 47.92 -0.86 50.82
N GLY A 85 48.18 0.29 50.19
CA GLY A 85 47.95 0.49 48.76
C GLY A 85 46.51 0.80 48.37
N TYR A 86 45.65 1.04 49.35
CA TYR A 86 44.24 1.29 49.07
C TYR A 86 43.78 2.70 49.51
N PRO A 87 43.17 3.47 48.58
CA PRO A 87 42.71 4.79 49.00
C PRO A 87 41.40 4.70 49.79
N TYR A 88 41.44 5.11 51.05
CA TYR A 88 40.23 5.17 51.86
C TYR A 88 39.78 6.61 51.85
N GLU A 89 38.54 6.83 51.44
CA GLU A 89 37.99 8.17 51.29
C GLU A 89 37.33 8.54 52.60
N MET A 90 37.88 9.53 53.28
CA MET A 90 37.43 9.83 54.64
C MET A 90 36.15 10.68 54.64
N GLY A 91 36.00 11.50 53.62
CA GLY A 91 34.76 12.26 53.46
C GLY A 91 34.17 12.15 52.05
N GLY A 92 34.08 13.29 51.37
CA GLY A 92 33.50 13.35 50.03
C GLY A 92 34.24 12.50 49.03
N THR A 93 33.48 11.69 48.30
CA THR A 93 34.05 10.64 47.47
C THR A 93 33.71 10.74 45.98
N TRP A 94 32.40 10.73 45.70
CA TRP A 94 31.88 10.48 44.39
C TRP A 94 31.66 11.74 43.55
N VAL A 95 31.97 11.60 42.26
CA VAL A 95 31.86 12.66 41.25
C VAL A 95 31.22 12.11 39.95
N HIS A 96 30.81 13.01 39.06
CA HIS A 96 30.16 12.62 37.82
C HIS A 96 30.24 13.76 36.81
N TRP A 97 30.23 13.43 35.51
CA TRP A 97 30.23 14.46 34.45
C TRP A 97 28.96 15.34 34.39
N HIS A 98 27.89 14.99 35.07
CA HIS A 98 26.69 15.81 35.20
C HIS A 98 26.78 16.92 36.25
N GLN A 99 27.95 16.89 36.89
CA GLN A 99 28.37 17.88 37.87
C GLN A 99 29.38 18.78 37.18
N SER A 100 28.94 19.98 36.87
CA SER A 100 29.66 20.91 36.02
C SER A 100 31.08 21.31 36.47
N HIS A 101 31.22 21.70 37.73
CA HIS A 101 32.44 22.34 38.15
C HIS A 101 33.51 21.31 38.51
N VAL A 102 33.15 20.28 39.24
CA VAL A 102 34.16 19.24 39.48
C VAL A 102 34.60 18.60 38.16
N TRP A 103 33.66 18.33 37.27
CA TRP A 103 34.01 17.72 36.04
C TRP A 103 34.94 18.54 35.17
N ARG A 104 34.81 19.84 35.21
CA ARG A 104 35.65 20.69 34.43
C ARG A 104 37.04 20.66 34.95
N GLU A 105 37.19 20.55 36.24
CA GLU A 105 38.51 20.44 36.85
C GLU A 105 39.11 19.09 36.59
N ILE A 106 38.27 18.06 36.58
CA ILE A 106 38.73 16.70 36.29
C ILE A 106 39.33 16.61 34.87
N THR A 107 38.65 17.19 33.89
CA THR A 107 39.10 17.08 32.52
C THR A 107 40.25 18.03 32.27
N ARG A 108 40.22 19.19 32.89
CA ARG A 108 41.32 20.11 32.69
C ARG A 108 42.64 19.53 33.25
N TYR A 109 42.56 18.84 34.38
CA TYR A 109 43.72 18.13 34.94
C TYR A 109 43.93 16.73 34.33
N LYS A 110 43.16 16.39 33.31
CA LYS A 110 43.32 15.11 32.62
C LYS A 110 43.22 13.91 33.56
N MET A 111 42.14 13.88 34.34
CA MET A 111 41.88 12.75 35.24
C MET A 111 40.54 12.08 34.90
N HIS A 112 39.93 12.48 33.78
CA HIS A 112 38.65 11.92 33.33
C HIS A 112 38.75 10.42 33.12
N ASN A 113 39.93 9.91 32.82
CA ASN A 113 40.13 8.44 32.72
C ASN A 113 40.79 7.82 33.94
N ALA A 114 40.81 8.52 35.06
CA ALA A 114 41.39 8.00 36.31
C ALA A 114 40.32 7.65 37.37
N LEU A 115 39.15 7.19 36.92
CA LEU A 115 38.02 6.82 37.78
C LEU A 115 37.73 5.34 37.83
N SER A 116 37.12 4.91 38.95
CA SER A 116 36.61 3.55 39.16
C SER A 116 35.15 3.60 39.53
N PRO A 117 34.39 2.59 39.06
CA PRO A 117 33.02 2.36 39.49
C PRO A 117 33.00 1.65 40.85
N SER A 118 32.27 2.22 41.81
CA SER A 118 32.10 1.62 43.12
C SER A 118 31.30 0.32 43.04
N PHE A 119 30.33 0.26 42.13
CA PHE A 119 29.51 -0.95 42.00
C PHE A 119 30.11 -1.97 41.05
N ASN A 120 30.15 -3.21 41.52
CA ASN A 120 30.60 -4.34 40.73
C ASN A 120 29.71 -5.51 41.11
N PHE A 121 28.81 -5.89 40.19
CA PHE A 121 27.85 -6.97 40.43
C PHE A 121 28.22 -8.24 39.64
N SER A 122 29.47 -8.33 39.22
CA SER A 122 29.91 -9.38 38.30
C SER A 122 30.30 -10.72 38.97
N ARG A 123 30.26 -10.80 40.30
CA ARG A 123 30.54 -12.08 40.99
C ARG A 123 30.09 -11.98 42.46
N GLY A 124 30.16 -13.08 43.20
CA GLY A 124 29.79 -13.07 44.62
C GLY A 124 28.29 -13.09 44.85
N VAL A 125 27.84 -12.51 45.96
CA VAL A 125 26.46 -12.75 46.41
C VAL A 125 25.42 -12.01 45.58
N ASN A 126 25.83 -10.85 45.04
CA ASN A 126 25.02 -10.13 44.08
C ASN A 126 23.56 -10.00 44.53
N HIS A 127 23.37 -9.44 45.71
CA HIS A 127 22.09 -9.16 46.30
C HIS A 127 22.05 -7.98 47.22
N PHE A 128 20.84 -7.50 47.46
CA PHE A 128 20.58 -6.44 48.39
C PHE A 128 19.93 -7.09 49.60
N GLN A 129 20.42 -6.72 50.77
CA GLN A 129 19.95 -7.26 52.03
C GLN A 129 19.24 -6.13 52.78
N LEU A 130 17.93 -6.27 52.96
CA LEU A 130 17.13 -5.25 53.65
C LEU A 130 16.77 -5.75 55.04
N ARG A 131 17.12 -4.96 56.06
CA ARG A 131 16.86 -5.35 57.46
C ARG A 131 16.01 -4.26 58.11
N THR A 132 14.83 -4.67 58.55
CA THR A 132 13.83 -3.76 59.08
C THR A 132 13.66 -4.03 60.58
N ASN A 133 14.28 -5.12 61.04
CA ASN A 133 14.42 -5.41 62.47
C ASN A 133 15.65 -6.30 62.74
N PRO A 134 16.12 -6.32 64.01
CA PRO A 134 17.36 -7.04 64.37
C PRO A 134 17.34 -8.55 64.15
N THR A 135 16.17 -9.15 64.06
CA THR A 135 16.07 -10.60 64.05
C THR A 135 16.26 -11.18 62.66
N THR A 136 15.85 -10.43 61.65
CA THR A 136 15.40 -11.00 60.40
C THR A 136 15.99 -10.25 59.18
N SER A 137 15.99 -10.87 57.99
CA SER A 137 16.53 -10.23 56.78
C SER A 137 15.70 -10.49 55.53
N THR A 138 15.59 -9.50 54.64
CA THR A 138 15.07 -9.74 53.29
C THR A 138 16.15 -9.64 52.20
N TYR A 139 16.21 -10.68 51.37
CA TYR A 139 17.11 -10.71 50.20
C TYR A 139 16.39 -10.45 48.88
N MET A 140 17.13 -9.89 47.93
CA MET A 140 16.57 -9.26 46.77
C MET A 140 17.66 -9.14 45.67
N THR A 141 17.27 -9.24 44.41
CA THR A 141 18.20 -8.94 43.34
C THR A 141 18.46 -7.46 43.39
N HIS A 142 19.52 -6.99 42.77
CA HIS A 142 19.84 -5.58 42.71
C HIS A 142 18.87 -4.77 41.90
N GLU A 143 18.25 -5.47 41.04
CA GLU A 143 17.13 -5.07 40.14
C GLU A 143 15.83 -4.84 40.95
N ALA A 144 15.62 -5.73 41.66
CA ALA A 144 14.47 -5.60 42.55
C ALA A 144 14.68 -4.46 43.57
N GLU A 145 15.93 -4.29 43.99
CA GLU A 145 16.31 -3.19 44.87
C GLU A 145 16.06 -1.86 44.16
N ASP A 146 16.52 -1.76 42.92
CA ASP A 146 16.45 -0.56 42.10
C ASP A 146 15.05 -0.02 41.94
N GLU A 147 14.23 -0.97 41.77
CA GLU A 147 12.76 -0.92 41.67
C GLU A 147 12.11 -0.74 43.05
N LEU A 148 12.58 -1.29 44.11
CA LEU A 148 11.97 -0.85 45.31
C LEU A 148 12.09 0.69 45.50
N LEU A 149 13.25 1.23 45.24
CA LEU A 149 13.55 2.61 45.39
C LEU A 149 12.94 3.57 44.41
N ARG A 150 12.93 3.22 43.12
CA ARG A 150 12.28 4.03 42.12
CA ARG A 150 12.28 4.05 42.11
C ARG A 150 10.83 4.28 42.52
N SER A 151 10.13 3.19 42.84
CA SER A 151 8.73 3.25 43.26
C SER A 151 8.52 4.13 44.51
N ALA A 152 9.38 3.96 45.52
CA ALA A 152 9.31 4.79 46.73
C ALA A 152 9.61 6.26 46.44
N LEU A 153 10.66 6.50 45.64
CA LEU A 153 11.10 7.86 45.33
C LEU A 153 10.15 8.59 44.41
N HIS A 154 9.47 7.83 43.54
CA HIS A 154 8.44 8.42 42.70
C HIS A 154 7.35 9.01 43.58
N LYS A 155 6.90 8.25 44.56
CA LYS A 155 5.82 8.70 45.42
C LYS A 155 6.26 9.89 46.28
N PHE A 156 7.49 9.80 46.81
CA PHE A 156 8.07 10.82 47.65
C PHE A 156 8.22 12.15 46.93
N THR A 157 8.67 12.11 45.68
CA THR A 157 8.97 13.32 44.93
C THR A 157 7.81 13.85 44.04
N ASN A 158 6.80 13.03 43.77
CA ASN A 158 5.74 13.47 42.86
C ASN A 158 4.74 14.48 43.46
N VAL A 159 5.23 15.64 43.87
CA VAL A 159 4.38 16.66 44.50
C VAL A 159 3.62 17.51 43.48
N ASP A 160 4.01 17.37 42.23
CA ASP A 160 3.51 18.25 41.20
C ASP A 160 3.10 17.51 39.92
N GLY A 161 3.06 16.18 39.96
CA GLY A 161 2.72 15.43 38.76
C GLY A 161 3.93 15.08 37.90
N THR A 162 5.00 15.86 38.00
CA THR A 162 6.20 15.64 37.19
C THR A 162 7.49 15.32 37.99
N ASN A 163 7.34 14.83 39.21
CA ASN A 163 8.47 14.54 40.08
C ASN A 163 9.41 15.74 40.33
N GLY A 164 8.83 16.93 40.44
CA GLY A 164 9.60 18.13 40.70
C GLY A 164 9.90 19.04 39.52
N ARG A 165 9.71 18.54 38.28
CA ARG A 165 10.09 19.34 37.09
C ARG A 165 9.23 20.57 36.94
N THR A 166 8.03 20.54 37.49
CA THR A 166 7.15 21.71 37.43
C THR A 166 7.47 22.76 38.53
N VAL A 167 7.58 22.34 39.79
CA VAL A 167 7.89 23.34 40.84
C VAL A 167 9.35 23.77 40.87
N LEU A 168 10.24 22.95 40.35
CA LEU A 168 11.67 23.30 40.34
C LEU A 168 12.30 22.95 38.99
N PRO A 169 11.90 23.68 37.95
CA PRO A 169 12.50 23.42 36.63
C PRO A 169 13.94 23.89 36.58
N PHE A 170 14.25 24.99 37.27
CA PHE A 170 15.58 25.55 37.30
C PHE A 170 16.19 25.47 38.70
N PRO A 171 16.82 24.33 39.03
CA PRO A 171 17.32 24.18 40.40
C PRO A 171 18.29 25.28 40.82
N HIS A 172 18.92 25.96 39.88
CA HIS A 172 19.88 27.01 40.25
C HIS A 172 19.19 28.27 40.77
N ASP A 173 17.87 28.33 40.64
CA ASP A 173 17.07 29.49 40.98
C ASP A 173 15.77 28.97 41.60
N MET A 174 15.82 28.72 42.90
CA MET A 174 14.75 28.06 43.63
C MET A 174 13.39 28.78 43.60
N PHE A 175 13.40 30.12 43.48
CA PHE A 175 12.19 30.93 43.46
C PHE A 175 11.65 31.21 42.05
N TYR A 176 12.17 30.52 41.04
CA TYR A 176 11.64 30.69 39.69
C TYR A 176 10.16 30.41 39.72
N VAL A 177 9.80 29.36 40.45
CA VAL A 177 8.40 29.00 40.64
C VAL A 177 8.08 29.24 42.13
N PRO A 178 7.22 30.19 42.43
CA PRO A 178 7.16 30.80 43.76
C PRO A 178 6.89 29.79 44.82
N GLU A 179 6.15 28.90 44.33
CA GLU A 179 5.69 27.65 44.97
C GLU A 179 6.81 26.68 45.38
N PHE A 180 7.99 26.62 44.85
CA PHE A 180 8.88 25.73 45.52
C PHE A 180 8.99 26.00 47.04
N ARG A 181 8.74 27.22 47.49
CA ARG A 181 9.00 27.57 48.85
C ARG A 181 8.43 26.66 49.91
N LYS A 182 7.20 26.23 49.71
CA LYS A 182 6.46 25.46 50.65
C LYS A 182 7.09 24.10 50.86
N TYR A 183 7.73 23.62 49.83
CA TYR A 183 8.52 22.39 49.91
C TYR A 183 9.84 22.56 50.63
N ASP A 184 10.53 23.68 50.42
CA ASP A 184 11.71 23.95 51.24
C ASP A 184 11.33 24.01 52.72
N GLU A 185 10.19 24.62 53.02
CA GLU A 185 9.65 24.72 54.38
C GLU A 185 9.11 23.40 54.97
N MET A 186 9.00 22.37 54.15
CA MET A 186 8.49 21.08 54.60
C MET A 186 9.64 20.15 55.05
N SER A 187 9.38 19.33 56.07
CA SER A 187 10.32 18.30 56.52
C SER A 187 10.06 16.97 55.82
N TYR A 188 11.07 16.11 55.80
CA TYR A 188 10.94 14.73 55.31
C TYR A 188 9.70 14.14 55.94
N SER A 189 9.58 14.41 57.24
CA SER A 189 8.53 13.84 58.08
C SER A 189 7.12 14.17 57.60
N GLU A 190 6.89 15.45 57.36
CA GLU A 190 5.62 15.95 56.87
C GLU A 190 5.32 15.35 55.50
N ARG A 191 6.34 15.23 54.67
CA ARG A 191 6.12 14.66 53.35
C ARG A 191 5.69 13.21 53.50
N ILE A 192 6.42 12.45 54.29
CA ILE A 192 6.12 11.05 54.47
C ILE A 192 4.71 10.79 54.99
N ASP A 193 4.22 11.64 55.90
CA ASP A 193 2.86 11.50 56.43
C ASP A 193 1.82 11.64 55.34
N GLN A 194 2.17 12.38 54.28
CA GLN A 194 1.24 12.60 53.18
C GLN A 194 1.13 11.37 52.29
N ILE A 195 2.14 10.53 52.25
CA ILE A 195 2.24 9.44 51.26
C ILE A 195 2.33 8.06 51.85
N ARG A 196 2.31 8.08 53.13
CA ARG A 196 2.40 6.96 54.08
C ARG A 196 1.48 5.78 53.76
N ASP A 197 0.37 5.92 53.81
CA ASP A 197 -0.67 4.91 53.50
C ASP A 197 -0.46 4.27 52.13
N GLU A 198 0.28 4.95 51.26
CA GLU A 198 0.58 4.43 49.92
C GLU A 198 1.92 3.68 49.83
N LEU A 199 2.65 3.53 50.94
CA LEU A 199 3.97 2.83 50.94
C LEU A 199 3.98 1.55 51.77
N SER A 200 4.54 0.49 51.22
CA SER A 200 4.82 -0.73 52.00
C SER A 200 5.95 -0.47 53.01
N LEU A 201 6.09 -1.37 53.99
CA LEU A 201 7.18 -1.26 54.95
C LEU A 201 8.51 -1.27 54.20
N ASN A 202 8.65 -2.10 53.22
CA ASN A 202 9.82 -2.15 52.38
C ASN A 202 10.15 -0.90 51.57
N GLU A 203 9.14 -0.26 51.03
CA GLU A 203 9.30 0.97 50.31
C GLU A 203 9.67 2.06 51.26
N ARG A 204 8.97 2.14 52.38
CA ARG A 204 9.21 3.21 53.36
C ARG A 204 10.58 3.10 54.05
N SER A 205 10.95 1.89 54.46
CA SER A 205 12.27 1.65 55.03
C SER A 205 13.39 2.06 54.05
N SER A 206 13.28 1.60 52.82
CA SER A 206 14.23 1.94 51.77
C SER A 206 14.28 3.44 51.52
N LEU A 207 13.10 4.05 51.44
CA LEU A 207 12.99 5.47 51.19
C LEU A 207 13.61 6.30 52.32
N GLU A 208 13.26 5.97 53.56
CA GLU A 208 13.76 6.71 54.71
C GLU A 208 15.29 6.60 54.81
N ALA A 209 15.82 5.39 54.67
CA ALA A 209 17.25 5.21 54.69
C ALA A 209 17.91 5.98 53.55
N PHE A 210 17.32 5.97 52.36
CA PHE A 210 17.92 6.69 51.24
C PHE A 210 17.93 8.20 51.44
N ILE A 211 16.78 8.77 51.81
CA ILE A 211 16.73 10.24 52.02
C ILE A 211 17.55 10.71 53.23
N LEU A 212 17.65 9.88 54.26
CA LEU A 212 18.47 10.24 55.42
C LEU A 212 19.95 10.07 55.14
N LEU A 213 20.32 9.04 54.39
CA LEU A 213 21.67 8.95 53.82
C LEU A 213 22.02 10.31 53.23
N CYS A 214 21.08 10.90 52.46
CA CYS A 214 21.37 12.18 51.79
C CYS A 214 21.40 13.39 52.74
N SER A 215 20.58 13.40 53.78
CA SER A 215 20.57 14.56 54.69
C SER A 215 21.56 14.42 55.86
N GLY A 216 21.80 13.19 56.32
CA GLY A 216 22.64 12.92 57.52
C GLY A 216 21.95 13.31 58.84
N GLY A 217 20.70 13.79 58.75
CA GLY A 217 19.98 14.37 59.89
C GLY A 217 18.86 13.48 60.36
N THR A 218 17.70 14.06 60.68
CA THR A 218 16.54 13.25 61.09
C THR A 218 15.35 13.50 60.20
N LEU A 219 14.33 12.67 60.27
CA LEU A 219 13.13 12.88 59.47
C LEU A 219 12.47 14.23 59.71
N GLU A 220 12.56 14.63 60.96
CA GLU A 220 11.97 15.87 61.43
C GLU A 220 12.81 17.11 61.12
N ASN A 221 14.13 16.98 61.08
CA ASN A 221 14.93 18.21 60.88
C ASN A 221 15.46 18.38 59.47
N SER A 222 15.09 17.46 58.58
CA SER A 222 15.55 17.53 57.19
C SER A 222 14.53 18.16 56.23
N SER A 223 14.98 19.18 55.54
CA SER A 223 14.21 19.85 54.50
C SER A 223 13.92 18.95 53.28
N PHE A 224 12.64 18.62 53.09
CA PHE A 224 12.15 17.96 51.88
C PHE A 224 12.64 18.67 50.61
N GLY A 225 12.36 19.97 50.49
CA GLY A 225 12.77 20.77 49.33
C GLY A 225 14.27 20.67 49.01
N GLU A 226 15.11 20.68 50.04
CA GLU A 226 16.53 20.42 49.81
C GLU A 226 16.74 19.07 49.12
N PHE A 227 16.05 18.02 49.57
CA PHE A 227 16.16 16.79 48.82
C PHE A 227 15.62 16.94 47.38
N LEU A 228 14.49 17.60 47.19
CA LEU A 228 14.02 17.87 45.81
C LEU A 228 15.11 18.55 44.96
N HIS A 229 15.91 19.41 45.60
CA HIS A 229 17.03 20.06 44.96
C HIS A 229 18.08 19.08 44.47
N TRP A 230 18.54 18.18 45.36
CA TRP A 230 19.47 17.11 44.97
C TRP A 230 18.88 16.29 43.80
N TRP A 231 17.60 15.93 43.92
CA TRP A 231 16.88 15.13 42.94
C TRP A 231 16.88 15.83 41.58
N ALA A 232 16.49 17.09 41.59
CA ALA A 232 16.47 17.94 40.40
C ALA A 232 17.85 18.02 39.71
N MET A 233 18.89 18.38 40.48
CA MET A 233 20.25 18.49 39.96
C MET A 233 20.68 17.20 39.25
N SER A 234 20.24 16.06 39.78
CA SER A 234 20.62 14.73 39.31
C SER A 234 19.86 14.21 38.09
N GLY A 235 18.83 14.93 37.66
CA GLY A 235 18.01 14.48 36.52
C GLY A 235 16.58 14.08 36.88
N TYR A 236 16.18 14.31 38.13
CA TYR A 236 14.81 14.05 38.56
C TYR A 236 14.46 12.56 38.39
N THR A 237 15.46 11.69 38.53
CA THR A 237 15.21 10.25 38.51
C THR A 237 16.12 9.61 39.56
N TYR A 238 15.71 8.41 39.98
CA TYR A 238 16.49 7.61 40.90
C TYR A 238 17.82 7.18 40.28
N GLN A 239 17.80 6.73 39.04
CA GLN A 239 19.05 6.31 38.42
C GLN A 239 19.99 7.50 38.26
N GLY A 240 19.44 8.65 37.89
CA GLY A 240 20.21 9.90 37.90
C GLY A 240 20.90 10.18 39.24
N CYS A 241 20.21 9.95 40.35
CA CYS A 241 20.81 10.15 41.67
C CYS A 241 21.97 9.21 41.92
N MET A 242 21.75 7.92 41.63
CA MET A 242 22.78 6.94 41.84
C MET A 242 24.02 7.25 40.98
N ASP A 243 23.79 7.70 39.74
CA ASP A 243 24.88 8.03 38.83
C ASP A 243 25.70 9.18 39.40
N CYS A 244 25.02 10.17 39.97
CA CYS A 244 25.65 11.39 40.43
C CYS A 244 26.17 11.33 41.86
N LEU A 245 25.51 10.56 42.71
CA LEU A 245 25.86 10.56 44.13
C LEU A 245 26.74 9.43 44.53
N MET A 246 26.84 8.36 43.78
CA MET A 246 27.48 7.19 44.31
C MET A 246 28.14 6.24 43.35
N SER A 247 28.41 6.64 42.14
CA SER A 247 28.85 5.66 41.13
C SER A 247 30.37 5.67 40.89
N TYR A 248 30.96 6.85 40.79
CA TYR A 248 32.34 6.93 40.33
C TYR A 248 33.26 7.67 41.27
N LYS A 249 34.42 7.09 41.52
CA LYS A 249 35.39 7.68 42.44
C LYS A 249 36.79 7.67 41.82
N PHE A 250 37.66 8.46 42.38
CA PHE A 250 39.01 8.49 41.93
C PHE A 250 39.72 7.23 42.29
N LYS A 251 40.43 6.71 41.34
CA LYS A 251 41.28 5.59 41.54
C LYS A 251 42.41 5.83 42.48
N ASP A 252 42.93 7.03 42.50
CA ASP A 252 44.07 7.33 43.27
C ASP A 252 43.68 8.13 44.47
N GLY A 253 42.40 8.30 44.65
CA GLY A 253 41.84 8.99 45.83
C GLY A 253 41.71 10.50 45.70
N GLN A 254 40.75 11.05 46.42
CA GLN A 254 40.47 12.48 46.33
C GLN A 254 41.70 13.35 46.58
N SER A 255 42.54 12.94 47.53
CA SER A 255 43.81 13.65 47.78
C SER A 255 44.70 13.80 46.55
N ALA A 256 44.72 12.84 45.62
CA ALA A 256 45.52 13.05 44.40
C ALA A 256 44.92 14.18 43.55
N PHE A 257 43.60 14.36 43.63
CA PHE A 257 42.89 15.41 42.91
C PHE A 257 43.18 16.79 43.56
N ALA A 258 43.06 16.89 44.88
CA ALA A 258 43.39 18.13 45.57
C ALA A 258 44.83 18.58 45.29
N ARG A 259 45.77 17.61 45.26
CA ARG A 259 47.18 17.90 44.98
C ARG A 259 47.38 18.67 43.67
N ARG A 260 46.59 18.37 42.65
CA ARG A 260 46.66 19.05 41.39
C ARG A 260 46.31 20.50 41.46
N PHE A 261 45.37 20.87 42.29
CA PHE A 261 45.12 22.28 42.54
C PHE A 261 46.28 22.94 43.26
N TRP A 262 46.81 22.22 44.25
CA TRP A 262 47.91 22.70 45.04
C TRP A 262 49.15 22.88 44.19
N GLU A 263 49.50 21.88 43.37
CA GLU A 263 50.70 22.01 42.55
C GLU A 263 50.60 23.18 41.58
N GLU A 264 49.43 23.40 40.98
CA GLU A 264 49.29 24.50 40.03
C GLU A 264 49.50 25.87 40.69
N ALA A 265 48.79 26.13 41.80
CA ALA A 265 48.95 27.40 42.51
C ALA A 265 50.40 27.58 42.96
N ALA A 266 51.01 26.53 43.47
CA ALA A 266 52.40 26.65 43.92
C ALA A 266 53.35 26.98 42.74
N GLY A 267 53.06 26.44 41.56
CA GLY A 267 53.93 26.58 40.40
C GLY A 267 53.95 27.98 39.83
N THR A 268 53.03 28.83 40.30
CA THR A 268 53.03 30.22 39.85
C THR A 268 54.05 31.05 40.60
N GLY A 269 54.56 30.54 41.72
CA GLY A 269 55.46 31.31 42.59
C GLY A 269 54.77 32.44 43.34
N ARG A 270 53.43 32.51 43.28
CA ARG A 270 52.67 33.56 43.96
C ARG A 270 51.91 33.07 45.19
N LEU A 271 52.19 31.83 45.61
CA LEU A 271 51.51 31.21 46.73
C LEU A 271 52.31 31.31 48.02
N GLY A 272 51.71 31.93 49.03
CA GLY A 272 52.15 31.79 50.40
C GLY A 272 51.19 30.88 51.16
N TYR A 273 51.69 30.11 52.11
CA TYR A 273 50.81 29.26 52.88
C TYR A 273 51.25 29.00 54.32
N VAL A 274 50.27 28.79 55.21
CA VAL A 274 50.52 28.35 56.57
C VAL A 274 49.48 27.28 56.94
N PHE A 275 49.97 26.10 57.32
CA PHE A 275 49.11 25.06 57.90
C PHE A 275 49.29 25.00 59.41
N GLY A 276 48.41 24.26 60.08
CA GLY A 276 48.36 24.27 61.55
C GLY A 276 48.06 25.67 62.03
N CYS A 277 47.26 26.40 61.25
CA CYS A 277 46.99 27.81 61.52
C CYS A 277 45.50 28.10 61.70
N PRO A 278 44.90 27.62 62.81
CA PRO A 278 43.47 27.94 63.02
C PRO A 278 43.24 29.43 63.25
N VAL A 279 42.37 30.00 62.45
CA VAL A 279 42.02 31.41 62.50
C VAL A 279 41.04 31.65 63.65
N ARG A 280 41.21 32.72 64.37
CA ARG A 280 40.31 33.05 65.42
C ARG A 280 39.47 34.28 65.15
N SER A 281 39.94 35.21 64.36
CA SER A 281 39.22 36.44 64.07
C SER A 281 39.50 37.04 62.69
N VAL A 282 38.52 37.72 62.12
CA VAL A 282 38.70 38.43 60.86
C VAL A 282 38.12 39.81 61.07
N VAL A 283 38.95 40.84 60.92
CA VAL A 283 38.53 42.21 61.18
C VAL A 283 38.76 43.05 59.93
N ASN A 284 37.69 43.57 59.34
CA ASN A 284 37.81 44.57 58.28
C ASN A 284 38.55 45.80 58.77
N GLU A 285 39.52 46.27 58.01
CA GLU A 285 40.21 47.52 58.28
C GLU A 285 39.99 48.49 57.13
N ARG A 286 40.67 49.62 57.19
CA ARG A 286 40.58 50.68 56.21
C ARG A 286 41.18 49.91 55.07
N ASP A 287 40.44 49.64 53.99
CA ASP A 287 41.04 49.17 52.72
C ASP A 287 41.87 47.84 52.60
N ALA A 288 41.75 47.01 53.59
CA ALA A 288 42.48 45.78 53.88
C ALA A 288 41.72 44.98 54.94
N ALA A 289 42.18 43.76 55.23
CA ALA A 289 41.61 42.98 56.32
C ALA A 289 42.68 42.24 57.10
N ARG A 290 42.46 42.08 58.40
CA ARG A 290 43.42 41.44 59.27
C ARG A 290 42.82 40.18 59.86
N VAL A 291 43.55 39.10 59.64
CA VAL A 291 43.21 37.75 60.08
C VAL A 291 44.24 37.36 61.15
N THR A 292 43.75 36.89 62.29
CA THR A 292 44.60 36.51 63.42
C THR A 292 44.36 35.04 63.79
N ALA A 293 45.43 34.27 63.99
CA ALA A 293 45.33 32.88 64.46
C ALA A 293 45.05 32.77 65.97
N ARG A 294 44.70 31.58 66.43
CA ARG A 294 44.50 31.33 67.83
C ARG A 294 45.75 31.66 68.67
N ASP A 295 46.92 31.40 68.09
CA ASP A 295 48.19 31.68 68.77
C ASP A 295 48.68 33.13 68.59
N GLY A 296 47.84 33.99 68.02
CA GLY A 296 48.18 35.41 67.93
C GLY A 296 48.88 35.92 66.68
N ARG A 297 49.33 35.03 65.79
CA ARG A 297 49.86 35.50 64.49
C ARG A 297 48.81 36.34 63.77
N GLU A 298 49.27 37.41 63.13
CA GLU A 298 48.40 38.27 62.36
C GLU A 298 48.84 38.36 60.92
N PHE A 299 47.86 38.42 60.01
CA PHE A 299 48.16 38.54 58.59
C PHE A 299 47.20 39.55 58.00
N VAL A 300 47.66 40.26 56.98
CA VAL A 300 46.91 41.35 56.37
C VAL A 300 46.92 41.21 54.85
N ALA A 301 45.79 41.50 54.21
CA ALA A 301 45.66 41.43 52.75
C ALA A 301 44.56 42.35 52.32
N LYS A 302 44.56 42.73 51.04
CA LYS A 302 43.53 43.60 50.51
C LYS A 302 42.14 42.96 50.63
N ARG A 303 42.06 41.67 50.30
CA ARG A 303 40.80 40.94 50.37
C ARG A 303 41.03 39.61 51.05
N VAL A 304 39.98 39.14 51.73
CA VAL A 304 39.95 37.83 52.37
C VAL A 304 38.79 37.05 51.80
N VAL A 305 39.09 35.82 51.35
CA VAL A 305 38.11 34.85 50.91
C VAL A 305 38.00 33.89 52.06
N CYS A 306 36.87 33.86 52.74
CA CYS A 306 36.74 33.00 53.91
C CYS A 306 35.89 31.76 53.62
N THR A 307 36.49 30.58 53.76
CA THR A 307 35.81 29.33 53.39
C THR A 307 35.51 28.40 54.57
N ILE A 308 35.62 28.93 55.79
CA ILE A 308 35.23 28.19 56.98
C ILE A 308 33.78 27.72 56.79
N PRO A 309 33.48 26.44 57.13
CA PRO A 309 32.12 25.88 56.99
C PRO A 309 31.05 26.59 57.84
N LEU A 310 29.80 26.56 57.37
CA LEU A 310 28.70 27.11 58.11
C LEU A 310 28.71 26.74 59.61
N ASN A 311 28.81 25.46 59.92
CA ASN A 311 28.80 24.95 61.29
C ASN A 311 30.03 25.30 62.18
N VAL A 312 30.99 26.03 61.60
CA VAL A 312 32.20 26.40 62.33
C VAL A 312 32.24 27.92 62.46
N LEU A 313 31.48 28.60 61.63
CA LEU A 313 31.52 30.07 61.60
C LEU A 313 31.30 30.77 62.93
N SER A 314 30.49 30.18 63.82
CA SER A 314 30.16 30.83 65.10
C SER A 314 31.34 30.84 66.08
N THR A 315 32.42 30.13 65.71
CA THR A 315 33.63 30.13 66.52
C THR A 315 34.55 31.32 66.23
N ILE A 316 34.24 32.10 65.19
CA ILE A 316 35.13 33.16 64.73
C ILE A 316 34.57 34.53 65.14
N GLN A 317 35.48 35.45 65.52
CA GLN A 317 35.10 36.85 65.75
C GLN A 317 35.26 37.64 64.45
N PHE A 318 34.18 38.28 64.02
CA PHE A 318 34.18 39.15 62.84
C PHE A 318 33.84 40.58 63.21
N SER A 319 34.52 41.53 62.55
CA SER A 319 34.20 42.91 62.74
C SER A 319 34.20 43.53 61.36
N PRO A 320 33.05 44.09 60.92
CA PRO A 320 31.80 44.22 61.67
C PRO A 320 31.14 42.86 61.92
N ALA A 321 30.15 42.81 62.81
CA ALA A 321 29.37 41.61 63.04
C ALA A 321 28.72 41.12 61.72
N LEU A 322 28.54 39.81 61.64
CA LEU A 322 27.88 39.22 60.48
C LEU A 322 26.40 39.59 60.50
N SER A 323 25.76 39.58 59.34
CA SER A 323 24.36 39.94 59.21
C SER A 323 23.42 39.02 59.98
N THR A 324 22.17 39.45 60.11
CA THR A 324 21.14 38.71 60.84
C THR A 324 20.89 37.31 60.26
N GLU A 325 20.83 37.23 58.94
CA GLU A 325 20.61 35.99 58.24
C GLU A 325 21.75 35.01 58.38
N ARG A 326 22.97 35.53 58.31
CA ARG A 326 24.14 34.70 58.63
C ARG A 326 24.11 34.20 60.05
N ILE A 327 23.77 35.06 61.00
CA ILE A 327 23.71 34.65 62.41
C ILE A 327 22.75 33.47 62.61
N SER A 328 21.54 33.53 62.06
CA SER A 328 20.51 32.46 62.30
C SER A 328 20.98 31.14 61.76
N ALA A 329 21.51 31.19 60.54
CA ALA A 329 22.00 30.00 59.86
C ALA A 329 23.03 29.28 60.73
N MET A 330 24.01 30.03 61.21
CA MET A 330 25.09 29.41 61.98
C MET A 330 24.68 28.93 63.37
N GLN A 331 23.69 29.59 63.99
CA GLN A 331 23.22 29.19 65.33
C GLN A 331 22.40 27.91 65.23
N ALA A 332 21.50 27.86 64.25
CA ALA A 332 20.70 26.68 63.97
C ALA A 332 21.61 25.52 63.56
N GLY A 333 22.59 25.80 62.71
CA GLY A 333 23.47 24.76 62.13
C GLY A 333 22.73 23.91 61.08
N HIS A 334 23.47 23.40 60.12
CA HIS A 334 22.94 22.39 59.22
C HIS A 334 22.91 21.02 59.93
N VAL A 335 22.10 20.09 59.45
CA VAL A 335 21.78 18.89 60.22
C VAL A 335 22.59 17.62 59.89
N SER A 336 23.47 17.68 58.90
CA SER A 336 24.18 16.47 58.53
C SER A 336 25.22 16.04 59.58
N MET A 337 24.93 14.92 60.24
CA MET A 337 25.78 14.39 61.28
C MET A 337 26.24 12.99 60.85
N CYS A 338 26.54 12.88 59.57
CA CYS A 338 26.85 11.60 58.98
C CYS A 338 28.14 10.95 59.53
N THR A 339 27.96 9.70 59.94
CA THR A 339 29.03 8.79 60.32
C THR A 339 29.28 7.83 59.17
N LYS A 340 30.52 7.84 58.71
CA LYS A 340 31.00 7.10 57.56
C LYS A 340 32.13 6.18 57.96
N VAL A 341 31.98 4.98 57.88
CA VAL A 341 32.95 3.98 58.30
C VAL A 341 33.33 3.01 57.17
N HIS A 342 34.64 2.86 56.92
CA HIS A 342 35.13 1.88 55.98
C HIS A 342 35.46 0.60 56.72
N ALA A 343 35.14 -0.53 56.12
CA ALA A 343 35.44 -1.81 56.74
C ALA A 343 36.06 -2.76 55.72
N GLU A 344 37.29 -3.18 55.99
CA GLU A 344 37.93 -4.22 55.21
C GLU A 344 37.55 -5.59 55.81
N VAL A 345 36.84 -6.40 55.03
CA VAL A 345 36.15 -7.60 55.54
C VAL A 345 36.66 -8.89 54.89
N ASP A 346 36.46 -10.04 55.53
CA ASP A 346 37.02 -11.30 55.02
C ASP A 346 36.08 -12.09 54.13
N ASN A 347 34.94 -11.52 53.76
CA ASN A 347 34.03 -12.19 52.84
C ASN A 347 34.20 -11.65 51.41
N LYS A 348 34.87 -12.42 50.56
CA LYS A 348 35.20 -12.02 49.19
C LYS A 348 33.95 -11.83 48.34
N ASP A 349 32.90 -12.55 48.69
CA ASP A 349 31.70 -12.55 47.89
C ASP A 349 30.85 -11.31 48.10
N MET A 350 31.26 -10.45 49.04
CA MET A 350 30.44 -9.28 49.38
C MET A 350 30.78 -8.05 48.55
N ARG A 351 31.69 -8.21 47.60
CA ARG A 351 31.97 -7.20 46.59
C ARG A 351 30.69 -6.71 45.95
N SER A 352 29.72 -7.60 45.80
CA SER A 352 28.48 -7.30 45.12
C SER A 352 27.26 -7.27 46.05
N TRP A 353 27.52 -7.11 47.35
CA TRP A 353 26.47 -6.97 48.32
C TRP A 353 26.17 -5.47 48.49
N THR A 354 24.90 -5.13 48.70
CA THR A 354 24.51 -3.84 49.25
C THR A 354 23.52 -4.14 50.40
N GLY A 355 23.35 -3.21 51.32
CA GLY A 355 22.49 -3.45 52.46
C GLY A 355 21.96 -2.18 53.08
N ILE A 356 20.71 -2.24 53.53
CA ILE A 356 20.07 -1.21 54.30
C ILE A 356 19.61 -1.88 55.57
N ALA A 357 19.91 -1.26 56.71
CA ALA A 357 19.43 -1.75 58.01
C ALA A 357 18.79 -0.58 58.77
N TYR A 358 17.46 -0.61 58.89
CA TYR A 358 16.72 0.58 59.29
C TYR A 358 15.42 0.19 60.00
N PRO A 359 15.05 0.90 61.08
CA PRO A 359 15.73 2.03 61.73
C PRO A 359 16.58 1.67 62.94
N PHE A 360 16.67 0.37 63.24
CA PHE A 360 17.25 -0.11 64.51
C PHE A 360 18.78 -0.02 64.67
N ASN A 361 19.50 0.12 63.56
CA ASN A 361 20.97 0.08 63.58
C ASN A 361 21.60 1.49 63.47
N LYS A 362 22.81 1.64 64.00
CA LYS A 362 23.52 2.93 63.99
C LYS A 362 24.26 3.21 62.68
N LEU A 363 24.37 2.17 61.86
CA LEU A 363 24.77 2.32 60.47
C LEU A 363 23.63 1.75 59.66
N CYS A 364 23.13 2.53 58.71
CA CYS A 364 21.90 2.11 58.02
C CYS A 364 22.01 1.80 56.52
N TYR A 365 23.16 2.14 55.91
CA TYR A 365 23.31 1.97 54.47
C TYR A 365 24.77 1.66 54.20
N ALA A 366 25.02 0.56 53.50
CA ALA A 366 26.38 0.16 53.19
C ALA A 366 26.45 -0.53 51.83
N ILE A 367 27.62 -0.43 51.18
CA ILE A 367 27.86 -1.02 49.87
C ILE A 367 29.26 -1.65 49.83
N GLY A 368 29.39 -2.80 49.17
CA GLY A 368 30.72 -3.23 48.71
C GLY A 368 31.21 -2.23 47.68
N ASP A 369 32.39 -1.68 47.92
CA ASP A 369 32.88 -0.52 47.20
C ASP A 369 34.20 -0.80 46.51
N GLY A 370 34.78 -1.99 46.74
CA GLY A 370 36.08 -2.29 46.21
C GLY A 370 36.74 -3.51 46.77
N THR A 371 37.93 -3.80 46.24
CA THR A 371 38.76 -4.91 46.69
C THR A 371 40.17 -4.36 46.94
N THR A 372 40.72 -4.66 48.10
CA THR A 372 42.05 -4.14 48.40
C THR A 372 43.12 -4.95 47.64
N PRO A 373 44.33 -4.38 47.50
CA PRO A 373 45.48 -5.12 46.97
C PRO A 373 45.70 -6.47 47.68
N ALA A 374 45.46 -6.53 48.98
CA ALA A 374 45.55 -7.80 49.71
C ALA A 374 44.49 -8.86 49.26
N GLY A 375 43.49 -8.43 48.47
CA GLY A 375 42.39 -9.30 48.00
C GLY A 375 41.12 -9.33 48.87
N ASN A 376 40.97 -8.36 49.78
CA ASN A 376 39.80 -8.27 50.68
C ASN A 376 38.74 -7.28 50.17
N THR A 377 37.47 -7.61 50.39
CA THR A 377 36.35 -6.73 50.11
C THR A 377 36.35 -5.52 50.99
N HIS A 378 36.21 -4.36 50.38
CA HIS A 378 36.03 -3.11 51.09
C HIS A 378 34.54 -2.77 51.14
N LEU A 379 34.04 -2.43 52.34
CA LEU A 379 32.68 -1.95 52.51
C LEU A 379 32.69 -0.52 53.00
N VAL A 380 31.81 0.29 52.44
CA VAL A 380 31.56 1.61 53.03
C VAL A 380 30.19 1.62 53.68
N CYS A 381 30.16 2.12 54.91
CA CYS A 381 28.93 2.12 55.71
C CYS A 381 28.59 3.53 56.15
N PHE A 382 27.31 3.88 56.06
CA PHE A 382 26.85 5.20 56.47
C PHE A 382 25.87 5.13 57.62
N GLY A 383 25.94 6.13 58.51
CA GLY A 383 24.98 6.32 59.58
C GLY A 383 24.55 7.77 59.67
N THR A 384 23.41 8.02 60.27
CA THR A 384 22.83 9.36 60.26
C THR A 384 22.52 9.80 61.70
N ASP A 385 22.09 11.06 61.88
CA ASP A 385 21.64 11.53 63.19
C ASP A 385 20.37 10.80 63.68
N ALA A 386 19.64 10.16 62.76
CA ALA A 386 18.43 9.40 63.08
C ALA A 386 18.67 8.32 64.16
N ASN A 387 19.80 7.63 64.03
CA ASN A 387 20.24 6.73 65.08
C ASN A 387 21.76 6.82 65.10
N HIS A 388 22.26 7.75 65.88
CA HIS A 388 23.64 8.17 65.76
C HIS A 388 24.66 7.40 66.58
N ILE A 389 25.78 7.19 65.95
CA ILE A 389 26.97 6.69 66.57
C ILE A 389 28.17 7.53 66.25
N GLN A 390 29.01 7.62 67.23
CA GLN A 390 30.25 8.26 67.13
C GLN A 390 31.30 7.16 67.02
N PRO A 391 31.85 6.93 65.84
CA PRO A 391 32.52 5.64 65.55
C PRO A 391 33.79 5.39 66.40
N ASP A 392 34.34 6.42 66.98
CA ASP A 392 35.54 6.37 67.75
C ASP A 392 35.34 6.08 69.22
N GLU A 393 34.18 6.25 69.72
CA GLU A 393 33.97 6.15 71.17
C GLU A 393 34.00 4.73 71.71
N ASP A 394 33.43 3.87 71.10
CA ASP A 394 33.42 2.53 71.61
C ASP A 394 33.46 1.56 70.43
N VAL A 395 34.69 1.15 70.10
CA VAL A 395 34.94 0.26 68.98
C VAL A 395 33.99 -0.92 68.99
N ARG A 396 33.74 -1.49 70.18
CA ARG A 396 32.87 -2.64 70.25
C ARG A 396 31.51 -2.38 69.63
N GLU A 397 30.94 -1.22 69.92
CA GLU A 397 29.64 -0.84 69.37
C GLU A 397 29.72 -0.48 67.90
N THR A 398 30.83 0.11 67.47
CA THR A 398 31.04 0.38 66.07
C THR A 398 31.09 -0.94 65.27
N LEU A 399 31.87 -1.91 65.76
CA LEU A 399 31.93 -3.23 65.12
C LEU A 399 30.60 -3.93 65.09
N LYS A 400 29.88 -3.86 66.21
CA LYS A 400 28.56 -4.45 66.26
C LYS A 400 27.58 -3.84 65.23
N ALA A 401 27.66 -2.53 65.00
CA ALA A 401 26.87 -1.82 63.98
C ALA A 401 27.24 -2.20 62.54
N VAL A 402 28.53 -2.35 62.27
CA VAL A 402 28.96 -2.87 60.96
C VAL A 402 28.42 -4.29 60.75
N GLY A 403 28.53 -5.14 61.74
CA GLY A 403 28.14 -6.50 61.61
C GLY A 403 26.67 -6.75 61.47
N GLN A 404 25.91 -5.78 61.82
CA GLN A 404 24.53 -5.96 61.89
C GLN A 404 23.91 -5.67 60.55
N LEU A 405 24.73 -5.13 59.66
CA LEU A 405 24.42 -4.92 58.27
C LEU A 405 24.29 -6.27 57.55
N ALA A 406 25.01 -7.27 58.03
CA ALA A 406 24.91 -8.62 57.50
C ALA A 406 25.34 -9.62 58.57
N PRO A 407 24.48 -9.85 59.58
CA PRO A 407 24.90 -10.68 60.70
C PRO A 407 25.42 -12.04 60.26
N GLY A 408 26.56 -12.43 60.84
CA GLY A 408 27.13 -13.76 60.66
C GLY A 408 27.77 -14.07 59.32
N THR A 409 28.12 -13.05 58.54
CA THR A 409 28.61 -13.32 57.18
C THR A 409 30.07 -12.97 56.97
N PHE A 410 30.64 -12.17 57.86
CA PHE A 410 32.03 -11.73 57.72
C PHE A 410 32.66 -11.30 59.05
N GLY A 411 33.99 -11.33 59.08
CA GLY A 411 34.79 -10.71 60.12
C GLY A 411 35.46 -9.46 59.58
N VAL A 412 35.79 -8.54 60.48
CA VAL A 412 36.35 -7.27 60.05
C VAL A 412 37.87 -7.35 60.21
N LYS A 413 38.60 -6.99 59.15
CA LYS A 413 40.07 -7.00 59.19
C LYS A 413 40.59 -5.64 59.58
N ARG A 414 39.81 -4.61 59.28
CA ARG A 414 40.29 -3.25 59.46
C ARG A 414 39.13 -2.29 59.37
N LEU A 415 39.15 -1.27 60.21
CA LEU A 415 38.24 -0.13 60.08
C LEU A 415 39.06 1.11 59.84
N VAL A 416 38.52 2.04 59.06
CA VAL A 416 39.15 3.31 58.75
C VAL A 416 38.01 4.30 58.69
N PHE A 417 38.14 5.44 59.37
CA PHE A 417 37.09 6.46 59.39
C PHE A 417 37.68 7.74 59.91
N HIS A 418 36.99 8.87 59.70
CA HIS A 418 37.28 10.13 60.34
C HIS A 418 35.96 10.59 60.94
N ASN A 419 35.97 11.09 62.19
CA ASN A 419 34.75 11.63 62.79
C ASN A 419 34.48 13.11 62.49
N TRP A 420 33.53 13.37 61.59
CA TRP A 420 33.24 14.74 61.14
C TRP A 420 32.47 15.56 62.14
N VAL A 421 31.62 14.87 62.91
CA VAL A 421 30.78 15.52 63.90
C VAL A 421 31.60 16.17 65.01
N LYS A 422 32.50 15.39 65.57
CA LYS A 422 33.32 15.85 66.68
C LYS A 422 34.50 16.68 66.22
N ASP A 423 34.71 16.77 64.90
CA ASP A 423 35.86 17.52 64.33
C ASP A 423 35.61 19.04 64.38
N GLU A 424 36.51 19.75 65.05
CA GLU A 424 36.30 21.17 65.34
C GLU A 424 36.37 22.06 64.10
N PHE A 425 36.90 21.54 63.01
CA PHE A 425 37.04 22.36 61.81
C PHE A 425 36.01 22.00 60.76
N ALA A 426 35.02 21.19 61.17
CA ALA A 426 33.90 20.76 60.34
C ALA A 426 32.58 20.77 61.12
N LYS A 427 32.54 20.06 62.25
CA LYS A 427 31.34 20.00 63.14
C LYS A 427 30.09 19.56 62.37
N GLY A 428 30.23 18.44 61.66
CA GLY A 428 29.18 17.98 60.78
C GLY A 428 29.81 17.56 59.47
N ALA A 429 29.00 16.95 58.61
CA ALA A 429 29.51 16.48 57.35
C ALA A 429 29.00 17.52 56.31
N TRP A 430 28.90 17.13 55.03
CA TRP A 430 28.30 18.01 54.02
C TRP A 430 27.02 18.74 54.41
N PHE A 431 26.84 19.94 53.88
CA PHE A 431 25.65 20.71 54.17
C PHE A 431 24.34 19.99 53.85
N PHE A 432 23.43 19.97 54.82
CA PHE A 432 22.01 19.74 54.53
C PHE A 432 21.15 20.56 55.49
N SER A 433 20.13 21.21 54.94
CA SER A 433 19.36 22.21 55.68
C SER A 433 18.17 21.67 56.43
N ARG A 434 17.74 22.47 57.39
CA ARG A 434 16.45 22.38 58.07
C ARG A 434 15.35 22.95 57.17
N PRO A 435 14.09 22.51 57.39
CA PRO A 435 12.97 23.08 56.66
C PRO A 435 12.99 24.60 56.79
N GLY A 436 13.00 25.31 55.66
CA GLY A 436 12.93 26.77 55.67
C GLY A 436 14.25 27.50 55.67
N MET A 437 15.33 26.80 56.05
CA MET A 437 16.66 27.42 56.19
C MET A 437 17.27 28.00 54.89
N VAL A 438 17.25 27.24 53.79
CA VAL A 438 17.75 27.74 52.50
C VAL A 438 16.92 28.93 52.02
N SER A 439 15.59 28.80 51.98
CA SER A 439 14.64 29.84 51.57
C SER A 439 14.89 31.18 52.22
N GLU A 440 14.86 31.09 53.49
CA GLU A 440 15.33 32.11 54.43
C GLU A 440 16.83 32.42 54.22
N CYS A 441 17.76 31.52 54.37
CA CYS A 441 19.05 32.10 54.66
C CYS A 441 20.06 32.23 53.54
N LEU A 442 19.76 31.66 52.40
CA LEU A 442 20.72 31.44 51.32
C LEU A 442 21.27 32.75 50.77
N GLN A 443 20.39 33.71 50.53
CA GLN A 443 20.82 35.00 50.04
C GLN A 443 21.80 35.63 51.05
N GLY A 444 21.46 35.59 52.33
CA GLY A 444 22.30 36.13 53.38
C GLY A 444 23.65 35.42 53.45
N LEU A 445 23.68 34.10 53.32
CA LEU A 445 24.91 33.32 53.40
C LEU A 445 25.91 33.63 52.32
N ARG A 446 25.38 34.27 51.36
CA ARG A 446 26.00 34.56 50.06
C ARG A 446 26.34 36.02 49.83
N GLU A 447 25.84 36.89 50.66
CA GLU A 447 26.03 38.31 50.49
C GLU A 447 27.42 38.84 50.84
N LYS A 448 27.77 39.97 50.28
CA LYS A 448 28.99 40.70 50.60
C LYS A 448 29.19 41.00 52.10
N HIS A 449 30.46 41.19 52.46
CA HIS A 449 30.88 41.58 53.80
C HIS A 449 32.15 42.42 53.72
N GLY A 450 32.01 43.64 53.17
CA GLY A 450 33.15 44.50 52.89
C GLY A 450 34.23 43.73 52.14
N GLY A 451 35.42 43.66 52.72
CA GLY A 451 36.54 42.98 52.09
C GLY A 451 36.57 41.47 52.27
N VAL A 452 35.55 40.90 52.93
CA VAL A 452 35.46 39.44 53.07
C VAL A 452 34.42 38.82 52.15
N VAL A 453 34.87 37.78 51.45
CA VAL A 453 34.04 37.03 50.53
C VAL A 453 33.86 35.67 51.17
N PHE A 454 32.64 35.40 51.62
CA PHE A 454 32.31 34.11 52.21
C PHE A 454 31.98 33.15 51.07
N ALA A 455 32.73 32.06 50.98
CA ALA A 455 32.56 31.10 49.88
C ALA A 455 32.66 29.70 50.44
N ASN A 456 31.66 28.88 50.20
CA ASN A 456 31.67 27.54 50.64
C ASN A 456 30.66 26.70 49.91
N SER A 457 30.93 25.42 49.79
CA SER A 457 29.94 24.51 49.24
C SER A 457 28.59 24.61 49.98
N ASP A 458 28.63 24.86 51.29
CA ASP A 458 27.44 24.97 52.11
C ASP A 458 26.41 25.97 51.55
N TRP A 459 26.84 26.94 50.74
CA TRP A 459 25.89 27.90 50.15
C TRP A 459 26.07 28.12 48.64
N ALA A 460 26.49 27.09 47.94
CA ALA A 460 26.42 27.05 46.50
C ALA A 460 25.01 27.16 45.99
N LEU A 461 24.90 27.50 44.74
CA LEU A 461 23.65 27.49 44.01
C LEU A 461 23.24 26.17 43.40
N GLY A 462 24.18 25.44 42.84
CA GLY A 462 23.90 24.25 42.09
C GLY A 462 24.07 22.98 42.86
N TRP A 463 25.23 22.39 42.80
CA TRP A 463 25.49 21.19 43.61
C TRP A 463 25.90 21.57 45.04
N ARG A 464 25.02 22.30 45.71
CA ARG A 464 25.25 22.76 47.08
C ARG A 464 25.59 21.56 47.94
N SER A 465 26.65 21.70 48.73
CA SER A 465 27.11 20.68 49.68
C SER A 465 27.98 19.62 49.02
N PHE A 466 28.20 19.72 47.73
CA PHE A 466 29.03 18.76 47.04
C PHE A 466 30.41 19.34 46.76
N ILE A 467 31.36 18.48 46.48
CA ILE A 467 32.67 18.94 45.99
C ILE A 467 32.49 19.93 44.86
N ASP A 468 31.57 19.61 43.95
CA ASP A 468 31.20 20.50 42.86
C ASP A 468 30.87 21.92 43.32
N GLY A 469 29.99 22.00 44.32
CA GLY A 469 29.57 23.28 44.89
C GLY A 469 30.71 24.02 45.56
N ALA A 470 31.68 23.29 46.12
CA ALA A 470 32.87 23.94 46.65
C ALA A 470 33.61 24.66 45.51
N ILE A 471 33.76 23.99 44.38
CA ILE A 471 34.50 24.47 43.25
C ILE A 471 33.79 25.64 42.60
N GLU A 472 32.47 25.54 42.54
CA GLU A 472 31.64 26.63 42.05
C GLU A 472 31.82 27.90 42.88
N GLU A 473 31.76 27.79 44.17
CA GLU A 473 31.93 28.93 45.04
C GLU A 473 33.30 29.54 45.06
N GLY A 474 34.27 28.67 45.04
CA GLY A 474 35.68 28.91 44.90
C GLY A 474 35.97 29.75 43.65
N THR A 475 35.43 29.38 42.51
CA THR A 475 35.51 30.11 41.27
C THR A 475 34.83 31.46 41.39
N ARG A 476 33.65 31.47 41.97
CA ARG A 476 32.93 32.72 42.19
C ARG A 476 33.75 33.65 43.11
N ALA A 477 34.40 33.10 44.13
CA ALA A 477 35.14 33.90 45.10
C ALA A 477 36.33 34.57 44.41
N ALA A 478 37.02 33.82 43.55
CA ALA A 478 38.15 34.37 42.79
C ALA A 478 37.68 35.49 41.83
N ARG A 479 36.62 35.27 41.13
CA ARG A 479 36.04 36.25 40.26
C ARG A 479 35.59 37.57 40.92
N VAL A 480 35.01 37.51 42.08
CA VAL A 480 34.66 38.69 42.81
C VAL A 480 35.86 39.56 43.23
N VAL A 481 36.88 38.92 43.75
CA VAL A 481 38.12 39.51 44.19
C VAL A 481 38.79 40.17 42.98
N LEU A 482 38.84 39.45 41.87
CA LEU A 482 39.47 39.97 40.68
C LEU A 482 38.83 41.25 40.20
N GLU A 483 37.52 41.24 40.16
CA GLU A 483 36.75 42.36 39.78
C GLU A 483 36.96 43.55 40.69
N GLU A 484 37.07 43.32 41.98
CA GLU A 484 37.19 44.40 42.94
C GLU A 484 38.58 45.06 42.95
N LEU A 485 39.62 44.29 42.62
CA LEU A 485 40.99 44.79 42.49
C LEU A 485 41.26 44.72 40.97
N GLY A 486 42.52 44.61 40.56
CA GLY A 486 42.87 44.34 39.13
C GLY A 486 43.98 45.29 38.65
N MET B 1 -15.14 -48.24 14.86
CA MET B 1 -15.59 -48.58 13.53
C MET B 1 -15.36 -47.51 12.48
N THR B 2 -15.21 -47.91 11.22
CA THR B 2 -14.69 -46.97 10.20
C THR B 2 -15.73 -46.06 9.52
N SER B 3 -15.49 -44.75 9.60
CA SER B 3 -16.33 -43.75 8.94
C SER B 3 -15.92 -43.50 7.49
N ARG B 4 -16.89 -43.11 6.66
CA ARG B 4 -16.60 -42.62 5.32
C ARG B 4 -15.89 -41.26 5.35
N ASP B 5 -15.95 -40.58 6.50
CA ASP B 5 -15.37 -39.25 6.63
C ASP B 5 -13.89 -39.31 7.00
N GLY B 6 -13.18 -38.21 6.79
CA GLY B 6 -11.79 -38.08 7.21
C GLY B 6 -10.82 -38.65 6.18
N TYR B 7 -9.54 -38.44 6.45
CA TYR B 7 -8.44 -38.91 5.63
C TYR B 7 -7.24 -39.16 6.53
N GLN B 8 -6.38 -39.96 6.29
CA GLN B 8 -5.11 -40.31 6.90
C GLN B 8 -4.05 -40.41 5.82
N TRP B 9 -2.80 -40.22 6.10
CA TRP B 9 -1.61 -40.45 5.25
C TRP B 9 -0.40 -40.91 6.05
N THR B 10 0.27 -41.96 5.59
CA THR B 10 1.64 -42.27 6.04
C THR B 10 2.52 -42.44 4.80
N PRO B 11 3.85 -42.39 4.98
CA PRO B 11 4.72 -42.69 3.82
C PRO B 11 4.62 -44.15 3.35
N GLU B 12 4.43 -45.07 4.26
CA GLU B 12 4.28 -46.45 3.94
C GLU B 12 2.95 -46.81 3.35
N THR B 13 1.87 -46.28 3.87
CA THR B 13 0.63 -46.49 3.20
C THR B 13 0.36 -45.30 2.35
N GLY B 14 -0.75 -45.28 1.69
CA GLY B 14 -0.96 -44.09 0.86
C GLY B 14 -1.67 -42.96 1.60
N LEU B 15 -2.39 -42.14 0.82
CA LEU B 15 -3.51 -41.38 1.32
C LEU B 15 -4.73 -42.31 1.38
N THR B 16 -5.25 -42.48 2.58
CA THR B 16 -6.43 -43.24 2.87
C THR B 16 -7.60 -42.33 3.17
N GLN B 17 -8.76 -42.70 2.70
CA GLN B 17 -9.94 -41.95 2.94
C GLN B 17 -10.77 -42.76 3.86
N GLY B 18 -11.21 -42.25 4.95
CA GLY B 18 -11.87 -43.18 5.82
C GLY B 18 -10.94 -43.56 6.92
N VAL B 19 -11.35 -43.06 8.07
CA VAL B 19 -10.67 -43.20 9.34
C VAL B 19 -11.71 -43.40 10.44
N PRO B 20 -11.37 -44.31 11.33
CA PRO B 20 -12.19 -44.80 12.47
C PRO B 20 -12.74 -43.68 13.37
N SER B 21 -13.85 -43.98 14.06
CA SER B 21 -14.45 -43.05 15.02
C SER B 21 -15.52 -43.72 15.86
N LEU B 22 -15.54 -43.45 17.16
CA LEU B 22 -16.59 -43.97 18.02
C LEU B 22 -17.94 -43.36 17.68
N GLY B 23 -17.94 -42.35 16.81
CA GLY B 23 -19.17 -41.66 16.42
C GLY B 23 -20.00 -42.41 15.39
N VAL B 24 -19.38 -43.41 14.75
CA VAL B 24 -20.07 -44.26 13.79
C VAL B 24 -21.11 -45.10 14.53
N ILE B 25 -22.34 -45.09 14.02
CA ILE B 25 -23.44 -45.82 14.64
C ILE B 25 -23.78 -47.07 13.84
N SER B 26 -23.59 -48.23 14.46
CA SER B 26 -23.84 -49.50 13.83
C SER B 26 -24.66 -50.31 14.80
N PRO B 27 -25.81 -50.84 14.34
CA PRO B 27 -26.24 -50.70 12.94
C PRO B 27 -26.84 -49.31 12.66
N PRO B 28 -26.90 -48.92 11.37
CA PRO B 28 -27.35 -47.60 10.94
C PRO B 28 -28.82 -47.24 11.19
N THR B 29 -29.65 -48.20 11.52
CA THR B 29 -31.04 -47.93 11.80
C THR B 29 -31.59 -48.87 12.87
N ASN B 30 -32.68 -48.48 13.53
CA ASN B 30 -33.41 -49.34 14.43
C ASN B 30 -34.92 -49.26 14.16
N ILE B 31 -35.30 -48.82 12.96
CA ILE B 31 -36.71 -48.77 12.55
C ILE B 31 -36.94 -49.63 11.31
N TRP B 40 -44.48 -40.46 14.70
CA TRP B 40 -43.50 -39.87 15.58
C TRP B 40 -43.95 -38.55 16.10
N ASP B 41 -43.40 -38.21 17.23
CA ASP B 41 -43.58 -36.92 17.84
C ASP B 41 -42.66 -35.88 17.29
N VAL B 42 -41.41 -36.15 17.13
CA VAL B 42 -40.58 -35.10 16.70
C VAL B 42 -39.63 -35.77 15.80
N ILE B 43 -39.35 -35.12 14.72
CA ILE B 43 -38.22 -35.60 13.93
C ILE B 43 -37.08 -34.61 14.15
N VAL B 44 -35.93 -35.14 14.55
CA VAL B 44 -34.72 -34.31 14.61
C VAL B 44 -33.80 -34.62 13.42
N ILE B 45 -33.55 -33.61 12.61
CA ILE B 45 -32.64 -33.74 11.47
C ILE B 45 -31.24 -33.26 11.88
N GLY B 46 -30.28 -34.17 11.77
CA GLY B 46 -28.89 -33.89 12.07
C GLY B 46 -28.46 -34.37 13.44
N GLY B 47 -27.36 -35.08 13.50
CA GLY B 47 -26.86 -35.68 14.75
C GLY B 47 -25.56 -35.09 15.22
N GLY B 48 -25.42 -33.78 15.05
CA GLY B 48 -24.37 -33.02 15.70
C GLY B 48 -24.85 -32.68 17.11
N TYR B 49 -24.05 -31.90 17.83
CA TYR B 49 -24.34 -31.61 19.23
C TYR B 49 -25.67 -30.92 19.43
N CYS B 50 -26.12 -30.20 18.41
CA CYS B 50 -27.42 -29.55 18.48
C CYS B 50 -28.54 -30.60 18.46
N GLY B 51 -28.45 -31.52 17.50
CA GLY B 51 -29.45 -32.56 17.38
C GLY B 51 -29.46 -33.53 18.53
N LEU B 52 -28.27 -33.93 18.97
CA LEU B 52 -28.09 -34.86 20.08
C LEU B 52 -28.68 -34.30 21.36
N THR B 53 -28.43 -33.02 21.62
CA THR B 53 -28.92 -32.36 22.80
C THR B 53 -30.43 -32.30 22.77
N ALA B 54 -30.98 -31.92 21.62
CA ALA B 54 -32.42 -31.76 21.47
C ALA B 54 -33.09 -33.12 21.63
N THR B 55 -32.51 -34.13 20.99
CA THR B 55 -32.98 -35.49 21.06
C THR B 55 -32.91 -36.00 22.48
N ARG B 56 -31.74 -35.79 23.11
CA ARG B 56 -31.51 -36.19 24.48
C ARG B 56 -32.59 -35.57 25.37
N ASP B 57 -32.81 -34.26 25.28
CA ASP B 57 -33.81 -33.62 26.13
C ASP B 57 -35.20 -34.18 25.91
N LEU B 58 -35.58 -34.33 24.64
CA LEU B 58 -36.93 -34.69 24.27
C LEU B 58 -37.30 -36.14 24.64
N THR B 59 -36.42 -37.08 24.34
CA THR B 59 -36.65 -38.48 24.72
C THR B 59 -36.70 -38.65 26.24
N VAL B 60 -35.78 -38.00 26.96
CA VAL B 60 -35.76 -38.01 28.43
C VAL B 60 -37.07 -37.45 28.99
N ALA B 61 -37.67 -36.47 28.33
CA ALA B 61 -38.90 -35.83 28.78
C ALA B 61 -40.17 -36.54 28.28
N GLY B 62 -40.00 -37.68 27.62
CA GLY B 62 -41.12 -38.53 27.22
C GLY B 62 -41.51 -38.56 25.73
N PHE B 63 -40.96 -37.64 24.92
CA PHE B 63 -41.31 -37.60 23.49
C PHE B 63 -40.69 -38.71 22.66
N LYS B 64 -41.50 -39.29 21.77
CA LYS B 64 -41.03 -40.30 20.83
C LYS B 64 -40.29 -39.55 19.74
N THR B 65 -39.00 -39.85 19.58
CA THR B 65 -38.16 -39.02 18.74
C THR B 65 -37.39 -39.82 17.70
N LEU B 66 -37.47 -39.35 16.47
CA LEU B 66 -36.73 -39.84 15.34
C LEU B 66 -35.67 -38.86 14.87
N LEU B 67 -34.49 -39.36 14.62
CA LEU B 67 -33.36 -38.60 14.17
C LEU B 67 -33.01 -39.11 12.78
N LEU B 68 -32.85 -38.18 11.89
CA LEU B 68 -32.37 -38.45 10.60
C LEU B 68 -31.05 -37.74 10.52
N GLU B 69 -30.04 -38.47 10.15
CA GLU B 69 -28.70 -38.02 9.75
C GLU B 69 -28.32 -38.51 8.35
N ALA B 70 -27.55 -37.53 7.75
CA ALA B 70 -26.94 -37.79 6.44
C ALA B 70 -25.73 -38.69 6.48
N ARG B 71 -24.89 -38.46 7.49
CA ARG B 71 -23.60 -39.15 7.59
C ARG B 71 -23.82 -40.52 8.21
N ASP B 72 -22.73 -41.28 8.35
CA ASP B 72 -22.76 -42.60 9.01
C ASP B 72 -22.39 -42.49 10.48
N ARG B 73 -22.34 -41.26 10.99
CA ARG B 73 -21.84 -40.99 12.35
C ARG B 73 -22.58 -39.82 13.00
N ILE B 74 -22.42 -39.70 14.33
CA ILE B 74 -22.81 -38.50 15.08
C ILE B 74 -21.63 -37.52 15.24
N GLY B 75 -21.93 -36.31 15.67
CA GLY B 75 -20.92 -35.31 15.96
C GLY B 75 -20.90 -34.12 15.02
N GLY B 76 -21.33 -34.35 13.78
CA GLY B 76 -21.41 -33.31 12.76
C GLY B 76 -20.07 -32.65 12.58
N ARG B 77 -20.01 -31.36 12.92
CA ARG B 77 -18.78 -30.64 12.74
C ARG B 77 -17.72 -30.93 13.79
N SER B 78 -18.02 -31.79 14.75
CA SER B 78 -17.03 -32.18 15.75
C SER B 78 -17.02 -33.67 15.96
N TRP B 79 -15.85 -34.27 15.76
CA TRP B 79 -15.71 -35.73 15.93
C TRP B 79 -14.24 -36.11 16.00
N SER B 80 -13.94 -37.21 16.66
CA SER B 80 -12.55 -37.63 16.83
C SER B 80 -12.29 -39.00 16.23
N SER B 81 -11.03 -39.26 15.87
CA SER B 81 -10.66 -40.54 15.30
C SER B 81 -9.49 -41.16 16.04
N ASN B 82 -9.71 -42.33 16.61
CA ASN B 82 -8.65 -42.99 17.38
C ASN B 82 -7.70 -43.76 16.45
N ILE B 83 -6.51 -43.24 16.22
CA ILE B 83 -5.56 -43.87 15.34
C ILE B 83 -4.27 -44.16 16.06
N ASP B 84 -3.96 -45.47 16.20
CA ASP B 84 -2.83 -45.96 16.97
C ASP B 84 -2.90 -45.43 18.38
N GLY B 85 -4.12 -45.41 18.90
CA GLY B 85 -4.37 -45.01 20.28
C GLY B 85 -4.42 -43.51 20.55
N TYR B 86 -4.31 -42.69 19.51
CA TYR B 86 -4.39 -41.25 19.70
C TYR B 86 -5.66 -40.66 19.10
N PRO B 87 -6.41 -39.86 19.89
CA PRO B 87 -7.62 -39.24 19.32
C PRO B 87 -7.29 -38.00 18.50
N TYR B 88 -7.49 -38.10 17.20
CA TYR B 88 -7.33 -36.99 16.27
C TYR B 88 -8.66 -36.23 16.15
N GLU B 89 -8.65 -34.99 16.60
CA GLU B 89 -9.85 -34.15 16.59
C GLU B 89 -10.02 -33.57 15.20
N MET B 90 -11.01 -34.08 14.47
CA MET B 90 -11.20 -33.70 13.07
C MET B 90 -11.84 -32.31 12.93
N GLY B 91 -12.63 -31.91 13.91
CA GLY B 91 -13.33 -30.64 13.85
C GLY B 91 -13.18 -29.86 15.13
N GLY B 92 -14.32 -29.52 15.73
CA GLY B 92 -14.35 -28.83 17.01
C GLY B 92 -13.69 -29.66 18.08
N THR B 93 -12.81 -29.01 18.83
CA THR B 93 -11.90 -29.64 19.78
C THR B 93 -12.02 -29.07 21.18
N TRP B 94 -11.80 -27.76 21.32
CA TRP B 94 -11.53 -27.18 22.62
C TRP B 94 -12.79 -26.74 23.37
N VAL B 95 -12.75 -26.89 24.69
CA VAL B 95 -13.82 -26.46 25.56
C VAL B 95 -13.26 -25.81 26.82
N HIS B 96 -14.17 -25.25 27.63
CA HIS B 96 -13.80 -24.55 28.87
C HIS B 96 -15.03 -24.43 29.76
N TRP B 97 -14.80 -24.28 31.07
CA TRP B 97 -15.88 -24.09 32.03
C TRP B 97 -16.53 -22.68 31.99
N HIS B 98 -15.91 -21.73 31.31
CA HIS B 98 -16.60 -20.48 31.01
C HIS B 98 -17.57 -20.62 29.84
N GLN B 99 -17.61 -21.77 29.21
CA GLN B 99 -18.62 -22.03 28.24
C GLN B 99 -19.80 -22.79 28.87
N SER B 100 -20.86 -22.06 29.19
CA SER B 100 -22.00 -22.52 29.99
C SER B 100 -22.57 -23.88 29.62
N HIS B 101 -23.01 -24.03 28.38
CA HIS B 101 -23.77 -25.21 28.01
C HIS B 101 -22.90 -26.44 27.80
N VAL B 102 -21.73 -26.27 27.22
CA VAL B 102 -20.88 -27.46 27.08
C VAL B 102 -20.37 -27.91 28.46
N TRP B 103 -20.07 -26.97 29.32
CA TRP B 103 -19.66 -27.31 30.63
C TRP B 103 -20.76 -27.91 31.50
N ARG B 104 -22.05 -27.62 31.34
CA ARG B 104 -22.97 -28.58 31.90
C ARG B 104 -22.82 -29.92 31.17
N GLU B 105 -22.89 -30.03 29.92
CA GLU B 105 -23.03 -31.39 29.64
C GLU B 105 -21.86 -32.13 30.22
N ILE B 106 -20.75 -31.46 30.40
CA ILE B 106 -19.52 -32.13 30.84
C ILE B 106 -19.57 -32.55 32.32
N THR B 107 -20.09 -31.71 33.20
CA THR B 107 -20.17 -32.08 34.61
C THR B 107 -21.24 -33.16 34.85
N ARG B 108 -22.42 -32.96 34.24
CA ARG B 108 -23.50 -33.93 34.34
C ARG B 108 -23.05 -35.36 33.93
N TYR B 109 -22.31 -35.48 32.82
CA TYR B 109 -21.79 -36.78 32.38
C TYR B 109 -20.52 -37.14 33.10
N LYS B 110 -20.20 -36.36 34.14
CA LYS B 110 -19.00 -36.58 34.97
C LYS B 110 -17.75 -36.71 34.11
N MET B 111 -17.51 -35.73 33.25
CA MET B 111 -16.35 -35.77 32.38
C MET B 111 -15.40 -34.60 32.65
N HIS B 112 -15.68 -33.86 33.71
CA HIS B 112 -14.87 -32.71 34.10
C HIS B 112 -13.39 -33.04 34.42
N ASN B 113 -13.08 -34.29 34.77
CA ASN B 113 -11.69 -34.70 35.02
C ASN B 113 -11.11 -35.55 33.89
N ALA B 114 -11.80 -35.56 32.75
CA ALA B 114 -11.35 -36.31 31.59
C ALA B 114 -10.76 -35.41 30.51
N LEU B 115 -10.14 -34.31 30.93
CA LEU B 115 -9.55 -33.32 30.02
C LEU B 115 -8.01 -33.34 30.00
N SER B 116 -7.43 -32.99 28.84
CA SER B 116 -5.97 -32.79 28.70
C SER B 116 -5.66 -31.33 28.38
N PRO B 117 -4.53 -30.81 28.89
CA PRO B 117 -4.06 -29.52 28.41
C PRO B 117 -3.31 -29.69 27.10
N SER B 118 -3.71 -28.92 26.08
CA SER B 118 -3.01 -28.89 24.79
C SER B 118 -1.58 -28.36 24.93
N PHE B 119 -1.40 -27.28 25.67
CA PHE B 119 -0.08 -26.72 25.84
C PHE B 119 0.67 -27.41 26.93
N ASN B 120 1.94 -27.65 26.64
CA ASN B 120 2.88 -28.21 27.57
C ASN B 120 4.24 -27.62 27.24
N PHE B 121 4.69 -26.68 28.08
CA PHE B 121 5.96 -26.00 27.90
C PHE B 121 7.09 -26.52 28.83
N SER B 122 6.98 -27.75 29.32
CA SER B 122 7.90 -28.26 30.35
C SER B 122 9.18 -28.94 29.83
N ARG B 123 9.32 -29.05 28.50
CA ARG B 123 10.53 -29.59 27.86
C ARG B 123 10.55 -29.18 26.42
N GLY B 124 11.69 -29.38 25.75
CA GLY B 124 11.78 -29.17 24.32
C GLY B 124 12.24 -27.77 23.96
N VAL B 125 11.92 -27.34 22.73
CA VAL B 125 12.40 -26.06 22.21
C VAL B 125 11.79 -24.87 22.95
N ASN B 126 10.56 -25.05 23.42
CA ASN B 126 9.93 -24.07 24.29
C ASN B 126 10.04 -22.65 23.72
N HIS B 127 9.72 -22.51 22.43
CA HIS B 127 9.67 -21.19 21.77
C HIS B 127 8.53 -21.04 20.74
N PHE B 128 8.23 -19.78 20.43
CA PHE B 128 7.31 -19.35 19.37
C PHE B 128 8.11 -18.98 18.13
N GLN B 129 7.77 -19.60 17.01
CA GLN B 129 8.46 -19.39 15.76
C GLN B 129 7.56 -18.58 14.83
N LEU B 130 7.89 -17.33 14.65
CA LEU B 130 7.22 -16.42 13.77
C LEU B 130 7.90 -16.32 12.42
N ARG B 131 7.14 -16.59 11.39
CA ARG B 131 7.61 -16.44 10.04
C ARG B 131 6.75 -15.45 9.30
N THR B 132 7.31 -14.35 8.86
CA THR B 132 6.57 -13.33 8.10
C THR B 132 6.94 -13.34 6.64
N ASN B 133 7.94 -14.15 6.28
CA ASN B 133 8.29 -14.41 4.89
C ASN B 133 8.89 -15.82 4.72
N PRO B 134 9.02 -16.31 3.47
CA PRO B 134 9.43 -17.73 3.26
C PRO B 134 10.86 -18.12 3.60
N THR B 135 11.76 -17.17 3.86
CA THR B 135 13.19 -17.53 4.06
C THR B 135 13.75 -17.36 5.47
N THR B 136 13.07 -16.59 6.31
CA THR B 136 13.59 -16.31 7.65
C THR B 136 12.58 -16.68 8.74
N SER B 137 13.07 -16.79 9.96
CA SER B 137 12.21 -17.00 11.12
C SER B 137 12.60 -16.03 12.21
N THR B 138 11.64 -15.73 13.09
CA THR B 138 11.91 -14.99 14.32
C THR B 138 11.46 -15.87 15.51
N TYR B 139 12.39 -16.15 16.43
CA TYR B 139 12.10 -17.02 17.60
C TYR B 139 11.99 -16.21 18.88
N MET B 140 10.98 -16.48 19.68
CA MET B 140 10.87 -15.80 20.97
C MET B 140 10.28 -16.72 22.02
N THR B 141 10.38 -16.34 23.29
CA THR B 141 9.83 -17.14 24.38
C THR B 141 8.30 -17.13 24.27
N HIS B 142 7.64 -18.09 24.92
CA HIS B 142 6.16 -18.04 25.03
C HIS B 142 5.66 -16.82 25.80
N GLU B 143 6.44 -16.36 26.79
CA GLU B 143 6.14 -15.08 27.45
C GLU B 143 6.15 -13.90 26.45
N ALA B 144 7.18 -13.79 25.63
CA ALA B 144 7.25 -12.70 24.67
C ALA B 144 6.14 -12.81 23.61
N GLU B 145 5.80 -14.04 23.22
CA GLU B 145 4.71 -14.33 22.31
C GLU B 145 3.38 -13.81 22.85
N ASP B 146 3.08 -14.13 24.09
CA ASP B 146 1.90 -13.63 24.76
C ASP B 146 1.78 -12.13 24.78
N GLU B 147 2.90 -11.47 24.85
CA GLU B 147 2.92 -10.07 25.03
C GLU B 147 2.77 -9.38 23.71
N LEU B 148 3.31 -9.97 22.67
CA LEU B 148 3.11 -9.51 21.30
C LEU B 148 1.64 -9.53 20.92
N LEU B 149 1.02 -10.68 21.06
CA LEU B 149 -0.37 -10.83 20.85
C LEU B 149 -1.25 -9.99 21.71
N ARG B 150 -0.89 -9.82 22.96
CA ARG B 150 -1.63 -9.00 23.87
CA ARG B 150 -1.66 -9.04 23.92
C ARG B 150 -1.63 -7.55 23.45
N SER B 151 -0.48 -7.12 23.07
CA SER B 151 -0.30 -5.76 22.61
C SER B 151 -1.09 -5.46 21.35
N ALA B 152 -1.07 -6.39 20.40
CA ALA B 152 -1.76 -6.22 19.12
C ALA B 152 -3.27 -6.25 19.31
N LEU B 153 -3.74 -7.23 20.09
CA LEU B 153 -5.17 -7.37 20.34
C LEU B 153 -5.75 -6.21 21.18
N HIS B 154 -4.96 -5.69 22.12
CA HIS B 154 -5.37 -4.46 22.81
C HIS B 154 -5.68 -3.35 21.77
N LYS B 155 -4.78 -3.16 20.81
CA LYS B 155 -4.99 -2.07 19.85
C LYS B 155 -6.19 -2.37 18.96
N PHE B 156 -6.30 -3.62 18.54
CA PHE B 156 -7.36 -4.08 17.67
C PHE B 156 -8.71 -3.93 18.31
N THR B 157 -8.81 -4.31 19.59
CA THR B 157 -10.14 -4.36 20.20
C THR B 157 -10.53 -3.09 20.95
N ASN B 158 -9.59 -2.17 21.13
CA ASN B 158 -9.85 -1.01 21.98
C ASN B 158 -10.63 0.10 21.28
N VAL B 159 -11.80 -0.23 20.74
CA VAL B 159 -12.56 0.72 19.96
C VAL B 159 -13.36 1.67 20.86
N ASP B 160 -13.41 1.38 22.15
CA ASP B 160 -14.29 2.14 23.04
C ASP B 160 -13.58 2.56 24.31
N GLY B 161 -12.27 2.33 24.38
CA GLY B 161 -11.51 2.68 25.57
C GLY B 161 -11.40 1.58 26.61
N THR B 162 -12.23 0.53 26.48
CA THR B 162 -12.27 -0.53 27.50
C THR B 162 -12.27 -1.92 26.85
N ASN B 163 -11.72 -1.98 25.63
CA ASN B 163 -11.60 -3.23 24.87
C ASN B 163 -12.90 -3.98 24.60
N GLY B 164 -13.96 -3.23 24.32
CA GLY B 164 -15.26 -3.82 23.99
C GLY B 164 -16.21 -3.92 25.17
N ARG B 165 -15.78 -3.54 26.37
CA ARG B 165 -16.66 -3.63 27.55
C ARG B 165 -17.77 -2.58 27.54
N THR B 166 -17.53 -1.45 26.85
CA THR B 166 -18.53 -0.41 26.79
C THR B 166 -19.53 -0.62 25.63
N VAL B 167 -19.07 -1.04 24.46
CA VAL B 167 -20.04 -1.23 23.37
C VAL B 167 -20.73 -2.59 23.45
N LEU B 168 -20.06 -3.57 24.03
CA LEU B 168 -20.62 -4.92 24.11
C LEU B 168 -20.58 -5.48 25.53
N PRO B 169 -21.29 -4.83 26.48
CA PRO B 169 -21.26 -5.32 27.86
C PRO B 169 -22.04 -6.61 28.07
N PHE B 170 -23.02 -6.90 27.21
CA PHE B 170 -23.79 -8.14 27.29
C PHE B 170 -23.74 -8.85 25.97
N PRO B 171 -22.71 -9.67 25.75
CA PRO B 171 -22.60 -10.23 24.40
C PRO B 171 -23.80 -11.06 23.93
N HIS B 172 -24.64 -11.51 24.86
CA HIS B 172 -25.90 -12.23 24.53
C HIS B 172 -27.00 -11.33 23.92
N ASP B 173 -26.85 -10.03 24.10
CA ASP B 173 -27.77 -9.06 23.50
C ASP B 173 -26.96 -7.96 22.78
N MET B 174 -26.61 -8.23 21.53
CA MET B 174 -25.68 -7.37 20.74
C MET B 174 -26.10 -5.92 20.56
N PHE B 175 -27.40 -5.63 20.61
CA PHE B 175 -27.92 -4.27 20.42
C PHE B 175 -28.19 -3.52 21.70
N TYR B 176 -27.70 -4.02 22.84
CA TYR B 176 -27.94 -3.37 24.13
C TYR B 176 -27.39 -1.95 24.09
N VAL B 177 -26.23 -1.81 23.47
CA VAL B 177 -25.67 -0.51 23.14
C VAL B 177 -25.84 -0.44 21.63
N PRO B 178 -26.67 0.48 21.16
CA PRO B 178 -27.05 0.53 19.74
C PRO B 178 -25.84 0.68 18.82
N GLU B 179 -24.83 1.39 19.31
CA GLU B 179 -23.64 1.66 18.58
C GLU B 179 -22.77 0.47 18.18
N PHE B 180 -22.98 -0.68 18.79
CA PHE B 180 -22.26 -1.92 18.43
C PHE B 180 -22.45 -2.32 16.96
N ARG B 181 -23.62 -2.05 16.42
CA ARG B 181 -23.95 -2.38 15.03
C ARG B 181 -22.86 -1.93 14.02
N LYS B 182 -22.37 -0.71 14.19
CA LYS B 182 -21.22 -0.16 13.48
C LYS B 182 -20.07 -1.18 13.30
N TYR B 183 -19.69 -1.84 14.38
CA TYR B 183 -18.59 -2.82 14.38
C TYR B 183 -18.95 -4.15 13.74
N ASP B 184 -20.16 -4.63 13.98
CA ASP B 184 -20.64 -5.79 13.24
C ASP B 184 -20.55 -5.54 11.74
N GLU B 185 -20.81 -4.30 11.32
CA GLU B 185 -20.78 -3.93 9.90
C GLU B 185 -19.38 -3.63 9.33
N MET B 186 -18.37 -3.63 10.23
CA MET B 186 -16.99 -3.40 9.86
C MET B 186 -16.30 -4.72 9.57
N SER B 187 -15.42 -4.70 8.61
CA SER B 187 -14.52 -5.80 8.40
C SER B 187 -13.27 -5.67 9.21
N TYR B 188 -12.57 -6.77 9.32
CA TYR B 188 -11.25 -6.89 9.86
C TYR B 188 -10.34 -5.89 9.20
N SER B 189 -10.41 -5.80 7.89
CA SER B 189 -9.54 -4.93 7.15
C SER B 189 -9.76 -3.46 7.33
N GLU B 190 -11.01 -3.05 7.53
CA GLU B 190 -11.33 -1.71 7.90
C GLU B 190 -10.83 -1.38 9.25
N ARG B 191 -10.79 -2.35 10.15
CA ARG B 191 -10.31 -2.03 11.48
C ARG B 191 -8.79 -1.91 11.48
N ILE B 192 -8.14 -2.86 10.82
CA ILE B 192 -6.70 -2.83 10.64
C ILE B 192 -6.26 -1.54 9.96
N ASP B 193 -7.02 -1.06 8.98
CA ASP B 193 -6.68 0.22 8.35
C ASP B 193 -6.69 1.36 9.36
N GLN B 194 -7.60 1.32 10.31
CA GLN B 194 -7.66 2.37 11.35
C GLN B 194 -6.46 2.38 12.33
N ILE B 195 -5.73 1.26 12.45
CA ILE B 195 -4.68 1.18 13.47
C ILE B 195 -3.32 0.83 12.91
N ARG B 196 -3.27 0.56 11.63
CA ARG B 196 -2.12 0.10 10.90
C ARG B 196 -0.78 0.80 11.23
N ASP B 197 -0.83 2.12 11.34
CA ASP B 197 0.34 2.96 11.60
C ASP B 197 0.89 2.76 13.01
N GLU B 198 0.07 2.20 13.89
CA GLU B 198 0.46 1.92 15.26
C GLU B 198 0.90 0.49 15.50
N LEU B 199 0.96 -0.33 14.45
CA LEU B 199 1.37 -1.72 14.58
C LEU B 199 2.72 -1.99 13.90
N SER B 200 3.62 -2.66 14.59
CA SER B 200 4.84 -3.15 13.94
C SER B 200 4.48 -4.35 13.04
N LEU B 201 5.39 -4.76 12.16
CA LEU B 201 5.17 -5.97 11.34
C LEU B 201 4.90 -7.23 12.20
N ASN B 202 5.60 -7.38 13.32
CA ASN B 202 5.40 -8.56 14.17
C ASN B 202 4.05 -8.57 14.86
N GLU B 203 3.59 -7.38 15.25
CA GLU B 203 2.25 -7.23 15.80
C GLU B 203 1.13 -7.50 14.77
N ARG B 204 1.20 -6.81 13.63
CA ARG B 204 0.16 -6.94 12.63
C ARG B 204 0.09 -8.37 12.13
N SER B 205 1.24 -9.02 11.95
CA SER B 205 1.27 -10.34 11.37
C SER B 205 0.67 -11.34 12.35
N SER B 206 1.06 -11.22 13.61
CA SER B 206 0.49 -12.02 14.70
C SER B 206 -1.01 -11.81 14.77
N LEU B 207 -1.43 -10.53 14.79
CA LEU B 207 -2.80 -10.13 14.96
C LEU B 207 -3.66 -10.72 13.84
N GLU B 208 -3.18 -10.57 12.61
CA GLU B 208 -3.94 -11.01 11.45
C GLU B 208 -4.04 -12.52 11.42
N ALA B 209 -2.91 -13.21 11.71
CA ALA B 209 -2.94 -14.67 11.77
C ALA B 209 -3.96 -15.11 12.84
N PHE B 210 -3.92 -14.46 14.00
CA PHE B 210 -4.83 -14.79 15.06
C PHE B 210 -6.32 -14.60 14.70
N ILE B 211 -6.70 -13.40 14.28
CA ILE B 211 -8.10 -13.13 13.93
C ILE B 211 -8.60 -13.94 12.72
N LEU B 212 -7.72 -14.26 11.79
CA LEU B 212 -8.09 -15.15 10.66
C LEU B 212 -8.20 -16.60 11.07
N LEU B 213 -7.39 -17.02 12.03
CA LEU B 213 -7.64 -18.31 12.66
C LEU B 213 -9.07 -18.37 13.25
N CYS B 214 -9.53 -17.29 13.87
CA CYS B 214 -10.87 -17.29 14.41
C CYS B 214 -11.97 -17.28 13.34
N SER B 215 -11.74 -16.56 12.24
CA SER B 215 -12.78 -16.42 11.21
C SER B 215 -12.74 -17.53 10.17
N GLY B 216 -11.56 -18.05 9.90
CA GLY B 216 -11.35 -18.95 8.75
C GLY B 216 -11.60 -18.33 7.38
N GLY B 217 -11.85 -17.02 7.32
CA GLY B 217 -12.17 -16.30 6.08
C GLY B 217 -11.03 -15.45 5.56
N THR B 218 -11.31 -14.21 5.16
CA THR B 218 -10.32 -13.25 4.71
C THR B 218 -10.47 -11.98 5.52
N LEU B 219 -9.49 -11.08 5.39
CA LEU B 219 -9.51 -9.81 6.09
C LEU B 219 -10.66 -9.00 5.61
N GLU B 220 -10.98 -9.15 4.33
CA GLU B 220 -12.05 -8.38 3.68
C GLU B 220 -13.45 -8.97 3.89
N ASN B 221 -13.57 -10.29 4.12
CA ASN B 221 -14.92 -10.84 4.31
C ASN B 221 -15.32 -11.16 5.77
N SER B 222 -14.40 -10.92 6.71
CA SER B 222 -14.63 -11.25 8.13
C SER B 222 -15.12 -10.08 8.95
N SER B 223 -16.23 -10.30 9.64
CA SER B 223 -16.85 -9.29 10.50
C SER B 223 -16.04 -9.00 11.76
N PHE B 224 -15.65 -7.75 11.92
CA PHE B 224 -14.94 -7.31 13.10
C PHE B 224 -15.79 -7.49 14.37
N GLY B 225 -17.05 -7.07 14.31
CA GLY B 225 -18.00 -7.24 15.38
C GLY B 225 -18.08 -8.68 15.89
N GLU B 226 -18.06 -9.64 14.97
CA GLU B 226 -18.12 -11.04 15.37
C GLU B 226 -16.87 -11.46 16.17
N PHE B 227 -15.72 -10.90 15.84
CA PHE B 227 -14.54 -11.16 16.64
C PHE B 227 -14.68 -10.57 18.02
N LEU B 228 -15.15 -9.32 18.09
CA LEU B 228 -15.42 -8.68 19.37
C LEU B 228 -16.40 -9.51 20.21
N HIS B 229 -17.26 -10.26 19.53
CA HIS B 229 -18.20 -11.15 20.21
C HIS B 229 -17.50 -12.30 20.93
N TRP B 230 -16.60 -13.00 20.22
CA TRP B 230 -15.74 -14.04 20.81
C TRP B 230 -14.88 -13.52 21.96
N TRP B 231 -14.28 -12.36 21.71
CA TRP B 231 -13.41 -11.68 22.64
C TRP B 231 -14.19 -11.50 23.96
N ALA B 232 -15.35 -10.85 23.87
CA ALA B 232 -16.19 -10.58 25.02
C ALA B 232 -16.66 -11.86 25.72
N MET B 233 -17.14 -12.84 24.95
CA MET B 233 -17.56 -14.11 25.53
C MET B 233 -16.42 -14.70 26.38
N SER B 234 -15.20 -14.52 25.88
CA SER B 234 -14.00 -15.05 26.53
C SER B 234 -13.54 -14.24 27.74
N GLY B 235 -14.09 -13.05 27.95
CA GLY B 235 -13.69 -12.21 29.05
C GLY B 235 -12.88 -11.01 28.59
N TYR B 236 -12.93 -10.66 27.29
CA TYR B 236 -12.27 -9.44 26.80
C TYR B 236 -10.77 -9.42 27.07
N THR B 237 -10.11 -10.58 27.11
CA THR B 237 -8.63 -10.59 27.24
C THR B 237 -8.04 -11.66 26.34
N TYR B 238 -6.79 -11.49 25.93
CA TYR B 238 -6.11 -12.49 25.15
C TYR B 238 -6.05 -13.79 25.93
N GLN B 239 -5.60 -13.73 27.19
CA GLN B 239 -5.54 -14.94 28.03
C GLN B 239 -6.91 -15.63 28.12
N GLY B 240 -7.96 -14.81 28.33
CA GLY B 240 -9.33 -15.29 28.30
C GLY B 240 -9.55 -16.11 27.04
N CYS B 241 -9.17 -15.55 25.90
CA CYS B 241 -9.41 -16.15 24.60
C CYS B 241 -8.68 -17.46 24.56
N MET B 242 -7.40 -17.44 24.94
CA MET B 242 -6.58 -18.68 24.90
C MET B 242 -7.17 -19.75 25.81
N ASP B 243 -7.63 -19.37 27.00
CA ASP B 243 -8.26 -20.32 27.92
C ASP B 243 -9.49 -20.94 27.27
N CYS B 244 -10.32 -20.12 26.64
CA CYS B 244 -11.58 -20.62 26.08
C CYS B 244 -11.49 -21.31 24.73
N LEU B 245 -10.56 -20.88 23.87
CA LEU B 245 -10.51 -21.39 22.48
C LEU B 245 -9.57 -22.57 22.22
N MET B 246 -8.56 -22.75 23.01
CA MET B 246 -7.50 -23.61 22.62
C MET B 246 -6.73 -24.31 23.72
N SER B 247 -7.26 -24.44 24.88
CA SER B 247 -6.49 -24.97 26.02
C SER B 247 -6.81 -26.42 26.39
N TYR B 248 -8.11 -26.75 26.42
CA TYR B 248 -8.55 -28.00 27.03
C TYR B 248 -9.38 -28.86 26.11
N LYS B 249 -8.96 -30.12 25.98
CA LYS B 249 -9.64 -31.07 25.12
C LYS B 249 -9.89 -32.37 25.86
N PHE B 250 -10.71 -33.22 25.25
CA PHE B 250 -11.06 -34.51 25.83
C PHE B 250 -9.92 -35.53 25.70
N LYS B 251 -9.46 -36.09 26.81
CA LYS B 251 -8.49 -37.20 26.77
C LYS B 251 -8.95 -38.24 25.78
N ASP B 252 -10.25 -38.53 25.81
CA ASP B 252 -10.76 -39.65 25.03
C ASP B 252 -11.36 -39.25 23.69
N GLY B 253 -11.32 -37.94 23.40
CA GLY B 253 -11.76 -37.40 22.12
C GLY B 253 -13.23 -37.04 22.13
N GLN B 254 -13.60 -36.08 21.31
CA GLN B 254 -14.97 -35.55 21.27
C GLN B 254 -16.01 -36.63 21.01
N SER B 255 -15.67 -37.62 20.21
CA SER B 255 -16.63 -38.68 19.92
C SER B 255 -17.10 -39.44 21.18
N ALA B 256 -16.23 -39.59 22.18
CA ALA B 256 -16.66 -40.14 23.46
C ALA B 256 -17.66 -39.26 24.17
N PHE B 257 -17.52 -37.94 24.02
CA PHE B 257 -18.47 -36.99 24.62
C PHE B 257 -19.80 -37.19 23.90
N ALA B 258 -19.76 -37.21 22.58
CA ALA B 258 -20.97 -37.37 21.79
C ALA B 258 -21.72 -38.69 22.07
N ARG B 259 -20.98 -39.76 22.36
CA ARG B 259 -21.62 -41.04 22.73
C ARG B 259 -22.44 -40.94 24.01
N ARG B 260 -22.05 -40.04 24.91
CA ARG B 260 -22.83 -39.86 26.13
C ARG B 260 -24.24 -39.48 25.84
N PHE B 261 -24.46 -38.43 25.06
CA PHE B 261 -25.81 -38.04 24.63
C PHE B 261 -26.52 -39.19 23.92
N TRP B 262 -25.80 -39.87 23.04
CA TRP B 262 -26.39 -40.96 22.28
C TRP B 262 -26.89 -42.05 23.23
N GLU B 263 -26.01 -42.54 24.11
CA GLU B 263 -26.38 -43.62 25.03
C GLU B 263 -27.53 -43.21 25.93
N GLU B 264 -27.61 -41.94 26.32
CA GLU B 264 -28.71 -41.49 27.17
C GLU B 264 -30.06 -41.47 26.42
N ALA B 265 -30.07 -40.96 25.19
CA ALA B 265 -31.29 -40.99 24.39
C ALA B 265 -31.66 -42.43 24.00
N ALA B 266 -30.70 -43.23 23.58
CA ALA B 266 -30.98 -44.61 23.22
C ALA B 266 -31.61 -45.40 24.40
N GLY B 267 -31.08 -45.19 25.60
CA GLY B 267 -31.53 -45.90 26.80
C GLY B 267 -32.92 -45.52 27.33
N THR B 268 -33.56 -44.52 26.73
CA THR B 268 -34.92 -44.21 27.13
C THR B 268 -35.88 -45.18 26.47
N GLY B 269 -35.42 -45.84 25.42
CA GLY B 269 -36.29 -46.66 24.58
C GLY B 269 -37.21 -45.85 23.66
N ARG B 270 -37.07 -44.52 23.67
CA ARG B 270 -37.91 -43.62 22.88
C ARG B 270 -37.24 -43.07 21.61
N LEU B 271 -36.05 -43.58 21.30
CA LEU B 271 -35.28 -43.14 20.13
C LEU B 271 -35.41 -44.05 18.91
N GLY B 272 -35.88 -43.45 17.82
CA GLY B 272 -35.73 -44.05 16.52
C GLY B 272 -34.61 -43.31 15.79
N TYR B 273 -33.93 -43.99 14.88
CA TYR B 273 -32.86 -43.36 14.14
C TYR B 273 -32.60 -43.99 12.80
N VAL B 274 -32.16 -43.17 11.85
CA VAL B 274 -31.66 -43.63 10.55
C VAL B 274 -30.44 -42.79 10.19
N PHE B 275 -29.30 -43.45 10.01
CA PHE B 275 -28.12 -42.77 9.47
C PHE B 275 -27.97 -43.10 8.00
N GLY B 276 -27.14 -42.29 7.30
CA GLY B 276 -26.97 -42.43 5.87
C GLY B 276 -28.24 -41.99 5.19
N CYS B 277 -28.86 -40.96 5.73
CA CYS B 277 -30.18 -40.54 5.34
C CYS B 277 -30.26 -39.02 5.07
N PRO B 278 -29.60 -38.57 3.98
CA PRO B 278 -29.73 -37.17 3.57
C PRO B 278 -31.19 -36.76 3.31
N VAL B 279 -31.64 -35.73 4.02
CA VAL B 279 -32.95 -35.10 3.80
C VAL B 279 -32.82 -34.11 2.64
N ARG B 280 -33.87 -33.99 1.84
CA ARG B 280 -33.96 -33.01 0.77
C ARG B 280 -35.03 -31.91 0.87
N SER B 281 -36.07 -32.12 1.63
CA SER B 281 -37.28 -31.32 1.71
C SER B 281 -37.98 -31.40 3.07
N VAL B 282 -38.46 -30.31 3.58
CA VAL B 282 -39.29 -30.42 4.72
C VAL B 282 -40.57 -29.71 4.31
N VAL B 283 -41.71 -30.35 4.48
CA VAL B 283 -42.99 -29.71 4.14
C VAL B 283 -43.93 -29.66 5.34
N ASN B 284 -44.40 -28.46 5.65
CA ASN B 284 -45.41 -28.24 6.66
C ASN B 284 -46.78 -28.72 6.16
N GLU B 285 -47.55 -29.38 7.03
CA GLU B 285 -48.96 -29.77 6.71
C GLU B 285 -49.91 -29.42 7.87
N ARG B 286 -51.14 -29.94 7.85
CA ARG B 286 -52.09 -29.77 8.97
C ARG B 286 -51.57 -30.57 10.18
N ASP B 287 -51.25 -29.86 11.25
CA ASP B 287 -50.74 -30.44 12.54
C ASP B 287 -49.51 -31.35 12.45
N ALA B 288 -48.91 -31.47 11.27
CA ALA B 288 -47.82 -32.42 11.03
C ALA B 288 -46.74 -31.80 10.12
N ALA B 289 -45.65 -32.54 9.92
CA ALA B 289 -44.62 -32.12 8.99
C ALA B 289 -44.03 -33.32 8.29
N ARG B 290 -43.77 -33.18 6.99
CA ARG B 290 -43.27 -34.29 6.17
C ARG B 290 -41.79 -34.09 5.80
N VAL B 291 -40.96 -35.04 6.18
CA VAL B 291 -39.56 -34.99 5.88
C VAL B 291 -39.28 -36.03 4.81
N THR B 292 -38.62 -35.63 3.72
CA THR B 292 -38.37 -36.55 2.64
C THR B 292 -36.86 -36.69 2.39
N ALA B 293 -36.38 -37.92 2.34
CA ALA B 293 -34.96 -38.18 2.09
C ALA B 293 -34.61 -38.05 0.61
N ARG B 294 -33.33 -38.16 0.28
CA ARG B 294 -32.89 -38.05 -1.12
C ARG B 294 -33.42 -39.19 -1.96
N ASP B 295 -33.42 -40.40 -1.41
CA ASP B 295 -33.95 -41.56 -2.12
C ASP B 295 -35.48 -41.57 -2.20
N GLY B 296 -36.21 -40.77 -1.42
CA GLY B 296 -37.66 -40.70 -1.50
C GLY B 296 -38.62 -40.91 -0.31
N ARG B 297 -38.10 -41.48 0.71
CA ARG B 297 -38.68 -41.84 2.02
C ARG B 297 -39.13 -40.57 2.74
N GLU B 298 -40.13 -41.19 3.26
CA GLU B 298 -40.86 -40.08 3.87
C GLU B 298 -41.09 -40.40 5.34
N PHE B 299 -41.01 -39.38 6.19
CA PHE B 299 -41.22 -39.58 7.62
C PHE B 299 -42.11 -38.44 8.11
N VAL B 300 -42.93 -38.71 9.11
CA VAL B 300 -43.95 -37.75 9.59
C VAL B 300 -43.89 -37.59 11.10
N ALA B 301 -44.04 -36.36 11.59
CA ALA B 301 -44.05 -36.09 13.02
C ALA B 301 -44.75 -34.79 13.33
N LYS B 302 -45.11 -34.53 14.55
CA LYS B 302 -45.78 -33.28 14.81
C LYS B 302 -44.93 -32.00 14.69
N ARG B 303 -43.64 -32.07 14.98
CA ARG B 303 -42.63 -31.03 14.86
C ARG B 303 -41.32 -31.59 14.28
N VAL B 304 -40.85 -30.66 13.74
CA VAL B 304 -39.50 -30.96 13.23
C VAL B 304 -38.44 -30.07 13.86
N VAL B 305 -37.36 -30.68 14.36
CA VAL B 305 -36.14 -29.93 14.70
C VAL B 305 -35.11 -30.08 13.59
N CYS B 306 -34.81 -28.98 12.91
CA CYS B 306 -33.88 -29.02 11.77
C CYS B 306 -32.55 -28.35 12.19
N THR B 307 -31.45 -29.13 12.17
CA THR B 307 -30.16 -28.63 12.64
C THR B 307 -29.13 -28.62 11.52
N ILE B 308 -29.62 -28.75 10.30
CA ILE B 308 -28.80 -28.56 9.12
C ILE B 308 -28.05 -27.20 9.21
N PRO B 309 -26.74 -27.20 8.89
CA PRO B 309 -25.94 -25.97 9.02
C PRO B 309 -26.36 -24.91 8.01
N LEU B 310 -26.21 -23.64 8.39
CA LEU B 310 -26.48 -22.53 7.47
C LEU B 310 -26.01 -22.78 6.02
N ASN B 311 -24.79 -23.22 5.88
CA ASN B 311 -24.15 -23.32 4.62
C ASN B 311 -24.62 -24.51 3.78
N VAL B 312 -25.54 -25.28 4.31
CA VAL B 312 -26.09 -26.46 3.65
C VAL B 312 -27.58 -26.20 3.38
N LEU B 313 -28.14 -25.20 4.07
CA LEU B 313 -29.60 -25.00 4.06
C LEU B 313 -30.16 -24.73 2.67
N SER B 314 -29.34 -24.19 1.77
CA SER B 314 -29.90 -23.80 0.48
C SER B 314 -30.17 -25.01 -0.42
N THR B 315 -29.63 -26.18 -0.03
CA THR B 315 -29.87 -27.45 -0.72
C THR B 315 -31.20 -28.12 -0.34
N ILE B 316 -31.95 -27.50 0.56
CA ILE B 316 -33.20 -28.08 1.08
C ILE B 316 -34.45 -27.31 0.66
N GLN B 317 -35.46 -28.03 0.16
CA GLN B 317 -36.74 -27.42 -0.16
C GLN B 317 -37.66 -27.38 1.07
N PHE B 318 -38.07 -26.17 1.45
CA PHE B 318 -38.96 -25.95 2.59
C PHE B 318 -40.29 -25.42 2.09
N SER B 319 -41.38 -26.04 2.52
CA SER B 319 -42.70 -25.51 2.20
C SER B 319 -43.45 -25.33 3.51
N PRO B 320 -43.89 -24.10 3.83
CA PRO B 320 -43.84 -22.90 2.96
C PRO B 320 -42.46 -22.29 2.89
N ALA B 321 -42.31 -21.24 2.09
CA ALA B 321 -40.99 -20.67 1.82
C ALA B 321 -40.44 -19.94 3.04
N LEU B 322 -39.12 -19.90 3.16
CA LEU B 322 -38.44 -19.21 4.26
C LEU B 322 -38.45 -17.69 4.06
N SER B 323 -38.14 -16.94 5.12
CA SER B 323 -38.15 -15.48 5.06
C SER B 323 -37.00 -14.94 4.21
N THR B 324 -37.10 -13.67 3.83
CA THR B 324 -36.07 -12.97 3.09
C THR B 324 -34.74 -13.02 3.86
N GLU B 325 -34.80 -12.95 5.19
CA GLU B 325 -33.58 -12.91 6.00
C GLU B 325 -32.84 -14.24 6.01
N ARG B 326 -33.59 -15.34 6.12
CA ARG B 326 -33.02 -16.69 6.07
C ARG B 326 -32.42 -16.99 4.72
N ILE B 327 -33.13 -16.61 3.66
CA ILE B 327 -32.62 -16.77 2.31
C ILE B 327 -31.31 -16.01 2.07
N SER B 328 -31.24 -14.74 2.47
CA SER B 328 -29.98 -13.97 2.37
C SER B 328 -28.78 -14.66 3.02
N ALA B 329 -28.94 -15.09 4.29
CA ALA B 329 -27.86 -15.70 5.06
C ALA B 329 -27.37 -16.97 4.36
N MET B 330 -28.35 -17.78 3.96
CA MET B 330 -28.19 -19.06 3.29
C MET B 330 -27.50 -18.92 1.93
N GLN B 331 -27.83 -17.86 1.21
CA GLN B 331 -27.29 -17.63 -0.15
C GLN B 331 -25.83 -17.18 -0.11
N ALA B 332 -25.55 -16.20 0.74
CA ALA B 332 -24.20 -15.73 0.99
C ALA B 332 -23.34 -16.83 1.64
N GLY B 333 -23.86 -17.48 2.69
CA GLY B 333 -23.08 -18.38 3.54
C GLY B 333 -22.13 -17.62 4.47
N HIS B 334 -21.60 -18.31 5.47
CA HIS B 334 -20.62 -17.68 6.37
C HIS B 334 -19.24 -17.91 5.75
N VAL B 335 -18.21 -17.30 6.31
CA VAL B 335 -16.91 -17.21 5.58
C VAL B 335 -15.83 -18.21 5.97
N SER B 336 -16.11 -19.08 6.92
CA SER B 336 -15.03 -19.88 7.46
C SER B 336 -14.75 -21.10 6.63
N MET B 337 -13.58 -21.10 6.02
CA MET B 337 -13.12 -22.19 5.16
C MET B 337 -11.87 -22.82 5.80
N CYS B 338 -11.89 -22.98 7.12
CA CYS B 338 -10.71 -23.42 7.83
C CYS B 338 -10.29 -24.82 7.41
N THR B 339 -9.01 -24.96 7.12
CA THR B 339 -8.38 -26.24 6.88
C THR B 339 -7.67 -26.57 8.18
N LYS B 340 -7.79 -27.69 8.65
CA LYS B 340 -7.26 -28.21 9.89
C LYS B 340 -6.50 -29.48 9.64
N VAL B 341 -5.29 -29.56 9.79
CA VAL B 341 -4.41 -30.66 9.46
C VAL B 341 -3.53 -31.08 10.68
N HIS B 342 -3.60 -32.35 11.03
CA HIS B 342 -2.79 -32.96 12.08
C HIS B 342 -1.56 -33.61 11.48
N ALA B 343 -0.42 -33.34 12.09
CA ALA B 343 0.83 -33.97 11.67
C ALA B 343 1.46 -34.69 12.86
N GLU B 344 1.70 -35.98 12.70
CA GLU B 344 2.48 -36.70 13.68
C GLU B 344 3.92 -36.62 13.20
N VAL B 345 4.77 -35.99 14.00
CA VAL B 345 6.11 -35.68 13.53
C VAL B 345 7.20 -36.32 14.37
N ASP B 346 8.43 -36.31 13.84
CA ASP B 346 9.55 -37.02 14.48
C ASP B 346 10.40 -36.13 15.39
N ASN B 347 10.11 -34.84 15.46
CA ASN B 347 10.81 -34.01 16.43
C ASN B 347 10.11 -34.02 17.80
N LYS B 348 10.71 -34.75 18.74
CA LYS B 348 10.17 -34.87 20.12
C LYS B 348 10.16 -33.54 20.89
N ASP B 349 11.08 -32.65 20.52
CA ASP B 349 11.26 -31.40 21.25
C ASP B 349 10.24 -30.37 20.82
N MET B 350 9.46 -30.71 19.80
CA MET B 350 8.47 -29.77 19.31
C MET B 350 7.15 -29.82 20.07
N ARG B 351 7.09 -30.67 21.09
CA ARG B 351 5.95 -30.67 22.00
C ARG B 351 5.65 -29.26 22.46
N SER B 352 6.68 -28.45 22.69
CA SER B 352 6.52 -27.11 23.27
C SER B 352 6.71 -25.97 22.25
N TRP B 353 6.46 -26.28 20.99
CA TRP B 353 6.57 -25.36 19.88
C TRP B 353 5.21 -24.75 19.49
N THR B 354 5.22 -23.47 19.09
CA THR B 354 4.06 -22.83 18.44
C THR B 354 4.58 -22.01 17.27
N GLY B 355 3.75 -21.88 16.25
CA GLY B 355 4.17 -21.16 15.05
C GLY B 355 3.06 -20.37 14.40
N ILE B 356 3.45 -19.21 13.90
CA ILE B 356 2.64 -18.45 12.95
C ILE B 356 3.51 -18.27 11.74
N ALA B 357 2.98 -18.66 10.58
CA ALA B 357 3.62 -18.43 9.28
C ALA B 357 2.64 -17.70 8.37
N TYR B 358 2.91 -16.43 8.07
CA TYR B 358 1.88 -15.56 7.55
C TYR B 358 2.53 -14.37 6.87
N PRO B 359 2.06 -13.95 5.68
CA PRO B 359 0.86 -14.43 4.95
C PRO B 359 1.11 -15.44 3.83
N PHE B 360 2.36 -15.91 3.70
CA PHE B 360 2.83 -16.65 2.51
C PHE B 360 2.51 -18.17 2.52
N ASN B 361 1.99 -18.68 3.63
CA ASN B 361 1.84 -20.13 3.76
C ASN B 361 0.39 -20.56 3.84
N LYS B 362 0.09 -21.79 3.43
CA LYS B 362 -1.30 -22.20 3.37
C LYS B 362 -1.84 -22.78 4.69
N LEU B 363 -0.91 -23.01 5.60
CA LEU B 363 -1.19 -23.27 7.00
C LEU B 363 -0.53 -22.13 7.75
N CYS B 364 -1.30 -21.37 8.50
CA CYS B 364 -0.72 -20.16 9.05
C CYS B 364 -0.56 -20.15 10.58
N TYR B 365 -1.07 -21.18 11.25
CA TYR B 365 -1.08 -21.22 12.72
C TYR B 365 -1.06 -22.67 13.17
N ALA B 366 -0.11 -22.99 14.03
CA ALA B 366 0.11 -24.35 14.44
C ALA B 366 0.68 -24.45 15.86
N ILE B 367 0.38 -25.57 16.54
CA ILE B 367 0.82 -25.78 17.93
C ILE B 367 1.18 -27.23 18.16
N GLY B 368 2.18 -27.45 19.02
CA GLY B 368 2.42 -28.77 19.63
C GLY B 368 1.24 -29.05 20.55
N ASP B 369 0.54 -30.17 20.30
CA ASP B 369 -0.78 -30.38 20.88
C ASP B 369 -0.87 -31.67 21.71
N GLY B 370 0.14 -32.52 21.62
CA GLY B 370 0.16 -33.75 22.40
C GLY B 370 1.30 -34.66 21.99
N THR B 371 1.27 -35.89 22.49
CA THR B 371 2.28 -36.89 22.18
C THR B 371 1.56 -38.21 22.00
N THR B 372 1.72 -38.85 20.83
CA THR B 372 1.03 -40.11 20.59
C THR B 372 1.63 -41.23 21.47
N PRO B 373 0.89 -42.33 21.63
CA PRO B 373 1.40 -43.48 22.37
C PRO B 373 2.77 -43.93 21.84
N ALA B 374 2.98 -43.79 20.54
CA ALA B 374 4.26 -44.15 19.89
C ALA B 374 5.44 -43.27 20.34
N GLY B 375 5.13 -42.20 21.10
CA GLY B 375 6.17 -41.25 21.54
C GLY B 375 6.50 -40.11 20.59
N ASN B 376 5.63 -39.81 19.66
CA ASN B 376 5.82 -38.72 18.75
C ASN B 376 4.98 -37.46 19.03
N THR B 377 5.53 -36.31 18.72
CA THR B 377 4.83 -35.06 18.85
C THR B 377 3.65 -34.95 17.87
N HIS B 378 2.57 -34.39 18.33
CA HIS B 378 1.45 -34.16 17.46
C HIS B 378 1.32 -32.66 17.31
N LEU B 379 1.28 -32.22 16.05
CA LEU B 379 1.09 -30.81 15.70
C LEU B 379 -0.29 -30.65 15.12
N VAL B 380 -1.01 -29.63 15.57
CA VAL B 380 -2.27 -29.30 14.93
C VAL B 380 -2.04 -27.99 14.16
N CYS B 381 -2.40 -27.98 12.88
CA CYS B 381 -2.17 -26.82 12.00
C CYS B 381 -3.46 -26.30 11.36
N PHE B 382 -3.56 -24.98 11.24
CA PHE B 382 -4.73 -24.35 10.71
C PHE B 382 -4.34 -23.47 9.56
N GLY B 383 -5.18 -23.52 8.54
CA GLY B 383 -5.15 -22.59 7.41
C GLY B 383 -6.53 -21.99 7.16
N THR B 384 -6.55 -20.85 6.51
CA THR B 384 -7.76 -20.08 6.24
C THR B 384 -8.06 -19.83 4.78
N ASP B 385 -9.10 -19.08 4.48
CA ASP B 385 -9.38 -18.66 3.14
C ASP B 385 -8.47 -17.54 2.65
N ALA B 386 -7.70 -16.95 3.52
CA ALA B 386 -6.72 -15.92 3.08
C ALA B 386 -5.65 -16.50 2.17
N ASN B 387 -5.29 -17.76 2.42
CA ASN B 387 -4.31 -18.46 1.61
C ASN B 387 -4.68 -19.94 1.69
N HIS B 388 -5.62 -20.34 0.85
CA HIS B 388 -6.33 -21.60 1.07
C HIS B 388 -5.64 -22.80 0.43
N ILE B 389 -5.74 -23.94 1.10
CA ILE B 389 -5.37 -25.22 0.53
C ILE B 389 -6.49 -26.23 0.82
N GLN B 390 -6.78 -27.09 -0.14
CA GLN B 390 -7.62 -28.25 0.06
C GLN B 390 -6.71 -29.40 0.41
N PRO B 391 -6.68 -29.80 1.66
CA PRO B 391 -5.64 -30.70 2.16
C PRO B 391 -5.52 -32.06 1.46
N ASP B 392 -6.61 -32.51 0.85
CA ASP B 392 -6.65 -33.84 0.25
C ASP B 392 -6.23 -33.92 -1.22
N GLU B 393 -6.22 -32.77 -1.90
CA GLU B 393 -5.91 -32.74 -3.29
C GLU B 393 -4.47 -33.06 -3.69
N ASP B 394 -3.64 -32.69 -3.00
CA ASP B 394 -2.28 -33.02 -3.34
C ASP B 394 -1.42 -33.12 -2.06
N VAL B 395 -1.21 -34.35 -1.57
CA VAL B 395 -0.50 -34.56 -0.31
C VAL B 395 0.88 -33.89 -0.27
N ARG B 396 1.61 -33.92 -1.37
CA ARG B 396 2.90 -33.24 -1.45
C ARG B 396 2.79 -31.74 -1.13
N GLU B 397 1.71 -31.10 -1.59
CA GLU B 397 1.45 -29.71 -1.26
C GLU B 397 1.16 -29.56 0.24
N THR B 398 0.29 -30.42 0.75
CA THR B 398 -0.05 -30.41 2.16
C THR B 398 1.20 -30.57 3.05
N LEU B 399 2.02 -31.56 2.79
CA LEU B 399 3.28 -31.73 3.46
C LEU B 399 4.19 -30.51 3.39
N LYS B 400 4.14 -29.84 2.28
CA LYS B 400 4.90 -28.67 2.02
C LYS B 400 4.51 -27.51 2.91
N ALA B 401 3.22 -27.25 2.94
CA ALA B 401 2.60 -26.29 3.85
C ALA B 401 2.88 -26.56 5.35
N VAL B 402 2.77 -27.82 5.77
CA VAL B 402 3.15 -28.23 7.13
C VAL B 402 4.63 -27.91 7.43
N GLY B 403 5.50 -28.28 6.48
CA GLY B 403 6.93 -28.11 6.59
C GLY B 403 7.34 -26.65 6.70
N GLN B 404 6.65 -25.78 5.99
CA GLN B 404 7.05 -24.37 6.03
C GLN B 404 6.75 -23.65 7.35
N LEU B 405 5.98 -24.31 8.23
CA LEU B 405 5.76 -23.79 9.59
C LEU B 405 7.06 -23.78 10.43
N ALA B 406 7.98 -24.71 10.12
CA ALA B 406 9.25 -24.87 10.83
C ALA B 406 10.27 -25.63 9.97
N PRO B 407 10.77 -24.98 8.90
CA PRO B 407 11.59 -25.64 7.86
C PRO B 407 12.83 -26.35 8.43
N GLY B 408 13.09 -27.55 7.92
CA GLY B 408 14.27 -28.33 8.28
C GLY B 408 14.33 -28.83 9.71
N THR B 409 13.20 -28.83 10.43
CA THR B 409 13.24 -29.25 11.84
C THR B 409 12.52 -30.57 12.15
N PHE B 410 11.68 -31.05 11.23
CA PHE B 410 10.99 -32.32 11.46
C PHE B 410 10.59 -33.06 10.18
N GLY B 411 10.43 -34.38 10.28
CA GLY B 411 9.77 -35.14 9.22
C GLY B 411 8.37 -35.56 9.64
N VAL B 412 7.50 -35.79 8.67
CA VAL B 412 6.12 -36.15 8.96
C VAL B 412 5.91 -37.65 8.86
N LYS B 413 5.40 -38.24 9.94
CA LYS B 413 5.08 -39.66 10.00
C LYS B 413 3.65 -39.97 9.60
N ARG B 414 2.77 -38.99 9.78
CA ARG B 414 1.35 -39.15 9.49
C ARG B 414 0.63 -37.80 9.40
N LEU B 415 -0.29 -37.69 8.45
CA LEU B 415 -1.23 -36.60 8.36
C LEU B 415 -2.61 -37.16 8.59
N VAL B 416 -3.43 -36.43 9.32
CA VAL B 416 -4.85 -36.79 9.54
C VAL B 416 -5.67 -35.51 9.40
N PHE B 417 -6.75 -35.58 8.63
CA PHE B 417 -7.59 -34.40 8.39
C PHE B 417 -8.91 -34.81 7.81
N HIS B 418 -9.91 -33.94 7.98
CA HIS B 418 -11.15 -33.99 7.23
C HIS B 418 -11.36 -32.65 6.50
N ASN B 419 -11.78 -32.69 5.24
CA ASN B 419 -11.99 -31.45 4.48
C ASN B 419 -13.43 -30.97 4.67
N TRP B 420 -13.56 -29.88 5.42
CA TRP B 420 -14.88 -29.33 5.78
C TRP B 420 -15.52 -28.49 4.67
N VAL B 421 -14.68 -27.84 3.87
CA VAL B 421 -15.14 -26.97 2.78
C VAL B 421 -15.79 -27.80 1.69
N LYS B 422 -15.21 -28.97 1.46
CA LYS B 422 -15.64 -29.84 0.39
C LYS B 422 -16.70 -30.85 0.83
N ASP B 423 -16.95 -30.89 2.12
CA ASP B 423 -17.95 -31.73 2.75
C ASP B 423 -19.33 -31.18 2.48
N GLU B 424 -20.13 -31.96 1.78
CA GLU B 424 -21.44 -31.57 1.31
C GLU B 424 -22.45 -31.37 2.42
N PHE B 425 -22.14 -31.90 3.57
CA PHE B 425 -23.01 -31.75 4.73
C PHE B 425 -22.49 -30.73 5.73
N ALA B 426 -21.45 -29.98 5.35
CA ALA B 426 -20.96 -28.85 6.13
C ALA B 426 -20.70 -27.62 5.28
N LYS B 427 -20.02 -27.78 4.14
CA LYS B 427 -19.72 -26.65 3.23
C LYS B 427 -19.07 -25.43 3.94
N GLY B 428 -18.05 -25.71 4.74
CA GLY B 428 -17.43 -24.70 5.56
C GLY B 428 -17.20 -25.30 6.92
N ALA B 429 -16.54 -24.55 7.78
CA ALA B 429 -16.23 -24.99 9.11
C ALA B 429 -17.21 -24.17 10.00
N TRP B 430 -16.88 -23.97 11.27
CA TRP B 430 -17.73 -23.19 12.14
C TRP B 430 -18.23 -21.92 11.53
N PHE B 431 -19.31 -21.40 12.07
CA PHE B 431 -19.87 -20.17 11.55
C PHE B 431 -18.97 -18.98 11.90
N PHE B 432 -18.62 -18.20 10.89
CA PHE B 432 -18.14 -16.84 11.12
C PHE B 432 -18.75 -15.93 10.06
N SER B 433 -19.27 -14.78 10.49
CA SER B 433 -20.14 -14.00 9.63
C SER B 433 -19.42 -12.99 8.75
N ARG B 434 -20.09 -12.62 7.68
CA ARG B 434 -19.72 -11.45 6.88
C ARG B 434 -20.05 -10.14 7.65
N PRO B 435 -19.38 -9.04 7.30
CA PRO B 435 -19.76 -7.73 7.83
C PRO B 435 -21.25 -7.49 7.67
N GLY B 436 -21.93 -7.12 8.75
CA GLY B 436 -23.37 -6.86 8.68
C GLY B 436 -24.30 -8.05 8.79
N MET B 437 -23.79 -9.25 8.49
CA MET B 437 -24.64 -10.46 8.36
C MET B 437 -25.41 -10.81 9.62
N VAL B 438 -24.73 -10.87 10.75
CA VAL B 438 -25.37 -11.17 12.04
C VAL B 438 -26.42 -10.10 12.45
N SER B 439 -26.01 -8.83 12.43
CA SER B 439 -26.94 -7.68 12.53
C SER B 439 -28.23 -7.84 11.73
N GLU B 440 -28.07 -8.07 10.45
CA GLU B 440 -29.17 -8.20 9.53
C GLU B 440 -29.98 -9.50 9.70
N CYS B 441 -29.31 -10.66 9.80
CA CYS B 441 -30.03 -11.95 9.72
C CYS B 441 -30.24 -12.76 10.99
N LEU B 442 -29.60 -12.37 12.09
CA LEU B 442 -29.68 -13.18 13.30
C LEU B 442 -31.13 -13.39 13.75
N GLN B 443 -31.96 -12.38 13.73
CA GLN B 443 -33.31 -12.56 14.14
C GLN B 443 -34.08 -13.50 13.21
N GLY B 444 -33.87 -13.36 11.94
CA GLY B 444 -34.52 -14.23 10.99
C GLY B 444 -34.07 -15.67 11.01
N LEU B 445 -32.82 -15.96 11.38
CA LEU B 445 -32.30 -17.32 11.36
C LEU B 445 -32.74 -18.11 12.56
N ARG B 446 -33.22 -17.35 13.47
CA ARG B 446 -33.67 -17.79 14.80
C ARG B 446 -35.19 -17.85 14.96
N GLU B 447 -35.99 -17.41 13.99
CA GLU B 447 -37.45 -17.36 14.16
C GLU B 447 -38.27 -18.62 13.89
N LYS B 448 -39.47 -18.70 14.46
CA LYS B 448 -40.26 -19.92 14.34
C LYS B 448 -40.79 -20.11 12.93
N HIS B 449 -40.84 -21.35 12.47
CA HIS B 449 -41.36 -21.66 11.14
C HIS B 449 -42.41 -22.79 11.08
N GLY B 450 -43.59 -22.54 11.59
CA GLY B 450 -44.65 -23.52 11.62
C GLY B 450 -44.34 -24.66 12.53
N GLY B 451 -44.32 -25.86 12.04
CA GLY B 451 -43.76 -26.90 12.88
C GLY B 451 -42.28 -27.16 12.79
N VAL B 452 -41.53 -26.29 12.15
CA VAL B 452 -40.13 -26.47 12.08
C VAL B 452 -39.42 -25.52 12.99
N VAL B 453 -38.65 -26.10 13.90
CA VAL B 453 -37.73 -25.34 14.73
C VAL B 453 -36.34 -25.43 14.09
N PHE B 454 -35.80 -24.27 13.75
CA PHE B 454 -34.43 -24.16 13.21
C PHE B 454 -33.44 -23.91 14.34
N ALA B 455 -32.54 -24.86 14.52
CA ALA B 455 -31.56 -24.76 15.60
C ALA B 455 -30.22 -25.26 15.10
N ASN B 456 -29.22 -24.43 15.25
CA ASN B 456 -27.86 -24.75 14.92
C ASN B 456 -26.95 -23.83 15.67
N SER B 457 -25.73 -24.26 16.00
CA SER B 457 -24.74 -23.36 16.59
C SER B 457 -24.54 -22.06 15.81
N ASP B 458 -24.74 -22.12 14.48
CA ASP B 458 -24.50 -20.98 13.58
C ASP B 458 -25.32 -19.77 13.95
N TRP B 459 -26.44 -19.97 14.64
CA TRP B 459 -27.27 -18.84 15.06
C TRP B 459 -27.59 -18.87 16.56
N ALA B 460 -26.66 -19.37 17.38
CA ALA B 460 -26.75 -19.19 18.83
C ALA B 460 -26.51 -17.72 19.25
N LEU B 461 -26.84 -17.41 20.51
CA LEU B 461 -26.73 -16.06 21.04
C LEU B 461 -25.40 -15.80 21.79
N GLY B 462 -24.91 -16.82 22.47
CA GLY B 462 -23.72 -16.69 23.31
C GLY B 462 -22.51 -17.19 22.56
N TRP B 463 -22.12 -18.45 22.82
CA TRP B 463 -20.99 -19.04 22.10
C TRP B 463 -21.40 -19.50 20.71
N ARG B 464 -21.86 -18.55 19.91
CA ARG B 464 -22.28 -18.85 18.57
C ARG B 464 -21.08 -19.46 17.85
N SER B 465 -21.29 -20.60 17.19
CA SER B 465 -20.31 -21.25 16.33
C SER B 465 -19.40 -22.20 17.09
N PHE B 466 -19.71 -22.48 18.34
CA PHE B 466 -18.93 -23.37 19.17
C PHE B 466 -19.78 -24.60 19.50
N ILE B 467 -19.13 -25.68 19.88
CA ILE B 467 -19.83 -26.78 20.52
C ILE B 467 -20.82 -26.22 21.57
N ASP B 468 -20.38 -25.21 22.31
CA ASP B 468 -21.26 -24.64 23.32
C ASP B 468 -22.57 -24.12 22.72
N GLY B 469 -22.48 -23.44 21.57
CA GLY B 469 -23.65 -22.87 20.90
C GLY B 469 -24.60 -23.92 20.36
N ALA B 470 -24.05 -24.98 19.77
CA ALA B 470 -24.85 -26.13 19.37
C ALA B 470 -25.72 -26.59 20.55
N ILE B 471 -25.12 -26.69 21.73
CA ILE B 471 -25.84 -27.20 22.89
C ILE B 471 -26.90 -26.18 23.36
N GLU B 472 -26.62 -24.93 23.52
CA GLU B 472 -27.57 -23.89 23.64
C GLU B 472 -28.77 -24.06 22.70
N GLU B 473 -28.47 -24.16 21.51
CA GLU B 473 -29.50 -24.25 20.51
C GLU B 473 -30.35 -25.50 20.56
N GLY B 474 -29.72 -26.62 20.78
CA GLY B 474 -30.39 -27.89 20.99
C GLY B 474 -31.28 -27.86 22.22
N THR B 475 -30.90 -27.14 23.28
CA THR B 475 -31.67 -26.97 24.48
C THR B 475 -32.81 -26.04 24.22
N ARG B 476 -32.56 -24.97 23.50
CA ARG B 476 -33.65 -24.08 23.13
C ARG B 476 -34.72 -24.84 22.32
N ALA B 477 -34.30 -25.62 21.33
CA ALA B 477 -35.25 -26.27 20.43
C ALA B 477 -36.12 -27.29 21.17
N ALA B 478 -35.54 -27.99 22.12
CA ALA B 478 -36.24 -29.01 22.83
C ALA B 478 -37.24 -28.41 23.77
N ARG B 479 -36.98 -27.20 24.15
CA ARG B 479 -37.84 -26.46 25.00
C ARG B 479 -39.05 -25.84 24.24
N VAL B 480 -38.86 -25.46 23.00
CA VAL B 480 -39.91 -24.94 22.15
C VAL B 480 -40.93 -26.03 21.83
N VAL B 481 -40.44 -27.25 21.56
CA VAL B 481 -41.31 -28.38 21.22
C VAL B 481 -42.43 -28.72 22.23
N LEU B 482 -42.48 -28.05 23.37
CA LEU B 482 -43.63 -28.10 24.25
C LEU B 482 -44.18 -26.73 24.52
N GLU B 483 -45.25 -26.23 23.89
CA GLU B 483 -45.96 -26.68 22.68
C GLU B 483 -46.60 -28.04 22.53
N GLU B 484 -46.63 -28.83 23.58
CA GLU B 484 -47.43 -30.02 23.64
C GLU B 484 -47.33 -30.72 24.99
N THR C 2 -46.57 -11.98 53.08
CA THR C 2 -45.14 -11.91 53.46
C THR C 2 -44.58 -13.29 53.83
N SER C 3 -43.30 -13.36 53.69
CA SER C 3 -42.58 -14.37 54.32
C SER C 3 -42.41 -13.78 55.65
N ARG C 4 -42.12 -14.71 56.41
CA ARG C 4 -41.63 -14.67 57.78
C ARG C 4 -40.11 -14.44 57.81
N ASP C 5 -39.39 -14.81 57.06
CA ASP C 5 -37.99 -14.45 56.91
C ASP C 5 -37.83 -12.95 56.65
N GLY C 6 -36.67 -12.40 57.04
CA GLY C 6 -36.32 -11.01 56.75
C GLY C 6 -36.76 -9.95 57.74
N TYR C 7 -36.10 -8.79 57.65
CA TYR C 7 -36.42 -7.63 58.49
C TYR C 7 -36.49 -6.35 57.64
N GLN C 8 -37.29 -5.43 58.07
CA GLN C 8 -37.32 -4.11 57.49
C GLN C 8 -37.20 -3.08 58.62
N TRP C 9 -36.58 -1.93 58.36
CA TRP C 9 -36.59 -0.81 59.30
C TRP C 9 -36.80 0.50 58.57
N THR C 10 -37.70 1.34 59.10
CA THR C 10 -37.87 2.73 58.67
C THR C 10 -37.98 3.61 59.90
N PRO C 11 -37.77 4.93 59.74
CA PRO C 11 -38.04 5.83 60.88
C PRO C 11 -39.51 5.78 61.30
N GLU C 12 -40.40 5.58 60.34
CA GLU C 12 -41.84 5.53 60.57
C GLU C 12 -42.30 4.31 61.35
N THR C 13 -41.85 3.11 60.96
CA THR C 13 -42.41 1.87 61.50
C THR C 13 -41.50 1.11 62.45
N GLY C 14 -40.30 1.60 62.57
CA GLY C 14 -39.23 0.85 63.16
C GLY C 14 -38.99 -0.42 62.37
N LEU C 15 -38.71 -1.40 63.13
CA LEU C 15 -38.18 -2.66 62.64
C LEU C 15 -39.28 -3.71 62.59
N THR C 16 -39.50 -4.30 61.46
CA THR C 16 -40.51 -5.29 61.47
C THR C 16 -39.90 -6.59 61.05
N GLN C 17 -40.47 -7.65 61.52
CA GLN C 17 -40.06 -8.95 61.09
C GLN C 17 -41.04 -9.40 60.00
N GLY C 18 -40.51 -10.01 58.93
CA GLY C 18 -41.35 -10.49 57.83
C GLY C 18 -41.44 -9.54 56.65
N VAL C 19 -41.03 -10.03 55.48
CA VAL C 19 -41.02 -9.20 54.26
C VAL C 19 -41.66 -9.98 53.10
N PRO C 20 -42.26 -9.26 52.13
CA PRO C 20 -42.86 -9.96 50.99
C PRO C 20 -41.82 -10.74 50.20
N SER C 21 -42.21 -11.85 49.57
CA SER C 21 -41.35 -12.52 48.62
C SER C 21 -42.20 -13.34 47.67
N LEU C 22 -41.91 -13.23 46.37
CA LEU C 22 -42.58 -14.05 45.36
C LEU C 22 -42.24 -15.50 45.62
N GLY C 23 -41.26 -15.73 46.49
CA GLY C 23 -40.82 -17.08 46.84
C GLY C 23 -41.76 -17.87 47.75
N VAL C 24 -42.67 -17.19 48.45
CA VAL C 24 -43.58 -17.91 49.34
C VAL C 24 -44.63 -18.69 48.55
N ILE C 25 -44.75 -19.98 48.87
CA ILE C 25 -45.66 -20.87 48.18
C ILE C 25 -46.97 -20.96 48.95
N SER C 26 -48.05 -20.51 48.30
CA SER C 26 -49.39 -20.55 48.91
C SER C 26 -50.42 -21.07 47.90
N PRO C 27 -51.24 -22.07 48.30
CA PRO C 27 -51.27 -22.68 49.65
C PRO C 27 -49.99 -23.44 49.94
N PRO C 28 -49.63 -23.56 51.23
CA PRO C 28 -48.40 -24.24 51.63
C PRO C 28 -48.28 -25.74 51.32
N THR C 29 -49.30 -26.43 50.86
CA THR C 29 -49.11 -27.82 50.53
C THR C 29 -50.12 -28.29 49.54
N ASN C 30 -49.84 -29.30 48.77
CA ASN C 30 -50.81 -29.65 47.77
C ASN C 30 -51.17 -31.09 47.94
N ILE C 31 -50.79 -31.66 49.07
CA ILE C 31 -51.14 -33.04 49.38
C ILE C 31 -52.20 -33.28 50.45
N GLU C 32 -52.47 -34.56 50.71
CA GLU C 32 -53.66 -35.04 51.44
C GLU C 32 -54.96 -34.31 51.13
N PRO C 39 -48.00 -42.51 46.99
CA PRO C 39 -46.64 -43.08 47.13
C PRO C 39 -45.61 -42.27 46.32
N TRP C 40 -44.39 -42.20 46.85
CA TRP C 40 -43.36 -41.33 46.32
C TRP C 40 -42.06 -42.04 45.94
N ASP C 41 -41.60 -41.72 44.74
CA ASP C 41 -40.31 -42.16 44.18
C ASP C 41 -39.15 -41.50 44.93
N VAL C 42 -39.30 -40.25 45.06
CA VAL C 42 -38.24 -39.44 45.67
C VAL C 42 -38.79 -38.36 46.59
N ILE C 43 -38.16 -38.26 47.75
CA ILE C 43 -38.36 -37.11 48.60
C ILE C 43 -37.15 -36.19 48.45
N VAL C 44 -37.42 -34.92 48.17
CA VAL C 44 -36.37 -33.91 48.12
C VAL C 44 -36.54 -32.98 49.33
N ILE C 45 -35.51 -32.97 50.18
CA ILE C 45 -35.51 -32.15 51.38
C ILE C 45 -34.77 -30.82 51.13
N GLY C 46 -35.53 -29.72 51.20
CA GLY C 46 -35.02 -28.36 50.98
C GLY C 46 -35.34 -27.83 49.59
N GLY C 47 -36.00 -26.68 49.53
CA GLY C 47 -36.25 -26.04 48.26
C GLY C 47 -35.41 -24.83 47.89
N GLY C 48 -34.12 -24.89 48.21
CA GLY C 48 -33.15 -23.93 47.66
C GLY C 48 -32.93 -24.29 46.20
N TYR C 49 -31.96 -23.67 45.55
CA TYR C 49 -31.71 -23.94 44.13
C TYR C 49 -31.22 -25.38 43.89
N CYS C 50 -30.65 -26.02 44.90
CA CYS C 50 -30.20 -27.39 44.76
C CYS C 50 -31.38 -28.35 44.69
N GLY C 51 -32.33 -28.17 45.59
CA GLY C 51 -33.57 -28.96 45.57
C GLY C 51 -34.54 -28.62 44.45
N LEU C 52 -34.61 -27.35 44.08
CA LEU C 52 -35.43 -26.96 42.94
C LEU C 52 -34.93 -27.60 41.62
N THR C 53 -33.61 -27.71 41.47
CA THR C 53 -33.02 -28.31 40.28
C THR C 53 -33.24 -29.82 40.27
N ALA C 54 -32.90 -30.49 41.37
CA ALA C 54 -33.13 -31.94 41.46
C ALA C 54 -34.61 -32.23 41.22
N THR C 55 -35.47 -31.39 41.81
CA THR C 55 -36.93 -31.54 41.72
C THR C 55 -37.46 -31.37 40.29
N ARG C 56 -37.11 -30.22 39.68
CA ARG C 56 -37.33 -29.97 38.25
C ARG C 56 -36.91 -31.14 37.37
N ASP C 57 -35.67 -31.59 37.54
CA ASP C 57 -35.12 -32.67 36.72
C ASP C 57 -35.83 -34.01 36.92
N LEU C 58 -36.10 -34.36 38.18
CA LEU C 58 -36.74 -35.64 38.49
C LEU C 58 -38.16 -35.73 37.94
N THR C 59 -38.93 -34.66 38.08
CA THR C 59 -40.32 -34.65 37.61
C THR C 59 -40.46 -34.62 36.07
N VAL C 60 -39.82 -33.66 35.41
CA VAL C 60 -39.67 -33.67 33.94
C VAL C 60 -39.28 -35.07 33.45
N ALA C 61 -38.39 -35.74 34.19
CA ALA C 61 -37.96 -37.08 33.77
C ALA C 61 -38.97 -38.22 34.06
N GLY C 62 -40.07 -37.92 34.76
CA GLY C 62 -41.05 -38.94 35.09
C GLY C 62 -41.19 -39.45 36.54
N PHE C 63 -40.41 -38.91 37.48
CA PHE C 63 -40.48 -39.38 38.84
C PHE C 63 -41.49 -38.60 39.68
N LYS C 64 -42.33 -39.32 40.42
CA LYS C 64 -43.22 -38.73 41.42
C LYS C 64 -42.36 -38.25 42.58
N THR C 65 -42.38 -36.94 42.82
CA THR C 65 -41.39 -36.30 43.67
C THR C 65 -42.06 -35.45 44.75
N LEU C 66 -41.67 -35.70 46.01
CA LEU C 66 -42.18 -34.88 47.10
C LEU C 66 -41.09 -33.95 47.62
N LEU C 67 -41.37 -32.65 47.65
CA LEU C 67 -40.44 -31.65 48.13
C LEU C 67 -40.82 -31.15 49.53
N LEU C 68 -39.99 -31.47 50.51
CA LEU C 68 -40.18 -31.04 51.90
C LEU C 68 -39.27 -29.87 52.25
N GLU C 69 -39.87 -28.78 52.68
CA GLU C 69 -39.14 -27.54 53.00
C GLU C 69 -39.54 -26.99 54.36
N ALA C 70 -38.53 -26.62 55.14
CA ALA C 70 -38.72 -26.06 56.47
C ALA C 70 -39.38 -24.68 56.45
N ARG C 71 -38.96 -23.82 55.51
CA ARG C 71 -39.46 -22.44 55.43
C ARG C 71 -40.84 -22.35 54.77
N ASP C 72 -41.35 -21.12 54.64
CA ASP C 72 -42.62 -20.88 53.96
C ASP C 72 -42.41 -20.48 52.48
N ARG C 73 -41.16 -20.47 52.05
CA ARG C 73 -40.79 -20.03 50.69
C ARG C 73 -39.78 -20.97 50.09
N ILE C 74 -39.60 -20.87 48.77
CA ILE C 74 -38.47 -21.48 48.10
C ILE C 74 -37.33 -20.46 48.06
N GLY C 75 -36.17 -20.89 47.55
CA GLY C 75 -35.00 -20.03 47.44
C GLY C 75 -33.82 -20.32 48.37
N GLY C 76 -34.10 -20.82 49.56
CA GLY C 76 -33.04 -21.14 50.53
C GLY C 76 -32.23 -19.91 50.85
N ARG C 77 -30.92 -19.97 50.60
CA ARG C 77 -30.03 -18.85 50.92
C ARG C 77 -30.01 -17.72 49.88
N SER C 78 -30.92 -17.79 48.91
CA SER C 78 -31.04 -16.77 47.90
C SER C 78 -32.47 -16.46 47.67
N TRP C 79 -32.85 -15.21 47.88
CA TRP C 79 -34.25 -14.83 47.72
C TRP C 79 -34.46 -13.35 47.70
N SER C 80 -35.44 -12.93 46.95
CA SER C 80 -35.70 -11.52 46.82
C SER C 80 -37.02 -11.01 47.36
N SER C 81 -36.99 -9.81 47.87
CA SER C 81 -38.14 -9.17 48.47
C SER C 81 -38.52 -7.85 47.81
N ASN C 82 -39.66 -7.81 47.15
CA ASN C 82 -40.11 -6.56 46.52
C ASN C 82 -40.72 -5.56 47.52
N ILE C 83 -40.02 -4.46 47.78
CA ILE C 83 -40.54 -3.42 48.67
C ILE C 83 -40.62 -2.07 47.93
N ASP C 84 -41.85 -1.57 47.82
CA ASP C 84 -42.16 -0.37 47.04
C ASP C 84 -41.62 -0.48 45.61
N GLY C 85 -41.76 -1.67 45.06
CA GLY C 85 -41.36 -1.98 43.68
C GLY C 85 -39.88 -2.24 43.42
N TYR C 86 -39.07 -2.38 44.47
CA TYR C 86 -37.65 -2.72 44.33
C TYR C 86 -37.33 -4.08 44.93
N PRO C 87 -36.62 -4.92 44.17
CA PRO C 87 -36.17 -6.23 44.67
C PRO C 87 -34.97 -6.11 45.61
N TYR C 88 -35.19 -6.39 46.89
CA TYR C 88 -34.12 -6.44 47.88
C TYR C 88 -33.62 -7.87 47.97
N GLU C 89 -32.40 -8.09 47.47
CA GLU C 89 -31.80 -9.42 47.43
C GLU C 89 -31.33 -9.76 48.81
N MET C 90 -31.95 -10.77 49.42
CA MET C 90 -31.70 -11.04 50.84
C MET C 90 -30.43 -11.83 51.07
N GLY C 91 -30.08 -12.69 50.12
CA GLY C 91 -28.86 -13.49 50.18
C GLY C 91 -28.18 -13.44 48.83
N GLY C 92 -27.94 -14.61 48.25
CA GLY C 92 -27.29 -14.77 46.95
C GLY C 92 -27.92 -13.96 45.84
N THR C 93 -27.09 -13.25 45.08
CA THR C 93 -27.55 -12.19 44.21
C THR C 93 -26.98 -12.26 42.79
N TRP C 94 -25.65 -12.30 42.69
CA TRP C 94 -24.95 -12.06 41.45
C TRP C 94 -24.59 -13.33 40.69
N VAL C 95 -24.71 -13.25 39.36
CA VAL C 95 -24.50 -14.39 38.47
C VAL C 95 -23.75 -13.91 37.23
N HIS C 96 -23.23 -14.84 36.42
CA HIS C 96 -22.45 -14.46 35.25
C HIS C 96 -22.49 -15.64 34.28
N TRP C 97 -22.37 -15.35 32.98
CA TRP C 97 -22.35 -16.43 31.96
C TRP C 97 -21.10 -17.31 32.04
N HIS C 98 -20.13 -16.97 32.85
CA HIS C 98 -18.93 -17.77 33.09
C HIS C 98 -19.07 -18.81 34.17
N GLN C 99 -20.20 -18.77 34.74
CA GLN C 99 -20.79 -19.69 35.72
C GLN C 99 -21.68 -20.72 35.00
N SER C 100 -21.36 -21.81 34.63
CA SER C 100 -21.98 -22.77 33.73
C SER C 100 -23.46 -23.15 34.04
N HIS C 101 -23.71 -23.53 35.28
CA HIS C 101 -24.99 -24.14 35.63
C HIS C 101 -26.11 -23.13 35.79
N VAL C 102 -25.83 -22.03 36.48
CA VAL C 102 -26.83 -20.98 36.62
C VAL C 102 -27.06 -20.31 35.28
N TRP C 103 -26.07 -20.27 34.43
CA TRP C 103 -26.25 -19.76 33.12
C TRP C 103 -26.98 -20.68 32.18
N ARG C 104 -26.88 -22.01 32.28
CA ARG C 104 -27.88 -22.76 31.53
C ARG C 104 -29.30 -22.33 31.93
N GLU C 105 -29.43 -22.45 33.05
CA GLU C 105 -30.79 -22.21 33.47
C GLU C 105 -31.27 -20.83 33.07
N ILE C 106 -30.42 -19.81 33.25
CA ILE C 106 -30.81 -18.47 32.87
C ILE C 106 -31.22 -18.45 31.40
N THR C 107 -30.41 -19.05 30.53
CA THR C 107 -30.70 -19.01 29.10
C THR C 107 -31.85 -19.93 28.69
N ARG C 108 -31.93 -21.10 29.31
CA ARG C 108 -33.01 -22.05 29.04
C ARG C 108 -34.37 -21.48 29.44
N TYR C 109 -34.38 -20.63 30.48
CA TYR C 109 -35.62 -20.00 30.94
C TYR C 109 -35.84 -18.67 30.26
N LYS C 110 -34.99 -18.37 29.28
CA LYS C 110 -35.04 -17.12 28.51
C LYS C 110 -34.90 -15.85 29.34
N MET C 111 -34.02 -15.89 30.34
CA MET C 111 -33.77 -14.74 31.19
C MET C 111 -32.42 -14.03 30.98
N HIS C 112 -31.68 -14.46 29.95
CA HIS C 112 -30.39 -13.85 29.59
C HIS C 112 -30.49 -12.35 29.41
N ASN C 113 -31.65 -11.86 28.96
CA ASN C 113 -31.88 -10.41 28.80
C ASN C 113 -32.62 -9.75 29.97
N ALA C 114 -32.72 -10.45 31.09
CA ALA C 114 -33.41 -9.92 32.27
C ALA C 114 -32.46 -9.57 33.42
N LEU C 115 -31.23 -9.17 33.06
CA LEU C 115 -30.24 -8.75 34.04
C LEU C 115 -30.03 -7.21 34.09
N SER C 116 -29.58 -6.71 35.24
CA SER C 116 -29.17 -5.30 35.39
C SER C 116 -27.76 -5.20 35.93
N PRO C 117 -27.00 -4.20 35.48
CA PRO C 117 -25.72 -4.00 36.13
C PRO C 117 -25.86 -3.35 37.51
N SER C 118 -25.16 -3.87 38.50
CA SER C 118 -25.05 -3.23 39.81
C SER C 118 -24.29 -1.92 39.73
N PHE C 119 -23.17 -1.93 39.04
CA PHE C 119 -22.32 -0.77 38.99
C PHE C 119 -22.80 0.26 37.98
N ASN C 120 -22.82 1.52 38.42
CA ASN C 120 -23.20 2.61 37.58
C ASN C 120 -22.35 3.82 37.91
N PHE C 121 -21.39 4.11 37.04
CA PHE C 121 -20.46 5.21 37.28
C PHE C 121 -20.72 6.44 36.41
N SER C 122 -21.95 6.60 35.90
CA SER C 122 -22.20 7.66 34.95
C SER C 122 -22.63 9.01 35.55
N ARG C 123 -22.89 9.04 36.86
CA ARG C 123 -23.22 10.30 37.57
C ARG C 123 -22.85 10.20 39.05
N GLY C 124 -22.97 11.30 39.79
CA GLY C 124 -22.77 11.28 41.22
C GLY C 124 -21.32 11.48 41.60
N VAL C 125 -20.99 11.15 42.85
CA VAL C 125 -19.65 11.34 43.40
C VAL C 125 -18.59 10.53 42.68
N ASN C 126 -18.97 9.36 42.15
CA ASN C 126 -18.10 8.61 41.24
C ASN C 126 -16.70 8.37 41.80
N HIS C 127 -16.62 8.02 43.09
CA HIS C 127 -15.35 7.72 43.73
C HIS C 127 -15.40 6.49 44.66
N PHE C 128 -14.22 6.06 45.09
CA PHE C 128 -14.07 4.98 46.05
C PHE C 128 -13.62 5.66 47.33
N GLN C 129 -14.26 5.32 48.45
CA GLN C 129 -13.90 5.86 49.76
C GLN C 129 -13.31 4.78 50.68
N LEU C 130 -12.04 4.95 51.01
CA LEU C 130 -11.32 4.03 51.87
C LEU C 130 -11.09 4.59 53.28
N ARG C 131 -11.56 3.85 54.27
CA ARG C 131 -11.44 4.27 55.65
C ARG C 131 -10.72 3.22 56.47
N THR C 132 -9.55 3.59 57.00
CA THR C 132 -8.67 2.70 57.75
C THR C 132 -8.71 2.96 59.25
N ASN C 133 -9.35 4.05 59.64
CA ASN C 133 -9.72 4.26 61.03
C ASN C 133 -10.93 5.19 61.07
N PRO C 134 -11.55 5.36 62.27
CA PRO C 134 -12.80 6.11 62.47
C PRO C 134 -12.72 7.56 62.08
N THR C 135 -11.56 8.15 61.95
CA THR C 135 -11.45 9.60 61.78
C THR C 135 -11.22 10.15 60.36
N THR C 136 -10.42 9.41 59.67
CA THR C 136 -9.64 9.51 58.44
C THR C 136 -10.42 9.28 57.13
N SER C 137 -10.47 9.62 55.93
CA SER C 137 -10.99 9.03 54.70
C SER C 137 -10.00 9.28 53.58
N THR C 138 -9.85 8.30 52.68
CA THR C 138 -9.10 8.50 51.46
C THR C 138 -10.03 8.25 50.29
N TYR C 139 -10.06 9.19 49.36
CA TYR C 139 -10.93 9.09 48.18
C TYR C 139 -10.05 8.83 46.96
N MET C 140 -10.63 8.27 45.91
CA MET C 140 -9.82 7.97 44.74
C MET C 140 -10.73 7.47 43.64
N THR C 141 -10.31 7.64 42.40
CA THR C 141 -11.14 7.25 41.29
C THR C 141 -11.36 5.73 41.34
N HIS C 142 -12.41 5.27 40.68
CA HIS C 142 -12.65 3.84 40.58
C HIS C 142 -11.54 3.11 39.82
N GLU C 143 -10.93 3.83 38.87
CA GLU C 143 -9.71 3.39 38.19
C GLU C 143 -8.60 3.20 39.20
N ALA C 144 -8.36 4.18 40.06
CA ALA C 144 -7.37 4.01 41.11
C ALA C 144 -7.76 2.83 42.01
N GLU C 145 -9.07 2.69 42.26
CA GLU C 145 -9.61 1.64 43.12
C GLU C 145 -9.23 0.29 42.54
N ASP C 146 -9.59 0.09 41.28
CA ASP C 146 -9.29 -1.16 40.59
C ASP C 146 -7.81 -1.51 40.69
N GLU C 147 -6.95 -0.50 40.49
CA GLU C 147 -5.52 -0.71 40.40
C GLU C 147 -4.93 -1.17 41.73
N LEU C 148 -5.44 -0.61 42.81
CA LEU C 148 -5.00 -0.89 44.17
C LEU C 148 -5.31 -2.36 44.51
N LEU C 149 -6.56 -2.73 44.28
CA LEU C 149 -6.98 -4.10 44.44
C LEU C 149 -6.24 -5.08 43.51
N ARG C 150 -6.00 -4.66 42.28
CA ARG C 150 -5.28 -5.50 41.32
CA ARG C 150 -5.25 -5.51 41.32
C ARG C 150 -3.86 -5.71 41.83
N SER C 151 -3.25 -4.65 42.34
CA SER C 151 -1.91 -4.71 42.88
C SER C 151 -1.86 -5.69 44.06
N ALA C 152 -2.75 -5.48 45.02
CA ALA C 152 -2.80 -6.30 46.23
C ALA C 152 -3.08 -7.77 45.91
N LEU C 153 -4.09 -8.02 45.08
CA LEU C 153 -4.48 -9.39 44.72
C LEU C 153 -3.41 -10.11 43.90
N HIS C 154 -2.62 -9.36 43.14
CA HIS C 154 -1.50 -9.94 42.46
C HIS C 154 -0.49 -10.52 43.49
N LYS C 155 -0.11 -9.70 44.46
CA LYS C 155 0.87 -10.12 45.46
C LYS C 155 0.31 -11.29 46.25
N PHE C 156 -1.00 -11.25 46.51
CA PHE C 156 -1.68 -12.23 47.35
C PHE C 156 -1.78 -13.62 46.70
N THR C 157 -2.13 -13.66 45.42
CA THR C 157 -2.36 -14.91 44.68
C THR C 157 -1.11 -15.46 43.99
N ASN C 158 -0.06 -14.64 43.87
CA ASN C 158 1.10 -15.08 43.11
C ASN C 158 2.03 -16.03 43.86
N VAL C 159 1.48 -17.15 44.30
CA VAL C 159 2.25 -18.17 45.03
C VAL C 159 3.11 -19.06 44.13
N ASP C 160 2.85 -19.00 42.81
CA ASP C 160 3.49 -19.92 41.84
C ASP C 160 4.07 -19.18 40.64
N GLY C 161 4.00 -17.84 40.67
CA GLY C 161 4.54 -17.02 39.58
C GLY C 161 3.55 -16.81 38.45
N THR C 162 2.33 -17.38 38.59
CA THR C 162 1.29 -17.26 37.55
C THR C 162 -0.08 -17.08 38.20
N ASN C 163 -0.10 -16.59 39.42
CA ASN C 163 -1.37 -16.29 40.09
C ASN C 163 -2.28 -17.50 40.27
N GLY C 164 -1.66 -18.65 40.52
CA GLY C 164 -2.44 -19.86 40.78
C GLY C 164 -2.74 -20.70 39.57
N ARG C 165 -2.27 -20.30 38.39
CA ARG C 165 -2.50 -21.10 37.18
C ARG C 165 -1.63 -22.36 37.13
N THR C 166 -0.59 -22.42 37.97
CA THR C 166 0.33 -23.54 37.96
C THR C 166 -0.07 -24.58 38.99
N VAL C 167 -0.43 -24.12 40.20
CA VAL C 167 -0.84 -25.03 41.28
C VAL C 167 -2.32 -25.43 41.22
N LEU C 168 -3.12 -24.64 40.50
CA LEU C 168 -4.55 -24.91 40.35
C LEU C 168 -5.02 -24.58 38.93
N PRO C 169 -4.54 -25.33 37.92
CA PRO C 169 -4.99 -25.13 36.54
C PRO C 169 -6.40 -25.67 36.28
N PHE C 170 -6.76 -26.78 36.93
CA PHE C 170 -8.11 -27.33 36.83
C PHE C 170 -8.84 -27.17 38.17
N PRO C 171 -9.43 -25.99 38.41
CA PRO C 171 -10.01 -25.84 39.75
C PRO C 171 -11.07 -26.91 40.13
N HIS C 172 -11.62 -27.62 39.15
CA HIS C 172 -12.58 -28.69 39.45
C HIS C 172 -11.91 -29.95 40.03
N ASP C 173 -10.58 -30.03 39.92
CA ASP C 173 -9.81 -31.15 40.44
C ASP C 173 -8.64 -30.63 41.25
N MET C 174 -8.87 -30.42 42.55
CA MET C 174 -7.93 -29.65 43.37
C MET C 174 -6.61 -30.37 43.59
N PHE C 175 -6.59 -31.69 43.39
CA PHE C 175 -5.40 -32.50 43.62
C PHE C 175 -4.61 -32.81 42.36
N TYR C 176 -4.95 -32.16 41.26
CA TYR C 176 -4.27 -32.38 40.00
C TYR C 176 -2.78 -32.07 40.14
N VAL C 177 -2.47 -31.04 40.89
CA VAL C 177 -1.11 -30.70 41.22
C VAL C 177 -1.01 -30.82 42.73
N PRO C 178 -0.32 -31.84 43.19
CA PRO C 178 -0.26 -32.25 44.58
C PRO C 178 -0.04 -31.14 45.60
N GLU C 179 0.83 -30.29 45.23
CA GLU C 179 1.11 -28.96 45.79
C GLU C 179 -0.13 -28.08 46.02
N PHE C 180 -1.31 -28.33 45.52
CA PHE C 180 -2.27 -27.33 45.85
C PHE C 180 -2.58 -27.40 47.35
N ARG C 181 -2.47 -28.58 47.89
CA ARG C 181 -2.95 -28.93 49.22
C ARG C 181 -2.40 -28.00 50.29
N LYS C 182 -1.11 -27.72 50.21
CA LYS C 182 -0.39 -26.81 51.08
C LYS C 182 -1.17 -25.51 51.25
N TYR C 183 -1.71 -24.98 50.16
CA TYR C 183 -2.46 -23.72 50.19
C TYR C 183 -3.89 -23.85 50.74
N ASP C 184 -4.57 -24.96 50.44
CA ASP C 184 -5.84 -25.23 51.09
C ASP C 184 -5.65 -25.28 52.61
N GLU C 185 -4.54 -25.89 53.04
CA GLU C 185 -4.21 -26.01 54.46
C GLU C 185 -3.71 -24.72 55.10
N MET C 186 -3.43 -23.70 54.29
CA MET C 186 -2.96 -22.40 54.74
C MET C 186 -4.11 -21.40 54.99
N SER C 187 -3.97 -20.56 56.01
CA SER C 187 -4.95 -19.52 56.31
C SER C 187 -4.65 -18.15 55.65
N TYR C 188 -5.61 -17.24 55.71
CA TYR C 188 -5.45 -15.90 55.13
C TYR C 188 -4.29 -15.21 55.77
N SER C 189 -4.26 -15.23 57.10
CA SER C 189 -3.26 -14.45 57.80
C SER C 189 -1.87 -15.06 57.63
N GLU C 190 -1.82 -16.39 57.49
CA GLU C 190 -0.57 -17.05 57.13
C GLU C 190 -0.09 -16.54 55.77
N ARG C 191 -1.00 -16.43 54.81
CA ARG C 191 -0.56 -15.91 53.50
C ARG C 191 -0.12 -14.46 53.60
N ILE C 192 -0.94 -13.64 54.25
CA ILE C 192 -0.62 -12.23 54.46
C ILE C 192 0.71 -12.01 55.18
N ASP C 193 1.02 -12.84 56.17
CA ASP C 193 2.28 -12.66 56.90
C ASP C 193 3.45 -12.81 55.95
N GLN C 194 3.25 -13.62 54.91
CA GLN C 194 4.31 -13.93 53.96
C GLN C 194 4.63 -12.75 53.05
N ILE C 195 3.74 -11.78 52.82
CA ILE C 195 3.82 -10.80 51.71
C ILE C 195 3.56 -9.38 52.11
N ARG C 196 3.26 -9.33 53.33
CA ARG C 196 3.13 -8.18 54.23
C ARG C 196 4.15 -7.05 54.06
N ASP C 197 5.41 -7.30 53.93
CA ASP C 197 6.29 -6.19 54.02
C ASP C 197 6.22 -5.51 52.67
N GLU C 198 5.56 -6.19 51.73
CA GLU C 198 5.40 -5.66 50.38
C GLU C 198 4.05 -4.98 50.16
N LEU C 199 3.22 -4.93 51.20
CA LEU C 199 1.91 -4.31 51.12
C LEU C 199 1.83 -2.97 51.84
N SER C 200 1.28 -1.95 51.17
CA SER C 200 0.98 -0.68 51.84
C SER C 200 -0.30 -0.84 52.67
N LEU C 201 -0.55 0.07 53.63
CA LEU C 201 -1.79 0.05 54.40
C LEU C 201 -3.00 0.03 53.46
N ASN C 202 -3.07 0.91 52.49
CA ASN C 202 -4.31 1.14 51.74
C ASN C 202 -4.67 -0.09 51.01
N GLU C 203 -3.62 -0.69 50.82
CA GLU C 203 -3.44 -1.82 49.92
C GLU C 203 -3.64 -3.13 50.69
N ARG C 204 -3.19 -3.41 51.86
CA ARG C 204 -3.52 -4.48 52.78
C ARG C 204 -4.97 -4.34 53.27
N SER C 205 -5.41 -3.11 53.54
CA SER C 205 -6.77 -2.88 53.99
C SER C 205 -7.74 -3.31 52.93
N SER C 206 -7.50 -2.89 51.69
CA SER C 206 -8.30 -3.34 50.56
C SER C 206 -8.26 -4.85 50.37
N LEU C 207 -7.07 -5.42 50.30
CA LEU C 207 -6.97 -6.86 50.09
C LEU C 207 -7.75 -7.58 51.18
N GLU C 208 -7.50 -7.23 52.43
CA GLU C 208 -8.10 -7.94 53.55
C GLU C 208 -9.61 -7.83 53.51
N ALA C 209 -10.14 -6.61 53.32
CA ALA C 209 -11.58 -6.41 53.18
C ALA C 209 -12.16 -7.26 52.04
N PHE C 210 -11.44 -7.34 50.92
CA PHE C 210 -11.94 -8.09 49.76
C PHE C 210 -11.99 -9.59 50.06
N ILE C 211 -10.91 -10.13 50.61
CA ILE C 211 -10.84 -11.57 50.86
C ILE C 211 -11.73 -12.02 52.04
N LEU C 212 -11.90 -11.15 53.03
CA LEU C 212 -12.90 -11.35 54.08
C LEU C 212 -14.32 -11.23 53.56
N LEU C 213 -14.57 -10.29 52.63
CA LEU C 213 -15.85 -10.27 51.91
C LEU C 213 -16.15 -11.63 51.24
N CYS C 214 -15.12 -12.29 50.73
CA CYS C 214 -15.34 -13.59 50.10
C CYS C 214 -15.58 -14.73 51.11
N SER C 215 -14.89 -14.70 52.25
CA SER C 215 -14.96 -15.83 53.14
C SER C 215 -16.08 -15.68 54.16
N GLY C 216 -16.42 -14.44 54.46
CA GLY C 216 -17.28 -14.10 55.56
C GLY C 216 -16.73 -14.39 56.96
N GLY C 217 -15.45 -14.80 57.06
CA GLY C 217 -14.90 -15.35 58.29
C GLY C 217 -13.90 -14.44 58.97
N THR C 218 -12.82 -15.03 59.47
CA THR C 218 -11.73 -14.24 60.04
C THR C 218 -10.48 -14.50 59.22
N LEU C 219 -9.46 -13.67 59.41
CA LEU C 219 -8.17 -13.91 58.75
C LEU C 219 -7.56 -15.24 59.20
N GLU C 220 -7.80 -15.61 60.45
CA GLU C 220 -7.17 -16.80 61.04
C GLU C 220 -7.94 -18.06 60.69
N ASN C 221 -9.23 -17.93 60.38
CA ASN C 221 -10.07 -19.12 60.10
C ASN C 221 -10.50 -19.32 58.65
N SER C 222 -10.16 -18.38 57.77
CA SER C 222 -10.49 -18.53 56.35
C SER C 222 -9.38 -19.24 55.58
N SER C 223 -9.76 -20.20 54.73
CA SER C 223 -8.78 -20.95 53.95
C SER C 223 -8.28 -20.13 52.78
N PHE C 224 -6.96 -19.98 52.71
CA PHE C 224 -6.35 -19.28 51.60
C PHE C 224 -6.67 -20.04 50.32
N GLY C 225 -6.39 -21.35 50.30
CA GLY C 225 -6.64 -22.17 49.13
C GLY C 225 -8.05 -21.97 48.60
N GLU C 226 -9.02 -21.79 49.52
CA GLU C 226 -10.40 -21.71 49.07
C GLU C 226 -10.63 -20.41 48.28
N PHE C 227 -9.96 -19.33 48.67
CA PHE C 227 -9.92 -18.13 47.84
C PHE C 227 -9.24 -18.36 46.46
N LEU C 228 -8.12 -19.06 46.43
CA LEU C 228 -7.48 -19.39 45.15
C LEU C 228 -8.49 -20.03 44.19
N HIS C 229 -9.32 -20.91 44.72
CA HIS C 229 -10.36 -21.59 43.98
C HIS C 229 -11.36 -20.67 43.33
N TRP C 230 -11.81 -19.68 44.06
CA TRP C 230 -12.74 -18.72 43.57
C TRP C 230 -12.11 -17.89 42.48
N TRP C 231 -10.88 -17.49 42.75
CA TRP C 231 -10.02 -16.69 41.86
C TRP C 231 -9.81 -17.46 40.57
N ALA C 232 -9.40 -18.72 40.68
CA ALA C 232 -9.30 -19.59 39.53
C ALA C 232 -10.62 -19.67 38.75
N MET C 233 -11.73 -19.99 39.42
CA MET C 233 -12.99 -20.18 38.71
C MET C 233 -13.33 -18.94 37.89
N SER C 234 -12.96 -17.78 38.42
CA SER C 234 -13.29 -16.47 37.83
C SER C 234 -12.32 -16.04 36.71
N GLY C 235 -11.24 -16.80 36.51
CA GLY C 235 -10.28 -16.50 35.46
C GLY C 235 -8.95 -15.94 35.93
N TYR C 236 -8.66 -16.05 37.23
CA TYR C 236 -7.37 -15.72 37.80
C TYR C 236 -7.01 -14.24 37.61
N THR C 237 -8.02 -13.39 37.60
CA THR C 237 -7.79 -11.95 37.55
C THR C 237 -8.81 -11.26 38.43
N TYR C 238 -8.43 -10.08 38.91
CA TYR C 238 -9.33 -9.17 39.60
C TYR C 238 -10.61 -8.84 38.83
N GLN C 239 -10.47 -8.37 37.59
CA GLN C 239 -11.61 -8.05 36.74
C GLN C 239 -12.51 -9.29 36.53
N GLY C 240 -11.88 -10.45 36.34
CA GLY C 240 -12.60 -11.70 36.28
C GLY C 240 -13.43 -11.91 37.52
N CYS C 241 -12.84 -11.69 38.70
CA CYS C 241 -13.60 -11.75 39.95
C CYS C 241 -14.74 -10.74 40.03
N MET C 242 -14.52 -9.49 39.64
CA MET C 242 -15.59 -8.52 39.74
C MET C 242 -16.77 -8.92 38.81
N ASP C 243 -16.43 -9.41 37.62
CA ASP C 243 -17.43 -9.87 36.67
C ASP C 243 -18.31 -10.98 37.23
N CYS C 244 -17.68 -12.04 37.72
CA CYS C 244 -18.42 -13.20 38.19
C CYS C 244 -19.10 -13.02 39.56
N LEU C 245 -18.57 -12.15 40.42
CA LEU C 245 -19.02 -12.11 41.82
C LEU C 245 -19.92 -10.95 42.14
N MET C 246 -19.90 -9.89 41.32
CA MET C 246 -20.57 -8.66 41.77
C MET C 246 -21.14 -7.70 40.70
N SER C 247 -21.33 -8.20 39.48
CA SER C 247 -21.68 -7.32 38.37
C SER C 247 -23.14 -7.35 37.98
N TYR C 248 -23.71 -8.55 37.86
CA TYR C 248 -25.00 -8.72 37.21
C TYR C 248 -26.03 -9.46 38.08
N LYS C 249 -27.22 -8.87 38.16
CA LYS C 249 -28.32 -9.40 38.98
C LYS C 249 -29.63 -9.35 38.19
N PHE C 250 -30.54 -10.21 38.57
CA PHE C 250 -31.82 -10.30 37.96
C PHE C 250 -32.56 -9.05 38.27
N LYS C 251 -33.13 -8.47 37.24
CA LYS C 251 -33.95 -7.28 37.27
C LYS C 251 -35.15 -7.39 38.15
N ASP C 252 -35.77 -8.54 38.08
CA ASP C 252 -36.97 -8.89 38.85
C ASP C 252 -36.67 -9.68 40.13
N GLY C 253 -35.39 -9.83 40.45
CA GLY C 253 -34.99 -10.45 41.71
C GLY C 253 -34.88 -11.96 41.60
N GLN C 254 -34.07 -12.54 42.47
CA GLN C 254 -33.76 -13.97 42.46
C GLN C 254 -35.01 -14.84 42.58
N SER C 255 -36.02 -14.38 43.33
CA SER C 255 -37.25 -15.17 43.52
C SER C 255 -38.02 -15.40 42.22
N ALA C 256 -37.97 -14.46 41.27
CA ALA C 256 -38.56 -14.74 39.97
C ALA C 256 -37.83 -15.86 39.21
N PHE C 257 -36.53 -15.99 39.41
CA PHE C 257 -35.77 -17.07 38.80
C PHE C 257 -36.15 -18.43 39.43
N ALA C 258 -36.16 -18.47 40.78
CA ALA C 258 -36.58 -19.66 41.54
C ALA C 258 -37.96 -20.14 41.12
N ARG C 259 -38.88 -19.19 40.93
CA ARG C 259 -40.27 -19.49 40.52
C ARG C 259 -40.31 -20.34 39.25
N ARG C 260 -39.39 -20.08 38.31
CA ARG C 260 -39.32 -20.87 37.08
C ARG C 260 -39.07 -22.35 37.32
N PHE C 261 -38.16 -22.66 38.24
CA PHE C 261 -37.89 -24.05 38.56
C PHE C 261 -39.17 -24.67 39.12
N TRP C 262 -39.86 -23.89 39.96
CA TRP C 262 -41.09 -24.29 40.61
C TRP C 262 -42.24 -24.53 39.63
N GLU C 263 -42.53 -23.52 38.81
CA GLU C 263 -43.61 -23.61 37.83
C GLU C 263 -43.44 -24.82 36.93
N GLU C 264 -42.23 -25.00 36.41
CA GLU C 264 -41.95 -26.15 35.55
C GLU C 264 -42.17 -27.46 36.30
N ALA C 265 -41.70 -27.55 37.54
CA ALA C 265 -41.87 -28.81 38.26
C ALA C 265 -43.34 -29.09 38.56
N ALA C 266 -44.07 -28.05 38.95
CA ALA C 266 -45.51 -28.12 39.23
C ALA C 266 -46.31 -28.56 38.00
N GLY C 267 -45.95 -28.01 36.83
CA GLY C 267 -46.61 -28.28 35.54
C GLY C 267 -46.50 -29.72 35.07
N THR C 268 -45.56 -30.49 35.59
CA THR C 268 -45.49 -31.90 35.20
C THR C 268 -46.62 -32.74 35.80
N GLY C 269 -47.28 -32.22 36.84
CA GLY C 269 -48.28 -32.99 37.60
C GLY C 269 -47.73 -34.10 38.48
N ARG C 270 -46.40 -34.19 38.59
CA ARG C 270 -45.74 -35.21 39.42
C ARG C 270 -45.13 -34.62 40.72
N LEU C 271 -45.46 -33.36 41.00
CA LEU C 271 -44.91 -32.65 42.15
C LEU C 271 -45.88 -32.57 43.33
N GLY C 272 -45.44 -33.12 44.46
CA GLY C 272 -46.11 -32.86 45.71
C GLY C 272 -45.19 -31.98 46.54
N TYR C 273 -45.76 -31.27 47.51
CA TYR C 273 -44.92 -30.42 48.34
C TYR C 273 -45.50 -30.09 49.72
N VAL C 274 -44.62 -29.98 50.72
CA VAL C 274 -45.04 -29.51 52.03
C VAL C 274 -44.06 -28.44 52.51
N PHE C 275 -44.56 -27.23 52.70
CA PHE C 275 -43.81 -26.14 53.37
C PHE C 275 -44.21 -25.99 54.86
N GLY C 276 -43.33 -25.41 55.67
CA GLY C 276 -43.58 -25.29 57.10
C GLY C 276 -43.32 -26.62 57.78
N CYS C 277 -42.44 -27.39 57.16
CA CYS C 277 -42.25 -28.76 57.51
C CYS C 277 -40.77 -29.09 57.73
N PRO C 278 -40.19 -28.64 58.86
CA PRO C 278 -38.79 -28.98 59.13
C PRO C 278 -38.60 -30.45 59.49
N VAL C 279 -37.60 -31.07 58.90
CA VAL C 279 -37.32 -32.48 59.05
C VAL C 279 -36.46 -32.67 60.29
N ARG C 280 -36.66 -33.76 60.95
CA ARG C 280 -35.87 -34.04 62.08
C ARG C 280 -35.02 -35.30 61.88
N SER C 281 -35.49 -36.19 61.04
CA SER C 281 -34.98 -37.55 60.96
C SER C 281 -35.05 -38.11 59.55
N VAL C 282 -33.99 -38.81 59.18
CA VAL C 282 -33.94 -39.59 57.93
C VAL C 282 -33.31 -40.95 58.23
N VAL C 283 -34.11 -41.99 58.01
CA VAL C 283 -33.73 -43.35 58.35
C VAL C 283 -33.80 -44.22 57.10
N ASN C 284 -32.77 -45.03 56.90
CA ASN C 284 -32.71 -46.02 55.82
C ASN C 284 -33.43 -47.32 56.18
N GLU C 285 -34.55 -47.60 55.52
CA GLU C 285 -35.27 -48.85 55.74
C GLU C 285 -34.88 -49.88 54.67
N ARG C 286 -35.72 -50.88 54.44
CA ARG C 286 -35.44 -51.88 53.41
C ARG C 286 -35.80 -51.33 52.03
N ASP C 287 -34.78 -51.12 51.20
CA ASP C 287 -35.01 -50.52 49.87
C ASP C 287 -36.02 -49.35 49.91
N ALA C 288 -35.75 -48.35 50.76
CA ALA C 288 -36.62 -47.21 51.03
C ALA C 288 -36.04 -46.35 52.16
N ALA C 289 -36.58 -45.15 52.34
CA ALA C 289 -36.17 -44.29 53.45
C ALA C 289 -37.34 -43.51 54.03
N ARG C 290 -37.35 -43.38 55.36
CA ARG C 290 -38.41 -42.65 56.07
C ARG C 290 -37.90 -41.30 56.53
N VAL C 291 -38.64 -40.25 56.17
CA VAL C 291 -38.29 -38.90 56.56
C VAL C 291 -39.32 -38.39 57.57
N THR C 292 -38.86 -38.04 58.76
CA THR C 292 -39.78 -37.60 59.82
C THR C 292 -39.65 -36.12 60.12
N ALA C 293 -40.78 -35.42 60.03
CA ALA C 293 -40.84 -34.00 60.36
C ALA C 293 -40.72 -33.74 61.87
N ARG C 294 -40.57 -32.47 62.24
CA ARG C 294 -40.51 -32.04 63.64
C ARG C 294 -41.83 -32.34 64.38
N ASP C 295 -42.96 -32.09 63.72
CA ASP C 295 -44.31 -32.36 64.26
C ASP C 295 -44.70 -33.85 64.29
N GLY C 296 -43.77 -34.74 63.95
CA GLY C 296 -44.04 -36.18 63.95
C GLY C 296 -44.44 -36.81 62.62
N ARG C 297 -45.00 -36.02 61.69
CA ARG C 297 -45.39 -36.54 60.35
C ARG C 297 -44.29 -37.38 59.65
N GLU C 298 -44.72 -38.47 59.03
CA GLU C 298 -43.81 -39.39 58.36
C GLU C 298 -44.06 -39.43 56.86
N PHE C 299 -42.96 -39.52 56.10
CA PHE C 299 -43.02 -39.58 54.64
C PHE C 299 -42.03 -40.64 54.18
N VAL C 300 -42.46 -41.47 53.22
CA VAL C 300 -41.60 -42.54 52.67
C VAL C 300 -41.44 -42.39 51.14
N ALA C 301 -40.26 -42.76 50.66
CA ALA C 301 -39.96 -42.76 49.23
C ALA C 301 -38.76 -43.63 48.99
N LYS C 302 -38.53 -44.02 47.75
CA LYS C 302 -37.38 -44.81 47.40
C LYS C 302 -35.99 -44.21 47.63
N ARG C 303 -35.83 -42.94 47.34
CA ARG C 303 -34.62 -42.18 47.56
C ARG C 303 -34.91 -40.84 48.24
N VAL C 304 -33.98 -40.52 48.81
CA VAL C 304 -34.02 -39.16 49.35
C VAL C 304 -32.86 -38.30 48.79
N VAL C 305 -33.19 -37.09 48.34
CA VAL C 305 -32.20 -36.07 48.09
C VAL C 305 -32.23 -35.08 49.24
N CYS C 306 -31.14 -35.02 50.01
CA CYS C 306 -31.06 -34.13 51.16
C CYS C 306 -30.17 -32.94 50.82
N THR C 307 -30.74 -31.73 50.84
CA THR C 307 -30.01 -30.49 50.53
C THR C 307 -29.89 -29.53 51.71
N ILE C 308 -29.99 -30.05 52.93
CA ILE C 308 -29.82 -29.22 54.13
C ILE C 308 -28.35 -28.76 54.18
N PRO C 309 -28.10 -27.49 54.49
CA PRO C 309 -26.74 -26.94 54.44
C PRO C 309 -25.79 -27.57 55.47
N LEU C 310 -24.52 -27.74 55.11
CA LEU C 310 -23.53 -28.25 56.04
C LEU C 310 -23.73 -27.76 57.47
N ASN C 311 -23.94 -26.46 57.67
CA ASN C 311 -24.01 -25.92 59.04
C ASN C 311 -25.28 -26.33 59.80
N VAL C 312 -26.25 -26.90 59.09
CA VAL C 312 -27.48 -27.37 59.70
C VAL C 312 -27.50 -28.89 59.88
N LEU C 313 -26.68 -29.62 59.15
CA LEU C 313 -26.80 -31.06 59.15
C LEU C 313 -26.70 -31.68 60.54
N SER C 314 -25.92 -31.06 61.43
CA SER C 314 -25.70 -31.66 62.75
C SER C 314 -26.98 -31.82 63.58
N THR C 315 -28.04 -31.10 63.16
CA THR C 315 -29.33 -31.14 63.85
C THR C 315 -30.18 -32.33 63.47
N ILE C 316 -29.73 -33.16 62.52
CA ILE C 316 -30.62 -34.19 61.95
C ILE C 316 -30.19 -35.57 62.38
N GLN C 317 -31.14 -36.41 62.67
CA GLN C 317 -30.83 -37.75 63.00
C GLN C 317 -30.77 -38.61 61.78
N PHE C 318 -29.65 -39.23 61.52
CA PHE C 318 -29.51 -40.21 60.43
C PHE C 318 -29.29 -41.65 60.95
N SER C 319 -30.04 -42.60 60.41
CA SER C 319 -29.70 -44.02 60.53
C SER C 319 -29.54 -44.59 59.12
N PRO C 320 -28.37 -45.17 58.81
CA PRO C 320 -27.24 -45.35 59.74
C PRO C 320 -26.48 -44.07 60.04
N ALA C 321 -25.39 -44.20 60.78
CA ALA C 321 -24.58 -43.06 61.20
C ALA C 321 -23.64 -42.60 60.07
N LEU C 322 -23.63 -41.29 59.82
CA LEU C 322 -22.76 -40.70 58.81
C LEU C 322 -21.25 -41.00 59.03
N SER C 323 -20.46 -40.86 57.97
CA SER C 323 -19.01 -41.11 58.01
C SER C 323 -18.24 -40.16 58.95
N THR C 324 -17.00 -40.52 59.26
CA THR C 324 -16.09 -39.68 60.05
C THR C 324 -15.89 -38.28 59.43
N GLU C 325 -15.68 -38.24 58.12
CA GLU C 325 -15.41 -36.97 57.42
C GLU C 325 -16.62 -36.05 57.39
N ARG C 326 -17.80 -36.63 57.14
CA ARG C 326 -19.02 -35.86 57.24
C ARG C 326 -19.23 -35.33 58.65
N ILE C 327 -19.03 -36.17 59.66
CA ILE C 327 -19.14 -35.72 61.05
C ILE C 327 -18.19 -34.57 61.34
N SER C 328 -16.93 -34.69 60.89
CA SER C 328 -15.90 -33.65 61.14
C SER C 328 -16.28 -32.31 60.53
N ALA C 329 -16.71 -32.33 59.27
CA ALA C 329 -17.10 -31.11 58.59
C ALA C 329 -18.26 -30.46 59.34
N MET C 330 -19.31 -31.23 59.57
CA MET C 330 -20.47 -30.79 60.34
C MET C 330 -20.14 -30.16 61.68
N GLN C 331 -19.18 -30.71 62.40
CA GLN C 331 -18.88 -30.26 63.73
C GLN C 331 -18.15 -28.96 63.73
N ALA C 332 -17.10 -28.94 62.95
CA ALA C 332 -16.32 -27.71 62.71
C ALA C 332 -17.23 -26.61 62.12
N GLY C 333 -17.93 -26.94 61.04
CA GLY C 333 -18.80 -25.98 60.37
C GLY C 333 -17.99 -25.04 59.50
N HIS C 334 -18.61 -24.52 58.45
CA HIS C 334 -17.93 -23.52 57.61
C HIS C 334 -17.91 -22.12 58.28
N VAL C 335 -17.06 -21.22 57.79
CA VAL C 335 -16.74 -20.00 58.55
C VAL C 335 -17.51 -18.73 58.21
N SER C 336 -18.27 -18.71 57.15
CA SER C 336 -18.94 -17.53 56.65
C SER C 336 -20.19 -17.15 57.40
N MET C 337 -20.06 -16.03 58.04
CA MET C 337 -20.93 -15.54 59.03
C MET C 337 -21.25 -14.12 58.60
N CYS C 338 -21.55 -13.97 57.32
CA CYS C 338 -21.70 -12.70 56.64
C CYS C 338 -22.98 -12.02 57.03
N THR C 339 -22.89 -10.72 57.24
CA THR C 339 -24.04 -9.88 57.45
C THR C 339 -24.22 -9.05 56.20
N LYS C 340 -25.44 -9.06 55.65
CA LYS C 340 -25.75 -8.34 54.43
C LYS C 340 -26.91 -7.39 54.66
N VAL C 341 -26.63 -6.08 54.59
CA VAL C 341 -27.61 -5.04 54.96
C VAL C 341 -27.87 -4.11 53.78
N HIS C 342 -29.14 -3.94 53.42
CA HIS C 342 -29.50 -3.00 52.37
C HIS C 342 -29.91 -1.72 53.02
N ALA C 343 -29.47 -0.61 52.45
CA ALA C 343 -29.89 0.70 52.91
C ALA C 343 -30.44 1.53 51.74
N GLU C 344 -31.70 1.92 51.79
CA GLU C 344 -32.23 2.94 50.91
C GLU C 344 -31.93 4.27 51.57
N VAL C 345 -31.12 5.09 50.89
CA VAL C 345 -30.60 6.34 51.46
C VAL C 345 -31.01 7.56 50.66
N ASP C 346 -30.80 8.73 51.27
CA ASP C 346 -31.31 10.00 50.76
C ASP C 346 -30.24 10.81 50.02
N ASN C 347 -29.22 10.13 49.50
CA ASN C 347 -28.19 10.84 48.75
C ASN C 347 -28.11 10.28 47.34
N LYS C 348 -28.62 11.02 46.37
CA LYS C 348 -28.70 10.57 44.99
C LYS C 348 -27.35 10.33 44.30
N ASP C 349 -26.34 11.10 44.72
CA ASP C 349 -25.06 11.06 44.03
C ASP C 349 -24.26 9.85 44.45
N MET C 350 -24.75 9.15 45.48
CA MET C 350 -24.02 8.04 46.00
C MET C 350 -24.27 6.78 45.20
N ARG C 351 -25.01 6.90 44.11
CA ARG C 351 -25.22 5.78 43.18
C ARG C 351 -23.91 5.18 42.66
N SER C 352 -22.91 6.04 42.48
CA SER C 352 -21.63 5.69 41.90
C SER C 352 -20.55 5.73 42.98
N TRP C 353 -20.97 5.48 44.22
CA TRP C 353 -20.05 5.40 45.35
C TRP C 353 -19.72 3.95 45.61
N THR C 354 -18.51 3.68 46.10
CA THR C 354 -18.22 2.38 46.69
C THR C 354 -17.35 2.68 47.87
N GLY C 355 -17.29 1.78 48.84
CA GLY C 355 -16.47 2.01 50.00
C GLY C 355 -15.99 0.77 50.73
N ILE C 356 -14.85 0.94 51.39
CA ILE C 356 -14.31 -0.02 52.32
C ILE C 356 -13.98 0.71 53.61
N ALA C 357 -14.46 0.15 54.73
CA ALA C 357 -14.17 0.68 56.08
C ALA C 357 -13.62 -0.49 56.90
N TYR C 358 -12.34 -0.45 57.26
CA TYR C 358 -11.68 -1.66 57.73
C TYR C 358 -10.43 -1.34 58.55
N PRO C 359 -10.18 -2.09 59.63
CA PRO C 359 -10.92 -3.19 60.26
C PRO C 359 -11.90 -2.75 61.33
N PHE C 360 -11.96 -1.45 61.61
CA PHE C 360 -12.68 -0.87 62.75
C PHE C 360 -14.20 -0.93 62.65
N ASN C 361 -14.77 -0.99 61.44
CA ASN C 361 -16.24 -1.00 61.30
C ASN C 361 -16.88 -2.40 61.24
N LYS C 362 -18.16 -2.48 61.62
CA LYS C 362 -18.81 -3.79 61.66
C LYS C 362 -19.43 -4.18 60.31
N LEU C 363 -19.49 -3.20 59.41
CA LEU C 363 -19.78 -3.46 58.03
C LEU C 363 -18.59 -2.92 57.29
N CYS C 364 -17.95 -3.74 56.47
CA CYS C 364 -16.67 -3.33 55.91
C CYS C 364 -16.63 -3.03 54.39
N TYR C 365 -17.72 -3.28 53.67
CA TYR C 365 -17.68 -3.18 52.22
C TYR C 365 -19.08 -2.85 51.71
N ALA C 366 -19.22 -1.73 51.02
CA ALA C 366 -20.52 -1.32 50.52
C ALA C 366 -20.39 -0.77 49.11
N ILE C 367 -21.48 -0.84 48.35
CA ILE C 367 -21.54 -0.27 47.00
C ILE C 367 -22.92 0.30 46.73
N GLY C 368 -22.99 1.37 45.95
CA GLY C 368 -24.27 1.82 45.38
C GLY C 368 -24.70 0.74 44.40
N ASP C 369 -25.93 0.27 44.51
CA ASP C 369 -26.37 -0.93 43.80
C ASP C 369 -27.60 -0.75 42.91
N GLY C 370 -28.29 0.37 43.07
CA GLY C 370 -29.50 0.68 42.33
C GLY C 370 -30.12 2.00 42.76
N THR C 371 -31.26 2.29 42.15
CA THR C 371 -32.10 3.41 42.51
C THR C 371 -33.51 2.86 42.59
N THR C 372 -34.19 3.12 43.71
CA THR C 372 -35.57 2.66 43.88
C THR C 372 -36.53 3.40 42.93
N PRO C 373 -37.68 2.79 42.59
CA PRO C 373 -38.68 3.54 41.81
C PRO C 373 -38.98 4.94 42.36
N ALA C 374 -38.82 5.14 43.67
CA ALA C 374 -38.98 6.46 44.31
C ALA C 374 -37.81 7.42 44.05
N GLY C 375 -36.80 6.96 43.30
CA GLY C 375 -35.65 7.82 42.96
C GLY C 375 -34.61 7.99 44.07
N ASN C 376 -34.58 7.05 45.02
CA ASN C 376 -33.56 7.04 46.07
C ASN C 376 -32.46 6.02 45.74
N THR C 377 -31.36 6.12 46.27
CA THR C 377 -30.14 5.32 46.21
C THR C 377 -30.09 4.15 47.21
N HIS C 378 -29.86 2.97 46.47
CA HIS C 378 -29.80 1.77 47.28
C HIS C 378 -28.36 1.36 47.47
N LEU C 379 -27.93 1.28 48.74
CA LEU C 379 -26.61 0.75 49.08
C LEU C 379 -26.70 -0.68 49.55
N VAL C 380 -25.84 -1.58 49.07
CA VAL C 380 -25.68 -2.86 49.76
C VAL C 380 -24.35 -2.91 50.53
N CYS C 381 -24.44 -3.31 51.81
CA CYS C 381 -23.32 -3.33 52.73
C CYS C 381 -23.08 -4.72 53.26
N PHE C 382 -21.79 -5.08 53.41
CA PHE C 382 -21.39 -6.39 53.89
C PHE C 382 -20.51 -6.29 55.12
N GLY C 383 -20.72 -7.23 56.05
CA GLY C 383 -19.85 -7.32 57.23
C GLY C 383 -19.42 -8.76 57.39
N THR C 384 -18.41 -9.00 58.22
CA THR C 384 -17.89 -10.34 58.36
C THR C 384 -17.76 -10.73 59.80
N ASP C 385 -17.28 -11.95 60.05
CA ASP C 385 -16.97 -12.41 61.40
C ASP C 385 -15.71 -11.75 61.96
N ALA C 386 -14.94 -11.08 61.10
CA ALA C 386 -13.77 -10.38 61.59
C ALA C 386 -14.20 -9.28 62.59
N ASN C 387 -15.37 -8.69 62.33
CA ASN C 387 -15.93 -7.66 63.19
C ASN C 387 -17.45 -7.72 63.06
N HIS C 388 -18.04 -8.66 63.79
CA HIS C 388 -19.39 -9.11 63.52
C HIS C 388 -20.47 -8.28 64.21
N ILE C 389 -21.57 -8.10 63.49
CA ILE C 389 -22.77 -7.52 64.03
C ILE C 389 -23.98 -8.40 63.68
N GLN C 390 -24.85 -8.66 64.61
CA GLN C 390 -26.15 -9.14 64.28
C GLN C 390 -27.01 -7.92 63.96
N PRO C 391 -27.43 -7.73 62.71
CA PRO C 391 -28.10 -6.49 62.33
C PRO C 391 -29.47 -6.29 62.98
N ASP C 392 -30.15 -7.36 63.36
CA ASP C 392 -31.48 -7.26 64.00
C ASP C 392 -31.42 -6.77 65.47
N GLU C 393 -30.33 -7.05 66.14
CA GLU C 393 -30.21 -6.87 67.55
C GLU C 393 -30.31 -5.47 68.12
N ASP C 394 -29.64 -4.52 67.52
CA ASP C 394 -29.68 -3.12 67.94
C ASP C 394 -29.64 -2.27 66.69
N VAL C 395 -30.82 -1.81 66.28
CA VAL C 395 -30.96 -1.02 65.06
C VAL C 395 -30.06 0.23 65.05
N ARG C 396 -29.84 0.83 66.20
CA ARG C 396 -29.04 2.03 66.25
C ARG C 396 -27.56 1.70 65.91
N GLU C 397 -27.10 0.53 66.36
CA GLU C 397 -25.77 0.05 66.02
C GLU C 397 -25.61 -0.28 64.55
N THR C 398 -26.60 -0.98 63.99
CA THR C 398 -26.65 -1.25 62.57
C THR C 398 -26.63 0.03 61.71
N LEU C 399 -27.31 1.07 62.14
CA LEU C 399 -27.30 2.30 61.41
C LEU C 399 -26.03 3.07 61.56
N LYS C 400 -25.39 2.93 62.70
CA LYS C 400 -24.11 3.55 62.86
C LYS C 400 -23.01 2.84 62.07
N ALA C 401 -23.14 1.55 61.84
CA ALA C 401 -22.19 0.82 61.01
C ALA C 401 -22.37 1.18 59.54
N VAL C 402 -23.63 1.26 59.11
CA VAL C 402 -23.94 1.77 57.80
C VAL C 402 -23.37 3.17 57.62
N GLY C 403 -23.61 4.06 58.60
CA GLY C 403 -23.24 5.46 58.49
C GLY C 403 -21.74 5.66 58.38
N GLN C 404 -21.00 4.82 59.08
CA GLN C 404 -19.55 4.97 59.09
C GLN C 404 -18.82 4.53 57.82
N LEU C 405 -19.55 4.03 56.83
CA LEU C 405 -18.94 3.72 55.55
C LEU C 405 -18.68 5.03 54.81
N ALA C 406 -19.46 6.05 55.13
CA ALA C 406 -19.31 7.41 54.58
C ALA C 406 -19.91 8.44 55.54
N PRO C 407 -19.19 8.76 56.61
CA PRO C 407 -19.80 9.59 57.66
C PRO C 407 -20.27 10.93 57.14
N GLY C 408 -21.50 11.31 57.48
CA GLY C 408 -22.01 12.65 57.22
C GLY C 408 -22.47 12.93 55.80
N THR C 409 -22.59 11.90 54.97
CA THR C 409 -23.01 12.10 53.58
C THR C 409 -24.49 11.80 53.33
N PHE C 410 -25.13 11.01 54.21
CA PHE C 410 -26.53 10.59 53.99
C PHE C 410 -27.31 10.19 55.25
N GLY C 411 -28.63 10.20 55.11
CA GLY C 411 -29.53 9.63 56.12
C GLY C 411 -30.16 8.38 55.52
N VAL C 412 -30.63 7.50 56.39
CA VAL C 412 -31.11 6.21 55.96
C VAL C 412 -32.63 6.20 56.04
N LYS C 413 -33.28 5.96 54.92
CA LYS C 413 -34.74 5.92 54.86
C LYS C 413 -35.30 4.51 55.05
N ARG C 414 -34.48 3.49 54.85
CA ARG C 414 -34.95 2.11 54.97
C ARG C 414 -33.78 1.13 55.04
N LEU C 415 -33.88 0.16 55.94
CA LEU C 415 -32.93 -0.94 56.02
C LEU C 415 -33.72 -2.17 55.69
N VAL C 416 -33.10 -3.08 54.96
CA VAL C 416 -33.69 -4.38 54.66
C VAL C 416 -32.56 -5.40 54.80
N PHE C 417 -32.81 -6.46 55.55
CA PHE C 417 -31.84 -7.54 55.71
C PHE C 417 -32.51 -8.80 56.23
N HIS C 418 -31.81 -9.92 56.08
CA HIS C 418 -32.16 -11.16 56.75
C HIS C 418 -30.94 -11.70 57.45
N ASN C 419 -31.10 -12.16 58.70
CA ASN C 419 -29.96 -12.64 59.48
C ASN C 419 -29.72 -14.11 59.26
N TRP C 420 -28.70 -14.41 58.44
CA TRP C 420 -28.33 -15.77 58.09
C TRP C 420 -27.69 -16.55 59.24
N VAL C 421 -26.96 -15.85 60.10
CA VAL C 421 -26.18 -16.48 61.15
C VAL C 421 -27.11 -17.10 62.20
N LYS C 422 -28.15 -16.34 62.55
CA LYS C 422 -29.18 -16.71 63.54
C LYS C 422 -30.33 -17.58 62.99
N ASP C 423 -30.41 -17.68 61.66
CA ASP C 423 -31.37 -18.51 60.93
C ASP C 423 -31.08 -20.00 61.20
N GLU C 424 -32.03 -20.71 61.77
CA GLU C 424 -31.81 -22.11 62.19
C GLU C 424 -31.71 -23.03 60.99
N PHE C 425 -32.14 -22.56 59.82
CA PHE C 425 -32.08 -23.34 58.58
C PHE C 425 -30.88 -23.02 57.66
N ALA C 426 -30.01 -22.13 58.15
CA ALA C 426 -28.81 -21.72 57.41
C ALA C 426 -27.60 -21.78 58.37
N LYS C 427 -27.70 -21.10 59.51
CA LYS C 427 -26.65 -21.13 60.55
C LYS C 427 -25.32 -20.71 59.96
N GLY C 428 -25.37 -19.60 59.22
CA GLY C 428 -24.26 -19.11 58.41
C GLY C 428 -24.73 -18.74 57.00
N ALA C 429 -23.81 -18.17 56.23
CA ALA C 429 -24.12 -17.69 54.90
C ALA C 429 -23.51 -18.74 53.94
N TRP C 430 -23.21 -18.37 52.69
CA TRP C 430 -22.54 -19.28 51.75
C TRP C 430 -21.39 -20.07 52.35
N PHE C 431 -21.11 -21.26 51.83
CA PHE C 431 -20.00 -22.06 52.35
C PHE C 431 -18.66 -21.37 52.11
N PHE C 432 -17.84 -21.28 53.16
CA PHE C 432 -16.41 -21.03 52.95
C PHE C 432 -15.64 -21.80 54.00
N SER C 433 -14.55 -22.43 53.59
CA SER C 433 -13.92 -23.43 54.42
C SER C 433 -12.81 -22.93 55.36
N ARG C 434 -12.60 -23.69 56.43
CA ARG C 434 -11.44 -23.56 57.31
C ARG C 434 -10.20 -24.06 56.58
N PRO C 435 -9.00 -23.63 57.04
CA PRO C 435 -7.78 -24.22 56.52
C PRO C 435 -7.81 -25.73 56.61
N GLY C 436 -7.68 -26.40 55.48
CA GLY C 436 -7.52 -27.84 55.48
C GLY C 436 -8.83 -28.60 55.29
N MET C 437 -9.95 -27.95 55.59
CA MET C 437 -11.23 -28.63 55.63
C MET C 437 -11.61 -29.27 54.28
N VAL C 438 -11.60 -28.50 53.20
CA VAL C 438 -12.01 -29.01 51.89
C VAL C 438 -11.13 -30.20 51.43
N SER C 439 -9.81 -30.11 51.56
CA SER C 439 -8.95 -31.24 51.15
C SER C 439 -9.13 -32.49 52.04
N GLU C 440 -9.54 -32.27 53.28
CA GLU C 440 -9.77 -33.38 54.21
C GLU C 440 -11.22 -33.87 54.27
N CYS C 441 -12.16 -33.09 53.75
CA CYS C 441 -13.57 -33.48 53.82
C CYS C 441 -14.41 -33.56 52.53
N LEU C 442 -14.06 -32.91 51.44
CA LEU C 442 -15.00 -32.70 50.32
C LEU C 442 -15.66 -33.96 49.76
N GLN C 443 -14.77 -34.94 49.67
CA GLN C 443 -15.04 -36.28 49.17
C GLN C 443 -15.90 -36.96 50.20
N GLY C 444 -15.53 -36.85 51.48
CA GLY C 444 -16.50 -37.29 52.47
C GLY C 444 -17.90 -36.69 52.31
N LEU C 445 -17.98 -35.38 52.12
CA LEU C 445 -19.26 -34.69 51.91
C LEU C 445 -20.00 -35.08 50.62
N ARG C 446 -19.33 -35.77 49.69
CA ARG C 446 -19.89 -36.11 48.37
C ARG C 446 -20.26 -37.58 48.23
N GLU C 447 -19.91 -38.37 49.21
CA GLU C 447 -20.16 -39.77 49.19
C GLU C 447 -21.60 -40.19 49.29
N LYS C 448 -21.93 -41.30 48.79
CA LYS C 448 -23.31 -41.78 48.94
C LYS C 448 -23.57 -42.35 50.33
N HIS C 449 -24.81 -42.26 50.72
CA HIS C 449 -25.23 -42.77 52.02
C HIS C 449 -26.49 -43.65 51.80
N GLY C 450 -26.36 -44.77 51.17
CA GLY C 450 -27.49 -45.64 51.08
C GLY C 450 -28.46 -45.14 50.09
N GLY C 451 -29.64 -44.82 50.54
CA GLY C 451 -30.66 -44.32 49.65
C GLY C 451 -30.87 -42.86 49.90
N VAL C 452 -29.88 -42.25 50.51
CA VAL C 452 -29.88 -40.80 50.71
C VAL C 452 -28.80 -40.12 49.86
N VAL C 453 -29.20 -39.18 48.99
CA VAL C 453 -28.22 -38.42 48.22
C VAL C 453 -28.01 -37.06 48.86
N PHE C 454 -26.76 -36.80 49.26
CA PHE C 454 -26.37 -35.51 49.83
C PHE C 454 -25.90 -34.50 48.79
N ALA C 455 -26.62 -33.40 48.66
CA ALA C 455 -26.39 -32.49 47.56
C ALA C 455 -26.61 -31.12 48.05
N ASN C 456 -25.58 -30.29 48.03
CA ASN C 456 -25.66 -28.92 48.37
C ASN C 456 -24.55 -28.09 47.70
N SER C 457 -24.81 -26.81 47.50
CA SER C 457 -23.76 -25.92 47.02
C SER C 457 -22.47 -26.01 47.85
N ASP C 458 -22.64 -26.26 49.16
CA ASP C 458 -21.54 -26.32 50.13
C ASP C 458 -20.44 -27.29 49.69
N TRP C 459 -20.77 -28.33 48.93
CA TRP C 459 -19.76 -29.28 48.47
C TRP C 459 -19.76 -29.58 46.94
N ALA C 460 -20.10 -28.56 46.13
CA ALA C 460 -19.92 -28.63 44.69
C ALA C 460 -18.43 -28.62 44.36
N LEU C 461 -18.09 -28.98 43.12
CA LEU C 461 -16.72 -28.99 42.62
C LEU C 461 -16.30 -27.64 42.04
N GLY C 462 -17.20 -26.97 41.34
CA GLY C 462 -16.84 -25.75 40.60
C GLY C 462 -17.08 -24.48 41.40
N TRP C 463 -18.21 -23.84 41.11
CA TRP C 463 -18.67 -22.69 41.88
C TRP C 463 -19.28 -23.12 43.21
N ARG C 464 -18.53 -23.91 43.96
CA ARG C 464 -18.91 -24.29 45.30
C ARG C 464 -19.22 -23.00 46.08
N SER C 465 -20.35 -23.01 46.79
CA SER C 465 -20.83 -21.91 47.61
C SER C 465 -21.65 -20.89 46.83
N PHE C 466 -21.81 -21.09 45.53
CA PHE C 466 -22.54 -20.12 44.72
C PHE C 466 -23.88 -20.73 44.32
N ILE C 467 -24.79 -19.90 43.81
CA ILE C 467 -26.01 -20.41 43.21
C ILE C 467 -25.67 -21.48 42.18
N ASP C 468 -24.68 -21.18 41.34
CA ASP C 468 -24.23 -22.09 40.33
C ASP C 468 -23.88 -23.46 40.89
N GLY C 469 -23.19 -23.49 42.04
CA GLY C 469 -22.81 -24.75 42.69
C GLY C 469 -24.02 -25.55 43.15
N ALA C 470 -25.03 -24.84 43.65
CA ALA C 470 -26.28 -25.44 44.08
C ALA C 470 -26.91 -26.16 42.90
N ILE C 471 -26.93 -25.49 41.73
CA ILE C 471 -27.52 -26.09 40.53
C ILE C 471 -26.68 -27.27 40.07
N GLU C 472 -25.38 -27.14 40.05
CA GLU C 472 -24.49 -28.22 39.76
C GLU C 472 -24.80 -29.44 40.62
N GLU C 473 -24.89 -29.25 41.92
CA GLU C 473 -25.16 -30.34 42.88
C GLU C 473 -26.54 -30.96 42.70
N GLY C 474 -27.54 -30.11 42.54
CA GLY C 474 -28.91 -30.52 42.25
C GLY C 474 -29.05 -31.42 41.03
N THR C 475 -28.38 -31.07 39.94
CA THR C 475 -28.30 -31.85 38.73
C THR C 475 -27.58 -33.13 38.97
N ARG C 476 -26.46 -33.07 39.65
CA ARG C 476 -25.79 -34.33 40.02
C ARG C 476 -26.74 -35.26 40.78
N ALA C 477 -27.46 -34.72 41.76
CA ALA C 477 -28.37 -35.50 42.58
C ALA C 477 -29.39 -36.26 41.72
N ALA C 478 -30.06 -35.56 40.81
CA ALA C 478 -31.02 -36.19 39.93
C ALA C 478 -30.52 -37.31 39.04
N ARG C 479 -29.32 -37.17 38.57
CA ARG C 479 -28.79 -38.07 37.65
C ARG C 479 -28.34 -39.33 38.37
N VAL C 480 -28.01 -39.24 39.65
CA VAL C 480 -27.67 -40.39 40.49
C VAL C 480 -28.89 -41.26 40.85
N VAL C 481 -30.00 -40.56 41.02
CA VAL C 481 -31.27 -41.13 41.22
C VAL C 481 -31.78 -41.92 40.05
N LEU C 482 -30.91 -42.28 39.12
CA LEU C 482 -31.11 -43.45 38.26
C LEU C 482 -29.87 -44.25 37.97
N GLU C 483 -29.76 -45.48 38.50
CA GLU C 483 -30.23 -46.01 39.81
C GLU C 483 -31.68 -46.47 40.07
N GLU C 484 -32.57 -46.14 39.18
CA GLU C 484 -33.94 -46.47 39.31
C GLU C 484 -34.43 -46.79 37.93
N MET D 1 2.31 -13.94 -10.14
CA MET D 1 3.04 -12.69 -10.54
C MET D 1 4.33 -12.43 -9.71
N THR D 2 4.38 -12.90 -8.45
CA THR D 2 5.62 -12.75 -7.62
C THR D 2 6.52 -14.01 -7.56
N SER D 3 7.80 -13.82 -7.85
CA SER D 3 8.76 -14.90 -7.81
C SER D 3 9.48 -14.93 -6.47
N ARG D 4 10.07 -16.06 -6.15
CA ARG D 4 10.89 -16.19 -4.97
C ARG D 4 12.29 -15.65 -5.17
N ASP D 5 12.67 -15.52 -6.42
CA ASP D 5 14.01 -15.25 -6.82
C ASP D 5 14.64 -13.90 -6.59
N GLY D 6 13.95 -12.81 -6.57
CA GLY D 6 14.81 -11.64 -6.54
C GLY D 6 15.23 -11.03 -5.23
N TYR D 7 15.75 -9.83 -5.29
CA TYR D 7 15.96 -9.02 -4.11
C TYR D 7 15.66 -7.60 -4.48
N GLN D 8 15.11 -6.86 -3.52
CA GLN D 8 14.92 -5.44 -3.65
C GLN D 8 15.32 -4.76 -2.35
N TRP D 9 15.78 -3.51 -2.44
CA TRP D 9 16.09 -2.71 -1.27
C TRP D 9 15.64 -1.31 -1.52
N THR D 10 15.06 -0.71 -0.48
CA THR D 10 14.84 0.73 -0.42
C THR D 10 15.21 1.20 0.97
N PRO D 11 15.54 2.45 1.13
CA PRO D 11 16.08 2.92 2.38
C PRO D 11 15.06 2.85 3.49
N GLU D 12 13.80 2.90 3.06
CA GLU D 12 12.61 2.82 3.89
C GLU D 12 12.08 1.47 4.27
N THR D 13 12.26 0.48 3.42
CA THR D 13 11.80 -0.88 3.71
C THR D 13 12.93 -1.85 4.06
N GLY D 14 14.14 -1.42 3.89
CA GLY D 14 15.25 -2.32 3.81
C GLY D 14 15.13 -3.33 2.68
N LEU D 15 15.63 -4.48 2.97
CA LEU D 15 15.91 -5.49 1.96
C LEU D 15 14.83 -6.56 1.88
N THR D 16 14.33 -6.83 0.72
CA THR D 16 13.26 -7.68 0.63
C THR D 16 13.73 -8.66 -0.32
N GLN D 17 13.38 -9.84 -0.06
CA GLN D 17 13.62 -10.94 -1.00
C GLN D 17 12.31 -11.34 -1.69
N GLY D 18 12.31 -11.74 -3.03
CA GLY D 18 11.16 -12.00 -3.91
C GLY D 18 10.63 -10.75 -4.61
N VAL D 19 10.64 -10.77 -5.95
CA VAL D 19 10.22 -9.60 -6.77
C VAL D 19 9.28 -10.07 -7.89
N PRO D 20 8.46 -9.17 -8.45
CA PRO D 20 7.53 -9.57 -9.53
C PRO D 20 8.23 -9.95 -10.84
N SER D 21 7.59 -10.83 -11.61
CA SER D 21 8.07 -11.16 -12.96
C SER D 21 7.01 -11.80 -13.84
N LEU D 22 6.90 -11.32 -15.06
CA LEU D 22 6.01 -11.94 -16.02
C LEU D 22 6.42 -13.39 -16.29
N GLY D 23 7.63 -13.77 -15.96
CA GLY D 23 8.09 -15.14 -16.02
C GLY D 23 7.46 -16.18 -15.10
N VAL D 24 6.79 -15.75 -14.04
CA VAL D 24 6.08 -16.63 -13.13
C VAL D 24 4.80 -17.13 -13.78
N ILE D 25 4.67 -18.44 -13.79
CA ILE D 25 3.61 -19.17 -14.46
C ILE D 25 2.54 -19.64 -13.52
N SER D 26 1.34 -19.10 -13.64
CA SER D 26 0.29 -19.62 -12.83
C SER D 26 -0.82 -19.98 -13.73
N PRO D 27 -1.34 -21.17 -13.55
CA PRO D 27 -0.97 -22.09 -12.48
C PRO D 27 0.34 -22.81 -12.67
N PRO D 28 0.94 -23.36 -11.63
CA PRO D 28 2.24 -24.02 -11.73
C PRO D 28 2.30 -25.40 -12.36
N THR D 29 1.16 -26.03 -12.53
CA THR D 29 1.02 -27.21 -13.43
C THR D 29 -0.25 -27.11 -14.23
N ASN D 30 -0.26 -27.92 -15.26
CA ASN D 30 -1.42 -28.24 -16.02
C ASN D 30 -1.62 -29.76 -16.07
N ILE D 31 -0.84 -30.49 -15.28
CA ILE D 31 -0.92 -31.94 -15.12
C ILE D 31 -1.68 -32.30 -13.82
N GLU D 32 -2.95 -32.73 -13.97
CA GLU D 32 -3.78 -33.11 -12.82
C GLU D 32 -4.25 -34.57 -12.95
N PRO D 39 0.99 -39.83 -21.23
CA PRO D 39 2.15 -40.48 -21.88
C PRO D 39 2.95 -39.49 -22.76
N TRP D 40 4.26 -39.34 -22.48
CA TRP D 40 5.05 -38.23 -23.07
C TRP D 40 6.11 -38.63 -24.09
N ASP D 41 6.11 -37.97 -25.25
CA ASP D 41 7.18 -38.17 -26.21
C ASP D 41 8.52 -37.69 -25.66
N VAL D 42 8.53 -36.49 -25.07
CA VAL D 42 9.78 -35.90 -24.59
C VAL D 42 9.55 -35.18 -23.28
N ILE D 43 10.53 -35.31 -22.39
CA ILE D 43 10.63 -34.45 -21.23
C ILE D 43 11.75 -33.45 -21.46
N VAL D 44 11.45 -32.17 -21.28
CA VAL D 44 12.46 -31.12 -21.25
C VAL D 44 12.68 -30.65 -19.81
N ILE D 45 13.91 -30.80 -19.33
CA ILE D 45 14.29 -30.32 -18.01
C ILE D 45 14.85 -28.91 -18.14
N GLY D 46 14.23 -27.95 -17.43
CA GLY D 46 14.65 -26.56 -17.42
C GLY D 46 13.88 -25.69 -18.39
N GLY D 47 13.35 -24.57 -17.90
CA GLY D 47 12.66 -23.61 -18.75
C GLY D 47 13.44 -22.34 -19.00
N GLY D 48 14.74 -22.48 -19.18
CA GLY D 48 15.55 -21.38 -19.71
C GLY D 48 15.29 -21.20 -21.20
N TYR D 49 16.03 -20.30 -21.84
CA TYR D 49 15.82 -20.09 -23.28
C TYR D 49 16.16 -21.35 -24.08
N CYS D 50 17.03 -22.18 -23.52
CA CYS D 50 17.33 -23.44 -24.19
C CYS D 50 16.08 -24.36 -24.20
N GLY D 51 15.61 -24.71 -22.99
CA GLY D 51 14.37 -25.47 -22.82
C GLY D 51 13.14 -24.87 -23.48
N LEU D 52 13.02 -23.55 -23.50
CA LEU D 52 11.87 -22.94 -24.19
C LEU D 52 11.95 -23.15 -25.71
N THR D 53 13.16 -23.08 -26.27
CA THR D 53 13.32 -23.23 -27.70
C THR D 53 13.04 -24.66 -28.07
N ALA D 54 13.64 -25.60 -27.33
CA ALA D 54 13.47 -27.02 -27.63
C ALA D 54 12.00 -27.42 -27.50
N THR D 55 11.30 -26.83 -26.54
CA THR D 55 9.91 -27.16 -26.25
C THR D 55 9.01 -26.56 -27.32
N ARG D 56 9.31 -25.32 -27.69
CA ARG D 56 8.58 -24.61 -28.69
C ARG D 56 8.66 -25.37 -30.01
N ASP D 57 9.88 -25.78 -30.40
CA ASP D 57 10.06 -26.53 -31.64
C ASP D 57 9.36 -27.88 -31.63
N LEU D 58 9.58 -28.66 -30.56
CA LEU D 58 9.01 -30.01 -30.40
C LEU D 58 7.47 -30.04 -30.42
N THR D 59 6.81 -29.11 -29.72
CA THR D 59 5.35 -29.07 -29.72
C THR D 59 4.75 -28.60 -31.06
N VAL D 60 5.41 -27.62 -31.69
CA VAL D 60 5.00 -27.15 -33.00
C VAL D 60 5.19 -28.28 -34.03
N ALA D 61 6.13 -29.18 -33.79
CA ALA D 61 6.41 -30.26 -34.72
C ALA D 61 5.58 -31.50 -34.41
N GLY D 62 4.60 -31.37 -33.51
CA GLY D 62 3.67 -32.46 -33.21
C GLY D 62 4.00 -33.38 -32.03
N PHE D 63 5.10 -33.11 -31.31
CA PHE D 63 5.50 -33.94 -30.15
C PHE D 63 4.84 -33.50 -28.84
N LYS D 64 4.31 -34.47 -28.09
CA LYS D 64 3.73 -34.22 -26.77
C LYS D 64 4.88 -34.09 -25.78
N THR D 65 5.03 -32.87 -25.23
CA THR D 65 6.20 -32.48 -24.46
C THR D 65 5.86 -32.08 -23.03
N LEU D 66 6.65 -32.60 -22.11
CA LEU D 66 6.62 -32.22 -20.73
C LEU D 66 7.83 -31.41 -20.27
N LEU D 67 7.55 -30.20 -19.86
CA LEU D 67 8.57 -29.34 -19.32
C LEU D 67 8.61 -29.36 -17.83
N LEU D 68 9.75 -29.67 -17.28
CA LEU D 68 9.93 -29.71 -15.84
C LEU D 68 10.97 -28.68 -15.45
N GLU D 69 10.58 -27.75 -14.62
CA GLU D 69 11.43 -26.70 -14.16
C GLU D 69 11.50 -26.62 -12.63
N ALA D 70 12.71 -26.43 -12.11
CA ALA D 70 12.96 -26.31 -10.68
C ALA D 70 12.28 -25.13 -10.01
N ARG D 71 12.22 -24.00 -10.72
CA ARG D 71 11.81 -22.69 -10.26
C ARG D 71 10.35 -22.44 -10.37
N ASP D 72 9.90 -21.32 -9.84
CA ASP D 72 8.50 -20.95 -10.03
C ASP D 72 8.28 -20.17 -11.34
N ARG D 73 9.33 -20.08 -12.17
CA ARG D 73 9.32 -19.20 -13.35
C ARG D 73 10.11 -19.81 -14.53
N ILE D 74 9.85 -19.27 -15.72
CA ILE D 74 10.69 -19.49 -16.90
C ILE D 74 11.83 -18.45 -17.02
N GLY D 75 12.82 -18.75 -17.86
CA GLY D 75 13.87 -17.79 -18.14
C GLY D 75 15.26 -18.20 -17.68
N GLY D 76 15.34 -19.07 -16.69
CA GLY D 76 16.62 -19.47 -16.11
C GLY D 76 17.51 -18.28 -15.75
N ARG D 77 18.69 -18.21 -16.37
CA ARG D 77 19.65 -17.15 -16.06
C ARG D 77 19.30 -15.80 -16.68
N SER D 78 18.12 -15.70 -17.28
CA SER D 78 17.65 -14.45 -17.84
C SER D 78 16.18 -14.23 -17.49
N TRP D 79 15.86 -13.08 -16.92
CA TRP D 79 14.48 -12.75 -16.54
C TRP D 79 14.42 -11.31 -16.04
N SER D 80 13.24 -10.70 -16.14
CA SER D 80 13.06 -9.32 -15.75
C SER D 80 11.98 -9.15 -14.67
N SER D 81 12.13 -8.10 -13.89
CA SER D 81 11.17 -7.76 -12.86
C SER D 81 10.70 -6.34 -13.07
N ASN D 82 9.40 -6.17 -13.28
CA ASN D 82 8.81 -4.86 -13.45
C ASN D 82 8.48 -4.19 -12.12
N ILE D 83 9.33 -3.29 -11.65
CA ILE D 83 9.09 -2.58 -10.41
C ILE D 83 8.88 -1.10 -10.63
N ASP D 84 7.71 -0.62 -10.21
CA ASP D 84 7.28 0.75 -10.44
C ASP D 84 7.39 1.12 -11.92
N GLY D 85 6.99 0.17 -12.78
CA GLY D 85 6.94 0.36 -14.24
C GLY D 85 8.28 0.27 -14.98
N TYR D 86 9.32 -0.21 -14.31
CA TYR D 86 10.63 -0.34 -14.94
C TYR D 86 11.14 -1.78 -14.90
N PRO D 87 11.59 -2.31 -16.06
CA PRO D 87 12.09 -3.69 -16.07
C PRO D 87 13.55 -3.79 -15.60
N TYR D 88 13.75 -4.47 -14.48
CA TYR D 88 15.09 -4.73 -13.99
C TYR D 88 15.47 -6.09 -14.49
N GLU D 89 16.61 -6.15 -15.13
CA GLU D 89 17.09 -7.36 -15.73
C GLU D 89 18.00 -8.08 -14.80
N MET D 90 17.53 -9.20 -14.32
CA MET D 90 18.19 -9.90 -13.24
C MET D 90 19.45 -10.59 -13.69
N GLY D 91 19.41 -11.11 -14.93
CA GLY D 91 20.55 -11.84 -15.47
C GLY D 91 20.85 -11.38 -16.88
N GLY D 92 20.85 -12.32 -17.82
CA GLY D 92 21.13 -12.01 -19.21
C GLY D 92 20.22 -10.95 -19.80
N THR D 93 20.82 -9.95 -20.45
CA THR D 93 20.12 -8.75 -20.82
C THR D 93 20.19 -8.33 -22.30
N TRP D 94 21.42 -8.19 -22.81
CA TRP D 94 21.70 -7.58 -24.11
C TRP D 94 21.71 -8.54 -25.27
N VAL D 95 21.15 -8.07 -26.37
CA VAL D 95 21.09 -8.84 -27.62
C VAL D 95 21.44 -7.93 -28.79
N HIS D 96 21.66 -8.53 -29.96
CA HIS D 96 22.04 -7.80 -31.18
C HIS D 96 21.75 -8.65 -32.42
N TRP D 97 21.49 -8.00 -33.56
CA TRP D 97 21.24 -8.72 -34.83
C TRP D 97 22.43 -9.49 -35.39
N HIS D 98 23.59 -9.33 -34.76
CA HIS D 98 24.77 -10.07 -35.18
C HIS D 98 24.74 -11.40 -34.48
N GLN D 99 23.85 -11.57 -33.55
CA GLN D 99 23.67 -12.81 -32.87
C GLN D 99 22.52 -13.52 -33.52
N SER D 100 22.84 -14.55 -34.26
CA SER D 100 21.97 -15.21 -35.22
C SER D 100 20.64 -15.76 -34.67
N HIS D 101 20.73 -16.49 -33.56
CA HIS D 101 19.62 -17.30 -33.07
C HIS D 101 18.66 -16.49 -32.24
N VAL D 102 19.19 -15.68 -31.33
CA VAL D 102 18.29 -14.78 -30.62
C VAL D 102 17.63 -13.80 -31.61
N TRP D 103 18.37 -13.30 -32.58
CA TRP D 103 17.82 -12.37 -33.52
C TRP D 103 16.75 -12.97 -34.44
N ARG D 104 16.86 -14.26 -34.71
CA ARG D 104 15.87 -14.95 -35.46
C ARG D 104 14.57 -15.07 -34.72
N GLU D 105 14.64 -15.29 -33.43
CA GLU D 105 13.44 -15.37 -32.60
C GLU D 105 12.87 -13.98 -32.37
N ILE D 106 13.73 -12.97 -32.27
CA ILE D 106 13.23 -11.60 -32.12
C ILE D 106 12.43 -11.14 -33.37
N THR D 107 12.92 -11.42 -34.57
CA THR D 107 12.19 -11.01 -35.77
C THR D 107 10.97 -11.91 -35.97
N ARG D 108 11.12 -13.20 -35.72
CA ARG D 108 9.95 -14.07 -35.85
C ARG D 108 8.80 -13.65 -34.92
N TYR D 109 9.11 -13.23 -33.69
CA TYR D 109 8.06 -12.75 -32.75
C TYR D 109 7.78 -11.24 -32.88
N LYS D 110 8.39 -10.62 -33.89
CA LYS D 110 8.17 -9.22 -34.26
C LYS D 110 8.47 -8.31 -33.09
N MET D 111 9.65 -8.50 -32.52
CA MET D 111 10.09 -7.70 -31.39
C MET D 111 11.33 -6.87 -31.76
N HIS D 112 11.72 -6.96 -33.03
CA HIS D 112 12.89 -6.23 -33.58
C HIS D 112 12.78 -4.72 -33.34
N ASN D 113 11.55 -4.20 -33.34
CA ASN D 113 11.30 -2.79 -33.02
C ASN D 113 10.96 -2.54 -31.55
N ALA D 114 11.17 -3.53 -30.69
CA ALA D 114 10.85 -3.35 -29.25
C ALA D 114 12.09 -3.32 -28.34
N LEU D 115 13.17 -2.71 -28.82
CA LEU D 115 14.40 -2.57 -28.07
C LEU D 115 14.70 -1.12 -27.74
N SER D 116 15.54 -0.94 -26.73
CA SER D 116 16.02 0.35 -26.26
C SER D 116 17.53 0.35 -26.21
N PRO D 117 18.15 1.48 -26.59
CA PRO D 117 19.58 1.62 -26.40
C PRO D 117 19.87 1.86 -24.92
N SER D 118 20.82 1.12 -24.37
CA SER D 118 21.32 1.37 -23.01
C SER D 118 22.04 2.70 -22.93
N PHE D 119 22.90 2.99 -23.89
CA PHE D 119 23.71 4.19 -23.84
C PHE D 119 22.94 5.40 -24.33
N ASN D 120 23.13 6.50 -23.61
CA ASN D 120 22.50 7.77 -23.90
C ASN D 120 23.42 8.85 -23.38
N PHE D 121 24.09 9.52 -24.31
CA PHE D 121 25.10 10.52 -24.00
C PHE D 121 24.61 11.92 -24.37
N SER D 122 23.29 12.07 -24.47
CA SER D 122 22.72 13.31 -25.00
C SER D 122 22.48 14.40 -23.95
N ARG D 123 22.76 14.12 -22.67
CA ARG D 123 22.61 15.10 -21.58
C ARG D 123 23.39 14.64 -20.34
N GLY D 124 23.60 15.54 -19.38
CA GLY D 124 24.19 15.16 -18.10
C GLY D 124 25.71 15.18 -18.11
N VAL D 125 26.37 14.45 -17.24
CA VAL D 125 27.79 14.64 -17.00
C VAL D 125 28.72 14.34 -18.14
N ASN D 126 28.27 13.34 -18.89
CA ASN D 126 28.84 12.95 -20.16
C ASN D 126 30.31 12.62 -20.05
N HIS D 127 30.63 11.65 -19.20
CA HIS D 127 32.04 11.31 -19.04
C HIS D 127 32.21 9.90 -18.45
N PHE D 128 33.41 9.36 -18.63
CA PHE D 128 33.81 8.08 -18.08
C PHE D 128 34.69 8.40 -16.86
N GLN D 129 34.39 7.75 -15.74
CA GLN D 129 35.11 8.01 -14.51
C GLN D 129 35.97 6.79 -14.24
N LEU D 130 37.28 6.94 -14.32
CA LEU D 130 38.15 5.80 -14.08
C LEU D 130 38.83 5.97 -12.73
N ARG D 131 38.72 4.95 -11.87
CA ARG D 131 39.28 4.98 -10.50
C ARG D 131 40.15 3.78 -10.30
N THR D 132 41.45 4.02 -10.13
CA THR D 132 42.45 2.99 -9.97
C THR D 132 42.95 2.91 -8.53
N ASN D 133 42.44 3.81 -7.69
CA ASN D 133 42.68 3.76 -6.25
C ASN D 133 41.50 4.45 -5.57
N PRO D 134 41.24 4.12 -4.30
CA PRO D 134 40.04 4.58 -3.61
C PRO D 134 40.03 6.06 -3.30
N THR D 135 41.14 6.74 -3.51
CA THR D 135 41.28 8.16 -3.15
C THR D 135 40.87 9.10 -4.29
N THR D 136 41.08 8.67 -5.53
CA THR D 136 41.21 9.59 -6.64
C THR D 136 40.40 9.16 -7.87
N SER D 137 40.12 10.10 -8.78
CA SER D 137 39.37 9.81 -10.01
C SER D 137 39.99 10.45 -11.24
N THR D 138 39.91 9.74 -12.38
CA THR D 138 40.24 10.30 -13.69
C THR D 138 38.98 10.45 -14.58
N TYR D 139 38.73 11.65 -15.06
CA TYR D 139 37.57 11.89 -15.94
C TYR D 139 37.98 12.05 -17.39
N MET D 140 37.17 11.53 -18.29
CA MET D 140 37.46 11.71 -19.71
C MET D 140 36.20 11.58 -20.56
N THR D 141 36.28 12.05 -21.80
CA THR D 141 35.15 11.95 -22.70
C THR D 141 34.93 10.47 -23.00
N HIS D 142 33.73 10.14 -23.47
CA HIS D 142 33.42 8.75 -23.83
C HIS D 142 34.34 8.35 -24.98
N GLU D 143 34.61 9.32 -25.85
CA GLU D 143 35.54 9.17 -26.96
C GLU D 143 36.93 8.83 -26.42
N ALA D 144 37.40 9.51 -25.42
CA ALA D 144 38.68 9.13 -24.91
C ALA D 144 38.60 7.75 -24.31
N GLU D 145 37.46 7.43 -23.73
CA GLU D 145 37.15 6.13 -23.13
C GLU D 145 37.30 5.04 -24.22
N ASP D 146 36.58 5.24 -25.34
CA ASP D 146 36.65 4.31 -26.46
C ASP D 146 38.09 4.07 -26.95
N GLU D 147 38.87 5.14 -27.03
CA GLU D 147 40.24 5.09 -27.55
C GLU D 147 41.17 4.30 -26.61
N LEU D 148 40.94 4.46 -25.31
CA LEU D 148 41.69 3.73 -24.30
C LEU D 148 41.49 2.20 -24.41
N LEU D 149 40.26 1.78 -24.52
CA LEU D 149 39.90 0.41 -24.67
C LEU D 149 40.27 -0.20 -26.00
N ARG D 150 40.10 0.52 -27.09
CA ARG D 150 40.49 0.10 -28.44
C ARG D 150 41.97 -0.27 -28.39
N SER D 151 42.76 0.65 -27.87
CA SER D 151 44.20 0.52 -27.80
C SER D 151 44.62 -0.67 -26.93
N ALA D 152 44.05 -0.75 -25.73
CA ALA D 152 44.37 -1.84 -24.80
C ALA D 152 44.00 -3.20 -25.37
N LEU D 153 42.81 -3.27 -25.97
CA LEU D 153 42.32 -4.51 -26.55
C LEU D 153 43.05 -4.92 -27.84
N HIS D 154 43.53 -3.94 -28.59
CA HIS D 154 44.35 -4.23 -29.77
C HIS D 154 45.59 -4.99 -29.30
N LYS D 155 46.30 -4.43 -28.33
CA LYS D 155 47.51 -5.06 -27.79
C LYS D 155 47.20 -6.42 -27.17
N PHE D 156 46.11 -6.52 -26.41
CA PHE D 156 45.67 -7.79 -25.81
C PHE D 156 45.35 -8.90 -26.83
N THR D 157 44.59 -8.58 -27.86
CA THR D 157 44.13 -9.60 -28.80
C THR D 157 45.06 -9.88 -29.97
N ASN D 158 46.04 -9.00 -30.19
CA ASN D 158 46.85 -9.09 -31.39
C ASN D 158 47.93 -10.18 -31.31
N VAL D 159 47.51 -11.43 -31.16
CA VAL D 159 48.42 -12.56 -30.99
C VAL D 159 49.03 -13.06 -32.31
N ASP D 160 48.43 -12.62 -33.42
CA ASP D 160 48.72 -13.21 -34.72
C ASP D 160 48.93 -12.14 -35.78
N GLY D 161 49.05 -10.88 -35.38
CA GLY D 161 49.18 -9.80 -36.35
C GLY D 161 47.85 -9.22 -36.84
N THR D 162 46.74 -9.96 -36.69
CA THR D 162 45.41 -9.52 -37.15
C THR D 162 44.29 -9.61 -36.09
N ASN D 163 44.64 -9.43 -34.83
CA ASN D 163 43.68 -9.44 -33.74
C ASN D 163 42.79 -10.69 -33.67
N GLY D 164 43.36 -11.85 -34.05
CA GLY D 164 42.68 -13.12 -33.90
C GLY D 164 42.04 -13.67 -35.16
N ARG D 165 42.10 -12.91 -36.26
CA ARG D 165 41.53 -13.38 -37.55
C ARG D 165 42.30 -14.51 -38.21
N THR D 166 43.55 -14.70 -37.81
CA THR D 166 44.39 -15.74 -38.40
C THR D 166 44.24 -17.04 -37.64
N VAL D 167 44.25 -16.97 -36.30
CA VAL D 167 44.15 -18.19 -35.50
C VAL D 167 42.71 -18.63 -35.26
N LEU D 168 41.79 -17.67 -35.36
CA LEU D 168 40.35 -17.94 -35.18
C LEU D 168 39.48 -17.30 -36.26
N PRO D 169 39.71 -17.70 -37.53
CA PRO D 169 38.89 -17.20 -38.63
C PRO D 169 37.46 -17.70 -38.53
N PHE D 170 37.29 -18.96 -38.09
CA PHE D 170 35.98 -19.60 -37.98
C PHE D 170 35.66 -19.94 -36.52
N PRO D 171 35.10 -18.98 -35.76
CA PRO D 171 34.95 -19.24 -34.32
C PRO D 171 34.07 -20.44 -33.97
N HIS D 172 33.15 -20.84 -34.86
CA HIS D 172 32.32 -22.03 -34.65
C HIS D 172 33.12 -23.35 -34.70
N ASP D 173 34.30 -23.30 -35.31
CA ASP D 173 35.20 -24.45 -35.32
C ASP D 173 36.59 -24.07 -34.80
N MET D 174 36.76 -24.15 -33.49
CA MET D 174 38.00 -23.70 -32.82
C MET D 174 39.27 -24.37 -33.29
N PHE D 175 39.16 -25.60 -33.80
CA PHE D 175 40.33 -26.38 -34.27
C PHE D 175 40.67 -26.19 -35.76
N TYR D 176 39.97 -25.28 -36.45
CA TYR D 176 40.26 -25.02 -37.88
C TYR D 176 41.73 -24.68 -38.10
N VAL D 177 42.25 -23.83 -37.21
CA VAL D 177 43.69 -23.54 -37.17
C VAL D 177 44.23 -24.17 -35.88
N PRO D 178 45.13 -25.12 -36.01
CA PRO D 178 45.64 -25.85 -34.87
C PRO D 178 46.30 -24.96 -33.85
N GLU D 179 46.82 -23.84 -34.26
CA GLU D 179 47.54 -22.97 -33.38
C GLU D 179 46.66 -22.29 -32.34
N PHE D 180 45.35 -22.38 -32.49
CA PHE D 180 44.45 -21.73 -31.52
C PHE D 180 44.43 -22.37 -30.11
N ARG D 181 44.54 -23.70 -30.06
CA ARG D 181 44.52 -24.45 -28.80
C ARG D 181 45.43 -23.88 -27.70
N LYS D 182 46.63 -23.45 -28.09
CA LYS D 182 47.54 -22.81 -27.15
C LYS D 182 46.89 -21.64 -26.43
N TYR D 183 46.13 -20.82 -27.16
CA TYR D 183 45.49 -19.64 -26.56
C TYR D 183 44.30 -20.01 -25.68
N ASP D 184 43.53 -21.02 -26.09
CA ASP D 184 42.50 -21.53 -25.19
C ASP D 184 43.14 -22.00 -23.87
N GLU D 185 44.36 -22.54 -23.96
CA GLU D 185 45.08 -23.04 -22.77
C GLU D 185 45.83 -21.96 -22.00
N MET D 186 45.79 -20.74 -22.48
CA MET D 186 46.43 -19.61 -21.79
C MET D 186 45.42 -18.89 -20.88
N SER D 187 45.89 -18.31 -19.78
CA SER D 187 45.03 -17.49 -18.94
C SER D 187 45.20 -16.01 -19.25
N TYR D 188 44.21 -15.20 -18.86
CA TYR D 188 44.28 -13.74 -18.90
C TYR D 188 45.61 -13.27 -18.36
N SER D 189 45.88 -13.72 -17.15
CA SER D 189 47.13 -13.49 -16.43
C SER D 189 48.38 -13.65 -17.29
N GLU D 190 48.51 -14.78 -17.99
CA GLU D 190 49.73 -15.07 -18.77
C GLU D 190 49.86 -14.20 -20.01
N ARG D 191 48.74 -13.84 -20.63
CA ARG D 191 48.79 -12.98 -21.81
C ARG D 191 49.31 -11.60 -21.41
N ILE D 192 48.60 -11.01 -20.45
CA ILE D 192 48.96 -9.74 -19.85
C ILE D 192 50.42 -9.68 -19.46
N ASP D 193 50.89 -10.71 -18.84
CA ASP D 193 52.35 -10.74 -18.58
C ASP D 193 53.17 -10.56 -19.87
N GLN D 194 52.64 -11.03 -21.00
CA GLN D 194 53.34 -10.87 -22.28
C GLN D 194 53.34 -9.46 -22.85
N ILE D 195 52.39 -8.60 -22.49
CA ILE D 195 52.17 -7.31 -23.16
C ILE D 195 52.18 -6.14 -22.25
N ARG D 196 52.27 -6.50 -21.05
CA ARG D 196 52.43 -5.65 -19.88
C ARG D 196 53.31 -4.40 -19.98
N ASP D 197 54.43 -4.41 -20.28
CA ASP D 197 55.40 -3.30 -20.35
C ASP D 197 54.94 -2.28 -21.40
N GLU D 198 54.00 -2.72 -22.23
CA GLU D 198 53.44 -1.93 -23.29
C GLU D 198 52.14 -1.28 -22.90
N LEU D 199 51.67 -1.51 -21.67
CA LEU D 199 50.40 -0.90 -21.21
C LEU D 199 50.62 0.12 -20.10
N SER D 200 49.99 1.29 -20.23
CA SER D 200 49.88 2.27 -19.14
C SER D 200 48.93 1.79 -18.03
N LEU D 201 48.99 2.42 -16.85
CA LEU D 201 48.06 2.06 -15.75
C LEU D 201 46.61 2.16 -16.21
N ASN D 202 46.20 3.25 -16.86
CA ASN D 202 44.79 3.57 -17.15
C ASN D 202 44.15 2.60 -18.10
N GLU D 203 45.05 2.14 -18.78
CA GLU D 203 45.00 1.34 -20.00
C GLU D 203 45.04 -0.13 -19.66
N ARG D 204 45.83 -0.75 -18.80
CA ARG D 204 45.81 -2.09 -18.19
C ARG D 204 44.62 -2.23 -17.21
N SER D 205 44.32 -1.15 -16.49
CA SER D 205 43.14 -1.08 -15.62
C SER D 205 41.82 -1.23 -16.38
N SER D 206 41.64 -0.49 -17.46
CA SER D 206 40.48 -0.63 -18.32
C SER D 206 40.44 -2.02 -18.93
N LEU D 207 41.59 -2.50 -19.37
CA LEU D 207 41.64 -3.78 -20.02
C LEU D 207 41.22 -4.89 -19.06
N GLU D 208 41.78 -4.89 -17.86
CA GLU D 208 41.54 -5.96 -16.91
C GLU D 208 40.07 -5.93 -16.47
N ALA D 209 39.58 -4.74 -16.13
CA ALA D 209 38.17 -4.58 -15.79
C ALA D 209 37.27 -5.07 -16.93
N PHE D 210 37.63 -4.77 -18.18
CA PHE D 210 36.77 -5.17 -19.28
C PHE D 210 36.79 -6.67 -19.46
N ILE D 211 37.97 -7.26 -19.56
CA ILE D 211 38.02 -8.71 -19.75
C ILE D 211 37.44 -9.54 -18.57
N LEU D 212 37.57 -9.03 -17.34
CA LEU D 212 37.04 -9.75 -16.16
C LEU D 212 35.52 -9.61 -16.08
N LEU D 213 35.02 -8.47 -16.54
CA LEU D 213 33.58 -8.30 -16.71
C LEU D 213 33.04 -9.42 -17.62
N CYS D 214 33.77 -9.77 -18.69
CA CYS D 214 33.31 -10.81 -19.61
C CYS D 214 33.48 -12.21 -19.02
N SER D 215 34.58 -12.44 -18.30
CA SER D 215 34.79 -13.75 -17.71
C SER D 215 33.98 -13.98 -16.41
N GLY D 216 33.77 -12.93 -15.62
CA GLY D 216 33.23 -13.05 -14.23
C GLY D 216 34.18 -13.75 -13.25
N GLY D 217 35.40 -14.06 -13.71
CA GLY D 217 36.33 -14.95 -13.00
C GLY D 217 37.47 -14.20 -12.40
N THR D 218 38.66 -14.81 -12.39
CA THR D 218 39.86 -14.10 -11.97
C THR D 218 40.84 -14.04 -13.14
N LEU D 219 41.89 -13.24 -13.04
CA LEU D 219 42.90 -13.19 -14.08
C LEU D 219 43.61 -14.51 -14.27
N GLU D 220 43.74 -15.23 -13.19
CA GLU D 220 44.38 -16.48 -13.25
C GLU D 220 43.50 -17.69 -13.63
N ASN D 221 42.20 -17.61 -13.48
CA ASN D 221 41.33 -18.72 -13.87
C ASN D 221 40.57 -18.57 -15.17
N SER D 222 40.80 -17.46 -15.84
CA SER D 222 40.06 -17.16 -17.06
C SER D 222 40.86 -17.41 -18.33
N SER D 223 40.24 -18.18 -19.22
CA SER D 223 40.79 -18.53 -20.52
C SER D 223 40.85 -17.34 -21.48
N PHE D 224 42.08 -16.91 -21.77
CA PHE D 224 42.36 -15.96 -22.85
C PHE D 224 41.65 -16.33 -24.16
N GLY D 225 41.78 -17.58 -24.58
CA GLY D 225 41.19 -18.01 -25.85
C GLY D 225 39.68 -17.81 -25.87
N GLU D 226 39.04 -18.09 -24.72
CA GLU D 226 37.61 -17.94 -24.60
C GLU D 226 37.25 -16.45 -24.82
N PHE D 227 38.05 -15.53 -24.28
CA PHE D 227 37.86 -14.13 -24.64
C PHE D 227 38.00 -13.91 -26.14
N LEU D 228 39.07 -14.46 -26.74
CA LEU D 228 39.26 -14.33 -28.19
C LEU D 228 38.04 -14.82 -28.95
N HIS D 229 37.40 -15.87 -28.43
CA HIS D 229 36.20 -16.41 -29.02
C HIS D 229 35.01 -15.41 -28.99
N TRP D 230 34.85 -14.67 -27.88
CA TRP D 230 33.86 -13.59 -27.81
C TRP D 230 34.22 -12.47 -28.80
N TRP D 231 35.48 -12.09 -28.78
CA TRP D 231 36.04 -11.07 -29.65
C TRP D 231 35.73 -11.41 -31.10
N ALA D 232 36.11 -12.62 -31.51
CA ALA D 232 35.90 -13.11 -32.86
C ALA D 232 34.42 -13.09 -33.27
N MET D 233 33.55 -13.71 -32.47
CA MET D 233 32.10 -13.68 -32.70
C MET D 233 31.53 -12.24 -32.92
N SER D 234 32.07 -11.27 -32.19
CA SER D 234 31.58 -9.90 -32.29
C SER D 234 32.21 -9.09 -33.43
N GLY D 235 33.04 -9.72 -34.25
CA GLY D 235 33.68 -8.99 -35.35
C GLY D 235 35.13 -8.55 -35.12
N TYR D 236 35.74 -9.03 -34.04
CA TYR D 236 37.18 -8.81 -33.81
C TYR D 236 37.52 -7.34 -33.62
N THR D 237 36.58 -6.54 -33.11
CA THR D 237 36.84 -5.15 -32.76
C THR D 237 36.18 -4.83 -31.40
N TYR D 238 36.75 -3.83 -30.71
CA TYR D 238 36.13 -3.23 -29.53
C TYR D 238 34.70 -2.75 -29.76
N GLN D 239 34.50 -1.95 -30.79
CA GLN D 239 33.15 -1.43 -31.06
C GLN D 239 32.18 -2.56 -31.29
N GLY D 240 32.62 -3.57 -32.05
CA GLY D 240 31.84 -4.79 -32.31
C GLY D 240 31.44 -5.50 -31.02
N CYS D 241 32.35 -5.56 -30.04
CA CYS D 241 32.01 -6.12 -28.72
C CYS D 241 30.94 -5.29 -28.02
N MET D 242 31.10 -3.97 -28.01
CA MET D 242 30.10 -3.08 -27.40
C MET D 242 28.71 -3.20 -28.03
N ASP D 243 28.65 -3.29 -29.37
CA ASP D 243 27.39 -3.46 -30.09
C ASP D 243 26.70 -4.75 -29.66
N CYS D 244 27.49 -5.81 -29.54
CA CYS D 244 26.96 -7.13 -29.28
C CYS D 244 26.71 -7.42 -27.81
N LEU D 245 27.51 -6.93 -26.90
CA LEU D 245 27.65 -7.51 -25.58
C LEU D 245 26.81 -6.80 -24.64
N MET D 246 26.55 -5.53 -25.03
CA MET D 246 26.01 -4.39 -24.20
C MET D 246 25.27 -3.07 -24.70
N SER D 247 24.67 -3.02 -25.86
CA SER D 247 24.02 -1.85 -26.48
C SER D 247 22.51 -1.93 -26.46
N TYR D 248 21.96 -3.12 -26.70
CA TYR D 248 20.50 -3.18 -26.91
C TYR D 248 19.75 -4.19 -26.04
N LYS D 249 18.64 -3.73 -25.47
CA LYS D 249 17.83 -4.54 -24.56
C LYS D 249 16.33 -4.34 -24.87
N PHE D 250 15.50 -5.26 -24.40
CA PHE D 250 14.04 -5.16 -24.62
C PHE D 250 13.38 -4.02 -23.86
N LYS D 251 12.51 -3.29 -24.50
CA LYS D 251 11.70 -2.34 -23.81
C LYS D 251 10.90 -2.92 -22.70
N ASP D 252 10.43 -4.13 -22.85
CA ASP D 252 9.53 -4.74 -21.93
C ASP D 252 10.15 -5.75 -21.06
N GLY D 253 11.44 -5.91 -21.19
CA GLY D 253 12.19 -6.88 -20.41
C GLY D 253 12.22 -8.25 -21.02
N GLN D 254 13.30 -8.97 -20.74
CA GLN D 254 13.50 -10.31 -21.24
C GLN D 254 12.33 -11.24 -20.97
N SER D 255 11.65 -11.07 -19.83
CA SER D 255 10.55 -11.94 -19.46
C SER D 255 9.39 -11.92 -20.47
N ALA D 256 9.17 -10.77 -21.12
CA ALA D 256 8.15 -10.65 -22.16
C ALA D 256 8.59 -11.45 -23.39
N PHE D 257 9.89 -11.49 -23.62
CA PHE D 257 10.45 -12.30 -24.68
C PHE D 257 10.27 -13.78 -24.35
N ALA D 258 10.72 -14.22 -23.17
CA ALA D 258 10.53 -15.62 -22.76
C ALA D 258 9.05 -16.02 -22.86
N ARG D 259 8.17 -15.09 -22.49
CA ARG D 259 6.74 -15.32 -22.55
C ARG D 259 6.24 -15.76 -23.92
N ARG D 260 6.93 -15.31 -24.97
CA ARG D 260 6.52 -15.60 -26.35
C ARG D 260 6.74 -17.05 -26.73
N PHE D 261 7.86 -17.60 -26.27
CA PHE D 261 8.13 -19.02 -26.50
C PHE D 261 7.10 -19.83 -25.73
N TRP D 262 6.73 -19.33 -24.55
CA TRP D 262 5.83 -20.05 -23.68
C TRP D 262 4.42 -20.09 -24.28
N GLU D 263 3.94 -18.93 -24.75
CA GLU D 263 2.59 -18.88 -25.34
C GLU D 263 2.46 -19.72 -26.61
N GLU D 264 3.48 -19.71 -27.45
CA GLU D 264 3.45 -20.53 -28.66
C GLU D 264 3.38 -22.04 -28.33
N ALA D 265 4.28 -22.54 -27.50
CA ALA D 265 4.24 -23.95 -27.06
C ALA D 265 2.91 -24.36 -26.43
N ALA D 266 2.40 -23.54 -25.51
CA ALA D 266 1.13 -23.81 -24.83
C ALA D 266 -0.03 -23.84 -25.83
N GLY D 267 0.01 -22.91 -26.79
CA GLY D 267 -0.99 -22.77 -27.83
C GLY D 267 -1.15 -23.98 -28.73
N THR D 268 -0.16 -24.86 -28.76
CA THR D 268 -0.26 -26.10 -29.53
C THR D 268 -1.14 -27.12 -28.85
N GLY D 269 -1.44 -26.92 -27.57
CA GLY D 269 -2.18 -27.90 -26.78
C GLY D 269 -1.45 -29.22 -26.57
N ARG D 270 -0.14 -29.24 -26.88
CA ARG D 270 0.68 -30.46 -26.73
C ARG D 270 1.67 -30.32 -25.57
N LEU D 271 1.45 -29.29 -24.75
CA LEU D 271 2.38 -28.96 -23.68
C LEU D 271 1.90 -29.35 -22.29
N GLY D 272 2.67 -30.18 -21.60
CA GLY D 272 2.52 -30.37 -20.17
C GLY D 272 3.63 -29.64 -19.41
N TYR D 273 3.33 -29.14 -18.21
CA TYR D 273 4.36 -28.46 -17.41
C TYR D 273 4.24 -28.62 -15.89
N VAL D 274 5.39 -28.67 -15.22
CA VAL D 274 5.44 -28.63 -13.77
C VAL D 274 6.52 -27.67 -13.31
N PHE D 275 6.13 -26.60 -12.63
CA PHE D 275 7.07 -25.72 -11.95
C PHE D 275 7.26 -26.13 -10.50
N GLY D 276 8.27 -25.56 -9.83
CA GLY D 276 8.63 -25.97 -8.48
C GLY D 276 8.99 -27.44 -8.40
N CYS D 277 9.56 -27.97 -9.48
CA CYS D 277 9.82 -29.39 -9.58
C CYS D 277 11.31 -29.64 -9.82
N PRO D 278 12.17 -29.46 -8.78
CA PRO D 278 13.59 -29.79 -8.97
C PRO D 278 13.82 -31.28 -9.19
N VAL D 279 14.55 -31.58 -10.25
CA VAL D 279 14.89 -32.95 -10.63
C VAL D 279 16.13 -33.39 -9.89
N ARG D 280 16.14 -34.63 -9.43
CA ARG D 280 17.30 -35.19 -8.74
C ARG D 280 17.99 -36.33 -9.49
N SER D 281 17.28 -36.97 -10.43
CA SER D 281 17.85 -38.12 -11.16
C SER D 281 17.21 -38.40 -12.53
N VAL D 282 17.99 -39.01 -13.41
CA VAL D 282 17.57 -39.40 -14.76
C VAL D 282 18.14 -40.79 -15.08
N VAL D 283 17.28 -41.77 -15.32
CA VAL D 283 17.74 -43.13 -15.63
C VAL D 283 17.37 -43.54 -17.05
N ASN D 284 18.37 -43.98 -17.82
CA ASN D 284 18.10 -44.58 -19.12
C ASN D 284 17.54 -46.01 -18.95
N GLU D 285 16.29 -46.22 -19.37
CA GLU D 285 15.69 -47.56 -19.36
C GLU D 285 15.61 -48.12 -20.80
N ARG D 286 14.92 -49.25 -20.98
CA ARG D 286 14.74 -49.86 -22.32
C ARG D 286 13.75 -49.02 -23.15
N ASP D 287 14.29 -48.35 -24.17
CA ASP D 287 13.53 -47.40 -24.99
C ASP D 287 13.18 -46.06 -24.31
N ALA D 288 12.50 -46.14 -23.16
CA ALA D 288 12.00 -44.95 -22.46
C ALA D 288 13.04 -44.45 -21.44
N ALA D 289 12.87 -43.21 -20.96
CA ALA D 289 13.76 -42.67 -19.93
C ALA D 289 12.97 -42.08 -18.76
N ARG D 290 13.46 -42.31 -17.55
CA ARG D 290 12.76 -41.92 -16.34
C ARG D 290 13.38 -40.69 -15.71
N VAL D 291 12.52 -39.87 -15.11
CA VAL D 291 12.95 -38.64 -14.44
C VAL D 291 12.25 -38.52 -13.08
N THR D 292 13.04 -38.32 -12.03
CA THR D 292 12.53 -38.31 -10.66
C THR D 292 12.87 -37.00 -9.99
N ALA D 293 11.86 -36.39 -9.38
CA ALA D 293 11.99 -35.13 -8.66
C ALA D 293 12.58 -35.36 -7.28
N ARG D 294 13.08 -34.29 -6.67
CA ARG D 294 13.55 -34.35 -5.28
C ARG D 294 12.49 -34.91 -4.32
N ASP D 295 11.22 -34.59 -4.59
CA ASP D 295 10.12 -34.99 -3.72
C ASP D 295 9.55 -36.37 -4.06
N GLY D 296 9.95 -36.96 -5.18
CA GLY D 296 9.62 -38.35 -5.45
C GLY D 296 9.04 -38.92 -6.74
N ARG D 297 8.35 -38.07 -7.43
CA ARG D 297 7.52 -38.15 -8.64
C ARG D 297 8.38 -38.57 -9.82
N GLU D 298 7.77 -39.45 -10.55
CA GLU D 298 8.41 -40.03 -11.62
C GLU D 298 7.62 -39.60 -12.78
N PHE D 299 8.40 -39.39 -13.78
CA PHE D 299 7.98 -38.98 -15.12
C PHE D 299 8.76 -39.80 -16.14
N VAL D 300 8.10 -40.20 -17.20
CA VAL D 300 8.68 -41.05 -18.19
C VAL D 300 8.44 -40.50 -19.59
N ALA D 301 9.42 -40.69 -20.45
CA ALA D 301 9.32 -40.27 -21.85
C ALA D 301 10.36 -41.01 -22.69
N LYS D 302 10.08 -41.16 -23.98
CA LYS D 302 10.97 -41.87 -24.89
C LYS D 302 12.29 -41.14 -25.08
N ARG D 303 12.32 -39.85 -24.74
CA ARG D 303 13.45 -38.98 -24.92
C ARG D 303 13.45 -37.86 -23.91
N VAL D 304 14.63 -37.45 -23.45
CA VAL D 304 14.78 -36.39 -22.46
C VAL D 304 15.79 -35.37 -22.93
N VAL D 305 15.40 -34.10 -22.94
CA VAL D 305 16.33 -33.00 -23.20
C VAL D 305 16.70 -32.36 -21.87
N CYS D 306 17.93 -32.57 -21.44
CA CYS D 306 18.36 -32.02 -20.15
C CYS D 306 19.13 -30.72 -20.31
N THR D 307 18.58 -29.63 -19.78
CA THR D 307 19.18 -28.29 -19.91
C THR D 307 19.76 -27.68 -18.62
N ILE D 308 20.01 -28.52 -17.62
CA ILE D 308 20.57 -28.08 -16.36
C ILE D 308 21.97 -27.48 -16.63
N PRO D 309 22.28 -26.30 -16.03
CA PRO D 309 23.55 -25.63 -16.29
C PRO D 309 24.72 -26.51 -15.91
N LEU D 310 25.86 -26.37 -16.59
CA LEU D 310 27.11 -27.09 -16.24
C LEU D 310 27.41 -27.14 -14.72
N ASN D 311 27.38 -25.99 -14.06
CA ASN D 311 27.74 -25.86 -12.65
C ASN D 311 26.75 -26.51 -11.68
N VAL D 312 25.57 -26.87 -12.18
CA VAL D 312 24.57 -27.56 -11.37
C VAL D 312 24.54 -29.08 -11.65
N LEU D 313 25.16 -29.52 -12.75
CA LEU D 313 24.99 -30.90 -13.20
C LEU D 313 25.43 -31.96 -12.19
N SER D 314 26.52 -31.70 -11.48
CA SER D 314 27.03 -32.68 -10.52
C SER D 314 26.03 -33.03 -9.41
N THR D 315 24.94 -32.28 -9.29
CA THR D 315 23.93 -32.53 -8.26
C THR D 315 22.94 -33.63 -8.65
N ILE D 316 23.04 -34.08 -9.90
CA ILE D 316 22.07 -35.02 -10.47
C ILE D 316 22.75 -36.39 -10.64
N GLN D 317 22.01 -37.44 -10.39
CA GLN D 317 22.52 -38.74 -10.68
C GLN D 317 22.03 -39.18 -11.99
N PHE D 318 22.89 -39.83 -12.72
CA PHE D 318 22.53 -40.36 -14.01
C PHE D 318 22.90 -41.83 -14.10
N SER D 319 22.03 -42.60 -14.76
CA SER D 319 22.32 -43.98 -15.12
C SER D 319 22.01 -44.12 -16.61
N PRO D 320 23.00 -44.53 -17.42
CA PRO D 320 24.34 -44.92 -16.98
C PRO D 320 25.21 -43.69 -16.63
N ALA D 321 26.37 -43.91 -16.02
CA ALA D 321 27.33 -42.83 -15.70
C ALA D 321 27.69 -41.94 -16.91
N LEU D 322 28.05 -40.69 -16.62
CA LEU D 322 28.47 -39.75 -17.65
C LEU D 322 29.92 -40.02 -18.10
N SER D 323 30.31 -39.45 -19.23
CA SER D 323 31.67 -39.55 -19.74
C SER D 323 32.69 -38.88 -18.83
N THR D 324 33.96 -39.20 -19.06
CA THR D 324 35.10 -38.67 -18.30
C THR D 324 35.20 -37.16 -18.46
N GLU D 325 34.93 -36.70 -19.66
CA GLU D 325 34.98 -35.29 -20.00
C GLU D 325 33.87 -34.48 -19.36
N ARG D 326 32.65 -34.97 -19.41
CA ARG D 326 31.54 -34.34 -18.67
C ARG D 326 31.88 -34.19 -17.18
N ILE D 327 32.43 -35.26 -16.58
CA ILE D 327 32.78 -35.22 -15.17
C ILE D 327 33.88 -34.19 -14.84
N SER D 328 34.90 -34.09 -15.69
CA SER D 328 35.98 -33.11 -15.45
C SER D 328 35.47 -31.67 -15.46
N ALA D 329 34.71 -31.33 -16.51
CA ALA D 329 34.13 -29.99 -16.67
C ALA D 329 33.19 -29.67 -15.52
N MET D 330 32.39 -30.67 -15.17
CA MET D 330 31.44 -30.62 -14.07
C MET D 330 32.12 -30.34 -12.72
N GLN D 331 33.15 -31.12 -12.39
CA GLN D 331 33.78 -31.00 -11.08
C GLN D 331 34.62 -29.74 -11.00
N ALA D 332 35.34 -29.43 -12.09
CA ALA D 332 36.12 -28.17 -12.16
C ALA D 332 35.20 -26.94 -12.06
N GLY D 333 34.14 -26.92 -12.88
CA GLY D 333 33.21 -25.79 -12.93
C GLY D 333 33.71 -24.60 -13.76
N HIS D 334 32.80 -23.87 -14.39
CA HIS D 334 33.10 -22.64 -15.05
C HIS D 334 33.28 -21.52 -14.05
N VAL D 335 33.96 -20.43 -14.40
CA VAL D 335 34.52 -19.47 -13.45
C VAL D 335 33.75 -18.15 -13.26
N SER D 336 32.62 -18.02 -13.93
CA SER D 336 31.89 -16.77 -13.85
C SER D 336 31.09 -16.68 -12.54
N MET D 337 31.46 -15.72 -11.71
CA MET D 337 30.86 -15.56 -10.40
C MET D 337 30.39 -14.13 -10.32
N CYS D 338 29.80 -13.68 -11.43
CA CYS D 338 29.46 -12.29 -11.60
C CYS D 338 28.32 -11.89 -10.68
N THR D 339 28.56 -10.83 -9.92
CA THR D 339 27.54 -10.09 -9.21
C THR D 339 27.03 -8.96 -10.11
N LYS D 340 25.71 -8.87 -10.27
CA LYS D 340 25.07 -7.82 -11.07
C LYS D 340 24.06 -7.13 -10.21
N VAL D 341 24.19 -5.82 -10.07
CA VAL D 341 23.39 -5.07 -9.11
C VAL D 341 22.84 -3.81 -9.78
N HIS D 342 21.51 -3.66 -9.73
CA HIS D 342 20.87 -2.47 -10.26
C HIS D 342 20.65 -1.47 -9.17
N ALA D 343 20.90 -0.20 -9.48
CA ALA D 343 20.74 0.88 -8.54
C ALA D 343 19.94 2.01 -9.17
N GLU D 344 18.79 2.34 -8.59
CA GLU D 344 18.06 3.54 -8.96
C GLU D 344 18.57 4.70 -8.13
N VAL D 345 19.21 5.68 -8.77
CA VAL D 345 19.91 6.70 -8.00
C VAL D 345 19.26 8.08 -8.16
N ASP D 346 19.66 9.05 -7.32
CA ASP D 346 19.07 10.41 -7.34
C ASP D 346 19.81 11.44 -8.17
N ASN D 347 20.91 11.05 -8.83
CA ASN D 347 21.60 11.96 -9.75
C ASN D 347 21.08 11.83 -11.19
N LYS D 348 20.40 12.87 -11.68
CA LYS D 348 19.76 12.83 -13.01
C LYS D 348 20.79 12.88 -14.15
N ASP D 349 21.92 13.51 -13.86
CA ASP D 349 22.94 13.76 -14.85
C ASP D 349 23.78 12.52 -15.15
N MET D 350 23.52 11.44 -14.42
CA MET D 350 24.35 10.27 -14.53
C MET D 350 23.84 9.30 -15.54
N ARG D 351 22.80 9.72 -16.28
CA ARG D 351 22.27 8.94 -17.37
C ARG D 351 23.39 8.66 -18.35
N SER D 352 24.29 9.64 -18.51
CA SER D 352 25.36 9.58 -19.50
C SER D 352 26.72 9.21 -18.88
N TRP D 353 26.70 8.65 -17.69
CA TRP D 353 27.91 8.32 -16.97
C TRP D 353 28.29 6.85 -17.19
N THR D 354 29.58 6.58 -17.26
CA THR D 354 30.09 5.22 -17.14
C THR D 354 31.27 5.29 -16.19
N GLY D 355 31.64 4.15 -15.62
CA GLY D 355 32.71 4.14 -14.63
C GLY D 355 33.38 2.80 -14.54
N ILE D 356 34.67 2.82 -14.22
CA ILE D 356 35.41 1.62 -13.91
C ILE D 356 36.20 1.89 -12.64
N ALA D 357 36.05 1.04 -11.62
CA ALA D 357 36.80 1.18 -10.38
C ALA D 357 37.51 -0.14 -10.10
N TYR D 358 38.84 -0.14 -10.21
CA TYR D 358 39.60 -1.39 -10.34
C TYR D 358 41.05 -1.20 -9.88
N PRO D 359 41.61 -2.17 -9.11
CA PRO D 359 41.01 -3.42 -8.62
C PRO D 359 40.46 -3.36 -7.19
N PHE D 360 40.37 -2.16 -6.62
CA PHE D 360 40.12 -2.03 -5.17
C PHE D 360 38.63 -2.21 -4.77
N ASN D 361 37.71 -2.01 -5.72
CA ASN D 361 36.27 -2.05 -5.42
C ASN D 361 35.60 -3.38 -5.76
N LYS D 362 34.52 -3.72 -5.07
CA LYS D 362 33.88 -5.02 -5.27
C LYS D 362 32.84 -5.03 -6.42
N LEU D 363 32.49 -3.84 -6.89
CA LEU D 363 31.89 -3.69 -8.20
C LEU D 363 32.87 -2.88 -9.02
N CYS D 364 33.21 -3.40 -10.20
CA CYS D 364 34.31 -2.82 -10.95
C CYS D 364 33.93 -2.12 -12.24
N TYR D 365 32.66 -2.25 -12.64
CA TYR D 365 32.20 -1.77 -13.94
C TYR D 365 30.72 -1.40 -13.87
N ALA D 366 30.37 -0.20 -14.36
CA ALA D 366 29.01 0.28 -14.25
C ALA D 366 28.67 1.33 -15.31
N ILE D 367 27.40 1.36 -15.71
CA ILE D 367 26.93 2.28 -16.73
C ILE D 367 25.55 2.80 -16.35
N GLY D 368 25.28 4.08 -16.66
CA GLY D 368 23.91 4.58 -16.75
C GLY D 368 23.15 3.82 -17.84
N ASP D 369 22.02 3.23 -17.45
CA ASP D 369 21.36 2.26 -18.32
C ASP D 369 19.93 2.65 -18.67
N GLY D 370 19.42 3.70 -18.04
CA GLY D 370 18.07 4.16 -18.28
C GLY D 370 17.56 5.21 -17.30
N THR D 371 16.31 5.58 -17.46
CA THR D 371 15.60 6.41 -16.51
C THR D 371 14.28 5.72 -16.21
N THR D 372 13.95 5.59 -14.94
CA THR D 372 12.69 4.99 -14.53
C THR D 372 11.54 5.98 -14.78
N PRO D 373 10.30 5.46 -14.86
CA PRO D 373 9.13 6.35 -14.99
C PRO D 373 9.09 7.50 -13.94
N ALA D 374 9.55 7.23 -12.72
CA ALA D 374 9.62 8.26 -11.68
C ALA D 374 10.62 9.40 -11.98
N GLY D 375 11.47 9.21 -13.00
CA GLY D 375 12.42 10.27 -13.46
C GLY D 375 13.83 10.15 -12.89
N ASN D 376 14.16 8.99 -12.32
CA ASN D 376 15.48 8.74 -11.73
C ASN D 376 16.39 7.93 -12.65
N THR D 377 17.67 8.21 -12.62
CA THR D 377 18.65 7.38 -13.29
C THR D 377 18.78 5.97 -12.77
N HIS D 378 18.86 5.05 -13.71
CA HIS D 378 19.15 3.65 -13.38
C HIS D 378 20.59 3.33 -13.72
N LEU D 379 21.37 2.90 -12.73
CA LEU D 379 22.73 2.41 -13.00
C LEU D 379 22.73 0.89 -12.97
N VAL D 380 23.53 0.27 -13.83
CA VAL D 380 23.77 -1.16 -13.73
C VAL D 380 25.25 -1.37 -13.43
N CYS D 381 25.53 -2.20 -12.42
CA CYS D 381 26.89 -2.43 -11.94
C CYS D 381 27.27 -3.88 -11.93
N PHE D 382 28.55 -4.14 -12.19
CA PHE D 382 29.06 -5.49 -12.22
C PHE D 382 30.31 -5.66 -11.36
N GLY D 383 30.35 -6.80 -10.70
CA GLY D 383 31.56 -7.25 -10.02
C GLY D 383 31.86 -8.68 -10.46
N THR D 384 33.07 -9.13 -10.17
CA THR D 384 33.58 -10.40 -10.65
C THR D 384 34.17 -11.15 -9.48
N ASP D 385 34.66 -12.37 -9.72
CA ASP D 385 35.36 -13.09 -8.69
C ASP D 385 36.70 -12.45 -8.28
N ALA D 386 37.24 -11.57 -9.11
CA ALA D 386 38.55 -10.92 -8.83
C ALA D 386 38.57 -10.20 -7.48
N ASN D 387 37.46 -9.52 -7.18
CA ASN D 387 37.22 -8.91 -5.89
C ASN D 387 35.74 -9.05 -5.55
N HIS D 388 35.38 -10.16 -4.93
CA HIS D 388 33.99 -10.59 -4.89
C HIS D 388 33.13 -10.10 -3.72
N ILE D 389 31.90 -9.81 -4.06
CA ILE D 389 30.87 -9.47 -3.13
C ILE D 389 29.65 -10.28 -3.43
N GLN D 390 28.90 -10.54 -2.40
CA GLN D 390 27.71 -11.30 -2.40
C GLN D 390 26.71 -10.28 -1.94
N PRO D 391 25.93 -9.73 -2.86
CA PRO D 391 25.24 -8.45 -2.70
C PRO D 391 24.13 -8.47 -1.65
N ASP D 392 23.72 -9.64 -1.23
CA ASP D 392 22.66 -9.86 -0.29
C ASP D 392 23.13 -9.95 1.15
N GLU D 393 24.39 -10.30 1.36
CA GLU D 393 24.93 -10.61 2.66
C GLU D 393 25.00 -9.42 3.60
N ASP D 394 25.38 -8.28 3.08
CA ASP D 394 25.55 -7.06 3.86
C ASP D 394 25.27 -5.84 3.02
N VAL D 395 24.06 -5.31 3.17
CA VAL D 395 23.61 -4.22 2.35
C VAL D 395 24.46 -2.98 2.56
N ARG D 396 25.01 -2.81 3.74
CA ARG D 396 25.96 -1.75 3.97
C ARG D 396 27.20 -1.85 3.09
N GLU D 397 27.72 -3.03 2.88
CA GLU D 397 28.85 -3.22 2.00
C GLU D 397 28.48 -3.07 0.52
N THR D 398 27.32 -3.59 0.14
CA THR D 398 26.85 -3.45 -1.23
C THR D 398 26.68 -1.98 -1.63
N LEU D 399 26.13 -1.17 -0.73
CA LEU D 399 25.97 0.26 -0.98
C LEU D 399 27.31 1.00 -1.03
N LYS D 400 28.24 0.63 -0.16
CA LYS D 400 29.58 1.24 -0.25
C LYS D 400 30.22 0.90 -1.62
N ALA D 401 30.12 -0.34 -2.08
CA ALA D 401 30.63 -0.71 -3.37
C ALA D 401 29.94 0.10 -4.50
N VAL D 402 28.63 0.29 -4.42
CA VAL D 402 27.96 1.10 -5.44
C VAL D 402 28.46 2.57 -5.40
N GLY D 403 28.47 3.15 -4.20
CA GLY D 403 28.93 4.52 -3.98
C GLY D 403 30.35 4.76 -4.44
N GLN D 404 31.22 3.77 -4.31
CA GLN D 404 32.63 3.92 -4.68
C GLN D 404 32.92 4.03 -6.16
N LEU D 405 31.94 3.68 -6.96
CA LEU D 405 32.00 3.90 -8.39
C LEU D 405 32.06 5.39 -8.73
N ALA D 406 31.38 6.23 -7.94
CA ALA D 406 31.42 7.66 -8.12
C ALA D 406 31.24 8.40 -6.79
N PRO D 407 32.24 8.35 -5.90
CA PRO D 407 32.05 8.85 -4.52
C PRO D 407 31.49 10.26 -4.43
N GLY D 408 30.54 10.46 -3.52
CA GLY D 408 29.96 11.76 -3.26
C GLY D 408 29.01 12.33 -4.31
N THR D 409 28.58 11.53 -5.29
CA THR D 409 27.82 12.11 -6.40
C THR D 409 26.34 11.78 -6.41
N PHE D 410 25.95 10.73 -5.69
CA PHE D 410 24.54 10.34 -5.70
C PHE D 410 24.10 9.66 -4.42
N GLY D 411 22.79 9.56 -4.23
CA GLY D 411 22.22 8.70 -3.20
C GLY D 411 21.48 7.57 -3.89
N VAL D 412 21.35 6.42 -3.22
CA VAL D 412 20.66 5.29 -3.80
C VAL D 412 19.24 5.21 -3.29
N LYS D 413 18.28 5.09 -4.20
CA LYS D 413 16.84 5.04 -3.87
C LYS D 413 16.34 3.61 -3.79
N ARG D 414 17.01 2.73 -4.53
CA ARG D 414 16.58 1.35 -4.64
C ARG D 414 17.70 0.49 -5.19
N LEU D 415 17.85 -0.72 -4.67
CA LEU D 415 18.73 -1.71 -5.26
C LEU D 415 17.87 -2.87 -5.74
N VAL D 416 18.25 -3.48 -6.86
CA VAL D 416 17.56 -4.69 -7.34
C VAL D 416 18.62 -5.63 -7.85
N PHE D 417 18.58 -6.90 -7.45
CA PHE D 417 19.54 -7.87 -7.92
C PHE D 417 19.04 -9.25 -7.59
N HIS D 418 19.68 -10.26 -8.18
CA HIS D 418 19.47 -11.66 -7.88
C HIS D 418 20.88 -12.22 -7.75
N ASN D 419 21.12 -13.05 -6.73
CA ASN D 419 22.44 -13.62 -6.53
C ASN D 419 22.58 -14.95 -7.27
N TRP D 420 23.35 -14.96 -8.37
CA TRP D 420 23.55 -16.17 -9.20
C TRP D 420 24.52 -17.16 -8.58
N VAL D 421 25.44 -16.68 -7.75
CA VAL D 421 26.48 -17.56 -7.19
C VAL D 421 25.88 -18.50 -6.14
N LYS D 422 25.07 -17.93 -5.27
CA LYS D 422 24.44 -18.65 -4.16
C LYS D 422 23.15 -19.37 -4.59
N ASP D 423 22.71 -19.12 -5.82
CA ASP D 423 21.51 -19.73 -6.42
C ASP D 423 21.74 -21.19 -6.77
N GLU D 424 21.02 -22.11 -6.13
CA GLU D 424 21.29 -23.55 -6.31
C GLU D 424 21.01 -24.07 -7.71
N PHE D 425 20.22 -23.34 -8.49
CA PHE D 425 19.89 -23.79 -9.85
C PHE D 425 20.71 -23.08 -10.95
N ALA D 426 21.67 -22.26 -10.52
CA ALA D 426 22.66 -21.65 -11.41
C ALA D 426 24.10 -21.89 -10.90
N LYS D 427 24.35 -21.65 -9.61
CA LYS D 427 25.69 -21.76 -8.99
C LYS D 427 26.78 -21.07 -9.83
N GLY D 428 26.61 -19.76 -10.08
CA GLY D 428 27.40 -19.06 -11.08
C GLY D 428 26.53 -18.36 -12.12
N ALA D 429 27.15 -17.49 -12.90
CA ALA D 429 26.42 -16.68 -13.88
C ALA D 429 26.72 -17.36 -15.25
N TRP D 430 26.60 -16.66 -16.37
CA TRP D 430 26.99 -17.22 -17.66
C TRP D 430 28.27 -18.05 -17.67
N PHE D 431 28.33 -19.02 -18.56
CA PHE D 431 29.50 -19.84 -18.74
C PHE D 431 30.72 -19.01 -19.16
N PHE D 432 31.80 -19.19 -18.43
CA PHE D 432 33.11 -18.81 -18.95
C PHE D 432 34.14 -19.80 -18.44
N SER D 433 35.04 -20.22 -19.34
CA SER D 433 35.88 -21.40 -19.10
C SER D 433 37.20 -21.09 -18.44
N ARG D 434 37.78 -22.12 -17.80
CA ARG D 434 39.17 -22.10 -17.33
C ARG D 434 40.12 -22.29 -18.52
N PRO D 435 41.42 -21.97 -18.34
CA PRO D 435 42.38 -22.31 -19.42
C PRO D 435 42.33 -23.82 -19.74
N GLY D 436 42.22 -24.16 -21.02
CA GLY D 436 42.21 -25.55 -21.45
C GLY D 436 40.88 -26.30 -21.36
N MET D 437 39.91 -25.74 -20.63
CA MET D 437 38.60 -26.40 -20.41
C MET D 437 37.76 -26.66 -21.69
N VAL D 438 37.61 -25.64 -22.54
CA VAL D 438 36.81 -25.79 -23.75
C VAL D 438 37.54 -26.74 -24.72
N SER D 439 38.83 -26.48 -24.92
CA SER D 439 39.75 -27.39 -25.60
C SER D 439 39.54 -28.85 -25.30
N GLU D 440 39.48 -29.17 -24.04
CA GLU D 440 39.45 -30.53 -23.64
C GLU D 440 38.08 -31.10 -23.46
N CYS D 441 37.11 -30.30 -23.14
CA CYS D 441 35.80 -30.82 -22.69
C CYS D 441 34.63 -30.54 -23.62
N LEU D 442 34.76 -29.58 -24.53
CA LEU D 442 33.61 -29.14 -25.31
C LEU D 442 32.93 -30.30 -26.07
N GLN D 443 33.73 -31.13 -26.73
CA GLN D 443 33.17 -32.25 -27.46
C GLN D 443 32.43 -33.24 -26.52
N GLY D 444 32.98 -33.43 -25.32
CA GLY D 444 32.37 -34.29 -24.31
C GLY D 444 31.05 -33.75 -23.81
N LEU D 445 30.98 -32.42 -23.72
CA LEU D 445 29.80 -31.74 -23.25
C LEU D 445 28.64 -31.76 -24.28
N ARG D 446 28.97 -32.05 -25.54
CA ARG D 446 27.98 -32.07 -26.61
C ARG D 446 27.65 -33.46 -27.12
N GLU D 447 28.33 -34.48 -26.59
CA GLU D 447 28.11 -35.85 -27.04
C GLU D 447 26.81 -36.48 -26.53
N LYS D 448 26.18 -37.29 -27.36
CA LYS D 448 24.91 -37.94 -26.99
C LYS D 448 25.06 -38.88 -25.79
N HIS D 449 23.98 -39.08 -25.08
CA HIS D 449 23.98 -39.96 -23.94
C HIS D 449 23.03 -41.16 -24.01
N GLY D 450 22.22 -41.25 -25.02
CA GLY D 450 21.30 -42.32 -25.01
C GLY D 450 19.99 -41.72 -25.27
N GLY D 451 19.13 -41.62 -24.29
CA GLY D 451 17.87 -41.01 -24.59
C GLY D 451 17.98 -39.62 -24.12
N VAL D 452 19.16 -39.32 -23.67
CA VAL D 452 19.35 -38.03 -23.00
C VAL D 452 20.15 -37.09 -23.89
N VAL D 453 19.57 -35.93 -24.16
CA VAL D 453 20.20 -34.94 -24.99
C VAL D 453 20.57 -33.76 -24.11
N PHE D 454 21.85 -33.60 -23.86
CA PHE D 454 22.34 -32.45 -23.08
C PHE D 454 22.43 -31.20 -23.93
N ALA D 455 21.73 -30.16 -23.50
CA ALA D 455 21.63 -28.94 -24.25
C ALA D 455 21.67 -27.78 -23.29
N ASN D 456 22.60 -26.86 -23.50
CA ASN D 456 22.70 -25.66 -22.73
C ASN D 456 23.59 -24.65 -23.42
N SER D 457 23.32 -23.37 -23.22
CA SER D 457 24.21 -22.31 -23.68
C SER D 457 25.67 -22.55 -23.29
N ASP D 458 25.89 -23.15 -22.11
CA ASP D 458 27.22 -23.44 -21.60
C ASP D 458 28.12 -24.17 -22.60
N TRP D 459 27.54 -24.98 -23.48
CA TRP D 459 28.33 -25.69 -24.49
C TRP D 459 27.85 -25.51 -25.94
N ALA D 460 27.19 -24.37 -26.22
CA ALA D 460 26.94 -23.92 -27.59
C ALA D 460 28.26 -23.82 -28.40
N LEU D 461 28.15 -23.73 -29.72
CA LEU D 461 29.31 -23.57 -30.62
C LEU D 461 29.69 -22.11 -30.94
N GLY D 462 28.69 -21.22 -30.99
CA GLY D 462 28.90 -19.86 -31.46
C GLY D 462 28.86 -18.87 -30.33
N TRP D 463 27.69 -18.31 -30.06
CA TRP D 463 27.54 -17.39 -28.94
C TRP D 463 27.40 -18.18 -27.61
N ARG D 464 28.39 -19.04 -27.35
CA ARG D 464 28.43 -19.83 -26.12
C ARG D 464 28.39 -18.89 -24.94
N SER D 465 27.45 -19.19 -24.03
CA SER D 465 27.21 -18.50 -22.77
C SER D 465 26.29 -17.31 -22.90
N PHE D 466 25.65 -17.17 -24.06
CA PHE D 466 24.76 -16.07 -24.35
C PHE D 466 23.35 -16.66 -24.48
N ILE D 467 22.35 -15.79 -24.40
CA ILE D 467 21.00 -16.17 -24.74
C ILE D 467 20.99 -16.80 -26.13
N ASP D 468 21.71 -16.20 -27.06
CA ASP D 468 21.83 -16.74 -28.40
C ASP D 468 22.22 -18.21 -28.37
N GLY D 469 23.29 -18.52 -27.65
CA GLY D 469 23.77 -19.90 -27.50
C GLY D 469 22.75 -20.85 -26.88
N ALA D 470 21.95 -20.35 -25.93
CA ALA D 470 20.84 -21.13 -25.39
C ALA D 470 19.87 -21.55 -26.52
N ILE D 471 19.51 -20.59 -27.37
CA ILE D 471 18.57 -20.83 -28.44
C ILE D 471 19.24 -21.75 -29.46
N GLU D 472 20.37 -21.55 -29.83
CA GLU D 472 21.23 -22.51 -30.56
C GLU D 472 21.08 -23.93 -30.02
N GLU D 473 21.46 -24.09 -28.88
CA GLU D 473 21.41 -25.44 -28.30
C GLU D 473 20.01 -26.03 -28.18
N GLY D 474 19.02 -25.20 -27.87
CA GLY D 474 17.64 -25.64 -27.83
C GLY D 474 17.17 -26.15 -29.17
N THR D 475 17.50 -25.46 -30.24
CA THR D 475 17.19 -25.81 -31.60
C THR D 475 17.86 -27.10 -31.98
N ARG D 476 19.12 -27.19 -31.65
CA ARG D 476 19.88 -28.40 -31.95
C ARG D 476 19.26 -29.62 -31.25
N ALA D 477 18.80 -29.44 -30.01
CA ALA D 477 18.22 -30.51 -29.26
C ALA D 477 16.87 -30.96 -29.83
N ALA D 478 16.12 -30.03 -30.41
CA ALA D 478 14.82 -30.33 -30.96
C ALA D 478 14.96 -31.13 -32.26
N ARG D 479 15.89 -30.70 -33.07
CA ARG D 479 16.24 -31.38 -34.27
C ARG D 479 16.77 -32.81 -34.09
N VAL D 480 17.58 -33.06 -33.10
CA VAL D 480 18.04 -34.39 -32.85
C VAL D 480 16.97 -35.34 -32.37
N VAL D 481 15.98 -34.83 -31.70
CA VAL D 481 15.00 -35.69 -31.13
C VAL D 481 14.17 -36.36 -32.21
N LEU D 482 14.44 -36.05 -33.45
CA LEU D 482 13.99 -36.90 -34.55
C LEU D 482 15.14 -37.32 -35.43
N GLU D 483 15.47 -38.61 -35.47
CA GLU D 483 15.45 -39.55 -34.39
C GLU D 483 14.14 -40.09 -33.86
N GLU D 484 13.06 -39.99 -34.61
CA GLU D 484 11.84 -40.58 -34.14
C GLU D 484 10.70 -39.86 -34.75
N MET E 1 25.93 45.85 15.03
CA MET E 1 26.34 45.96 13.63
C MET E 1 25.95 44.78 12.83
N THR E 2 26.04 44.91 11.52
CA THR E 2 25.48 43.89 10.65
C THR E 2 26.61 43.00 10.13
N SER E 3 26.40 41.68 10.19
CA SER E 3 27.42 40.75 9.74
C SER E 3 27.17 40.45 8.28
N ARG E 4 28.12 39.86 7.60
CA ARG E 4 27.79 39.45 6.28
C ARG E 4 27.22 38.09 6.17
N ASP E 5 27.37 37.34 7.24
CA ASP E 5 26.72 36.04 7.41
C ASP E 5 25.21 36.20 7.64
N GLY E 6 24.45 35.16 7.29
CA GLY E 6 23.03 35.11 7.57
C GLY E 6 22.16 35.72 6.49
N TYR E 7 20.87 35.40 6.54
CA TYR E 7 19.88 35.88 5.60
C TYR E 7 18.60 36.18 6.33
N GLN E 8 17.77 37.01 5.69
CA GLN E 8 16.48 37.37 6.21
C GLN E 8 15.52 37.48 5.03
N TRP E 9 14.28 37.06 5.26
CA TRP E 9 13.22 37.19 4.29
C TRP E 9 11.93 37.69 4.94
N THR E 10 11.32 38.70 4.34
CA THR E 10 9.94 39.09 4.65
C THR E 10 9.22 39.31 3.31
N PRO E 11 7.88 39.17 3.29
CA PRO E 11 7.14 39.48 2.06
C PRO E 11 7.50 40.86 1.49
N GLU E 12 7.56 41.87 2.36
CA GLU E 12 7.88 43.27 1.95
C GLU E 12 9.31 43.56 1.41
N THR E 13 10.33 42.84 1.87
CA THR E 13 11.72 43.21 1.56
C THR E 13 12.46 42.17 0.71
N GLY E 14 11.83 41.03 0.48
CA GLY E 14 12.50 39.94 -0.23
C GLY E 14 13.63 39.34 0.59
N LEU E 15 14.54 38.66 -0.07
CA LEU E 15 15.63 38.03 0.60
C LEU E 15 16.83 38.90 0.62
N THR E 16 17.26 39.26 1.81
CA THR E 16 18.47 40.08 2.02
C THR E 16 19.57 39.29 2.75
N GLN E 17 20.80 39.47 2.31
CA GLN E 17 21.95 38.84 2.94
C GLN E 17 22.58 39.81 3.93
N GLY E 18 23.03 39.29 5.06
CA GLY E 18 23.53 40.07 6.15
C GLY E 18 22.51 40.40 7.19
N VAL E 19 22.85 40.16 8.41
CA VAL E 19 21.94 40.40 9.50
C VAL E 19 22.73 40.83 10.70
N PRO E 20 22.12 41.52 11.63
CA PRO E 20 22.80 42.04 12.82
C PRO E 20 23.40 40.93 13.70
N SER E 21 24.46 41.23 14.43
CA SER E 21 24.95 40.36 15.50
C SER E 21 25.84 41.11 16.48
N LEU E 22 25.58 40.96 17.77
CA LEU E 22 26.51 41.47 18.78
C LEU E 22 27.87 40.79 18.65
N GLY E 23 27.95 39.71 17.87
CA GLY E 23 29.21 39.02 17.62
C GLY E 23 30.20 39.72 16.71
N VAL E 24 29.74 40.73 15.95
CA VAL E 24 30.59 41.48 15.04
C VAL E 24 31.54 42.39 15.83
N ILE E 25 32.83 42.37 15.48
CA ILE E 25 33.81 43.19 16.21
C ILE E 25 34.24 44.43 15.44
N SER E 26 33.95 45.59 16.03
CA SER E 26 34.25 46.90 15.45
C SER E 26 34.98 47.80 16.44
N PRO E 27 36.19 48.27 16.07
CA PRO E 27 36.88 48.00 14.79
C PRO E 27 37.43 46.55 14.66
N PRO E 28 37.68 46.09 13.41
CA PRO E 28 38.17 44.74 13.09
C PRO E 28 39.63 44.39 13.44
N THR E 29 40.43 45.37 13.83
CA THR E 29 41.73 45.11 14.49
C THR E 29 42.01 46.10 15.59
N ASN E 30 42.94 45.74 16.41
CA ASN E 30 43.57 46.63 17.30
C ASN E 30 45.06 46.58 17.14
N ILE E 31 45.56 45.98 16.06
CA ILE E 31 46.97 46.08 15.82
C ILE E 31 47.22 46.87 14.58
N PRO E 39 55.88 41.31 19.55
CA PRO E 39 55.97 39.85 19.39
C PRO E 39 54.78 39.11 20.06
N TRP E 40 54.43 37.91 19.56
CA TRP E 40 53.33 37.11 20.15
C TRP E 40 53.79 35.79 20.75
N ASP E 41 53.19 35.43 21.86
CA ASP E 41 53.38 34.15 22.44
C ASP E 41 52.52 33.11 21.79
N VAL E 42 51.30 33.47 21.48
CA VAL E 42 50.37 32.52 20.89
C VAL E 42 49.51 33.14 19.79
N ILE E 43 49.39 32.44 18.67
CA ILE E 43 48.35 32.79 17.72
C ILE E 43 47.22 31.80 17.90
N VAL E 44 46.02 32.33 18.07
CA VAL E 44 44.83 31.51 18.05
C VAL E 44 44.09 31.76 16.74
N ILE E 45 44.01 30.72 15.93
CA ILE E 45 43.24 30.79 14.69
C ILE E 45 41.81 30.30 14.93
N GLY E 46 40.86 31.23 14.88
CA GLY E 46 39.43 30.93 15.00
C GLY E 46 38.84 31.55 16.24
N GLY E 47 37.76 32.30 16.09
CA GLY E 47 37.11 32.97 17.20
C GLY E 47 35.76 32.38 17.59
N GLY E 48 35.63 31.06 17.42
CA GLY E 48 34.46 30.33 17.92
C GLY E 48 34.66 30.09 19.42
N TYR E 49 33.79 29.31 20.04
CA TYR E 49 33.88 29.09 21.49
C TYR E 49 35.19 28.45 21.94
N CYS E 50 35.77 27.66 21.05
CA CYS E 50 37.02 27.02 21.29
C CYS E 50 38.16 28.04 21.28
N GLY E 51 38.19 28.91 20.26
CA GLY E 51 39.17 30.01 20.20
C GLY E 51 38.97 31.02 21.31
N LEU E 52 37.72 31.43 21.52
CA LEU E 52 37.39 32.33 22.62
C LEU E 52 37.84 31.83 24.01
N THR E 53 37.76 30.52 24.26
CA THR E 53 38.12 29.98 25.57
C THR E 53 39.63 29.96 25.76
N ALA E 54 40.32 29.50 24.72
CA ALA E 54 41.77 29.37 24.76
C ALA E 54 42.42 30.76 24.91
N THR E 55 41.92 31.71 24.15
CA THR E 55 42.38 33.10 24.23
C THR E 55 42.10 33.71 25.60
N ARG E 56 40.89 33.49 26.10
CA ARG E 56 40.48 34.00 27.39
C ARG E 56 41.43 33.47 28.48
N ASP E 57 41.63 32.15 28.49
CA ASP E 57 42.50 31.50 29.45
C ASP E 57 43.97 31.95 29.31
N LEU E 58 44.45 32.06 28.07
CA LEU E 58 45.85 32.38 27.83
C LEU E 58 46.15 33.83 28.25
N THR E 59 45.26 34.76 27.90
CA THR E 59 45.50 36.16 28.21
C THR E 59 45.40 36.44 29.72
N VAL E 60 44.37 35.88 30.36
CA VAL E 60 44.21 35.99 31.82
C VAL E 60 45.44 35.42 32.57
N ALA E 61 46.06 34.39 31.98
CA ALA E 61 47.25 33.79 32.55
C ALA E 61 48.56 34.52 32.18
N GLY E 62 48.43 35.60 31.41
CA GLY E 62 49.57 36.46 31.17
C GLY E 62 50.21 36.35 29.82
N PHE E 63 49.60 35.63 28.90
CA PHE E 63 50.20 35.48 27.58
C PHE E 63 49.74 36.54 26.59
N LYS E 64 50.69 37.06 25.82
CA LYS E 64 50.40 37.96 24.71
C LYS E 64 49.83 37.08 23.59
N THR E 65 48.55 37.27 23.31
CA THR E 65 47.83 36.38 22.39
C THR E 65 47.20 37.13 21.22
N LEU E 66 47.51 36.67 20.02
CA LEU E 66 46.85 37.20 18.82
C LEU E 66 45.76 36.26 18.28
N LEU E 67 44.54 36.79 18.20
CA LEU E 67 43.41 36.05 17.66
C LEU E 67 43.18 36.43 16.20
N LEU E 68 43.23 35.44 15.32
CA LEU E 68 43.06 35.63 13.88
C LEU E 68 41.80 34.93 13.41
N GLU E 69 40.79 35.70 13.00
CA GLU E 69 39.50 35.12 12.57
C GLU E 69 39.09 35.47 11.12
N ALA E 70 38.71 34.45 10.33
CA ALA E 70 38.20 34.63 8.96
C ALA E 70 36.99 35.56 8.84
N ARG E 71 36.01 35.35 9.71
CA ARG E 71 34.74 36.07 9.66
C ARG E 71 34.89 37.51 10.17
N ASP E 72 33.78 38.23 10.20
CA ASP E 72 33.72 39.58 10.74
C ASP E 72 33.17 39.54 12.18
N ARG E 73 33.08 38.34 12.73
CA ARG E 73 32.39 38.14 14.01
C ARG E 73 32.98 36.98 14.82
N ILE E 74 32.64 36.94 16.11
CA ILE E 74 33.03 35.84 16.98
C ILE E 74 31.88 34.83 17.01
N GLY E 75 32.13 33.65 17.56
CA GLY E 75 31.09 32.65 17.76
C GLY E 75 31.15 31.43 16.85
N GLY E 76 31.73 31.59 15.66
CA GLY E 76 31.79 30.52 14.67
C GLY E 76 30.43 29.91 14.35
N ARG E 77 30.27 28.63 14.66
CA ARG E 77 29.07 27.91 14.36
C ARG E 77 27.96 28.21 15.40
N SER E 78 28.19 29.19 16.27
CA SER E 78 27.13 29.61 17.18
C SER E 78 27.12 31.13 17.24
N TRP E 79 25.97 31.74 16.98
CA TRP E 79 25.86 33.20 17.02
C TRP E 79 24.42 33.60 16.84
N SER E 80 24.04 34.73 17.42
CA SER E 80 22.66 35.17 17.38
C SER E 80 22.49 36.51 16.68
N SER E 81 21.29 36.73 16.12
CA SER E 81 20.91 37.98 15.50
C SER E 81 19.67 38.58 16.15
N ASN E 82 19.80 39.79 16.70
CA ASN E 82 18.62 40.48 17.26
C ASN E 82 17.87 41.20 16.14
N ILE E 83 16.73 40.66 15.77
CA ILE E 83 15.89 41.29 14.75
C ILE E 83 14.56 41.67 15.38
N ASP E 84 14.30 42.99 15.38
CA ASP E 84 13.10 43.58 15.99
C ASP E 84 12.98 43.09 17.43
N GLY E 85 14.12 43.09 18.13
CA GLY E 85 14.21 42.74 19.54
C GLY E 85 14.17 41.26 19.90
N TYR E 86 14.31 40.39 18.90
CA TYR E 86 14.33 38.94 19.15
C TYR E 86 15.64 38.28 18.70
N PRO E 87 16.27 37.50 19.60
CA PRO E 87 17.49 36.84 19.17
C PRO E 87 17.19 35.60 18.33
N TYR E 88 17.59 35.60 17.07
CA TYR E 88 17.46 34.42 16.24
C TYR E 88 18.79 33.69 16.30
N GLU E 89 18.74 32.45 16.78
CA GLU E 89 19.93 31.62 16.93
C GLU E 89 20.26 31.01 15.58
N MET E 90 21.43 31.36 15.07
CA MET E 90 21.77 30.98 13.72
C MET E 90 22.40 29.61 13.64
N GLY E 91 23.17 29.26 14.67
CA GLY E 91 23.74 27.91 14.81
C GLY E 91 23.41 27.27 16.16
N GLY E 92 24.45 26.89 16.89
CA GLY E 92 24.31 26.26 18.20
C GLY E 92 23.49 27.09 19.16
N THR E 93 22.50 26.45 19.77
CA THR E 93 21.51 27.12 20.58
C THR E 93 21.50 26.65 22.04
N TRP E 94 21.22 25.36 22.27
CA TRP E 94 20.79 24.93 23.58
C TRP E 94 21.90 24.48 24.52
N VAL E 95 21.67 24.68 25.82
CA VAL E 95 22.64 24.29 26.82
C VAL E 95 21.91 23.75 28.03
N HIS E 96 22.65 23.06 28.90
CA HIS E 96 22.10 22.49 30.11
C HIS E 96 23.21 22.40 31.12
N TRP E 97 22.87 22.37 32.42
CA TRP E 97 23.87 22.18 33.50
C TRP E 97 24.52 20.79 33.60
N HIS E 98 24.01 19.81 32.86
CA HIS E 98 24.70 18.53 32.72
C HIS E 98 25.78 18.62 31.68
N GLN E 99 25.99 19.76 31.10
CA GLN E 99 27.12 19.95 30.23
C GLN E 99 28.16 20.79 30.93
N SER E 100 29.21 20.11 31.39
CA SER E 100 30.19 20.61 32.37
C SER E 100 30.84 21.93 32.00
N HIS E 101 31.39 21.99 30.78
CA HIS E 101 32.21 23.11 30.35
C HIS E 101 31.40 24.35 30.05
N VAL E 102 30.32 24.23 29.25
CA VAL E 102 29.49 25.38 28.99
C VAL E 102 28.87 25.89 30.28
N TRP E 103 28.47 24.98 31.17
CA TRP E 103 27.79 25.41 32.38
C TRP E 103 28.73 26.13 33.31
N ARG E 104 29.96 25.69 33.37
CA ARG E 104 30.94 26.33 34.20
C ARG E 104 31.15 27.78 33.80
N GLU E 105 31.24 27.98 32.51
CA GLU E 105 31.41 29.32 31.98
C GLU E 105 30.16 30.18 32.23
N ILE E 106 28.99 29.58 32.11
CA ILE E 106 27.71 30.25 32.39
C ILE E 106 27.61 30.73 33.85
N THR E 107 27.96 29.87 34.80
CA THR E 107 27.90 30.26 36.21
C THR E 107 29.00 31.24 36.59
N ARG E 108 30.21 31.01 36.09
CA ARG E 108 31.30 31.94 36.28
C ARG E 108 30.95 33.34 35.71
N TYR E 109 30.29 33.40 34.56
CA TYR E 109 29.80 34.67 33.99
C TYR E 109 28.44 35.10 34.54
N LYS E 110 27.90 34.33 35.49
CA LYS E 110 26.63 34.68 36.18
C LYS E 110 25.45 34.84 35.22
N MET E 111 25.35 33.91 34.28
CA MET E 111 24.26 33.89 33.31
C MET E 111 23.37 32.65 33.52
N HIS E 112 23.55 31.96 34.64
CA HIS E 112 22.68 30.82 35.03
C HIS E 112 21.22 31.19 35.10
N ASN E 113 20.93 32.45 35.38
CA ASN E 113 19.55 32.93 35.52
C ASN E 113 19.07 33.71 34.32
N ALA E 114 19.83 33.61 33.23
CA ALA E 114 19.52 34.34 32.03
C ALA E 114 19.14 33.40 30.87
N LEU E 115 18.44 32.31 31.21
CA LEU E 115 18.02 31.29 30.22
C LEU E 115 16.51 31.32 30.05
N SER E 116 16.04 30.88 28.88
CA SER E 116 14.62 30.70 28.62
C SER E 116 14.28 29.24 28.27
N PRO E 117 13.07 28.79 28.66
CA PRO E 117 12.56 27.53 28.13
C PRO E 117 12.09 27.67 26.68
N SER E 118 12.56 26.78 25.81
CA SER E 118 12.06 26.72 24.44
C SER E 118 10.63 26.17 24.40
N PHE E 119 10.36 25.19 25.26
CA PHE E 119 9.05 24.55 25.31
C PHE E 119 8.12 25.26 26.25
N ASN E 120 6.89 25.48 25.78
CA ASN E 120 5.88 26.14 26.58
C ASN E 120 4.55 25.61 26.14
N PHE E 121 4.02 24.67 26.93
CA PHE E 121 2.77 23.97 26.60
C PHE E 121 1.55 24.55 27.34
N SER E 122 1.68 25.78 27.83
CA SER E 122 0.66 26.37 28.72
C SER E 122 -0.56 27.00 28.00
N ARG E 123 -0.59 26.99 26.67
CA ARG E 123 -1.72 27.52 25.88
C ARG E 123 -1.54 27.13 24.43
N GLY E 124 -2.54 27.45 23.60
CA GLY E 124 -2.48 27.17 22.15
C GLY E 124 -2.89 25.76 21.81
N VAL E 125 -2.57 25.33 20.60
CA VAL E 125 -2.94 24.01 20.09
C VAL E 125 -2.42 22.84 20.93
N ASN E 126 -1.28 23.02 21.59
CA ASN E 126 -0.76 22.08 22.54
C ASN E 126 -0.84 20.62 22.09
N HIS E 127 -0.37 20.37 20.86
CA HIS E 127 -0.31 19.01 20.34
C HIS E 127 0.89 18.81 19.47
N PHE E 128 1.21 17.54 19.22
CA PHE E 128 2.28 17.13 18.32
C PHE E 128 1.65 16.63 17.02
N GLN E 129 2.18 17.10 15.91
CA GLN E 129 1.67 16.80 14.60
C GLN E 129 2.68 15.94 13.86
N LEU E 130 2.31 14.70 13.56
CA LEU E 130 3.21 13.80 12.85
C LEU E 130 2.70 13.57 11.42
N ARG E 131 3.61 13.73 10.46
CA ARG E 131 3.28 13.65 9.04
C ARG E 131 4.22 12.68 8.38
N THR E 132 3.65 11.60 7.86
CA THR E 132 4.41 10.55 7.19
C THR E 132 4.20 10.53 5.66
N ASN E 133 3.24 11.32 5.19
CA ASN E 133 3.02 11.58 3.76
C ASN E 133 2.50 13.02 3.57
N PRO E 134 2.62 13.59 2.34
CA PRO E 134 2.32 15.00 2.13
C PRO E 134 0.83 15.31 2.30
N THR E 135 -0.04 14.30 2.25
CA THR E 135 -1.48 14.55 2.33
C THR E 135 -2.16 14.26 3.64
N THR E 136 -1.49 13.68 4.60
CA THR E 136 -2.17 13.41 5.86
C THR E 136 -1.35 13.83 7.10
N SER E 137 -2.03 13.91 8.25
CA SER E 137 -1.40 14.20 9.55
C SER E 137 -1.96 13.27 10.61
N THR E 138 -1.17 13.05 11.66
CA THR E 138 -1.64 12.37 12.86
C THR E 138 -1.40 13.31 14.02
N TYR E 139 -2.45 13.63 14.76
CA TYR E 139 -2.36 14.53 15.90
C TYR E 139 -2.32 13.76 17.21
N MET E 140 -1.55 14.28 18.17
CA MET E 140 -1.21 13.56 19.41
C MET E 140 -0.99 14.55 20.55
N THR E 141 -1.12 14.11 21.80
CA THR E 141 -0.70 14.96 22.90
C THR E 141 0.83 14.90 23.08
N HIS E 142 1.38 15.86 23.81
CA HIS E 142 2.80 15.88 24.07
C HIS E 142 3.27 14.70 24.91
N GLU E 143 2.40 14.22 25.75
CA GLU E 143 2.57 13.05 26.54
C GLU E 143 2.66 11.84 25.67
N ALA E 144 1.78 11.75 24.70
CA ALA E 144 1.75 10.64 23.77
C ALA E 144 2.96 10.67 22.84
N GLU E 145 3.39 11.89 22.50
CA GLU E 145 4.63 12.13 21.76
C GLU E 145 5.84 11.60 22.53
N ASP E 146 5.95 11.98 23.81
CA ASP E 146 7.06 11.53 24.62
C ASP E 146 7.10 10.02 24.65
N GLU E 147 5.93 9.40 24.80
CA GLU E 147 5.79 7.96 24.93
C GLU E 147 6.25 7.23 23.69
N LEU E 148 5.82 7.72 22.54
CA LEU E 148 6.18 7.12 21.26
C LEU E 148 7.69 7.15 21.01
N LEU E 149 8.32 8.30 21.22
CA LEU E 149 9.78 8.42 21.13
C LEU E 149 10.52 7.61 22.20
N ARG E 150 10.05 7.65 23.43
CA ARG E 150 10.66 6.84 24.49
CA ARG E 150 10.66 6.84 24.49
C ARG E 150 10.68 5.35 24.16
N SER E 151 9.63 4.89 23.48
CA SER E 151 9.47 3.49 23.07
C SER E 151 10.40 3.12 21.91
N ALA E 152 10.39 3.97 20.87
CA ALA E 152 11.25 3.79 19.71
C ALA E 152 12.75 3.83 20.12
N LEU E 153 13.12 4.85 20.88
CA LEU E 153 14.51 5.02 21.33
C LEU E 153 14.98 3.92 22.27
N HIS E 154 14.07 3.39 23.09
CA HIS E 154 14.41 2.26 23.94
C HIS E 154 14.85 1.09 23.09
N LYS E 155 14.08 0.78 22.04
CA LYS E 155 14.41 -0.33 21.13
C LYS E 155 15.71 -0.09 20.35
N PHE E 156 15.95 1.16 19.98
CA PHE E 156 17.11 1.57 19.17
C PHE E 156 18.39 1.46 19.97
N THR E 157 18.34 1.93 21.21
CA THR E 157 19.50 1.96 22.08
C THR E 157 19.72 0.71 22.93
N ASN E 158 18.74 -0.18 23.05
CA ASN E 158 18.91 -1.35 23.92
C ASN E 158 19.79 -2.46 23.32
N VAL E 159 20.96 -2.10 22.84
CA VAL E 159 21.89 -3.10 22.30
C VAL E 159 22.49 -4.03 23.33
N ASP E 160 22.45 -3.68 24.61
CA ASP E 160 23.25 -4.41 25.59
C ASP E 160 22.44 -4.78 26.80
N GLY E 161 21.15 -4.48 26.75
CA GLY E 161 20.26 -4.76 27.85
C GLY E 161 19.98 -3.60 28.78
N THR E 162 20.78 -2.53 28.68
CA THR E 162 20.66 -1.40 29.62
C THR E 162 20.73 -0.07 28.86
N ASN E 163 20.34 -0.09 27.58
CA ASN E 163 20.31 1.12 26.77
C ASN E 163 21.69 1.80 26.64
N GLY E 164 22.74 0.97 26.56
CA GLY E 164 24.09 1.50 26.35
C GLY E 164 24.94 1.68 27.62
N ARG E 165 24.33 1.52 28.80
CA ARG E 165 25.08 1.65 30.05
C ARG E 165 26.14 0.56 30.22
N THR E 166 25.94 -0.62 29.61
CA THR E 166 26.94 -1.68 29.74
C THR E 166 28.10 -1.53 28.77
N VAL E 167 27.84 -1.18 27.50
CA VAL E 167 28.92 -1.08 26.53
C VAL E 167 29.62 0.27 26.52
N LEU E 168 28.92 1.29 27.00
CA LEU E 168 29.50 2.64 27.09
C LEU E 168 29.26 3.26 28.50
N PRO E 169 29.89 2.70 29.56
CA PRO E 169 29.73 3.29 30.90
C PRO E 169 30.44 4.60 31.09
N PHE E 170 31.58 4.79 30.41
CA PHE E 170 32.30 6.06 30.49
C PHE E 170 32.40 6.59 29.08
N PRO E 171 31.43 7.42 28.69
CA PRO E 171 31.45 7.93 27.33
C PRO E 171 32.73 8.69 27.02
N HIS E 172 33.40 9.24 28.03
CA HIS E 172 34.65 9.96 27.80
C HIS E 172 35.78 8.99 27.37
N ASP E 173 35.58 7.71 27.60
CA ASP E 173 36.55 6.70 27.16
C ASP E 173 35.83 5.59 26.42
N MET E 174 35.72 5.74 25.10
CA MET E 174 34.89 4.86 24.27
C MET E 174 35.37 3.39 24.24
N PHE E 175 36.67 3.17 24.40
CA PHE E 175 37.23 1.83 24.33
C PHE E 175 37.38 1.17 25.67
N TYR E 176 36.86 1.78 26.74
CA TYR E 176 36.83 1.17 28.09
C TYR E 176 36.21 -0.20 27.98
N VAL E 177 35.11 -0.31 27.26
CA VAL E 177 34.55 -1.63 26.95
C VAL E 177 34.86 -1.88 25.47
N PRO E 178 35.68 -2.91 25.18
CA PRO E 178 36.08 -3.13 23.77
C PRO E 178 34.89 -3.40 22.83
N GLU E 179 33.82 -3.97 23.34
CA GLU E 179 32.60 -4.19 22.59
C GLU E 179 31.94 -2.97 22.01
N PHE E 180 32.30 -1.78 22.44
CA PHE E 180 31.61 -0.60 21.95
C PHE E 180 31.94 -0.27 20.50
N ARG E 181 33.18 -0.57 20.11
CA ARG E 181 33.63 -0.32 18.74
C ARG E 181 32.65 -0.89 17.72
N LYS E 182 32.28 -2.13 17.82
CA LYS E 182 31.40 -2.64 16.82
C LYS E 182 30.20 -1.70 16.59
N TYR E 183 29.69 -1.00 17.59
CA TYR E 183 28.62 -0.04 17.38
C TYR E 183 28.99 1.30 16.72
N ASP E 184 30.14 1.85 17.00
CA ASP E 184 30.65 3.01 16.26
C ASP E 184 30.77 2.70 14.77
N GLU E 185 31.06 1.43 14.46
CA GLU E 185 31.20 1.00 13.06
C GLU E 185 29.87 0.68 12.36
N MET E 186 28.77 0.67 13.11
CA MET E 186 27.43 0.52 12.57
C MET E 186 26.89 1.86 12.11
N SER E 187 26.05 1.82 11.09
CA SER E 187 25.28 2.97 10.67
C SER E 187 23.89 2.95 11.30
N TYR E 188 23.22 4.10 11.30
CA TYR E 188 21.80 4.21 11.67
C TYR E 188 20.94 3.09 11.03
N SER E 189 21.12 2.91 9.71
CA SER E 189 20.27 1.97 8.94
C SER E 189 20.57 0.52 9.32
N GLU E 190 21.84 0.24 9.64
CA GLU E 190 22.26 -1.09 10.09
C GLU E 190 21.49 -1.49 11.37
N ARG E 191 21.29 -0.53 12.27
CA ARG E 191 20.63 -0.76 13.54
C ARG E 191 19.12 -0.83 13.35
N ILE E 192 18.57 0.10 12.59
CA ILE E 192 17.15 0.05 12.27
C ILE E 192 16.77 -1.29 11.63
N ASP E 193 17.55 -1.76 10.67
CA ASP E 193 17.26 -3.05 10.05
C ASP E 193 17.24 -4.18 11.09
N GLN E 194 17.99 -4.04 12.19
CA GLN E 194 18.00 -5.10 13.19
C GLN E 194 16.70 -5.17 13.99
N ILE E 195 15.91 -4.09 13.96
CA ILE E 195 14.73 -3.97 14.80
C ILE E 195 13.46 -3.54 14.05
N ARG E 196 13.60 -3.32 12.79
CA ARG E 196 12.54 -3.10 11.87
C ARG E 196 11.23 -3.81 12.21
N ASP E 197 11.20 -5.12 12.50
CA ASP E 197 9.94 -5.77 12.49
C ASP E 197 9.19 -5.50 13.77
N GLU E 198 9.89 -4.88 14.71
CA GLU E 198 9.29 -4.53 16.01
C GLU E 198 8.78 -3.10 16.09
N LEU E 199 9.13 -2.27 15.10
CA LEU E 199 8.72 -0.86 15.09
C LEU E 199 7.52 -0.63 14.18
N SER E 200 6.50 0.05 14.71
CA SER E 200 5.41 0.59 13.89
C SER E 200 5.91 1.73 12.98
N LEU E 201 5.08 2.13 12.00
CA LEU E 201 5.41 3.27 11.15
C LEU E 201 5.67 4.52 12.00
N ASN E 202 4.83 4.77 12.97
CA ASN E 202 4.91 5.93 13.79
C ASN E 202 6.12 5.94 14.69
N GLU E 203 6.48 4.81 15.22
CA GLU E 203 7.69 4.64 15.95
C GLU E 203 8.91 4.81 15.08
N ARG E 204 8.97 4.19 13.92
CA ARG E 204 10.13 4.33 13.04
C ARG E 204 10.28 5.73 12.43
N SER E 205 9.15 6.37 12.09
CA SER E 205 9.19 7.71 11.50
C SER E 205 9.74 8.69 12.52
N SER E 206 9.24 8.60 13.75
CA SER E 206 9.69 9.47 14.82
C SER E 206 11.15 9.23 15.13
N LEU E 207 11.49 7.94 15.21
CA LEU E 207 12.85 7.53 15.54
C LEU E 207 13.84 8.07 14.52
N GLU E 208 13.53 7.89 13.24
CA GLU E 208 14.50 8.22 12.20
C GLU E 208 14.63 9.74 12.15
N ALA E 209 13.53 10.44 12.33
CA ALA E 209 13.55 11.88 12.30
C ALA E 209 14.43 12.36 13.45
N PHE E 210 14.23 11.78 14.63
CA PHE E 210 14.98 12.22 15.81
C PHE E 210 16.49 11.94 15.67
N ILE E 211 16.84 10.72 15.28
CA ILE E 211 18.24 10.37 15.14
C ILE E 211 18.92 11.09 13.96
N LEU E 212 18.17 11.33 12.88
CA LEU E 212 18.68 12.18 11.80
C LEU E 212 18.79 13.64 12.22
N LEU E 213 17.86 14.12 13.04
CA LEU E 213 17.99 15.45 13.59
C LEU E 213 19.36 15.59 14.28
N CYS E 214 19.84 14.52 14.92
CA CYS E 214 21.05 14.61 15.73
C CYS E 214 22.29 14.56 14.86
N SER E 215 22.25 13.71 13.81
CA SER E 215 23.39 13.57 12.91
C SER E 215 23.49 14.63 11.81
N GLY E 216 22.37 15.19 11.38
CA GLY E 216 22.32 16.07 10.20
C GLY E 216 22.66 15.39 8.86
N GLY E 217 22.78 14.06 8.87
CA GLY E 217 23.18 13.33 7.69
C GLY E 217 22.09 12.35 7.30
N THR E 218 22.50 11.26 6.64
CA THR E 218 21.59 10.19 6.20
C THR E 218 21.60 8.95 7.10
N LEU E 219 20.58 8.10 6.97
CA LEU E 219 20.55 6.78 7.60
C LEU E 219 21.78 5.95 7.32
N GLU E 220 22.29 6.12 6.11
CA GLU E 220 23.36 5.30 5.60
C GLU E 220 24.75 5.79 6.07
N ASN E 221 24.93 7.09 6.25
CA ASN E 221 26.25 7.63 6.61
C ASN E 221 26.41 8.09 8.09
N SER E 222 25.36 7.93 8.89
CA SER E 222 25.45 8.30 10.31
C SER E 222 25.84 7.13 11.20
N SER E 223 26.81 7.37 12.07
CA SER E 223 27.31 6.38 13.00
C SER E 223 26.29 6.15 14.14
N PHE E 224 25.92 4.89 14.31
CA PHE E 224 25.04 4.51 15.40
C PHE E 224 25.75 4.74 16.77
N GLY E 225 26.97 4.23 16.90
CA GLY E 225 27.79 4.44 18.10
C GLY E 225 27.85 5.89 18.51
N GLU E 226 27.99 6.79 17.54
CA GLU E 226 28.04 8.24 17.86
C GLU E 226 26.73 8.77 18.45
N PHE E 227 25.60 8.23 17.99
CA PHE E 227 24.35 8.57 18.64
C PHE E 227 24.32 8.03 20.07
N LEU E 228 24.77 6.79 20.27
CA LEU E 228 24.93 6.24 21.62
C LEU E 228 25.79 7.13 22.54
N HIS E 229 26.78 7.81 21.98
CA HIS E 229 27.64 8.71 22.73
C HIS E 229 26.84 9.93 23.22
N TRP E 230 26.03 10.52 22.34
CA TRP E 230 25.16 11.63 22.75
C TRP E 230 24.16 11.14 23.82
N TRP E 231 23.61 9.95 23.59
CA TRP E 231 22.66 9.33 24.47
C TRP E 231 23.27 9.13 25.87
N ALA E 232 24.45 8.51 25.93
CA ALA E 232 25.17 8.31 27.19
C ALA E 232 25.51 9.62 27.93
N MET E 233 25.99 10.64 27.20
CA MET E 233 26.27 11.95 27.81
C MET E 233 25.02 12.59 28.42
N SER E 234 23.87 12.36 27.80
CA SER E 234 22.62 12.94 28.26
C SER E 234 21.98 12.20 29.43
N GLY E 235 22.49 11.02 29.81
CA GLY E 235 21.82 10.25 30.87
C GLY E 235 21.15 8.94 30.44
N TYR E 236 21.36 8.54 29.18
CA TYR E 236 20.81 7.31 28.63
C TYR E 236 19.30 7.24 28.67
N THR E 237 18.63 8.39 28.55
CA THR E 237 17.17 8.42 28.47
C THR E 237 16.74 9.49 27.43
N TYR E 238 15.51 9.36 26.98
CA TYR E 238 14.90 10.33 26.07
C TYR E 238 14.69 11.70 26.74
N GLN E 239 14.20 11.72 27.97
CA GLN E 239 14.02 12.98 28.70
C GLN E 239 15.37 13.65 28.93
N GLY E 240 16.37 12.84 29.31
CA GLY E 240 17.75 13.32 29.42
C GLY E 240 18.23 13.99 28.14
N CYS E 241 17.96 13.38 26.99
CA CYS E 241 18.28 14.00 25.70
C CYS E 241 17.55 15.32 25.51
N MET E 242 16.25 15.37 25.81
CA MET E 242 15.51 16.61 25.58
C MET E 242 16.03 17.73 26.48
N ASP E 243 16.30 17.40 27.74
CA ASP E 243 16.79 18.37 28.71
C ASP E 243 18.09 19.02 28.22
N CYS E 244 19.02 18.18 27.77
CA CYS E 244 20.34 18.60 27.29
C CYS E 244 20.36 19.15 25.85
N LEU E 245 19.54 18.59 24.95
CA LEU E 245 19.66 18.93 23.52
C LEU E 245 18.82 20.10 23.08
N MET E 246 17.73 20.42 23.76
CA MET E 246 16.73 21.32 23.22
C MET E 246 15.84 22.08 24.21
N SER E 247 16.24 22.21 25.43
CA SER E 247 15.33 22.82 26.39
C SER E 247 15.60 24.28 26.73
N TYR E 248 16.87 24.64 26.86
CA TYR E 248 17.22 25.93 27.43
C TYR E 248 18.23 26.73 26.63
N LYS E 249 17.88 27.99 26.40
CA LYS E 249 18.65 28.89 25.56
C LYS E 249 18.90 30.18 26.29
N PHE E 250 19.86 30.97 25.83
CA PHE E 250 20.12 32.27 26.43
C PHE E 250 19.06 33.31 26.05
N LYS E 251 18.40 33.93 27.02
CA LYS E 251 17.41 34.94 26.64
C LYS E 251 17.96 36.13 25.81
N ASP E 252 19.25 36.45 25.94
CA ASP E 252 19.81 37.56 25.15
C ASP E 252 20.65 37.07 24.00
N GLY E 253 20.59 35.77 23.74
CA GLY E 253 21.18 35.19 22.55
C GLY E 253 22.60 34.72 22.79
N GLN E 254 22.99 33.66 22.08
CA GLN E 254 24.34 33.13 22.19
C GLN E 254 25.42 34.21 22.05
N SER E 255 25.18 35.22 21.24
CA SER E 255 26.20 36.22 20.98
C SER E 255 26.53 37.06 22.22
N ALA E 256 25.53 37.37 23.06
CA ALA E 256 25.79 37.96 24.38
C ALA E 256 26.72 37.10 25.26
N PHE E 257 26.64 35.77 25.10
CA PHE E 257 27.48 34.84 25.85
C PHE E 257 28.91 34.90 25.35
N ALA E 258 29.10 34.84 24.03
CA ALA E 258 30.46 34.91 23.46
C ALA E 258 31.15 36.23 23.80
N ARG E 259 30.41 37.35 23.78
CA ARG E 259 30.94 38.67 24.15
C ARG E 259 31.54 38.73 25.55
N ARG E 260 31.11 37.83 26.44
CA ARG E 260 31.71 37.72 27.77
C ARG E 260 33.14 37.18 27.75
N PHE E 261 33.36 36.15 26.95
CA PHE E 261 34.71 35.63 26.74
C PHE E 261 35.56 36.73 26.09
N TRP E 262 34.96 37.48 25.18
CA TRP E 262 35.70 38.50 24.42
C TRP E 262 36.14 39.66 25.31
N GLU E 263 35.23 40.18 26.10
CA GLU E 263 35.49 41.30 26.95
C GLU E 263 36.47 40.98 28.06
N GLU E 264 36.41 39.77 28.59
CA GLU E 264 37.38 39.32 29.58
C GLU E 264 38.76 39.27 28.93
N ALA E 265 38.85 38.68 27.74
CA ALA E 265 40.12 38.62 27.02
C ALA E 265 40.66 40.02 26.71
N ALA E 266 39.77 40.91 26.22
CA ALA E 266 40.15 42.26 25.80
C ALA E 266 40.73 43.04 26.98
N GLY E 267 39.98 43.08 28.08
CA GLY E 267 40.38 43.78 29.29
C GLY E 267 41.66 43.36 30.00
N THR E 268 42.30 42.28 29.55
CA THR E 268 43.59 41.93 30.13
C THR E 268 44.63 42.86 29.57
N GLY E 269 44.30 43.49 28.44
CA GLY E 269 45.26 44.31 27.69
C GLY E 269 46.32 43.51 26.93
N ARG E 270 46.21 42.17 26.92
CA ARG E 270 47.19 41.33 26.22
C ARG E 270 46.61 40.65 24.98
N LEU E 271 45.46 41.14 24.51
CA LEU E 271 44.82 40.54 23.35
C LEU E 271 45.06 41.35 22.07
N GLY E 272 45.67 40.72 21.07
CA GLY E 272 45.69 41.27 19.72
C GLY E 272 44.70 40.52 18.84
N TYR E 273 44.11 41.18 17.86
CA TYR E 273 43.15 40.50 16.99
C TYR E 273 43.04 41.08 15.58
N VAL E 274 42.76 40.20 14.62
CA VAL E 274 42.44 40.56 13.24
C VAL E 274 41.22 39.78 12.73
N PHE E 275 40.11 40.50 12.55
CA PHE E 275 38.93 39.94 11.90
C PHE E 275 39.01 40.15 10.40
N GLY E 276 38.16 39.43 9.67
CA GLY E 276 38.28 39.34 8.22
C GLY E 276 39.63 38.82 7.75
N CYS E 277 40.20 37.89 8.49
CA CYS E 277 41.56 37.44 8.21
C CYS E 277 41.67 35.93 8.00
N PRO E 278 41.26 35.44 6.82
CA PRO E 278 41.33 33.97 6.61
C PRO E 278 42.75 33.46 6.40
N VAL E 279 43.12 32.43 7.14
CA VAL E 279 44.44 31.82 7.06
C VAL E 279 44.51 30.84 5.88
N ARG E 280 45.67 30.67 5.30
CA ARG E 280 45.86 29.73 4.24
C ARG E 280 46.95 28.74 4.48
N SER E 281 47.86 29.07 5.36
CA SER E 281 49.03 28.22 5.66
C SER E 281 49.59 28.42 7.06
N VAL E 282 50.07 27.34 7.63
CA VAL E 282 50.74 27.38 8.92
C VAL E 282 51.99 26.55 8.78
N VAL E 283 53.15 27.17 8.91
CA VAL E 283 54.43 26.46 8.83
C VAL E 283 55.22 26.54 10.14
N ASN E 284 55.60 25.40 10.68
CA ASN E 284 56.45 25.35 11.86
C ASN E 284 57.91 25.61 11.52
N GLU E 285 58.46 26.68 12.12
CA GLU E 285 59.90 26.99 12.03
C GLU E 285 60.62 26.59 13.32
N ARG E 286 61.81 27.13 13.54
CA ARG E 286 62.60 26.83 14.73
C ARG E 286 62.02 27.47 15.98
N ASP E 287 61.50 26.65 16.88
CA ASP E 287 60.93 27.13 18.14
C ASP E 287 59.85 28.19 18.02
N ALA E 288 59.45 28.51 16.80
CA ALA E 288 58.45 29.55 16.55
C ALA E 288 57.53 28.88 15.50
N ALA E 289 56.54 29.61 15.00
CA ALA E 289 55.68 29.16 13.88
C ALA E 289 55.11 30.34 13.09
N ARG E 290 54.95 30.14 11.79
CA ARG E 290 54.51 31.24 10.90
C ARG E 290 53.12 30.99 10.30
N VAL E 291 52.25 31.98 10.46
CA VAL E 291 50.87 31.90 9.97
C VAL E 291 50.68 32.93 8.86
N THR E 292 50.21 32.48 7.70
CA THR E 292 50.02 33.39 6.56
C THR E 292 48.56 33.48 6.11
N ALA E 293 48.02 34.70 6.09
CA ALA E 293 46.68 34.97 5.55
C ALA E 293 46.55 34.69 4.04
N ARG E 294 45.33 34.87 3.51
CA ARG E 294 45.06 34.69 2.08
C ARG E 294 45.70 35.83 1.28
N ASP E 295 45.47 37.06 1.73
CA ASP E 295 46.08 38.25 1.16
C ASP E 295 47.62 38.26 1.25
N GLY E 296 48.20 37.48 2.17
CA GLY E 296 49.65 37.36 2.25
C GLY E 296 50.28 37.73 3.59
N ARG E 297 49.54 38.47 4.43
CA ARG E 297 50.01 38.87 5.77
C ARG E 297 50.57 37.71 6.55
N GLU E 298 51.69 37.95 7.22
CA GLU E 298 52.39 36.92 7.97
C GLU E 298 52.45 37.26 9.45
N PHE E 299 52.28 36.23 10.27
CA PHE E 299 52.29 36.39 11.72
C PHE E 299 53.18 35.30 12.30
N VAL E 300 53.92 35.65 13.35
CA VAL E 300 54.82 34.73 14.01
C VAL E 300 54.52 34.67 15.50
N ALA E 301 54.60 33.46 16.06
CA ALA E 301 54.31 33.26 17.45
C ALA E 301 54.92 31.97 17.89
N LYS E 302 55.17 31.75 19.16
CA LYS E 302 55.93 30.56 19.50
C LYS E 302 55.20 29.27 19.37
N ARG E 303 53.95 29.30 19.72
CA ARG E 303 53.01 28.25 19.46
C ARG E 303 51.79 28.82 18.82
N VAL E 304 50.96 27.95 18.12
CA VAL E 304 49.70 28.19 17.41
C VAL E 304 48.59 27.23 17.86
N VAL E 305 47.48 27.80 18.31
CA VAL E 305 46.25 27.05 18.56
C VAL E 305 45.34 27.21 17.33
N CYS E 306 45.11 26.10 16.64
CA CYS E 306 44.32 26.14 15.42
C CYS E 306 42.93 25.53 15.65
N THR E 307 41.89 26.34 15.58
CA THR E 307 40.54 25.87 15.88
C THR E 307 39.66 25.77 14.63
N ILE E 308 40.29 25.60 13.47
CA ILE E 308 39.53 25.52 12.22
C ILE E 308 38.79 24.18 12.23
N PRO E 309 37.49 24.18 11.85
CA PRO E 309 36.67 22.95 11.84
C PRO E 309 37.27 21.81 11.02
N LEU E 310 37.04 20.55 11.39
CA LEU E 310 37.51 19.40 10.58
C LEU E 310 37.24 19.54 9.08
N ASN E 311 35.98 19.80 8.71
CA ASN E 311 35.55 19.89 7.30
C ASN E 311 36.16 21.05 6.51
N VAL E 312 36.85 21.98 7.19
CA VAL E 312 37.50 23.10 6.53
C VAL E 312 39.00 22.90 6.42
N LEU E 313 39.54 21.99 7.22
CA LEU E 313 41.00 21.86 7.41
C LEU E 313 41.80 21.57 6.16
N SER E 314 41.18 20.88 5.19
CA SER E 314 41.93 20.46 4.01
C SER E 314 42.22 21.65 3.12
N THR E 315 41.67 22.82 3.46
CA THR E 315 41.95 24.06 2.74
C THR E 315 43.23 24.75 3.19
N ILE E 316 43.69 24.27 4.29
CA ILE E 316 44.84 24.74 4.89
C ILE E 316 45.88 23.73 4.64
N GLN E 317 47.00 24.42 4.41
CA GLN E 317 48.31 23.96 4.05
C GLN E 317 49.28 23.99 5.22
N PHE E 318 49.78 22.83 5.59
CA PHE E 318 50.51 22.68 6.83
C PHE E 318 51.92 22.19 6.57
N SER E 319 52.88 22.70 7.34
CA SER E 319 54.25 22.21 7.27
C SER E 319 54.91 22.12 8.65
N PRO E 320 55.26 20.91 9.08
CA PRO E 320 55.25 19.73 8.21
C PRO E 320 53.84 19.18 8.05
N ALA E 321 53.67 18.25 7.12
CA ALA E 321 52.34 17.79 6.72
C ALA E 321 51.69 17.01 7.86
N LEU E 322 50.36 17.02 7.84
CA LEU E 322 49.57 16.33 8.85
C LEU E 322 49.70 14.81 8.67
N SER E 323 49.30 14.08 9.71
CA SER E 323 49.47 12.64 9.77
C SER E 323 48.44 11.89 8.93
N THR E 324 48.66 10.60 8.76
CA THR E 324 47.79 9.77 7.98
C THR E 324 46.34 9.84 8.46
N GLU E 325 46.13 9.72 9.78
CA GLU E 325 44.77 9.65 10.33
C GLU E 325 44.06 10.98 10.27
N ARG E 326 44.82 12.08 10.43
CA ARG E 326 44.25 13.42 10.25
C ARG E 326 43.79 13.60 8.82
N ILE E 327 44.67 13.27 7.88
CA ILE E 327 44.33 13.36 6.46
C ILE E 327 43.07 12.54 6.12
N SER E 328 43.01 11.29 6.58
CA SER E 328 41.83 10.44 6.34
C SER E 328 40.56 11.07 6.86
N ALA E 329 40.66 11.62 8.07
CA ALA E 329 39.53 12.27 8.73
C ALA E 329 39.03 13.46 7.90
N MET E 330 39.95 14.28 7.40
CA MET E 330 39.56 15.50 6.69
C MET E 330 39.11 15.31 5.24
N GLN E 331 39.50 14.18 4.64
CA GLN E 331 39.05 13.82 3.30
C GLN E 331 37.62 13.30 3.35
N ALA E 332 37.39 12.30 4.19
CA ALA E 332 36.06 11.73 4.40
C ALA E 332 35.07 12.81 4.84
N GLY E 333 35.48 13.63 5.81
CA GLY E 333 34.62 14.70 6.34
C GLY E 333 33.48 14.16 7.18
N HIS E 334 33.00 15.00 8.10
CA HIS E 334 31.81 14.68 8.86
C HIS E 334 30.52 14.86 8.01
N VAL E 335 29.41 14.27 8.46
CA VAL E 335 28.19 14.13 7.66
C VAL E 335 27.07 15.16 7.95
N SER E 336 27.24 15.98 8.98
CA SER E 336 26.12 16.84 9.40
C SER E 336 25.96 18.02 8.46
N MET E 337 24.89 17.97 7.67
CA MET E 337 24.56 19.00 6.70
C MET E 337 23.26 19.68 7.14
N CYS E 338 23.15 19.94 8.42
CA CYS E 338 21.90 20.41 8.95
C CYS E 338 21.46 21.78 8.40
N THR E 339 20.19 21.88 8.01
CA THR E 339 19.59 23.15 7.68
C THR E 339 18.72 23.62 8.84
N LYS E 340 18.91 24.88 9.22
CA LYS E 340 18.17 25.44 10.34
C LYS E 340 17.54 26.74 9.92
N VAL E 341 16.22 26.76 9.98
CA VAL E 341 15.44 27.85 9.42
C VAL E 341 14.46 28.30 10.47
N HIS E 342 14.46 29.60 10.75
CA HIS E 342 13.54 30.24 11.66
C HIS E 342 12.40 30.85 10.86
N ALA E 343 11.19 30.71 11.40
CA ALA E 343 9.99 31.25 10.78
C ALA E 343 9.22 32.03 11.83
N GLU E 344 9.09 33.35 11.64
CA GLU E 344 8.17 34.11 12.46
C GLU E 344 6.80 33.99 11.79
N VAL E 345 5.87 33.33 12.44
CA VAL E 345 4.57 33.04 11.82
C VAL E 345 3.43 33.75 12.52
N ASP E 346 2.25 33.73 11.88
CA ASP E 346 1.11 34.52 12.35
C ASP E 346 0.06 33.76 13.18
N ASN E 347 0.37 32.53 13.57
CA ASN E 347 -0.54 31.71 14.37
C ASN E 347 -0.09 31.67 15.83
N LYS E 348 -0.73 32.49 16.67
CA LYS E 348 -0.40 32.61 18.10
C LYS E 348 -0.47 31.28 18.84
N ASP E 349 -1.32 30.39 18.35
CA ASP E 349 -1.65 29.18 19.07
C ASP E 349 -0.57 28.11 18.90
N MET E 350 0.30 28.30 17.91
CA MET E 350 1.35 27.34 17.69
C MET E 350 2.58 27.48 18.58
N ARG E 351 2.52 28.29 19.65
CA ARG E 351 3.58 28.37 20.65
C ARG E 351 3.86 26.97 21.21
N SER E 352 2.77 26.23 21.41
CA SER E 352 2.81 24.92 22.01
C SER E 352 2.76 23.77 21.01
N TRP E 353 3.21 24.01 19.78
CA TRP E 353 3.16 23.01 18.72
C TRP E 353 4.51 22.37 18.49
N THR E 354 4.51 21.10 18.11
CA THR E 354 5.72 20.46 17.60
C THR E 354 5.33 19.59 16.43
N GLY E 355 6.26 19.43 15.49
CA GLY E 355 5.99 18.57 14.38
C GLY E 355 7.15 17.77 13.83
N ILE E 356 6.81 16.57 13.36
CA ILE E 356 7.70 15.79 12.55
C ILE E 356 7.05 15.46 11.20
N ALA E 357 7.78 15.74 10.13
CA ALA E 357 7.34 15.55 8.77
C ALA E 357 8.40 14.72 8.09
N TYR E 358 8.16 13.43 7.91
CA TYR E 358 9.24 12.52 7.53
C TYR E 358 8.73 11.32 6.70
N PRO E 359 9.45 10.93 5.63
CA PRO E 359 10.71 11.50 5.13
C PRO E 359 10.59 12.36 3.86
N PHE E 360 9.41 12.89 3.57
CA PHE E 360 9.06 13.49 2.26
C PHE E 360 9.35 15.00 2.17
N ASN E 361 9.56 15.62 3.33
CA ASN E 361 9.77 17.08 3.43
C ASN E 361 11.25 17.44 3.65
N LYS E 362 11.63 18.64 3.22
CA LYS E 362 13.06 19.01 3.32
C LYS E 362 13.42 19.64 4.67
N LEU E 363 12.40 19.99 5.45
CA LEU E 363 12.49 20.21 6.88
C LEU E 363 11.67 19.09 7.58
N CYS E 364 12.31 18.31 8.44
CA CYS E 364 11.64 17.15 9.06
C CYS E 364 11.18 17.34 10.51
N TYR E 365 11.83 18.23 11.26
CA TYR E 365 11.55 18.38 12.69
C TYR E 365 11.37 19.87 12.96
N ALA E 366 10.41 20.23 13.81
CA ALA E 366 10.16 21.65 14.09
C ALA E 366 9.41 21.84 15.39
N ILE E 367 9.66 22.98 16.05
CA ILE E 367 9.02 23.29 17.31
C ILE E 367 8.66 24.77 17.39
N GLY E 368 7.58 25.08 18.10
CA GLY E 368 7.36 26.43 18.61
C GLY E 368 8.42 26.70 19.67
N ASP E 369 9.18 27.77 19.48
CA ASP E 369 10.37 28.03 20.29
C ASP E 369 10.35 29.37 21.04
N GLY E 370 9.34 30.20 20.77
CA GLY E 370 9.17 31.45 21.49
C GLY E 370 8.18 32.39 20.86
N THR E 371 8.14 33.61 21.38
CA THR E 371 7.24 34.65 20.90
C THR E 371 7.99 35.96 20.79
N THR E 372 8.04 36.54 19.58
CA THR E 372 8.69 37.84 19.39
C THR E 372 8.00 38.96 20.21
N PRO E 373 8.73 40.07 20.47
CA PRO E 373 8.10 41.21 21.16
C PRO E 373 6.89 41.75 20.38
N ALA E 374 6.90 41.58 19.06
CA ALA E 374 5.75 41.97 18.22
C ALA E 374 4.46 41.15 18.45
N GLY E 375 4.58 40.01 19.14
CA GLY E 375 3.43 39.17 19.48
C GLY E 375 3.27 37.85 18.73
N ASN E 376 4.16 37.58 17.77
CA ASN E 376 4.06 36.41 16.87
C ASN E 376 4.87 35.20 17.33
N THR E 377 4.57 33.94 17.02
CA THR E 377 5.17 32.60 17.21
C THR E 377 6.45 32.39 16.39
N HIS E 378 7.37 31.97 17.18
CA HIS E 378 8.63 31.67 16.53
C HIS E 378 8.77 30.15 16.42
N LEU E 379 8.92 29.66 15.19
CA LEU E 379 9.10 28.23 14.94
C LEU E 379 10.54 28.06 14.53
N VAL E 380 11.17 26.97 14.97
CA VAL E 380 12.53 26.66 14.56
C VAL E 380 12.46 25.32 13.85
N CYS E 381 12.99 25.25 12.64
CA CYS E 381 12.86 24.05 11.81
C CYS E 381 14.19 23.47 11.37
N PHE E 382 14.27 22.14 11.37
CA PHE E 382 15.48 21.47 10.94
C PHE E 382 15.24 20.54 9.78
N GLY E 383 16.25 20.44 8.92
CA GLY E 383 16.29 19.46 7.85
C GLY E 383 17.69 18.85 7.87
N THR E 384 17.89 17.77 7.13
CA THR E 384 19.13 17.03 7.16
C THR E 384 19.57 16.67 5.74
N ASP E 385 20.65 15.92 5.62
CA ASP E 385 21.09 15.46 4.32
C ASP E 385 20.22 14.34 3.75
N ALA E 386 19.28 13.86 4.56
CA ALA E 386 18.37 12.82 4.11
C ALA E 386 17.39 13.36 3.05
N ASN E 387 16.99 14.62 3.18
CA ASN E 387 16.16 15.27 2.18
C ASN E 387 16.49 16.75 2.23
N HIS E 388 17.57 17.12 1.54
CA HIS E 388 18.27 18.39 1.76
C HIS E 388 17.70 19.58 1.02
N ILE E 389 17.57 20.65 1.73
CA ILE E 389 17.31 21.91 1.14
C ILE E 389 18.39 22.92 1.48
N GLN E 390 18.74 23.71 0.49
CA GLN E 390 19.66 24.78 0.61
C GLN E 390 18.86 26.09 0.73
N PRO E 391 18.54 26.54 1.93
CA PRO E 391 17.46 27.49 2.15
C PRO E 391 17.55 28.84 1.49
N ASP E 392 18.66 29.11 0.86
CA ASP E 392 18.92 30.41 0.32
C ASP E 392 18.67 30.41 -1.15
N GLU E 393 18.55 29.24 -1.73
CA GLU E 393 18.60 29.11 -3.18
C GLU E 393 17.29 29.45 -3.88
N ASP E 394 16.28 29.37 -3.25
CA ASP E 394 14.95 29.63 -3.78
C ASP E 394 13.97 29.88 -2.64
N VAL E 395 13.58 30.94 -2.26
CA VAL E 395 12.67 31.26 -1.17
C VAL E 395 11.32 30.50 -1.17
N ARG E 396 10.70 30.35 -2.34
CA ARG E 396 9.45 29.62 -2.47
C ARG E 396 9.59 28.18 -1.97
N GLU E 397 10.68 27.53 -2.34
CA GLU E 397 10.92 26.15 -1.94
C GLU E 397 11.09 26.05 -0.43
N THR E 398 11.70 27.07 0.16
CA THR E 398 11.91 27.10 1.58
C THR E 398 10.60 27.33 2.31
N LEU E 399 9.76 28.21 1.77
CA LEU E 399 8.43 28.45 2.32
C LEU E 399 7.51 27.20 2.18
N LYS E 400 7.68 26.46 1.09
CA LYS E 400 6.98 25.20 0.90
C LYS E 400 7.35 24.20 2.02
N ALA E 401 8.65 24.01 2.23
CA ALA E 401 9.20 23.15 3.26
C ALA E 401 8.66 23.52 4.64
N VAL E 402 8.71 24.81 4.98
CA VAL E 402 8.20 25.28 6.26
C VAL E 402 6.71 24.97 6.39
N GLY E 403 5.93 25.40 5.39
CA GLY E 403 4.49 25.20 5.36
C GLY E 403 3.99 23.76 5.37
N GLN E 404 4.79 22.82 4.89
CA GLN E 404 4.41 21.40 4.92
C GLN E 404 4.54 20.72 6.31
N LEU E 405 5.16 21.41 7.27
CA LEU E 405 5.23 20.92 8.65
C LEU E 405 3.86 21.00 9.31
N ALA E 406 3.03 21.94 8.81
CA ALA E 406 1.67 22.13 9.30
C ALA E 406 0.85 22.95 8.25
N PRO E 407 0.39 22.28 7.18
CA PRO E 407 -0.23 22.96 6.02
C PRO E 407 -1.55 23.63 6.36
N GLY E 408 -1.74 24.83 5.83
CA GLY E 408 -2.97 25.58 5.99
C GLY E 408 -3.20 26.16 7.36
N THR E 409 -2.15 26.12 8.20
CA THR E 409 -2.31 26.62 9.57
C THR E 409 -1.66 27.98 9.84
N PHE E 410 -0.76 28.43 8.97
CA PHE E 410 -0.10 29.73 9.22
C PHE E 410 0.45 30.43 7.97
N GLY E 411 0.53 31.76 8.04
CA GLY E 411 1.33 32.51 7.09
C GLY E 411 2.66 32.90 7.73
N VAL E 412 3.71 32.92 6.91
CA VAL E 412 5.03 33.34 7.36
C VAL E 412 5.24 34.86 7.25
N LYS E 413 5.56 35.51 8.32
CA LYS E 413 5.93 36.89 8.27
C LYS E 413 7.41 37.12 8.03
N ARG E 414 8.21 36.21 8.51
CA ARG E 414 9.68 36.32 8.41
C ARG E 414 10.35 34.94 8.43
N LEU E 415 11.40 34.77 7.61
CA LEU E 415 12.36 33.69 7.76
C LEU E 415 13.72 34.27 8.18
N VAL E 416 14.48 33.50 8.96
CA VAL E 416 15.85 33.87 9.29
C VAL E 416 16.74 32.65 9.25
N PHE E 417 17.92 32.76 8.67
CA PHE E 417 18.78 31.58 8.57
C PHE E 417 20.19 31.88 8.13
N HIS E 418 21.09 30.92 8.35
CA HIS E 418 22.43 30.93 7.79
C HIS E 418 22.69 29.56 7.16
N ASN E 419 23.19 29.55 5.93
CA ASN E 419 23.56 28.29 5.30
C ASN E 419 24.93 27.81 5.76
N TRP E 420 24.95 26.79 6.61
CA TRP E 420 26.21 26.24 7.16
C TRP E 420 26.96 25.36 6.18
N VAL E 421 26.22 24.72 5.28
CA VAL E 421 26.77 23.79 4.32
C VAL E 421 27.57 24.54 3.24
N LYS E 422 27.03 25.65 2.74
CA LYS E 422 27.68 26.49 1.72
C LYS E 422 28.61 27.57 2.32
N ASP E 423 28.82 27.51 3.63
CA ASP E 423 29.71 28.44 4.33
C ASP E 423 31.13 27.88 4.24
N GLU E 424 32.01 28.55 3.48
CA GLU E 424 33.40 28.10 3.30
C GLU E 424 34.20 27.96 4.62
N PHE E 425 33.74 28.64 5.67
CA PHE E 425 34.42 28.53 6.96
C PHE E 425 33.78 27.52 7.93
N ALA E 426 32.72 26.83 7.49
CA ALA E 426 32.17 25.70 8.24
C ALA E 426 32.07 24.43 7.40
N LYS E 427 31.40 24.51 6.24
CA LYS E 427 31.25 23.37 5.32
C LYS E 427 30.59 22.17 6.00
N GLY E 428 29.59 22.48 6.84
CA GLY E 428 28.86 21.48 7.56
C GLY E 428 28.36 22.19 8.79
N ALA E 429 27.54 21.51 9.57
CA ALA E 429 27.03 22.08 10.80
C ALA E 429 27.88 21.32 11.86
N TRP E 430 27.42 21.21 13.11
CA TRP E 430 28.14 20.41 14.11
C TRP E 430 28.71 19.09 13.63
N PHE E 431 29.78 18.62 14.26
CA PHE E 431 30.38 17.34 13.90
C PHE E 431 29.46 16.14 14.08
N PHE E 432 29.37 15.29 13.06
CA PHE E 432 28.82 13.95 13.28
C PHE E 432 29.52 12.98 12.37
N SER E 433 29.89 11.81 12.90
CA SER E 433 30.77 10.90 12.17
C SER E 433 30.09 9.86 11.32
N ARG E 434 30.86 9.36 10.35
CA ARG E 434 30.50 8.18 9.55
C ARG E 434 30.71 6.94 10.42
N PRO E 435 30.08 5.81 10.05
CA PRO E 435 30.43 4.59 10.78
C PRO E 435 31.94 4.42 10.76
N GLY E 436 32.50 4.20 11.94
CA GLY E 436 33.90 3.82 12.12
C GLY E 436 34.90 4.95 12.19
N MET E 437 34.50 6.16 11.81
CA MET E 437 35.43 7.27 11.75
C MET E 437 36.02 7.69 13.11
N VAL E 438 35.18 7.81 14.15
CA VAL E 438 35.68 8.19 15.48
C VAL E 438 36.62 7.13 16.07
N SER E 439 36.29 5.85 15.96
CA SER E 439 37.18 4.77 16.40
C SER E 439 38.53 4.91 15.74
N GLU E 440 38.50 5.06 14.42
CA GLU E 440 39.70 5.05 13.61
C GLU E 440 40.48 6.37 13.81
N CYS E 441 39.80 7.51 13.83
CA CYS E 441 40.46 8.82 13.72
C CYS E 441 40.56 9.72 14.96
N LEU E 442 39.78 9.53 16.00
CA LEU E 442 39.71 10.50 17.09
C LEU E 442 41.05 11.04 17.65
N GLN E 443 41.84 10.04 18.02
CA GLN E 443 43.14 10.20 18.65
C GLN E 443 44.05 10.90 17.69
N GLY E 444 44.12 10.43 16.44
CA GLY E 444 44.89 11.26 15.51
C GLY E 444 44.43 12.71 15.43
N LEU E 445 43.14 12.96 15.64
CA LEU E 445 42.64 14.33 15.56
C LEU E 445 43.07 15.12 16.79
N ARG E 446 43.56 14.46 17.84
CA ARG E 446 43.83 15.06 19.17
C ARG E 446 45.29 15.38 19.65
N GLU E 447 46.19 14.85 18.92
CA GLU E 447 47.58 14.42 18.99
C GLU E 447 48.61 15.54 18.83
N LYS E 448 49.79 15.51 19.35
CA LYS E 448 50.55 16.73 19.18
C LYS E 448 50.88 17.05 17.72
N HIS E 449 51.13 18.31 17.36
CA HIS E 449 51.67 18.60 16.05
C HIS E 449 52.72 19.68 16.00
N GLY E 450 53.81 19.48 16.70
CA GLY E 450 54.85 20.44 16.64
C GLY E 450 54.42 21.60 17.46
N GLY E 451 54.46 22.79 16.94
CA GLY E 451 54.03 23.91 17.72
C GLY E 451 52.61 24.28 17.40
N VAL E 452 51.94 23.41 16.70
CA VAL E 452 50.51 23.60 16.41
C VAL E 452 49.68 22.65 17.25
N VAL E 453 48.83 23.24 18.09
CA VAL E 453 47.84 22.52 18.89
C VAL E 453 46.47 22.65 18.21
N PHE E 454 45.94 21.51 17.74
CA PHE E 454 44.63 21.45 17.05
C PHE E 454 43.52 21.18 18.06
N ALA E 455 42.54 22.08 18.11
CA ALA E 455 41.48 22.02 19.10
C ALA E 455 40.16 22.46 18.49
N ASN E 456 39.14 21.68 18.70
CA ASN E 456 37.86 21.90 18.16
C ASN E 456 36.84 20.98 18.76
N SER E 457 35.63 21.48 18.97
CA SER E 457 34.50 20.68 19.38
C SER E 457 34.40 19.36 18.60
N ASP E 458 34.74 19.39 17.30
CA ASP E 458 34.69 18.22 16.41
C ASP E 458 35.46 17.01 16.93
N TRP E 459 36.47 17.23 17.77
CA TRP E 459 37.24 16.13 18.33
C TRP E 459 37.39 16.19 19.86
N ALA E 460 36.39 16.76 20.54
CA ALA E 460 36.27 16.66 21.99
C ALA E 460 35.95 15.23 22.40
N LEU E 461 36.03 14.96 23.70
CA LEU E 461 35.90 13.62 24.29
C LEU E 461 34.53 13.41 24.89
N GLY E 462 33.99 14.46 25.52
CA GLY E 462 32.69 14.37 26.17
C GLY E 462 31.59 14.82 25.23
N TRP E 463 31.12 16.05 25.43
CA TRP E 463 30.11 16.62 24.55
C TRP E 463 30.70 17.04 23.20
N ARG E 464 31.25 16.08 22.47
CA ARG E 464 31.84 16.35 21.15
C ARG E 464 30.77 16.87 20.21
N SER E 465 31.08 17.93 19.47
CA SER E 465 30.12 18.53 18.51
C SER E 465 29.19 19.54 19.13
N PHE E 466 29.33 19.77 20.45
CA PHE E 466 28.54 20.76 21.17
C PHE E 466 29.40 21.96 21.57
N ILE E 467 28.75 23.07 21.86
CA ILE E 467 29.41 24.23 22.42
C ILE E 467 30.26 23.80 23.61
N ASP E 468 29.66 23.00 24.49
CA ASP E 468 30.41 22.41 25.57
C ASP E 468 31.73 21.84 25.08
N GLY E 469 31.69 21.09 23.97
CA GLY E 469 32.89 20.45 23.42
C GLY E 469 33.93 21.43 22.91
N ALA E 470 33.47 22.55 22.35
CA ALA E 470 34.39 23.62 21.93
C ALA E 470 35.16 24.12 23.15
N ILE E 471 34.45 24.31 24.27
CA ILE E 471 35.03 24.84 25.50
C ILE E 471 35.97 23.81 26.16
N GLU E 472 35.57 22.57 26.26
CA GLU E 472 36.42 21.50 26.65
C GLU E 472 37.72 21.53 25.87
N GLU E 473 37.63 21.77 24.59
CA GLU E 473 38.83 21.73 23.74
C GLU E 473 39.69 22.97 23.86
N GLY E 474 39.04 24.12 23.95
CA GLY E 474 39.72 25.40 24.16
C GLY E 474 40.48 25.37 25.47
N THR E 475 39.89 24.82 26.50
CA THR E 475 40.52 24.66 27.78
C THR E 475 41.76 23.76 27.69
N ARG E 476 41.65 22.63 27.02
CA ARG E 476 42.76 21.77 26.87
C ARG E 476 43.79 22.51 26.09
N ALA E 477 43.38 23.32 25.15
CA ALA E 477 44.40 23.97 24.34
C ALA E 477 45.21 25.00 25.16
N ALA E 478 44.57 25.73 26.07
CA ALA E 478 45.28 26.74 26.86
C ALA E 478 46.26 26.10 27.84
N ARG E 479 45.84 25.00 28.42
CA ARG E 479 46.63 24.22 29.29
C ARG E 479 47.86 23.62 28.62
N VAL E 480 47.71 23.08 27.43
CA VAL E 480 48.83 22.52 26.70
C VAL E 480 49.95 23.51 26.39
N VAL E 481 49.56 24.65 25.89
CA VAL E 481 50.45 25.73 25.61
C VAL E 481 51.47 26.03 26.73
N LEU E 482 51.32 25.44 27.90
CA LEU E 482 52.30 25.55 28.99
C LEU E 482 52.91 24.26 29.50
N GLU E 483 54.12 23.87 29.10
CA GLU E 483 54.79 24.14 27.84
C GLU E 483 55.38 25.48 27.38
N GLU E 484 55.08 26.57 28.03
CA GLU E 484 55.58 27.86 27.52
C GLU E 484 55.65 28.04 25.99
N THR F 2 -1.76 2.14 -17.56
CA THR F 2 -2.75 1.41 -16.69
C THR F 2 -3.14 2.21 -15.45
N SER F 3 -4.44 2.37 -15.25
CA SER F 3 -5.01 3.17 -14.14
C SER F 3 -4.88 2.44 -12.80
N ARG F 4 -5.05 3.14 -11.73
CA ARG F 4 -5.21 2.57 -10.42
C ARG F 4 -6.64 2.14 -10.15
N ASP F 5 -7.57 2.67 -10.92
CA ASP F 5 -8.97 2.31 -10.85
C ASP F 5 -9.19 0.94 -11.53
N GLY F 6 -10.32 0.32 -11.21
CA GLY F 6 -10.69 -0.94 -11.81
C GLY F 6 -10.06 -2.16 -11.17
N TYR F 7 -10.66 -3.31 -11.46
CA TYR F 7 -10.25 -4.60 -10.97
C TYR F 7 -10.44 -5.60 -12.10
N GLN F 8 -9.75 -6.72 -12.13
CA GLN F 8 -9.82 -7.85 -13.02
C GLN F 8 -9.68 -9.14 -12.20
N TRP F 9 -10.28 -10.13 -12.60
CA TRP F 9 -10.09 -11.46 -12.04
C TRP F 9 -10.10 -12.51 -13.13
N THR F 10 -9.10 -13.38 -13.12
CA THR F 10 -9.11 -14.61 -13.91
C THR F 10 -8.77 -15.73 -12.94
N PRO F 11 -9.08 -17.00 -13.29
CA PRO F 11 -8.62 -18.10 -12.45
C PRO F 11 -7.08 -18.17 -12.33
N GLU F 12 -6.36 -17.75 -13.33
CA GLU F 12 -4.94 -17.83 -13.28
C GLU F 12 -4.27 -16.79 -12.42
N THR F 13 -4.73 -15.57 -12.49
CA THR F 13 -4.08 -14.47 -11.80
C THR F 13 -4.72 -14.05 -10.47
N GLY F 14 -5.97 -14.46 -10.24
CA GLY F 14 -6.73 -13.98 -9.07
C GLY F 14 -7.17 -12.53 -9.23
N LEU F 15 -7.52 -11.88 -8.13
CA LEU F 15 -7.96 -10.50 -8.12
C LEU F 15 -6.81 -9.49 -8.17
N THR F 16 -6.70 -8.48 -9.10
CA THR F 16 -5.68 -7.50 -9.47
C THR F 16 -6.27 -6.11 -9.36
N GLN F 17 -5.60 -5.13 -8.86
CA GLN F 17 -6.23 -3.87 -8.87
C GLN F 17 -5.50 -3.13 -9.91
N GLY F 18 -6.19 -2.29 -10.68
CA GLY F 18 -5.58 -1.51 -11.74
C GLY F 18 -5.69 -2.12 -13.11
N VAL F 19 -6.34 -1.41 -14.05
CA VAL F 19 -6.58 -1.94 -15.40
C VAL F 19 -6.21 -0.87 -16.43
N PRO F 20 -5.83 -1.27 -17.67
CA PRO F 20 -5.47 -0.23 -18.65
C PRO F 20 -6.63 0.72 -18.95
N SER F 21 -6.29 1.92 -19.38
CA SER F 21 -7.29 2.82 -19.93
C SER F 21 -6.64 3.93 -20.75
N LEU F 22 -7.17 4.19 -21.94
CA LEU F 22 -6.74 5.32 -22.75
C LEU F 22 -7.04 6.66 -22.05
N GLY F 23 -7.88 6.64 -21.02
CA GLY F 23 -8.17 7.82 -20.21
C GLY F 23 -7.01 8.31 -19.34
N VAL F 24 -6.03 7.42 -19.10
CA VAL F 24 -4.85 7.74 -18.31
C VAL F 24 -3.98 8.76 -19.05
N ILE F 25 -3.62 9.83 -18.35
CA ILE F 25 -2.86 10.94 -18.94
C ILE F 25 -1.39 10.91 -18.49
N SER F 26 -0.50 10.58 -19.42
CA SER F 26 0.96 10.55 -19.17
C SER F 26 1.66 11.52 -20.13
N PRO F 27 2.47 12.47 -19.58
CA PRO F 27 2.76 12.64 -18.16
C PRO F 27 1.58 13.32 -17.44
N PRO F 28 1.52 13.21 -16.09
CA PRO F 28 0.36 13.68 -15.33
C PRO F 28 0.22 15.20 -15.15
N THR F 29 1.14 15.97 -15.67
CA THR F 29 1.04 17.39 -15.59
C THR F 29 1.85 18.00 -16.70
N ASN F 30 1.51 19.19 -17.15
CA ASN F 30 2.27 19.92 -18.16
C ASN F 30 2.72 21.27 -17.63
N ILE F 31 2.52 21.47 -16.34
CA ILE F 31 3.01 22.65 -15.69
C ILE F 31 4.22 22.41 -14.79
N GLU F 32 5.04 23.42 -14.64
CA GLU F 32 6.26 23.33 -13.85
C GLU F 32 6.41 24.57 -13.02
N GLY F 38 1.64 29.42 -15.33
CA GLY F 38 1.43 30.86 -15.47
C GLY F 38 0.41 31.34 -14.45
N PRO F 39 -0.37 32.40 -14.79
CA PRO F 39 -1.66 32.76 -14.11
C PRO F 39 -2.85 32.15 -14.88
N TRP F 40 -4.03 32.07 -14.25
CA TRP F 40 -5.16 31.34 -14.87
C TRP F 40 -6.50 32.09 -14.85
N ASP F 41 -7.19 32.06 -15.99
CA ASP F 41 -8.54 32.61 -16.05
C ASP F 41 -9.50 31.70 -15.29
N VAL F 42 -9.33 30.40 -15.47
CA VAL F 42 -10.27 29.42 -14.96
C VAL F 42 -9.56 28.18 -14.50
N ILE F 43 -9.92 27.74 -13.31
CA ILE F 43 -9.58 26.41 -12.87
C ILE F 43 -10.83 25.53 -13.03
N VAL F 44 -10.67 24.38 -13.64
CA VAL F 44 -11.75 23.39 -13.68
C VAL F 44 -11.39 22.21 -12.78
N ILE F 45 -12.23 21.96 -11.79
CA ILE F 45 -12.01 20.80 -10.94
C ILE F 45 -12.83 19.62 -11.46
N GLY F 46 -12.14 18.54 -11.86
CA GLY F 46 -12.76 17.31 -12.33
C GLY F 46 -12.68 17.22 -13.83
N GLY F 47 -12.10 16.13 -14.32
CA GLY F 47 -12.06 15.86 -15.75
C GLY F 47 -12.98 14.74 -16.24
N GLY F 48 -14.19 14.67 -15.69
CA GLY F 48 -15.23 13.85 -16.30
C GLY F 48 -15.79 14.59 -17.50
N TYR F 49 -16.90 14.12 -18.07
CA TYR F 49 -17.44 14.75 -19.27
C TYR F 49 -17.88 16.18 -18.98
N CYS F 50 -18.21 16.48 -17.72
CA CYS F 50 -18.64 17.84 -17.38
C CYS F 50 -17.47 18.81 -17.52
N GLY F 51 -16.34 18.42 -16.90
CA GLY F 51 -15.16 19.24 -16.88
C GLY F 51 -14.50 19.27 -18.23
N LEU F 52 -14.57 18.17 -18.96
CA LEU F 52 -13.98 18.13 -20.30
C LEU F 52 -14.68 19.08 -21.26
N THR F 53 -16.01 19.13 -21.20
CA THR F 53 -16.77 20.01 -22.06
C THR F 53 -16.47 21.45 -21.74
N ALA F 54 -16.46 21.77 -20.45
CA ALA F 54 -16.19 23.13 -20.01
C ALA F 54 -14.79 23.60 -20.44
N THR F 55 -13.82 22.72 -20.29
CA THR F 55 -12.42 23.00 -20.64
C THR F 55 -12.24 23.16 -22.14
N ARG F 56 -12.80 22.22 -22.90
CA ARG F 56 -12.87 22.33 -24.36
C ARG F 56 -13.51 23.65 -24.78
N ASP F 57 -14.67 23.97 -24.23
CA ASP F 57 -15.31 25.24 -24.58
C ASP F 57 -14.45 26.45 -24.22
N LEU F 58 -13.97 26.50 -22.98
CA LEU F 58 -13.23 27.64 -22.45
C LEU F 58 -11.91 27.88 -23.19
N THR F 59 -11.17 26.81 -23.44
CA THR F 59 -9.90 26.93 -24.17
C THR F 59 -10.07 27.33 -25.63
N VAL F 60 -11.14 26.85 -26.28
CA VAL F 60 -11.43 27.16 -27.68
C VAL F 60 -11.85 28.62 -27.78
N ALA F 61 -12.58 29.10 -26.78
CA ALA F 61 -12.97 30.52 -26.75
C ALA F 61 -11.83 31.44 -26.27
N GLY F 62 -10.69 30.87 -25.89
CA GLY F 62 -9.47 31.64 -25.61
C GLY F 62 -9.05 31.92 -24.16
N PHE F 63 -9.71 31.25 -23.22
CA PHE F 63 -9.35 31.42 -21.81
C PHE F 63 -8.26 30.43 -21.41
N LYS F 64 -7.27 30.94 -20.67
CA LYS F 64 -6.25 30.09 -20.06
C LYS F 64 -6.96 29.27 -19.01
N THR F 65 -6.83 27.95 -19.10
CA THR F 65 -7.65 27.04 -18.30
C THR F 65 -6.81 25.93 -17.67
N LEU F 66 -6.94 25.85 -16.35
CA LEU F 66 -6.25 24.87 -15.52
C LEU F 66 -7.25 23.87 -14.91
N LEU F 67 -7.11 22.63 -15.33
CA LEU F 67 -7.91 21.50 -14.91
C LEU F 67 -7.15 20.70 -13.84
N LEU F 68 -7.80 20.38 -12.87
CA LEU F 68 -7.30 19.57 -11.76
C LEU F 68 -8.18 18.34 -11.56
N GLU F 69 -7.56 17.17 -11.63
CA GLU F 69 -8.27 15.91 -11.46
C GLU F 69 -7.65 15.07 -10.35
N ALA F 70 -8.52 14.47 -9.53
CA ALA F 70 -8.07 13.64 -8.43
C ALA F 70 -7.42 12.34 -8.89
N ARG F 71 -7.92 11.76 -9.96
CA ARG F 71 -7.44 10.49 -10.45
C ARG F 71 -6.29 10.56 -11.42
N ASP F 72 -5.90 9.44 -11.98
CA ASP F 72 -4.79 9.47 -12.96
C ASP F 72 -5.28 9.51 -14.41
N ARG F 73 -6.58 9.71 -14.57
CA ARG F 73 -7.26 9.51 -15.85
C ARG F 73 -8.40 10.49 -16.01
N ILE F 74 -8.79 10.73 -17.25
CA ILE F 74 -10.05 11.41 -17.51
C ILE F 74 -11.24 10.42 -17.58
N GLY F 75 -12.45 10.97 -17.64
CA GLY F 75 -13.65 10.17 -17.84
C GLY F 75 -14.60 10.23 -16.67
N GLY F 76 -14.05 10.47 -15.47
CA GLY F 76 -14.83 10.46 -14.23
C GLY F 76 -15.60 9.17 -14.14
N ARG F 77 -16.93 9.27 -14.06
CA ARG F 77 -17.78 8.08 -13.85
C ARG F 77 -17.99 7.23 -15.10
N SER F 78 -17.29 7.56 -16.19
CA SER F 78 -17.39 6.81 -17.42
C SER F 78 -16.01 6.62 -18.01
N TRP F 79 -15.65 5.36 -18.26
CA TRP F 79 -14.33 5.04 -18.79
C TRP F 79 -14.20 3.62 -19.19
N SER F 80 -13.20 3.39 -19.99
CA SER F 80 -13.12 2.19 -20.75
C SER F 80 -11.72 1.60 -20.57
N SER F 81 -11.65 0.29 -20.45
CA SER F 81 -10.41 -0.44 -20.32
C SER F 81 -10.32 -1.53 -21.38
N ASN F 82 -9.37 -1.40 -22.29
CA ASN F 82 -9.12 -2.44 -23.27
C ASN F 82 -8.34 -3.59 -22.63
N ILE F 83 -8.96 -4.76 -22.58
CA ILE F 83 -8.33 -5.95 -22.03
C ILE F 83 -8.45 -7.06 -23.07
N ASP F 84 -7.30 -7.55 -23.49
CA ASP F 84 -7.20 -8.49 -24.62
C ASP F 84 -7.99 -8.04 -25.85
N GLY F 85 -7.94 -6.73 -26.11
CA GLY F 85 -8.54 -6.13 -27.31
C GLY F 85 -10.02 -5.76 -27.21
N TYR F 86 -10.67 -6.18 -26.13
CA TYR F 86 -12.07 -5.78 -25.90
C TYR F 86 -12.24 -4.60 -24.92
N PRO F 87 -13.04 -3.59 -25.31
CA PRO F 87 -13.34 -2.46 -24.41
C PRO F 87 -14.35 -2.82 -23.29
N TYR F 88 -13.91 -2.78 -22.04
CA TYR F 88 -14.81 -3.04 -20.93
C TYR F 88 -15.24 -1.69 -20.34
N GLU F 89 -16.55 -1.42 -20.39
CA GLU F 89 -17.07 -0.13 -19.99
C GLU F 89 -17.30 -0.10 -18.49
N MET F 90 -16.49 0.62 -17.78
CA MET F 90 -16.43 0.51 -16.36
C MET F 90 -17.53 1.25 -15.65
N GLY F 91 -18.06 2.26 -16.27
CA GLY F 91 -19.21 3.00 -15.73
C GLY F 91 -20.17 3.27 -16.86
N GLY F 92 -20.38 4.54 -17.13
CA GLY F 92 -21.31 4.97 -18.16
C GLY F 92 -20.97 4.49 -19.56
N THR F 93 -21.97 3.91 -20.21
CA THR F 93 -21.75 3.17 -21.43
C THR F 93 -22.59 3.64 -22.62
N TRP F 94 -23.91 3.69 -22.45
CA TRP F 94 -24.80 3.79 -23.59
C TRP F 94 -25.23 5.20 -23.91
N VAL F 95 -25.37 5.46 -25.21
CA VAL F 95 -25.77 6.76 -25.75
C VAL F 95 -26.80 6.61 -26.90
N HIS F 96 -27.41 7.73 -27.31
CA HIS F 96 -28.44 7.71 -28.35
C HIS F 96 -28.58 9.10 -28.98
N TRP F 97 -29.04 9.16 -30.23
CA TRP F 97 -29.22 10.45 -30.92
C TRP F 97 -30.38 11.28 -30.38
N HIS F 98 -31.21 10.64 -29.55
CA HIS F 98 -32.24 11.37 -28.83
C HIS F 98 -31.67 12.04 -27.58
N GLN F 99 -30.42 11.81 -27.26
CA GLN F 99 -29.75 12.56 -26.20
C GLN F 99 -28.96 13.71 -26.78
N SER F 100 -29.51 14.90 -26.64
CA SER F 100 -29.06 16.10 -27.35
C SER F 100 -27.58 16.46 -27.32
N HIS F 101 -26.97 16.47 -26.14
CA HIS F 101 -25.62 17.04 -25.97
C HIS F 101 -24.52 16.06 -26.27
N VAL F 102 -24.64 14.83 -25.78
CA VAL F 102 -23.66 13.81 -26.13
C VAL F 102 -23.71 13.55 -27.64
N TRP F 103 -24.91 13.55 -28.22
CA TRP F 103 -25.00 13.31 -29.68
C TRP F 103 -24.43 14.46 -30.49
N ARG F 104 -24.52 15.83 -30.07
CA ARG F 104 -23.70 16.80 -30.74
C ARG F 104 -22.25 16.30 -30.80
N GLU F 105 -21.87 16.18 -29.63
CA GLU F 105 -20.40 15.93 -29.59
C GLU F 105 -19.99 14.74 -30.42
N ILE F 106 -20.80 13.68 -30.39
CA ILE F 106 -20.52 12.51 -31.20
C ILE F 106 -20.45 12.90 -32.69
N THR F 107 -21.42 13.68 -33.18
CA THR F 107 -21.42 14.04 -34.59
C THR F 107 -20.31 15.05 -34.90
N ARG F 108 -20.10 16.00 -33.99
CA ARG F 108 -19.04 16.96 -34.19
C ARG F 108 -17.65 16.31 -34.24
N TYR F 109 -17.41 15.31 -33.40
CA TYR F 109 -16.16 14.55 -33.49
C TYR F 109 -16.18 13.44 -34.54
N LYS F 110 -17.24 13.41 -35.36
CA LYS F 110 -17.37 12.40 -36.44
C LYS F 110 -17.29 10.97 -35.91
N MET F 111 -18.04 10.68 -34.84
CA MET F 111 -18.08 9.35 -34.27
C MET F 111 -19.49 8.72 -34.35
N HIS F 112 -20.39 9.38 -35.08
CA HIS F 112 -21.76 8.91 -35.34
C HIS F 112 -21.76 7.52 -35.97
N ASN F 113 -20.73 7.19 -36.74
CA ASN F 113 -20.60 5.86 -37.33
C ASN F 113 -19.69 4.91 -36.55
N ALA F 114 -19.36 5.25 -35.30
CA ALA F 114 -18.45 4.42 -34.51
C ALA F 114 -19.16 3.68 -33.35
N LEU F 115 -20.41 3.28 -33.57
CA LEU F 115 -21.21 2.62 -32.52
C LEU F 115 -21.44 1.12 -32.82
N SER F 116 -21.73 0.35 -31.76
CA SER F 116 -22.12 -1.06 -31.87
C SER F 116 -23.42 -1.28 -31.14
N PRO F 117 -24.30 -2.11 -31.72
CA PRO F 117 -25.47 -2.48 -30.94
C PRO F 117 -25.08 -3.46 -29.82
N SER F 118 -25.56 -3.23 -28.61
CA SER F 118 -25.35 -4.17 -27.50
C SER F 118 -26.12 -5.46 -27.71
N PHE F 119 -27.35 -5.32 -28.19
CA PHE F 119 -28.21 -6.46 -28.37
C PHE F 119 -27.93 -7.16 -29.69
N ASN F 120 -27.92 -8.48 -29.62
CA ASN F 120 -27.69 -9.32 -30.78
C ASN F 120 -28.39 -10.66 -30.62
N PHE F 121 -29.48 -10.82 -31.36
CA PHE F 121 -30.39 -11.96 -31.17
C PHE F 121 -30.36 -12.90 -32.38
N SER F 122 -29.29 -12.84 -33.16
CA SER F 122 -29.25 -13.55 -34.44
C SER F 122 -28.77 -15.00 -34.32
N ARG F 123 -28.29 -15.39 -33.13
CA ARG F 123 -27.80 -16.76 -32.91
C ARG F 123 -27.85 -17.10 -31.42
N GLY F 124 -27.66 -18.36 -31.05
CA GLY F 124 -27.54 -18.76 -29.65
C GLY F 124 -28.88 -18.97 -29.00
N VAL F 125 -28.92 -18.99 -27.66
CA VAL F 125 -30.12 -19.37 -26.91
C VAL F 125 -31.33 -18.47 -27.19
N ASN F 126 -31.05 -17.20 -27.45
CA ASN F 126 -32.06 -16.28 -27.92
C ASN F 126 -33.29 -16.24 -27.00
N HIS F 127 -33.04 -16.20 -25.69
CA HIS F 127 -34.14 -16.11 -24.73
C HIS F 127 -33.86 -15.21 -23.54
N PHE F 128 -34.93 -14.95 -22.78
CA PHE F 128 -34.93 -14.19 -21.54
C PHE F 128 -35.17 -15.15 -20.40
N GLN F 129 -34.34 -15.06 -19.36
CA GLN F 129 -34.42 -15.97 -18.20
C GLN F 129 -34.78 -15.20 -16.92
N LEU F 130 -35.96 -15.42 -16.42
CA LEU F 130 -36.46 -14.81 -15.24
C LEU F 130 -36.42 -15.75 -14.03
N ARG F 131 -35.72 -15.35 -12.99
CA ARG F 131 -35.60 -16.13 -11.78
C ARG F 131 -36.22 -15.39 -10.60
N THR F 132 -37.27 -15.91 -10.02
CA THR F 132 -37.98 -15.19 -8.96
C THR F 132 -37.72 -15.75 -7.57
N ASN F 133 -37.01 -16.86 -7.50
CA ASN F 133 -36.42 -17.39 -6.27
C ASN F 133 -35.22 -18.28 -6.61
N PRO F 134 -34.39 -18.68 -5.62
CA PRO F 134 -33.15 -19.41 -5.96
C PRO F 134 -33.37 -20.69 -6.78
N THR F 135 -34.61 -21.16 -6.80
CA THR F 135 -34.95 -22.50 -7.28
C THR F 135 -35.56 -22.58 -8.70
N THR F 136 -36.27 -21.56 -9.13
CA THR F 136 -36.90 -21.57 -10.43
C THR F 136 -36.29 -20.72 -11.56
N SER F 137 -36.66 -21.08 -12.78
CA SER F 137 -36.32 -20.31 -13.94
C SER F 137 -37.51 -20.32 -14.84
N THR F 138 -37.88 -19.18 -15.36
CA THR F 138 -38.90 -19.06 -16.40
C THR F 138 -38.24 -18.52 -17.65
N TYR F 139 -38.30 -19.29 -18.73
CA TYR F 139 -37.70 -18.91 -20.01
C TYR F 139 -38.77 -18.37 -20.96
N MET F 140 -38.41 -17.39 -21.78
CA MET F 140 -39.36 -16.85 -22.75
C MET F 140 -38.66 -16.08 -23.86
N THR F 141 -39.38 -15.87 -24.96
CA THR F 141 -38.81 -15.16 -26.08
C THR F 141 -38.59 -13.71 -25.69
N HIS F 142 -37.66 -13.06 -26.38
CA HIS F 142 -37.41 -11.63 -26.20
C HIS F 142 -38.64 -10.76 -26.57
N GLU F 143 -39.46 -11.23 -27.48
CA GLU F 143 -40.72 -10.62 -27.79
C GLU F 143 -41.65 -10.63 -26.62
N ALA F 144 -41.63 -11.72 -25.88
CA ALA F 144 -42.49 -11.90 -24.72
C ALA F 144 -41.91 -11.14 -23.54
N GLU F 145 -40.57 -11.09 -23.45
CA GLU F 145 -39.89 -10.28 -22.46
C GLU F 145 -40.29 -8.81 -22.63
N ASP F 146 -40.32 -8.34 -23.87
CA ASP F 146 -40.69 -6.96 -24.14
C ASP F 146 -42.11 -6.69 -23.66
N GLU F 147 -43.03 -7.56 -24.06
CA GLU F 147 -44.44 -7.41 -23.76
C GLU F 147 -44.69 -7.35 -22.23
N LEU F 148 -43.92 -8.14 -21.47
CA LEU F 148 -44.00 -8.15 -20.03
C LEU F 148 -43.64 -6.80 -19.40
N LEU F 149 -42.48 -6.25 -19.77
CA LEU F 149 -42.08 -4.95 -19.27
C LEU F 149 -42.96 -3.83 -19.81
N ARG F 150 -43.29 -3.87 -21.11
CA ARG F 150 -44.22 -2.89 -21.66
CA ARG F 150 -44.24 -2.90 -21.68
C ARG F 150 -45.51 -2.89 -20.84
N SER F 151 -46.01 -4.09 -20.55
CA SER F 151 -47.22 -4.23 -19.75
C SER F 151 -47.10 -3.65 -18.33
N ALA F 152 -46.02 -3.99 -17.63
CA ALA F 152 -45.80 -3.53 -16.25
C ALA F 152 -45.48 -2.03 -16.16
N LEU F 153 -44.69 -1.54 -17.10
CA LEU F 153 -44.31 -0.13 -17.12
C LEU F 153 -45.49 0.76 -17.49
N HIS F 154 -46.43 0.20 -18.25
CA HIS F 154 -47.63 0.93 -18.59
C HIS F 154 -48.46 1.23 -17.32
N LYS F 155 -48.58 0.25 -16.45
CA LYS F 155 -49.37 0.40 -15.24
C LYS F 155 -48.64 1.28 -14.27
N PHE F 156 -47.31 1.12 -14.24
CA PHE F 156 -46.43 1.83 -13.33
C PHE F 156 -46.50 3.31 -13.66
N THR F 157 -46.35 3.65 -14.94
CA THR F 157 -46.26 5.06 -15.36
C THR F 157 -47.60 5.77 -15.57
N ASN F 158 -48.68 5.00 -15.64
CA ASN F 158 -49.96 5.61 -16.05
C ASN F 158 -50.69 6.36 -14.95
N VAL F 159 -50.06 7.39 -14.42
CA VAL F 159 -50.62 8.13 -13.29
C VAL F 159 -51.65 9.18 -13.71
N ASP F 160 -51.65 9.54 -14.99
CA ASP F 160 -52.43 10.66 -15.49
C ASP F 160 -53.23 10.30 -16.72
N GLY F 161 -53.38 9.00 -17.00
CA GLY F 161 -54.06 8.53 -18.22
C GLY F 161 -53.23 8.52 -19.51
N THR F 162 -52.03 9.11 -19.50
CA THR F 162 -51.21 9.18 -20.70
C THR F 162 -49.75 8.83 -20.46
N ASN F 163 -49.48 8.08 -19.40
CA ASN F 163 -48.11 7.66 -19.11
C ASN F 163 -47.15 8.82 -18.86
N GLY F 164 -47.66 9.88 -18.26
CA GLY F 164 -46.79 10.98 -17.81
C GLY F 164 -46.74 12.21 -18.71
N ARG F 165 -47.36 12.09 -19.89
CA ARG F 165 -47.43 13.19 -20.87
C ARG F 165 -48.25 14.39 -20.40
N THR F 166 -49.19 14.16 -19.47
CA THR F 166 -50.03 15.23 -18.97
C THR F 166 -49.39 15.89 -17.76
N VAL F 167 -48.91 15.10 -16.78
CA VAL F 167 -48.17 15.68 -15.63
C VAL F 167 -46.77 16.21 -15.96
N LEU F 168 -46.13 15.63 -16.96
CA LEU F 168 -44.73 16.01 -17.26
C LEU F 168 -44.46 16.14 -18.74
N PRO F 169 -45.21 17.02 -19.41
CA PRO F 169 -45.06 17.21 -20.86
C PRO F 169 -43.71 17.83 -21.22
N PHE F 170 -43.18 18.68 -20.34
CA PHE F 170 -41.91 19.32 -20.59
C PHE F 170 -40.90 18.90 -19.52
N PRO F 171 -40.20 17.77 -19.73
CA PRO F 171 -39.34 17.29 -18.63
C PRO F 171 -38.26 18.29 -18.19
N HIS F 172 -37.82 19.19 -19.06
CA HIS F 172 -36.85 20.21 -18.69
C HIS F 172 -37.37 21.21 -17.62
N ASP F 173 -38.66 21.25 -17.44
CA ASP F 173 -39.34 22.09 -16.50
C ASP F 173 -40.32 21.30 -15.69
N MET F 174 -39.88 20.74 -14.59
CA MET F 174 -40.70 19.86 -13.77
C MET F 174 -41.94 20.49 -13.12
N PHE F 175 -41.94 21.78 -12.92
CA PHE F 175 -43.04 22.52 -12.28
C PHE F 175 -44.06 23.10 -13.26
N TYR F 176 -43.92 22.81 -14.55
CA TYR F 176 -44.89 23.28 -15.56
C TYR F 176 -46.32 22.90 -15.16
N VAL F 177 -46.51 21.64 -14.77
CA VAL F 177 -47.78 21.20 -14.22
C VAL F 177 -47.51 20.93 -12.75
N PRO F 178 -48.12 21.74 -11.85
CA PRO F 178 -47.90 21.62 -10.39
C PRO F 178 -48.13 20.20 -9.86
N GLU F 179 -49.08 19.50 -10.43
CA GLU F 179 -49.39 18.13 -10.09
C GLU F 179 -48.22 17.17 -10.08
N PHE F 180 -47.13 17.49 -10.75
CA PHE F 180 -45.97 16.62 -10.79
C PHE F 180 -45.25 16.45 -9.45
N ARG F 181 -45.21 17.49 -8.66
CA ARG F 181 -44.47 17.48 -7.45
C ARG F 181 -44.80 16.32 -6.55
N LYS F 182 -46.04 15.96 -6.42
CA LYS F 182 -46.35 14.81 -5.61
C LYS F 182 -45.78 13.49 -6.11
N TYR F 183 -45.55 13.36 -7.39
CA TYR F 183 -44.88 12.17 -7.88
C TYR F 183 -43.38 12.19 -7.61
N ASP F 184 -42.73 13.34 -7.80
CA ASP F 184 -41.36 13.48 -7.34
C ASP F 184 -41.23 13.13 -5.85
N GLU F 185 -42.25 13.49 -5.07
CA GLU F 185 -42.31 13.23 -3.64
C GLU F 185 -42.73 11.80 -3.27
N MET F 186 -43.12 11.02 -4.26
CA MET F 186 -43.54 9.64 -4.03
C MET F 186 -42.33 8.71 -4.18
N SER F 187 -42.34 7.59 -3.48
CA SER F 187 -41.34 6.54 -3.70
C SER F 187 -41.84 5.43 -4.67
N TYR F 188 -40.90 4.68 -5.24
CA TYR F 188 -41.21 3.47 -6.00
C TYR F 188 -42.20 2.60 -5.23
N SER F 189 -41.83 2.38 -3.98
CA SER F 189 -42.60 1.63 -3.01
C SER F 189 -44.06 2.07 -2.93
N GLU F 190 -44.28 3.37 -2.82
CA GLU F 190 -45.63 3.87 -2.67
C GLU F 190 -46.39 3.69 -3.98
N ARG F 191 -45.69 3.82 -5.11
CA ARG F 191 -46.33 3.63 -6.43
C ARG F 191 -46.73 2.18 -6.66
N ILE F 192 -45.84 1.25 -6.34
CA ILE F 192 -46.13 -0.16 -6.52
C ILE F 192 -47.31 -0.62 -5.66
N ASP F 193 -47.42 -0.06 -4.45
CA ASP F 193 -48.56 -0.37 -3.57
C ASP F 193 -49.89 0.00 -4.21
N GLN F 194 -49.89 1.07 -5.01
CA GLN F 194 -51.09 1.57 -5.65
C GLN F 194 -51.57 0.64 -6.77
N ILE F 195 -50.72 -0.27 -7.27
CA ILE F 195 -51.03 -1.07 -8.46
C ILE F 195 -50.68 -2.56 -8.32
N ARG F 196 -50.19 -2.95 -7.17
CA ARG F 196 -49.80 -4.28 -6.84
C ARG F 196 -50.79 -5.40 -7.20
N ASP F 197 -52.06 -5.20 -6.90
CA ASP F 197 -53.15 -6.17 -7.12
C ASP F 197 -53.34 -6.48 -8.61
N GLU F 198 -52.93 -5.63 -9.39
CA GLU F 198 -52.91 -5.69 -10.86
C GLU F 198 -51.62 -6.26 -11.46
N LEU F 199 -50.60 -6.41 -10.83
CA LEU F 199 -49.38 -7.01 -11.39
C LEU F 199 -49.24 -8.45 -10.99
N SER F 200 -48.96 -9.32 -11.97
CA SER F 200 -48.57 -10.69 -11.70
C SER F 200 -47.15 -10.70 -11.16
N LEU F 201 -46.72 -11.83 -10.59
CA LEU F 201 -45.38 -11.92 -10.07
C LEU F 201 -44.35 -11.61 -11.15
N ASN F 202 -44.54 -12.16 -12.34
CA ASN F 202 -43.65 -11.88 -13.45
C ASN F 202 -43.58 -10.39 -13.82
N GLU F 203 -44.72 -9.74 -13.92
CA GLU F 203 -44.76 -8.29 -14.16
C GLU F 203 -44.04 -7.51 -13.09
N ARG F 204 -44.35 -7.76 -11.82
CA ARG F 204 -43.80 -6.97 -10.73
C ARG F 204 -42.30 -7.23 -10.58
N SER F 205 -41.90 -8.48 -10.75
CA SER F 205 -40.52 -8.85 -10.64
C SER F 205 -39.71 -8.12 -11.69
N SER F 206 -40.14 -8.23 -12.95
CA SER F 206 -39.48 -7.52 -14.06
C SER F 206 -39.49 -6.02 -13.84
N LEU F 207 -40.66 -5.51 -13.43
CA LEU F 207 -40.81 -4.10 -13.22
C LEU F 207 -39.86 -3.61 -12.13
N GLU F 208 -39.86 -4.27 -10.98
CA GLU F 208 -39.08 -3.79 -9.86
C GLU F 208 -37.62 -3.85 -10.25
N ALA F 209 -37.19 -4.97 -10.83
CA ALA F 209 -35.82 -5.11 -11.36
C ALA F 209 -35.40 -3.97 -12.30
N PHE F 210 -36.28 -3.64 -13.24
CA PHE F 210 -35.95 -2.65 -14.25
C PHE F 210 -35.91 -1.26 -13.62
N ILE F 211 -36.87 -0.95 -12.76
CA ILE F 211 -36.86 0.37 -12.12
C ILE F 211 -35.72 0.57 -11.10
N LEU F 212 -35.23 -0.52 -10.52
CA LEU F 212 -34.11 -0.44 -9.56
C LEU F 212 -32.77 -0.41 -10.28
N LEU F 213 -32.71 -1.09 -11.43
CA LEU F 213 -31.63 -0.88 -12.39
C LEU F 213 -31.46 0.63 -12.71
N CYS F 214 -32.57 1.33 -12.91
CA CYS F 214 -32.49 2.77 -13.15
C CYS F 214 -32.08 3.60 -11.92
N SER F 215 -32.57 3.26 -10.72
CA SER F 215 -32.27 4.11 -9.57
C SER F 215 -30.96 3.71 -8.91
N GLY F 216 -30.65 2.42 -8.94
CA GLY F 216 -29.53 1.87 -8.23
C GLY F 216 -29.76 1.77 -6.72
N GLY F 217 -30.97 2.13 -6.26
CA GLY F 217 -31.26 2.24 -4.81
C GLY F 217 -32.16 1.16 -4.25
N THR F 218 -33.08 1.54 -3.36
CA THR F 218 -34.09 0.60 -2.87
C THR F 218 -35.49 1.01 -3.30
N LEU F 219 -36.45 0.11 -3.16
CA LEU F 219 -37.83 0.50 -3.39
C LEU F 219 -38.31 1.65 -2.48
N GLU F 220 -37.82 1.71 -1.24
CA GLU F 220 -38.26 2.76 -0.30
C GLU F 220 -37.55 4.10 -0.48
N ASN F 221 -36.32 4.10 -0.97
CA ASN F 221 -35.60 5.36 -1.10
C ASN F 221 -35.50 5.96 -2.52
N SER F 222 -36.12 5.33 -3.51
CA SER F 222 -36.03 5.82 -4.90
C SER F 222 -37.22 6.68 -5.29
N SER F 223 -36.96 7.84 -5.89
CA SER F 223 -38.04 8.74 -6.33
C SER F 223 -38.79 8.22 -7.57
N PHE F 224 -40.10 8.06 -7.44
CA PHE F 224 -40.92 7.64 -8.55
C PHE F 224 -40.89 8.72 -9.61
N GLY F 225 -41.12 9.97 -9.22
CA GLY F 225 -41.13 11.08 -10.15
C GLY F 225 -39.86 11.12 -11.00
N GLU F 226 -38.72 10.92 -10.34
CA GLU F 226 -37.45 10.88 -11.06
C GLU F 226 -37.44 9.76 -12.14
N PHE F 227 -38.05 8.60 -11.85
CA PHE F 227 -38.22 7.61 -12.92
C PHE F 227 -39.11 8.14 -14.06
N LEU F 228 -40.18 8.85 -13.72
CA LEU F 228 -41.03 9.47 -14.74
C LEU F 228 -40.20 10.41 -15.61
N HIS F 229 -39.21 11.05 -15.00
CA HIS F 229 -38.35 11.96 -15.73
C HIS F 229 -37.56 11.19 -16.80
N TRP F 230 -36.87 10.12 -16.41
CA TRP F 230 -36.13 9.31 -17.36
C TRP F 230 -37.05 8.90 -18.50
N TRP F 231 -38.21 8.34 -18.13
CA TRP F 231 -39.24 7.81 -19.01
C TRP F 231 -39.69 8.87 -20.02
N ALA F 232 -39.99 10.08 -19.52
CA ALA F 232 -40.31 11.23 -20.34
C ALA F 232 -39.21 11.58 -21.36
N MET F 233 -37.98 11.79 -20.90
CA MET F 233 -36.87 12.14 -21.79
C MET F 233 -36.74 11.11 -22.92
N SER F 234 -37.03 9.85 -22.59
CA SER F 234 -36.90 8.74 -23.52
C SER F 234 -38.07 8.62 -24.50
N GLY F 235 -39.12 9.43 -24.33
CA GLY F 235 -40.30 9.37 -25.20
C GLY F 235 -41.53 8.66 -24.64
N TYR F 236 -41.54 8.45 -23.32
CA TYR F 236 -42.69 7.89 -22.59
C TYR F 236 -43.13 6.53 -23.08
N THR F 237 -42.17 5.72 -23.53
CA THR F 237 -42.42 4.33 -23.89
C THR F 237 -41.24 3.47 -23.45
N TYR F 238 -41.51 2.18 -23.27
CA TYR F 238 -40.51 1.18 -23.01
C TYR F 238 -39.46 1.02 -24.11
N GLN F 239 -39.88 0.82 -25.36
CA GLN F 239 -38.93 0.77 -26.48
C GLN F 239 -38.09 2.05 -26.50
N GLY F 240 -38.72 3.20 -26.23
CA GLY F 240 -38.00 4.46 -26.12
C GLY F 240 -36.89 4.36 -25.09
N CYS F 241 -37.22 3.86 -23.89
CA CYS F 241 -36.20 3.64 -22.85
C CYS F 241 -35.07 2.70 -23.29
N MET F 242 -35.40 1.56 -23.89
CA MET F 242 -34.39 0.61 -24.31
C MET F 242 -33.44 1.23 -25.35
N ASP F 243 -34.00 2.02 -26.28
CA ASP F 243 -33.21 2.70 -27.31
C ASP F 243 -32.22 3.68 -26.68
N CYS F 244 -32.70 4.48 -25.72
CA CYS F 244 -31.90 5.51 -25.08
C CYS F 244 -30.99 5.02 -23.93
N LEU F 245 -31.44 4.01 -23.18
CA LEU F 245 -30.70 3.56 -21.98
C LEU F 245 -29.72 2.45 -22.23
N MET F 246 -29.89 1.63 -23.24
CA MET F 246 -29.13 0.40 -23.32
C MET F 246 -28.91 -0.21 -24.69
N SER F 247 -28.92 0.55 -25.76
CA SER F 247 -28.79 -0.02 -27.11
C SER F 247 -27.41 0.16 -27.75
N TYR F 248 -26.85 1.35 -27.63
CA TYR F 248 -25.67 1.71 -28.42
C TYR F 248 -24.48 2.22 -27.62
N LYS F 249 -23.32 1.65 -27.92
CA LYS F 249 -22.08 1.98 -27.22
C LYS F 249 -21.00 2.23 -28.24
N PHE F 250 -19.92 2.82 -27.80
CA PHE F 250 -18.83 3.11 -28.66
C PHE F 250 -18.09 1.81 -28.85
N LYS F 251 -17.74 1.54 -30.07
CA LYS F 251 -17.10 0.32 -30.41
C LYS F 251 -15.63 0.30 -30.00
N ASP F 252 -15.08 1.47 -29.84
CA ASP F 252 -13.74 1.72 -29.32
C ASP F 252 -13.69 2.11 -27.84
N GLY F 253 -14.84 2.12 -27.17
CA GLY F 253 -14.88 2.40 -25.74
C GLY F 253 -15.04 3.87 -25.44
N GLN F 254 -15.59 4.18 -24.27
CA GLN F 254 -15.85 5.56 -23.87
C GLN F 254 -14.61 6.46 -23.71
N SER F 255 -13.48 5.91 -23.27
CA SER F 255 -12.25 6.68 -23.14
C SER F 255 -11.75 7.25 -24.47
N ALA F 256 -12.03 6.60 -25.59
CA ALA F 256 -11.65 7.18 -26.89
C ALA F 256 -12.48 8.44 -27.18
N PHE F 257 -13.72 8.46 -26.70
CA PHE F 257 -14.58 9.62 -26.85
C PHE F 257 -14.07 10.79 -25.98
N ALA F 258 -13.74 10.50 -24.73
CA ALA F 258 -13.17 11.48 -23.80
C ALA F 258 -11.85 12.06 -24.30
N ARG F 259 -11.03 11.19 -24.98
CA ARG F 259 -9.75 11.65 -25.56
C ARG F 259 -9.96 12.69 -26.65
N ARG F 260 -11.13 12.73 -27.30
CA ARG F 260 -11.45 13.80 -28.28
C ARG F 260 -11.62 15.14 -27.63
N PHE F 261 -12.34 15.17 -26.51
CA PHE F 261 -12.45 16.43 -25.76
C PHE F 261 -11.04 16.85 -25.33
N TRP F 262 -10.26 15.90 -24.84
CA TRP F 262 -8.95 16.17 -24.35
C TRP F 262 -7.96 16.65 -25.38
N GLU F 263 -7.98 16.05 -26.56
CA GLU F 263 -7.20 16.44 -27.69
C GLU F 263 -7.48 17.85 -28.06
N GLU F 264 -8.74 18.18 -28.23
CA GLU F 264 -9.14 19.52 -28.65
C GLU F 264 -8.67 20.55 -27.64
N ALA F 265 -8.91 20.33 -26.35
CA ALA F 265 -8.43 21.28 -25.35
C ALA F 265 -6.89 21.46 -25.42
N ALA F 266 -6.15 20.37 -25.45
CA ALA F 266 -4.68 20.43 -25.50
C ALA F 266 -4.17 21.24 -26.71
N GLY F 267 -4.77 20.98 -27.87
CA GLY F 267 -4.32 21.54 -29.14
C GLY F 267 -4.42 23.05 -29.20
N THR F 268 -5.22 23.65 -28.32
CA THR F 268 -5.37 25.10 -28.31
C THR F 268 -4.16 25.81 -27.71
N GLY F 269 -3.31 25.07 -27.02
CA GLY F 269 -2.18 25.63 -26.32
C GLY F 269 -2.55 26.45 -25.09
N ARG F 270 -3.81 26.38 -24.64
CA ARG F 270 -4.21 27.11 -23.41
C ARG F 270 -4.58 26.19 -22.25
N LEU F 271 -4.17 24.94 -22.34
CA LEU F 271 -4.52 23.96 -21.33
C LEU F 271 -3.34 23.66 -20.44
N GLY F 272 -3.51 23.94 -19.15
CA GLY F 272 -2.64 23.40 -18.13
C GLY F 272 -3.42 22.35 -17.37
N TYR F 273 -2.74 21.29 -16.95
CA TYR F 273 -3.40 20.22 -16.21
C TYR F 273 -2.56 19.56 -15.11
N VAL F 274 -3.23 19.13 -14.05
CA VAL F 274 -2.60 18.33 -13.02
C VAL F 274 -3.51 17.18 -12.60
N PHE F 275 -3.05 15.96 -12.84
CA PHE F 275 -3.74 14.75 -12.38
C PHE F 275 -3.10 14.24 -11.08
N GLY F 276 -3.79 13.31 -10.40
CA GLY F 276 -3.35 12.83 -9.08
C GLY F 276 -3.33 13.99 -8.10
N CYS F 277 -4.30 14.87 -8.23
CA CYS F 277 -4.33 16.12 -7.49
C CYS F 277 -5.70 16.33 -6.83
N PRO F 278 -6.01 15.53 -5.80
CA PRO F 278 -7.30 15.73 -5.18
C PRO F 278 -7.34 17.03 -4.40
N VAL F 279 -8.43 17.78 -4.58
CA VAL F 279 -8.63 19.10 -4.01
C VAL F 279 -9.29 18.93 -2.64
N ARG F 280 -8.97 19.81 -1.71
CA ARG F 280 -9.58 19.78 -0.42
C ARG F 280 -10.36 21.05 -0.12
N SER F 281 -9.93 22.14 -0.71
CA SER F 281 -10.33 23.47 -0.31
C SER F 281 -10.60 24.40 -1.50
N VAL F 282 -11.74 25.10 -1.47
CA VAL F 282 -12.00 26.22 -2.40
C VAL F 282 -12.40 27.45 -1.59
N VAL F 283 -11.67 28.55 -1.78
CA VAL F 283 -11.93 29.78 -1.04
C VAL F 283 -12.08 30.98 -1.97
N ASN F 284 -13.18 31.71 -1.78
CA ASN F 284 -13.44 32.98 -2.51
C ASN F 284 -12.62 34.14 -1.94
N GLU F 285 -11.83 34.78 -2.79
CA GLU F 285 -11.01 35.91 -2.39
C GLU F 285 -11.53 37.22 -3.03
N ARG F 286 -10.64 38.22 -3.19
CA ARG F 286 -11.03 39.51 -3.78
C ARG F 286 -10.93 39.42 -5.31
N ASP F 287 -12.06 39.16 -5.96
CA ASP F 287 -12.09 38.99 -7.41
C ASP F 287 -11.55 37.69 -8.02
N ALA F 288 -10.86 36.86 -7.22
CA ALA F 288 -10.26 35.59 -7.67
C ALA F 288 -10.65 34.51 -6.64
N ALA F 289 -10.37 33.24 -6.95
CA ALA F 289 -10.60 32.13 -6.02
C ALA F 289 -9.38 31.22 -5.89
N ARG F 290 -9.18 30.67 -4.68
CA ARG F 290 -8.01 29.84 -4.35
C ARG F 290 -8.41 28.39 -4.16
N VAL F 291 -7.79 27.51 -4.95
CA VAL F 291 -8.02 26.08 -4.89
C VAL F 291 -6.79 25.36 -4.31
N THR F 292 -7.00 24.67 -3.20
CA THR F 292 -5.92 23.98 -2.48
C THR F 292 -6.02 22.46 -2.56
N ALA F 293 -4.94 21.83 -3.00
CA ALA F 293 -4.84 20.36 -3.07
C ALA F 293 -4.66 19.71 -1.69
N ARG F 294 -4.81 18.40 -1.64
CA ARG F 294 -4.64 17.65 -0.40
C ARG F 294 -3.23 17.76 0.14
N ASP F 295 -2.25 17.71 -0.76
CA ASP F 295 -0.85 17.85 -0.41
C ASP F 295 -0.42 19.32 -0.20
N GLY F 296 -1.39 20.20 0.00
CA GLY F 296 -1.12 21.62 0.20
C GLY F 296 -0.79 22.54 -0.99
N ARG F 297 -0.63 22.03 -2.19
CA ARG F 297 -0.45 22.90 -3.34
C ARG F 297 -1.66 23.79 -3.53
N GLU F 298 -1.38 25.05 -3.72
CA GLU F 298 -2.40 26.05 -4.04
C GLU F 298 -2.31 26.46 -5.52
N PHE F 299 -3.53 26.81 -6.00
CA PHE F 299 -3.74 27.29 -7.38
C PHE F 299 -4.79 28.41 -7.38
N VAL F 300 -4.50 29.48 -8.14
CA VAL F 300 -5.35 30.68 -8.18
C VAL F 300 -5.92 30.93 -9.59
N ALA F 301 -7.16 31.38 -9.66
CA ALA F 301 -7.79 31.74 -10.93
C ALA F 301 -8.98 32.64 -10.69
N LYS F 302 -9.38 33.33 -11.73
CA LYS F 302 -10.49 34.23 -11.60
C LYS F 302 -11.80 33.54 -11.35
N ARG F 303 -11.98 32.38 -11.94
CA ARG F 303 -13.20 31.62 -11.84
C ARG F 303 -12.87 30.19 -11.60
N VAL F 304 -13.75 29.51 -10.92
CA VAL F 304 -13.65 28.08 -10.71
C VAL F 304 -14.90 27.34 -11.18
N VAL F 305 -14.73 26.36 -12.07
CA VAL F 305 -15.78 25.40 -12.33
C VAL F 305 -15.54 24.15 -11.49
N CYS F 306 -16.46 23.88 -10.59
CA CYS F 306 -16.37 22.72 -9.73
C CYS F 306 -17.34 21.64 -10.19
N THR F 307 -16.79 20.52 -10.64
CA THR F 307 -17.60 19.43 -11.14
C THR F 307 -17.60 18.22 -10.21
N ILE F 308 -17.23 18.41 -8.95
CA ILE F 308 -17.18 17.28 -8.05
C ILE F 308 -18.62 16.77 -7.86
N PRO F 309 -18.82 15.42 -7.86
CA PRO F 309 -20.14 14.80 -7.70
C PRO F 309 -20.88 15.21 -6.43
N LEU F 310 -22.22 15.24 -6.47
CA LEU F 310 -23.00 15.52 -5.26
C LEU F 310 -22.58 14.66 -4.06
N ASN F 311 -22.33 13.37 -4.28
CA ASN F 311 -22.00 12.46 -3.18
C ASN F 311 -20.58 12.64 -2.57
N VAL F 312 -19.75 13.45 -3.24
CA VAL F 312 -18.39 13.70 -2.79
C VAL F 312 -18.25 15.10 -2.21
N LEU F 313 -19.20 15.99 -2.54
CA LEU F 313 -19.07 17.41 -2.16
C LEU F 313 -18.82 17.68 -0.69
N SER F 314 -19.42 16.87 0.19
CA SER F 314 -19.31 17.13 1.63
C SER F 314 -17.86 17.08 2.15
N THR F 315 -16.96 16.45 1.38
CA THR F 315 -15.56 16.35 1.76
C THR F 315 -14.77 17.64 1.54
N ILE F 316 -15.33 18.57 0.81
CA ILE F 316 -14.63 19.76 0.44
C ILE F 316 -14.97 20.94 1.32
N GLN F 317 -13.99 21.73 1.67
CA GLN F 317 -14.22 22.93 2.42
C GLN F 317 -14.45 24.14 1.51
N PHE F 318 -15.59 24.78 1.65
CA PHE F 318 -15.93 25.96 0.86
C PHE F 318 -16.07 27.17 1.75
N SER F 319 -15.42 28.24 1.35
CA SER F 319 -15.63 29.54 1.94
C SER F 319 -16.04 30.54 0.85
N PRO F 320 -17.21 31.18 0.99
CA PRO F 320 -18.15 31.05 2.12
C PRO F 320 -18.95 29.74 2.08
N ALA F 321 -19.57 29.41 3.21
CA ALA F 321 -20.41 28.20 3.36
C ALA F 321 -21.52 28.12 2.30
N LEU F 322 -21.86 26.91 1.90
CA LEU F 322 -22.89 26.69 0.89
C LEU F 322 -24.30 26.93 1.46
N SER F 323 -25.29 27.08 0.58
CA SER F 323 -26.69 27.29 0.97
C SER F 323 -27.29 26.08 1.72
N THR F 324 -28.46 26.26 2.32
CA THR F 324 -29.15 25.19 3.05
C THR F 324 -29.55 24.00 2.15
N GLU F 325 -29.96 24.31 0.91
CA GLU F 325 -30.40 23.30 -0.07
C GLU F 325 -29.21 22.46 -0.54
N ARG F 326 -28.09 23.11 -0.83
CA ARG F 326 -26.89 22.35 -1.18
C ARG F 326 -26.44 21.44 -0.05
N ILE F 327 -26.38 21.98 1.19
CA ILE F 327 -26.10 21.16 2.37
C ILE F 327 -27.11 20.01 2.56
N SER F 328 -28.40 20.29 2.42
CA SER F 328 -29.41 19.24 2.59
C SER F 328 -29.17 18.06 1.65
N ALA F 329 -28.90 18.36 0.38
CA ALA F 329 -28.76 17.32 -0.65
C ALA F 329 -27.45 16.56 -0.45
N MET F 330 -26.38 17.29 -0.24
CA MET F 330 -25.14 16.66 0.05
C MET F 330 -25.11 15.82 1.30
N GLN F 331 -25.84 16.22 2.33
CA GLN F 331 -25.91 15.40 3.55
C GLN F 331 -26.63 14.09 3.25
N ALA F 332 -27.86 14.21 2.77
CA ALA F 332 -28.71 13.08 2.36
C ALA F 332 -27.99 12.19 1.31
N GLY F 333 -27.51 12.81 0.23
CA GLY F 333 -26.84 12.08 -0.85
C GLY F 333 -27.85 11.46 -1.81
N HIS F 334 -27.41 11.11 -3.02
CA HIS F 334 -28.26 10.32 -3.90
C HIS F 334 -28.15 8.81 -3.59
N VAL F 335 -29.12 8.05 -4.08
CA VAL F 335 -29.35 6.67 -3.64
C VAL F 335 -28.69 5.57 -4.48
N SER F 336 -28.10 5.95 -5.61
CA SER F 336 -27.60 4.97 -6.55
C SER F 336 -26.27 4.33 -6.12
N MET F 337 -26.37 3.09 -5.68
CA MET F 337 -25.21 2.33 -5.26
C MET F 337 -25.00 1.15 -6.23
N CYS F 338 -25.19 1.41 -7.52
CA CYS F 338 -25.09 0.33 -8.51
C CYS F 338 -23.73 -0.39 -8.54
N THR F 339 -23.79 -1.70 -8.64
CA THR F 339 -22.62 -2.54 -8.88
C THR F 339 -22.67 -3.00 -10.35
N LYS F 340 -21.55 -2.90 -11.05
CA LYS F 340 -21.52 -3.21 -12.46
C LYS F 340 -20.38 -4.15 -12.73
N VAL F 341 -20.71 -5.40 -13.07
CA VAL F 341 -19.70 -6.46 -13.22
C VAL F 341 -19.68 -7.02 -14.66
N HIS F 342 -18.53 -6.94 -15.32
CA HIS F 342 -18.38 -7.60 -16.61
C HIS F 342 -17.94 -9.03 -16.40
N ALA F 343 -18.47 -9.95 -17.19
CA ALA F 343 -18.03 -11.33 -17.17
C ALA F 343 -17.74 -11.86 -18.57
N GLU F 344 -16.51 -12.26 -18.83
CA GLU F 344 -16.17 -13.03 -20.03
C GLU F 344 -16.41 -14.49 -19.70
N VAL F 345 -17.43 -15.08 -20.32
CA VAL F 345 -17.84 -16.44 -19.99
C VAL F 345 -17.60 -17.38 -21.17
N ASP F 346 -17.79 -18.68 -20.95
CA ASP F 346 -17.37 -19.67 -21.94
C ASP F 346 -18.54 -20.34 -22.66
N ASN F 347 -19.73 -19.80 -22.47
CA ASN F 347 -20.90 -20.23 -23.25
C ASN F 347 -21.16 -19.28 -24.44
N LYS F 348 -20.73 -19.69 -25.63
CA LYS F 348 -20.87 -18.88 -26.86
C LYS F 348 -22.33 -18.55 -27.20
N ASP F 349 -23.23 -19.43 -26.83
CA ASP F 349 -24.63 -19.28 -27.21
C ASP F 349 -25.38 -18.22 -26.40
N MET F 350 -24.72 -17.63 -25.42
CA MET F 350 -25.35 -16.70 -24.52
C MET F 350 -25.20 -15.25 -24.95
N ARG F 351 -24.59 -15.03 -26.12
CA ARG F 351 -24.62 -13.74 -26.78
C ARG F 351 -26.04 -13.18 -26.83
N SER F 352 -27.03 -14.06 -26.94
CA SER F 352 -28.40 -13.63 -27.15
C SER F 352 -29.31 -13.86 -25.95
N TRP F 353 -28.68 -14.05 -24.80
CA TRP F 353 -29.36 -14.26 -23.54
C TRP F 353 -29.52 -12.93 -22.87
N THR F 354 -30.60 -12.78 -22.10
CA THR F 354 -30.72 -11.69 -21.15
C THR F 354 -31.33 -12.32 -19.92
N GLY F 355 -31.09 -11.74 -18.75
CA GLY F 355 -31.59 -12.36 -17.53
C GLY F 355 -31.98 -11.39 -16.45
N ILE F 356 -32.98 -11.79 -15.64
CA ILE F 356 -33.38 -11.10 -14.41
C ILE F 356 -33.53 -12.09 -13.26
N ALA F 357 -32.84 -11.79 -12.17
CA ALA F 357 -32.87 -12.62 -10.96
C ALA F 357 -33.16 -11.72 -9.78
N TYR F 358 -34.34 -11.85 -9.19
CA TYR F 358 -34.87 -10.86 -8.27
C TYR F 358 -36.04 -11.37 -7.41
N PRO F 359 -36.08 -11.03 -6.11
CA PRO F 359 -35.15 -10.15 -5.34
C PRO F 359 -33.90 -10.83 -4.76
N PHE F 360 -33.83 -12.15 -4.86
CA PHE F 360 -32.89 -12.96 -4.07
C PHE F 360 -31.41 -12.75 -4.39
N ASN F 361 -31.08 -12.32 -5.60
CA ASN F 361 -29.68 -12.28 -6.03
C ASN F 361 -29.02 -10.93 -5.84
N LYS F 362 -27.73 -10.90 -5.62
CA LYS F 362 -27.09 -9.61 -5.43
C LYS F 362 -26.76 -8.88 -6.76
N LEU F 363 -26.86 -9.61 -7.87
CA LEU F 363 -26.89 -9.02 -9.21
C LEU F 363 -28.23 -9.37 -9.85
N CYS F 364 -28.98 -8.36 -10.28
CA CYS F 364 -30.38 -8.64 -10.64
C CYS F 364 -30.76 -8.53 -12.13
N TYR F 365 -29.82 -8.12 -12.98
CA TYR F 365 -30.13 -7.78 -14.37
C TYR F 365 -28.84 -7.87 -15.16
N ALA F 366 -28.86 -8.69 -16.21
CA ALA F 366 -27.66 -8.96 -16.97
C ALA F 366 -28.03 -9.15 -18.44
N ILE F 367 -27.11 -8.82 -19.34
CA ILE F 367 -27.29 -9.05 -20.78
C ILE F 367 -26.03 -9.57 -21.44
N GLY F 368 -26.19 -10.41 -22.46
CA GLY F 368 -25.11 -10.68 -23.40
C GLY F 368 -24.87 -9.37 -24.14
N ASP F 369 -23.62 -8.89 -24.11
CA ASP F 369 -23.31 -7.55 -24.56
C ASP F 369 -22.27 -7.46 -25.67
N GLY F 370 -21.67 -8.58 -26.06
CA GLY F 370 -20.59 -8.57 -27.02
C GLY F 370 -19.86 -9.89 -27.10
N THR F 371 -18.88 -9.95 -28.01
CA THR F 371 -18.00 -11.11 -28.12
C THR F 371 -16.56 -10.61 -28.20
N THR F 372 -15.70 -11.19 -27.37
CA THR F 372 -14.28 -10.78 -27.34
C THR F 372 -13.55 -11.33 -28.57
N PRO F 373 -12.51 -10.60 -29.05
CA PRO F 373 -11.72 -11.09 -30.19
C PRO F 373 -11.27 -12.55 -30.04
N ALA F 374 -11.16 -13.03 -28.81
CA ALA F 374 -10.83 -14.44 -28.53
C ALA F 374 -12.05 -15.35 -28.78
N GLY F 375 -13.21 -14.73 -29.09
CA GLY F 375 -14.42 -15.48 -29.43
C GLY F 375 -15.31 -15.94 -28.29
N ASN F 376 -15.17 -15.28 -27.13
CA ASN F 376 -16.00 -15.54 -25.95
C ASN F 376 -17.11 -14.51 -25.79
N THR F 377 -18.13 -14.85 -25.02
CA THR F 377 -19.24 -13.98 -24.68
C THR F 377 -19.03 -13.07 -23.49
N HIS F 378 -19.42 -11.81 -23.63
CA HIS F 378 -19.25 -10.81 -22.60
C HIS F 378 -20.60 -10.54 -22.00
N LEU F 379 -20.73 -10.78 -20.69
CA LEU F 379 -21.96 -10.46 -19.99
C LEU F 379 -21.73 -9.20 -19.22
N VAL F 380 -22.67 -8.27 -19.27
CA VAL F 380 -22.66 -7.15 -18.31
C VAL F 380 -23.80 -7.37 -17.29
N CYS F 381 -23.46 -7.26 -16.00
CA CYS F 381 -24.38 -7.53 -14.88
C CYS F 381 -24.50 -6.35 -13.93
N PHE F 382 -25.70 -6.12 -13.43
CA PHE F 382 -25.97 -5.01 -12.52
C PHE F 382 -26.65 -5.51 -11.27
N GLY F 383 -26.29 -4.93 -10.13
CA GLY F 383 -26.99 -5.15 -8.87
C GLY F 383 -27.27 -3.79 -8.27
N THR F 384 -28.09 -3.74 -7.23
CA THR F 384 -28.48 -2.44 -6.74
C THR F 384 -28.33 -2.44 -5.22
N ASP F 385 -28.67 -1.30 -4.60
CA ASP F 385 -28.76 -1.24 -3.16
C ASP F 385 -29.91 -2.10 -2.56
N ALA F 386 -30.84 -2.56 -3.40
CA ALA F 386 -31.94 -3.40 -2.94
C ALA F 386 -31.37 -4.64 -2.28
N ASN F 387 -30.25 -5.11 -2.83
CA ASN F 387 -29.59 -6.32 -2.38
C ASN F 387 -28.13 -6.24 -2.84
N HIS F 388 -27.33 -5.55 -2.04
CA HIS F 388 -26.04 -5.02 -2.47
C HIS F 388 -24.88 -5.98 -2.28
N ILE F 389 -23.96 -5.94 -3.24
CA ILE F 389 -22.68 -6.57 -3.12
C ILE F 389 -21.60 -5.56 -3.47
N GLN F 390 -20.50 -5.59 -2.73
CA GLN F 390 -19.28 -4.96 -3.13
C GLN F 390 -18.44 -5.98 -3.86
N PRO F 391 -18.30 -5.87 -5.18
CA PRO F 391 -17.68 -6.89 -6.00
C PRO F 391 -16.27 -7.27 -5.67
N ASP F 392 -15.50 -6.30 -5.24
CA ASP F 392 -14.11 -6.48 -4.90
C ASP F 392 -13.84 -7.29 -3.62
N GLU F 393 -14.78 -7.42 -2.68
CA GLU F 393 -14.57 -8.01 -1.39
C GLU F 393 -14.54 -9.53 -1.28
N ASP F 394 -15.27 -10.15 -1.93
CA ASP F 394 -15.20 -11.61 -1.87
C ASP F 394 -15.52 -12.16 -3.26
N VAL F 395 -14.54 -12.53 -4.08
CA VAL F 395 -14.70 -12.76 -5.55
C VAL F 395 -15.61 -13.90 -5.91
N ARG F 396 -15.56 -14.71 -4.98
CA ARG F 396 -16.28 -15.92 -4.77
C ARG F 396 -17.76 -15.67 -4.59
N GLU F 397 -18.24 -14.84 -3.81
CA GLU F 397 -19.58 -14.29 -3.75
C GLU F 397 -19.98 -13.59 -5.05
N THR F 398 -19.00 -12.90 -5.64
CA THR F 398 -19.20 -12.21 -6.88
C THR F 398 -19.53 -13.19 -8.00
N LEU F 399 -18.71 -14.24 -8.13
CA LEU F 399 -18.96 -15.33 -9.08
C LEU F 399 -20.25 -16.10 -8.79
N LYS F 400 -20.55 -16.30 -7.52
CA LYS F 400 -21.84 -16.86 -7.12
C LYS F 400 -22.99 -15.96 -7.67
N ALA F 401 -22.94 -14.66 -7.41
CA ALA F 401 -23.97 -13.77 -7.93
C ALA F 401 -24.07 -13.81 -9.46
N VAL F 402 -22.92 -13.76 -10.15
CA VAL F 402 -22.91 -13.88 -11.59
C VAL F 402 -23.56 -15.24 -11.98
N GLY F 403 -23.02 -16.34 -11.45
CA GLY F 403 -23.50 -17.69 -11.75
C GLY F 403 -25.03 -17.85 -11.70
N GLN F 404 -25.63 -17.21 -10.71
CA GLN F 404 -27.01 -17.41 -10.41
C GLN F 404 -28.01 -16.70 -11.33
N LEU F 405 -27.49 -15.97 -12.32
CA LEU F 405 -28.36 -15.37 -13.33
C LEU F 405 -28.79 -16.44 -14.32
N ALA F 406 -27.98 -17.49 -14.41
CA ALA F 406 -28.23 -18.63 -15.26
C ALA F 406 -27.45 -19.88 -14.74
N PRO F 407 -27.96 -20.48 -13.64
CA PRO F 407 -27.21 -21.55 -13.00
C PRO F 407 -26.86 -22.67 -13.98
N GLY F 408 -25.61 -23.12 -13.95
CA GLY F 408 -25.19 -24.33 -14.65
C GLY F 408 -25.04 -24.20 -16.16
N THR F 409 -24.91 -22.97 -16.65
CA THR F 409 -24.82 -22.76 -18.09
C THR F 409 -23.44 -22.29 -18.56
N PHE F 410 -22.58 -21.87 -17.64
CA PHE F 410 -21.30 -21.26 -18.03
C PHE F 410 -20.27 -21.16 -16.89
N GLY F 411 -18.99 -21.16 -17.26
CA GLY F 411 -17.90 -20.87 -16.34
C GLY F 411 -17.33 -19.50 -16.70
N VAL F 412 -16.83 -18.77 -15.69
CA VAL F 412 -16.34 -17.42 -15.92
C VAL F 412 -14.85 -17.48 -16.21
N LYS F 413 -14.44 -16.86 -17.32
CA LYS F 413 -13.03 -16.74 -17.65
C LYS F 413 -12.45 -15.50 -17.05
N ARG F 414 -13.26 -14.47 -16.89
CA ARG F 414 -12.76 -13.17 -16.46
C ARG F 414 -13.89 -12.32 -15.92
N LEU F 415 -13.63 -11.65 -14.79
CA LEU F 415 -14.48 -10.57 -14.29
C LEU F 415 -13.70 -9.28 -14.48
N VAL F 416 -14.40 -8.18 -14.71
CA VAL F 416 -13.80 -6.83 -14.78
C VAL F 416 -14.80 -5.83 -14.19
N PHE F 417 -14.35 -5.01 -13.23
CA PHE F 417 -15.24 -4.07 -12.58
C PHE F 417 -14.52 -2.98 -11.85
N HIS F 418 -15.24 -1.89 -11.60
CA HIS F 418 -14.74 -0.83 -10.77
C HIS F 418 -15.82 -0.57 -9.76
N ASN F 419 -15.43 -0.47 -8.50
CA ASN F 419 -16.39 -0.27 -7.43
C ASN F 419 -16.64 1.22 -7.17
N TRP F 420 -17.79 1.71 -7.67
CA TRP F 420 -18.16 3.12 -7.59
C TRP F 420 -18.56 3.55 -6.19
N VAL F 421 -19.09 2.61 -5.45
CA VAL F 421 -19.58 2.88 -4.10
C VAL F 421 -18.43 3.17 -3.16
N LYS F 422 -17.37 2.36 -3.25
CA LYS F 422 -16.23 2.48 -2.33
C LYS F 422 -15.21 3.53 -2.82
N ASP F 423 -15.46 4.03 -4.03
CA ASP F 423 -14.63 5.00 -4.72
C ASP F 423 -14.81 6.38 -4.10
N GLU F 424 -13.75 6.92 -3.51
CA GLU F 424 -13.83 8.16 -2.73
C GLU F 424 -14.07 9.41 -3.60
N PHE F 425 -14.00 9.23 -4.91
CA PHE F 425 -14.19 10.33 -5.85
C PHE F 425 -15.50 10.24 -6.60
N ALA F 426 -16.34 9.27 -6.22
CA ALA F 426 -17.67 9.06 -6.78
C ALA F 426 -18.69 8.85 -5.65
N LYS F 427 -18.40 7.95 -4.76
CA LYS F 427 -19.23 7.62 -3.63
C LYS F 427 -20.64 7.24 -4.00
N GLY F 428 -20.74 6.42 -4.99
CA GLY F 428 -22.01 6.03 -5.58
C GLY F 428 -21.84 6.11 -7.07
N ALA F 429 -22.91 5.79 -7.80
CA ALA F 429 -22.88 5.69 -9.26
C ALA F 429 -23.62 6.95 -9.77
N TRP F 430 -24.18 6.91 -10.98
CA TRP F 430 -24.99 8.02 -11.53
C TRP F 430 -25.93 8.61 -10.49
N PHE F 431 -26.30 9.88 -10.60
CA PHE F 431 -27.29 10.45 -9.68
C PHE F 431 -28.67 9.83 -9.85
N PHE F 432 -29.26 9.37 -8.75
CA PHE F 432 -30.72 9.15 -8.67
C PHE F 432 -31.30 9.58 -7.32
N SER F 433 -32.41 10.28 -7.35
CA SER F 433 -32.87 11.01 -6.17
C SER F 433 -33.76 10.25 -5.19
N ARG F 434 -33.67 10.62 -3.92
CA ARG F 434 -34.66 10.27 -2.89
C ARG F 434 -35.97 10.96 -3.22
N PRO F 435 -37.10 10.43 -2.70
CA PRO F 435 -38.39 11.08 -2.88
C PRO F 435 -38.33 12.49 -2.35
N GLY F 436 -38.72 13.45 -3.19
CA GLY F 436 -38.82 14.83 -2.79
C GLY F 436 -37.51 15.60 -2.91
N MET F 437 -36.42 14.91 -3.20
CA MET F 437 -35.11 15.54 -3.26
C MET F 437 -34.91 16.52 -4.42
N VAL F 438 -35.23 16.11 -5.64
CA VAL F 438 -35.07 17.00 -6.79
C VAL F 438 -35.98 18.23 -6.68
N SER F 439 -37.24 18.01 -6.29
CA SER F 439 -38.20 19.10 -6.03
C SER F 439 -37.64 20.17 -5.09
N GLU F 440 -37.10 19.72 -3.95
CA GLU F 440 -36.59 20.60 -2.91
C GLU F 440 -35.24 21.23 -3.31
N CYS F 441 -34.34 20.44 -3.90
CA CYS F 441 -32.94 20.81 -3.99
C CYS F 441 -32.36 21.22 -5.34
N LEU F 442 -33.02 20.85 -6.44
CA LEU F 442 -32.51 21.14 -7.79
C LEU F 442 -32.09 22.59 -7.97
N GLN F 443 -32.98 23.51 -7.63
CA GLN F 443 -32.68 24.94 -7.78
C GLN F 443 -31.43 25.36 -6.97
N GLY F 444 -31.39 24.97 -5.71
CA GLY F 444 -30.25 25.26 -4.86
C GLY F 444 -28.94 24.71 -5.41
N LEU F 445 -29.01 23.52 -6.01
CA LEU F 445 -27.82 22.86 -6.55
C LEU F 445 -27.32 23.48 -7.86
N ARG F 446 -28.13 24.34 -8.46
CA ARG F 446 -27.73 25.10 -9.67
C ARG F 446 -27.43 26.57 -9.41
N GLU F 447 -27.57 27.20 -8.24
CA GLU F 447 -27.33 28.60 -7.84
C GLU F 447 -25.86 29.02 -8.00
N LYS F 448 -25.69 30.29 -8.32
CA LYS F 448 -24.39 30.86 -8.34
C LYS F 448 -23.82 30.72 -6.96
N HIS F 449 -22.52 30.58 -6.90
CA HIS F 449 -21.80 30.67 -5.63
C HIS F 449 -20.62 31.66 -5.73
N GLY F 450 -20.84 32.85 -6.20
CA GLY F 450 -19.73 33.75 -6.27
C GLY F 450 -18.92 33.43 -7.47
N GLY F 451 -17.66 33.20 -7.26
CA GLY F 451 -16.84 32.98 -8.41
C GLY F 451 -16.69 31.52 -8.63
N VAL F 452 -17.54 30.76 -8.01
CA VAL F 452 -17.56 29.30 -8.21
C VAL F 452 -18.83 28.81 -8.92
N VAL F 453 -18.63 28.16 -10.07
CA VAL F 453 -19.69 27.56 -10.84
C VAL F 453 -19.75 26.05 -10.54
N PHE F 454 -20.90 25.64 -10.01
CA PHE F 454 -21.17 24.24 -9.76
C PHE F 454 -21.86 23.60 -10.96
N ALA F 455 -21.20 22.61 -11.54
CA ALA F 455 -21.68 21.96 -12.74
C ALA F 455 -21.42 20.47 -12.68
N ASN F 456 -22.46 19.68 -12.74
CA ASN F 456 -22.36 18.25 -12.77
C ASN F 456 -23.60 17.63 -13.40
N SER F 457 -23.45 16.48 -14.02
CA SER F 457 -24.58 15.69 -14.47
C SER F 457 -25.64 15.49 -13.38
N ASP F 458 -25.21 15.40 -12.12
CA ASP F 458 -26.09 15.20 -10.97
C ASP F 458 -27.20 16.24 -10.88
N TRP F 459 -26.96 17.46 -11.36
CA TRP F 459 -28.03 18.48 -11.34
C TRP F 459 -28.39 19.09 -12.72
N ALA F 460 -28.26 18.31 -13.79
CA ALA F 460 -28.72 18.74 -15.12
C ALA F 460 -30.26 18.84 -15.14
N LEU F 461 -30.82 19.54 -16.11
CA LEU F 461 -32.26 19.67 -16.23
C LEU F 461 -32.82 18.51 -17.06
N GLY F 462 -32.07 18.06 -18.05
CA GLY F 462 -32.63 17.16 -19.05
C GLY F 462 -32.25 15.74 -18.76
N TRP F 463 -31.21 15.27 -19.44
CA TRP F 463 -30.69 13.94 -19.15
C TRP F 463 -29.82 13.94 -17.88
N ARG F 464 -30.42 14.42 -16.79
CA ARG F 464 -29.74 14.45 -15.51
C ARG F 464 -29.27 13.04 -15.17
N SER F 465 -27.98 12.92 -14.86
CA SER F 465 -27.31 11.68 -14.43
C SER F 465 -26.83 10.82 -15.57
N PHE F 466 -26.98 11.26 -16.79
CA PHE F 466 -26.30 10.66 -17.93
C PHE F 466 -25.02 11.36 -18.40
N ILE F 467 -24.23 10.69 -19.22
CA ILE F 467 -23.15 11.38 -19.92
C ILE F 467 -23.69 12.68 -20.51
N ASP F 468 -24.84 12.59 -21.18
CA ASP F 468 -25.48 13.74 -21.80
C ASP F 468 -25.66 14.90 -20.84
N GLY F 469 -26.08 14.60 -19.61
CA GLY F 469 -26.36 15.64 -18.62
C GLY F 469 -25.08 16.33 -18.18
N ALA F 470 -23.99 15.56 -18.17
CA ALA F 470 -22.68 16.09 -17.86
C ALA F 470 -22.29 17.15 -18.91
N ILE F 471 -22.57 16.84 -20.16
CA ILE F 471 -22.20 17.73 -21.25
C ILE F 471 -23.09 18.96 -21.19
N GLU F 472 -24.38 18.78 -20.94
CA GLU F 472 -25.29 19.90 -20.79
C GLU F 472 -24.84 20.87 -19.69
N GLU F 473 -24.28 20.32 -18.61
CA GLU F 473 -23.83 21.10 -17.48
C GLU F 473 -22.47 21.70 -17.75
N GLY F 474 -21.50 21.03 -18.36
CA GLY F 474 -20.21 21.68 -18.59
C GLY F 474 -20.10 22.91 -19.48
N THR F 475 -20.95 22.80 -20.40
CA THR F 475 -21.52 23.76 -21.33
C THR F 475 -22.17 24.97 -20.66
N ARG F 476 -23.09 24.61 -19.98
CA ARG F 476 -23.66 25.70 -19.19
C ARG F 476 -22.60 26.39 -18.36
N ALA F 477 -21.65 25.65 -17.80
CA ALA F 477 -20.58 26.23 -17.01
C ALA F 477 -19.74 27.20 -17.84
N ALA F 478 -19.27 26.71 -18.99
CA ALA F 478 -18.47 27.49 -19.96
C ALA F 478 -19.13 28.82 -20.36
N ARG F 479 -20.36 28.73 -20.78
CA ARG F 479 -21.18 29.89 -21.04
C ARG F 479 -21.33 30.87 -19.85
N VAL F 480 -21.46 30.42 -18.63
CA VAL F 480 -21.55 31.34 -17.50
C VAL F 480 -20.29 32.18 -17.20
N VAL F 481 -19.16 31.58 -17.47
CA VAL F 481 -17.82 32.07 -17.21
C VAL F 481 -17.50 33.11 -18.28
N LEU F 482 -17.70 32.79 -19.53
CA LEU F 482 -17.58 33.75 -20.60
C LEU F 482 -18.11 35.14 -20.33
N GLU F 483 -19.38 35.13 -20.11
CA GLU F 483 -20.35 36.11 -19.64
C GLU F 483 -19.88 36.68 -18.31
N GLU F 484 -19.51 35.94 -17.32
CA GLU F 484 -18.85 36.68 -16.30
C GLU F 484 -17.43 36.92 -16.75
N MET G 1 -38.46 47.75 -38.06
CA MET G 1 -37.99 47.34 -39.37
C MET G 1 -38.76 46.12 -39.90
N THR G 2 -39.17 46.28 -41.15
CA THR G 2 -40.03 45.33 -41.82
C THR G 2 -39.29 44.78 -43.00
N SER G 3 -39.51 43.49 -43.25
CA SER G 3 -38.80 42.74 -44.28
C SER G 3 -39.50 42.91 -45.63
N ARG G 4 -38.77 42.64 -46.70
CA ARG G 4 -39.37 42.59 -48.03
C ARG G 4 -40.07 41.25 -48.25
N ASP G 5 -39.70 40.26 -47.45
CA ASP G 5 -40.28 38.92 -47.51
C ASP G 5 -41.66 38.90 -46.86
N GLY G 6 -42.49 37.93 -47.25
CA GLY G 6 -43.78 37.69 -46.62
C GLY G 6 -44.91 38.55 -47.16
N TYR G 7 -46.11 38.16 -46.79
CA TYR G 7 -47.34 38.80 -47.14
C TYR G 7 -48.29 38.75 -45.99
N GLN G 8 -49.13 39.72 -45.97
CA GLN G 8 -50.24 39.84 -45.02
C GLN G 8 -51.54 40.16 -45.79
N TRP G 9 -52.73 39.83 -45.29
CA TRP G 9 -54.03 40.20 -45.85
C TRP G 9 -55.04 40.43 -44.74
N THR G 10 -55.73 41.55 -44.79
CA THR G 10 -56.96 41.77 -43.98
C THR G 10 -58.08 42.26 -44.91
N PRO G 11 -59.35 42.16 -44.49
CA PRO G 11 -60.41 42.66 -45.36
C PRO G 11 -60.32 44.17 -45.64
N GLU G 12 -59.73 44.88 -44.72
CA GLU G 12 -59.66 46.29 -44.82
C GLU G 12 -58.33 46.83 -45.33
N THR G 13 -57.33 46.01 -45.51
CA THR G 13 -56.09 46.50 -46.08
C THR G 13 -55.74 45.85 -47.39
N GLY G 14 -56.40 44.76 -47.71
CA GLY G 14 -55.99 43.94 -48.89
C GLY G 14 -54.60 43.32 -48.72
N LEU G 15 -54.02 42.84 -49.77
CA LEU G 15 -52.76 42.18 -49.68
C LEU G 15 -51.57 43.10 -49.70
N THR G 16 -50.80 43.07 -48.66
CA THR G 16 -49.62 43.91 -48.53
C THR G 16 -48.39 43.03 -48.53
N GLN G 17 -47.40 43.40 -49.34
CA GLN G 17 -46.16 42.66 -49.38
C GLN G 17 -45.21 43.27 -48.35
N GLY G 18 -44.30 42.46 -47.82
CA GLY G 18 -43.38 42.90 -46.79
C GLY G 18 -44.03 42.90 -45.42
N VAL G 19 -43.37 42.25 -44.49
CA VAL G 19 -43.89 42.02 -43.18
C VAL G 19 -42.80 42.15 -42.13
N THR G 20 -43.15 42.67 -40.98
CA THR G 20 -42.29 42.74 -39.84
C THR G 20 -41.43 41.53 -39.48
N SER G 21 -40.24 41.75 -38.94
CA SER G 21 -39.41 40.65 -38.42
C SER G 21 -38.17 41.07 -37.65
N LEU G 22 -37.97 40.48 -36.47
CA LEU G 22 -36.78 40.71 -35.64
C LEU G 22 -35.53 40.19 -36.32
N GLY G 23 -35.73 39.33 -37.33
CA GLY G 23 -34.66 38.89 -38.23
C GLY G 23 -34.01 39.90 -39.17
N VAL G 24 -34.67 41.04 -39.40
CA VAL G 24 -34.08 42.13 -40.23
C VAL G 24 -32.90 42.82 -39.54
N ILE G 25 -31.74 42.80 -40.19
CA ILE G 25 -30.56 43.49 -39.64
C ILE G 25 -30.33 44.84 -40.32
N SER G 26 -30.40 45.90 -39.51
CA SER G 26 -30.10 47.25 -39.95
C SER G 26 -29.25 47.96 -38.91
N PRO G 27 -28.23 48.71 -39.35
CA PRO G 27 -27.86 48.87 -40.78
C PRO G 27 -27.50 47.53 -41.44
N PRO G 28 -27.67 47.44 -42.77
CA PRO G 28 -27.44 46.19 -43.50
C PRO G 28 -25.96 45.84 -43.66
N THR G 29 -25.16 46.78 -43.33
CA THR G 29 -23.85 46.46 -43.36
C THR G 29 -23.22 47.12 -42.22
N ASN G 30 -22.07 46.62 -42.17
CA ASN G 30 -21.09 46.59 -41.14
C ASN G 30 -19.81 47.17 -41.76
N ILE G 31 -19.48 46.78 -42.96
CA ILE G 31 -18.11 46.94 -43.43
C ILE G 31 -17.86 48.04 -44.43
N PRO G 39 -7.88 40.65 -45.08
CA PRO G 39 -8.48 40.58 -43.77
C PRO G 39 -9.71 39.74 -43.66
N TRP G 40 -9.85 38.64 -44.35
CA TRP G 40 -10.94 37.74 -44.04
C TRP G 40 -10.43 36.34 -44.04
N ASP G 41 -10.64 35.70 -42.92
CA ASP G 41 -10.30 34.31 -42.76
C ASP G 41 -11.31 33.47 -43.45
N VAL G 42 -12.56 33.74 -43.18
CA VAL G 42 -13.66 32.97 -43.75
C VAL G 42 -14.77 33.87 -44.28
N ILE G 43 -15.30 33.50 -45.45
CA ILE G 43 -16.56 34.05 -45.89
C ILE G 43 -17.64 32.98 -45.67
N VAL G 44 -18.75 33.40 -45.07
CA VAL G 44 -19.91 32.55 -44.95
C VAL G 44 -21.00 33.18 -45.81
N ILE G 45 -21.50 32.37 -46.74
CA ILE G 45 -22.53 32.79 -47.65
C ILE G 45 -23.84 32.23 -47.15
N GLY G 46 -24.74 33.12 -46.75
CA GLY G 46 -26.07 32.71 -46.29
C GLY G 46 -26.23 32.83 -44.80
N GLY G 47 -27.26 33.53 -44.35
CA GLY G 47 -27.49 33.77 -42.93
C GLY G 47 -28.68 32.99 -42.39
N GLY G 48 -28.80 31.73 -42.81
CA GLY G 48 -29.80 30.85 -42.26
C GLY G 48 -29.12 30.21 -41.08
N TYR G 49 -29.82 29.28 -40.44
CA TYR G 49 -29.29 28.61 -39.26
C TYR G 49 -27.96 27.93 -39.57
N CYS G 50 -27.81 27.38 -40.77
CA CYS G 50 -26.52 26.75 -41.10
C CYS G 50 -25.42 27.82 -41.06
N GLY G 51 -25.69 28.96 -41.70
CA GLY G 51 -24.72 30.04 -41.77
C GLY G 51 -24.46 30.63 -40.41
N LEU G 52 -25.54 30.86 -39.69
CA LEU G 52 -25.46 31.44 -38.34
C LEU G 52 -24.61 30.58 -37.39
N THR G 53 -24.81 29.26 -37.42
CA THR G 53 -24.05 28.35 -36.57
C THR G 53 -22.57 28.43 -36.93
N ALA G 54 -22.27 28.28 -38.22
CA ALA G 54 -20.90 28.30 -38.71
C ALA G 54 -20.22 29.58 -38.27
N THR G 55 -20.93 30.70 -38.43
CA THR G 55 -20.38 32.00 -38.13
C THR G 55 -20.14 32.14 -36.63
N ARG G 56 -21.17 31.86 -35.83
CA ARG G 56 -21.06 31.85 -34.38
C ARG G 56 -19.84 31.01 -33.94
N ASP G 57 -19.66 29.82 -34.52
CA ASP G 57 -18.54 28.97 -34.16
C ASP G 57 -17.19 29.55 -34.52
N LEU G 58 -17.07 30.00 -35.76
CA LEU G 58 -15.81 30.53 -36.26
C LEU G 58 -15.40 31.85 -35.59
N THR G 59 -16.35 32.73 -35.33
CA THR G 59 -16.02 33.99 -34.65
C THR G 59 -15.58 33.74 -33.20
N VAL G 60 -16.38 32.98 -32.45
CA VAL G 60 -16.02 32.52 -31.10
C VAL G 60 -14.62 31.89 -31.01
N ALA G 61 -14.25 31.11 -32.02
CA ALA G 61 -12.92 30.49 -32.06
C ALA G 61 -11.81 31.41 -32.57
N GLY G 62 -12.12 32.69 -32.80
CA GLY G 62 -11.11 33.69 -33.16
C GLY G 62 -10.90 34.07 -34.62
N PHE G 63 -11.66 33.46 -35.54
CA PHE G 63 -11.54 33.78 -36.98
C PHE G 63 -12.31 35.03 -37.39
N LYS G 64 -11.71 35.86 -38.25
CA LYS G 64 -12.37 37.05 -38.78
C LYS G 64 -13.28 36.58 -39.89
N THR G 65 -14.59 36.76 -39.69
CA THR G 65 -15.57 36.08 -40.51
C THR G 65 -16.46 37.08 -41.21
N LEU G 66 -16.59 36.95 -42.52
CA LEU G 66 -17.51 37.81 -43.25
C LEU G 66 -18.76 37.02 -43.65
N LEU G 67 -19.91 37.53 -43.28
CA LEU G 67 -21.16 36.94 -43.63
C LEU G 67 -21.85 37.68 -44.73
N LEU G 68 -22.06 37.02 -45.85
CA LEU G 68 -22.77 37.62 -46.99
C LEU G 68 -24.13 36.98 -47.14
N GLU G 69 -25.18 37.80 -47.09
CA GLU G 69 -26.56 37.32 -47.23
C GLU G 69 -27.37 38.07 -48.31
N ALA G 70 -27.99 37.29 -49.20
CA ALA G 70 -28.89 37.82 -50.23
C ALA G 70 -30.07 38.61 -49.68
N ARG G 71 -30.65 38.16 -48.58
CA ARG G 71 -31.88 38.78 -48.05
C ARG G 71 -31.55 40.00 -47.21
N ASP G 72 -32.57 40.66 -46.69
CA ASP G 72 -32.40 41.77 -45.75
C ASP G 72 -32.42 41.26 -44.29
N ARG G 73 -32.48 39.94 -44.15
CA ARG G 73 -32.76 39.30 -42.87
C ARG G 73 -31.96 38.03 -42.66
N ILE G 74 -31.91 37.59 -41.41
CA ILE G 74 -31.33 36.29 -41.07
C ILE G 74 -32.49 35.32 -40.94
N GLY G 75 -32.18 34.03 -40.97
CA GLY G 75 -33.19 33.04 -40.82
C GLY G 75 -33.32 32.07 -41.98
N GLY G 76 -33.16 32.60 -43.20
CA GLY G 76 -33.41 31.83 -44.41
C GLY G 76 -34.81 31.26 -44.43
N ARG G 77 -34.89 29.94 -44.56
CA ARG G 77 -36.15 29.21 -44.63
C ARG G 77 -36.92 29.14 -43.30
N SER G 78 -36.41 29.80 -42.26
CA SER G 78 -37.14 29.88 -40.99
C SER G 78 -37.09 31.30 -40.45
N TRP G 79 -38.25 31.86 -40.13
CA TRP G 79 -38.29 33.23 -39.61
C TRP G 79 -39.66 33.58 -39.13
N SER G 80 -39.70 34.60 -38.31
CA SER G 80 -40.85 34.94 -37.52
C SER G 80 -41.29 36.37 -37.80
N SER G 81 -42.60 36.59 -37.81
CA SER G 81 -43.13 37.93 -38.01
C SER G 81 -44.13 38.27 -36.94
N ASN G 82 -43.79 39.23 -36.07
CA ASN G 82 -44.71 39.69 -35.05
C ASN G 82 -45.73 40.68 -35.62
N ILE G 83 -46.99 40.27 -35.64
CA ILE G 83 -48.07 41.12 -36.09
C ILE G 83 -49.17 41.14 -35.03
N ASP G 84 -49.43 42.33 -34.49
CA ASP G 84 -50.36 42.53 -33.38
C ASP G 84 -50.06 41.61 -32.20
N GLY G 85 -48.77 41.49 -31.87
CA GLY G 85 -48.33 40.70 -30.70
C GLY G 85 -48.21 39.20 -30.87
N TYR G 86 -48.32 38.71 -32.11
CA TYR G 86 -48.27 37.28 -32.37
C TYR G 86 -47.16 36.93 -33.35
N PRO G 87 -46.33 35.94 -33.00
CA PRO G 87 -45.30 35.53 -33.95
C PRO G 87 -45.90 34.59 -35.00
N TYR G 88 -45.86 35.02 -36.25
CA TYR G 88 -46.28 34.17 -37.34
C TYR G 88 -45.07 33.50 -37.93
N GLU G 89 -45.03 32.18 -37.84
CA GLU G 89 -43.88 31.41 -38.27
C GLU G 89 -43.91 31.23 -39.75
N MET G 90 -43.06 31.93 -40.48
CA MET G 90 -43.18 31.93 -41.94
C MET G 90 -42.66 30.66 -42.61
N GLY G 91 -41.80 29.93 -41.92
CA GLY G 91 -41.14 28.75 -42.49
C GLY G 91 -40.99 27.67 -41.42
N GLY G 92 -39.76 27.23 -41.19
CA GLY G 92 -39.46 26.25 -40.14
C GLY G 92 -39.97 26.71 -38.78
N THR G 93 -40.68 25.83 -38.09
CA THR G 93 -41.33 26.19 -36.83
C THR G 93 -40.93 25.29 -35.65
N TRP G 94 -41.21 23.99 -35.75
CA TRP G 94 -41.21 23.12 -34.60
C TRP G 94 -39.88 22.48 -34.28
N VAL G 95 -39.66 22.23 -33.01
CA VAL G 95 -38.40 21.65 -32.54
C VAL G 95 -38.72 20.68 -31.43
N HIS G 96 -37.75 19.89 -31.02
CA HIS G 96 -37.94 18.95 -29.94
C HIS G 96 -36.58 18.58 -29.37
N TRP G 97 -36.55 18.12 -28.10
CA TRP G 97 -35.29 17.72 -27.44
C TRP G 97 -34.66 16.46 -28.02
N HIS G 98 -35.44 15.74 -28.81
CA HIS G 98 -34.92 14.59 -29.55
C HIS G 98 -34.14 14.99 -30.80
N GLN G 99 -34.09 16.27 -31.09
CA GLN G 99 -33.30 16.78 -32.18
C GLN G 99 -32.04 17.39 -31.60
N SER G 100 -30.97 16.65 -31.70
CA SER G 100 -29.75 16.91 -30.96
C SER G 100 -29.21 18.34 -31.08
N HIS G 101 -29.12 18.86 -32.31
CA HIS G 101 -28.34 20.06 -32.54
C HIS G 101 -29.12 21.32 -32.26
N VAL G 102 -30.41 21.34 -32.60
CA VAL G 102 -31.20 22.53 -32.29
C VAL G 102 -31.45 22.54 -30.79
N TRP G 103 -31.67 21.38 -30.21
CA TRP G 103 -31.85 21.33 -28.76
C TRP G 103 -30.64 21.85 -27.97
N ARG G 104 -29.45 21.47 -28.39
CA ARG G 104 -28.23 21.91 -27.79
C ARG G 104 -28.15 23.41 -27.76
N GLU G 105 -28.44 24.02 -28.86
CA GLU G 105 -28.37 25.47 -28.96
C GLU G 105 -29.45 26.13 -28.11
N ILE G 106 -30.61 25.49 -28.02
CA ILE G 106 -31.72 25.98 -27.18
C ILE G 106 -31.34 25.96 -25.71
N THR G 107 -30.79 24.86 -25.21
CA THR G 107 -30.32 24.81 -23.82
C THR G 107 -29.21 25.82 -23.53
N ARG G 108 -28.15 25.82 -24.32
CA ARG G 108 -27.05 26.78 -24.21
C ARG G 108 -27.50 28.27 -24.21
N TYR G 109 -28.46 28.64 -25.08
CA TYR G 109 -29.05 30.00 -25.05
C TYR G 109 -30.17 30.14 -24.02
N LYS G 110 -30.40 29.10 -23.26
CA LYS G 110 -31.35 29.08 -22.18
C LYS G 110 -32.76 29.36 -22.59
N MET G 111 -33.19 28.81 -23.71
CA MET G 111 -34.56 28.98 -24.20
C MET G 111 -35.43 27.73 -24.07
N HIS G 112 -34.92 26.77 -23.29
CA HIS G 112 -35.61 25.50 -23.03
C HIS G 112 -36.95 25.71 -22.36
N ASN G 113 -37.13 26.81 -21.65
CA ASN G 113 -38.40 27.12 -21.04
C ASN G 113 -39.17 28.19 -21.81
N ALA G 114 -38.76 28.45 -23.04
CA ALA G 114 -39.40 29.48 -23.85
C ALA G 114 -40.23 28.90 -25.03
N LEU G 115 -40.80 27.71 -24.83
CA LEU G 115 -41.63 27.06 -25.84
C LEU G 115 -43.13 27.09 -25.49
N SER G 116 -43.99 26.99 -26.51
CA SER G 116 -45.44 26.71 -26.31
C SER G 116 -45.86 25.44 -27.05
N PRO G 117 -46.88 24.74 -26.52
CA PRO G 117 -47.48 23.62 -27.28
C PRO G 117 -48.44 24.14 -28.36
N SER G 118 -48.26 23.67 -29.59
CA SER G 118 -49.20 23.96 -30.65
C SER G 118 -50.60 23.41 -30.35
N PHE G 119 -50.68 22.13 -30.02
CA PHE G 119 -51.97 21.51 -29.75
C PHE G 119 -52.48 21.84 -28.37
N ASN G 120 -53.77 22.20 -28.34
CA ASN G 120 -54.49 22.53 -27.12
C ASN G 120 -55.90 21.96 -27.24
N PHE G 121 -56.18 20.84 -26.58
CA PHE G 121 -57.48 20.17 -26.67
C PHE G 121 -58.37 20.38 -25.45
N SER G 122 -58.16 21.46 -24.70
CA SER G 122 -58.80 21.63 -23.40
C SER G 122 -60.14 22.35 -23.46
N ARG G 123 -60.48 22.92 -24.62
CA ARG G 123 -61.78 23.59 -24.82
C ARG G 123 -62.11 23.59 -26.31
N GLY G 124 -63.34 23.98 -26.67
CA GLY G 124 -63.71 24.17 -28.07
C GLY G 124 -64.25 22.91 -28.72
N VAL G 125 -64.25 22.88 -30.05
CA VAL G 125 -64.90 21.78 -30.77
C VAL G 125 -64.24 20.42 -30.48
N ASN G 126 -62.94 20.44 -30.22
CA ASN G 126 -62.20 19.25 -29.81
C ASN G 126 -62.41 18.04 -30.73
N HIS G 127 -62.34 18.28 -32.03
CA HIS G 127 -62.44 17.18 -32.98
C HIS G 127 -61.50 17.27 -34.20
N PHE G 128 -61.40 16.15 -34.91
CA PHE G 128 -60.69 16.05 -36.17
C PHE G 128 -61.74 15.99 -37.28
N GLN G 129 -61.62 16.89 -38.26
CA GLN G 129 -62.51 16.93 -39.41
C GLN G 129 -61.80 16.38 -40.67
N LEU G 130 -62.23 15.20 -41.09
CA LEU G 130 -61.67 14.55 -42.26
C LEU G 130 -62.60 14.75 -43.45
N ARG G 131 -62.05 15.26 -44.54
CA ARG G 131 -62.81 15.52 -45.76
C ARG G 131 -62.12 14.82 -46.93
N THR G 132 -62.75 13.76 -47.44
CA THR G 132 -62.23 12.98 -48.56
C THR G 132 -62.93 13.31 -49.88
N ASN G 133 -63.97 14.16 -49.79
CA ASN G 133 -64.61 14.77 -50.96
C ASN G 133 -65.18 16.17 -50.68
N PRO G 134 -65.40 16.98 -51.72
CA PRO G 134 -65.78 18.40 -51.57
C PRO G 134 -67.14 18.64 -50.95
N THR G 135 -67.93 17.57 -50.81
CA THR G 135 -69.32 17.75 -50.41
C THR G 135 -69.61 17.41 -48.95
N THR G 136 -68.79 16.55 -48.35
CA THR G 136 -69.12 15.99 -47.04
C THR G 136 -67.97 16.01 -46.01
N SER G 137 -68.28 15.72 -44.74
CA SER G 137 -67.26 15.62 -43.68
C SER G 137 -67.39 14.36 -42.80
N THR G 138 -66.28 13.93 -42.22
CA THR G 138 -66.32 12.94 -41.13
C THR G 138 -65.66 13.57 -39.91
N TYR G 139 -66.29 13.41 -38.74
CA TYR G 139 -65.81 14.02 -37.51
C TYR G 139 -65.48 12.92 -36.55
N MET G 140 -64.30 12.99 -35.96
CA MET G 140 -63.94 12.01 -34.94
C MET G 140 -63.14 12.69 -33.82
N THR G 141 -63.00 11.97 -32.70
CA THR G 141 -62.22 12.44 -31.56
C THR G 141 -60.75 12.46 -31.98
N HIS G 142 -59.94 13.27 -31.31
CA HIS G 142 -58.53 13.36 -31.60
C HIS G 142 -57.84 12.05 -31.35
N GLU G 143 -58.48 11.27 -30.50
CA GLU G 143 -57.98 9.92 -30.20
C GLU G 143 -58.13 9.02 -31.44
N ALA G 144 -59.35 8.92 -31.93
CA ALA G 144 -59.68 8.15 -33.12
C ALA G 144 -58.82 8.62 -34.32
N GLU G 145 -58.45 9.90 -34.34
CA GLU G 145 -57.52 10.44 -35.31
C GLU G 145 -56.15 9.75 -35.18
N ASP G 146 -55.61 9.73 -33.96
CA ASP G 146 -54.34 9.08 -33.68
C ASP G 146 -54.33 7.61 -34.12
N GLU G 147 -55.41 6.90 -33.91
CA GLU G 147 -55.50 5.52 -34.18
C GLU G 147 -55.61 5.23 -35.65
N LEU G 148 -56.42 5.99 -36.33
CA LEU G 148 -56.46 5.98 -37.79
C LEU G 148 -55.05 6.18 -38.38
N LEU G 149 -54.33 7.21 -37.94
CA LEU G 149 -52.99 7.43 -38.42
C LEU G 149 -51.97 6.37 -37.98
N ARG G 150 -52.05 5.90 -36.73
CA ARG G 150 -51.16 4.85 -36.26
CA ARG G 150 -51.18 4.83 -36.24
C ARG G 150 -51.29 3.61 -37.15
N SER G 151 -52.54 3.25 -37.45
CA SER G 151 -52.88 2.09 -38.26
C SER G 151 -52.39 2.24 -39.67
N ALA G 152 -52.53 3.43 -40.25
CA ALA G 152 -52.14 3.64 -41.64
C ALA G 152 -50.61 3.66 -41.78
N LEU G 153 -49.95 4.39 -40.88
CA LEU G 153 -48.48 4.48 -40.89
C LEU G 153 -47.81 3.18 -40.50
N HIS G 154 -48.46 2.38 -39.67
CA HIS G 154 -47.91 1.07 -39.33
C HIS G 154 -47.81 0.22 -40.61
N LYS G 155 -48.89 0.20 -41.38
CA LYS G 155 -48.92 -0.57 -42.63
C LYS G 155 -47.90 -0.06 -43.64
N PHE G 156 -47.84 1.26 -43.80
CA PHE G 156 -46.92 1.93 -44.69
C PHE G 156 -45.49 1.59 -44.40
N THR G 157 -45.11 1.68 -43.13
CA THR G 157 -43.70 1.62 -42.71
C THR G 157 -43.25 0.20 -42.43
N ASN G 158 -44.18 -0.74 -42.34
CA ASN G 158 -43.80 -2.10 -41.94
C ASN G 158 -43.17 -2.96 -43.06
N VAL G 159 -42.11 -2.47 -43.68
CA VAL G 159 -41.50 -3.19 -44.79
C VAL G 159 -40.56 -4.32 -44.36
N ASP G 160 -40.19 -4.33 -43.08
CA ASP G 160 -39.22 -5.29 -42.57
C ASP G 160 -39.72 -5.99 -41.30
N GLY G 161 -40.99 -5.79 -40.95
CA GLY G 161 -41.56 -6.43 -39.76
C GLY G 161 -41.35 -5.68 -38.44
N THR G 162 -40.65 -4.56 -38.48
CA THR G 162 -40.35 -3.84 -37.25
C THR G 162 -40.41 -2.34 -37.53
N ASN G 163 -41.25 -1.98 -38.49
CA ASN G 163 -41.48 -0.59 -38.88
C ASN G 163 -40.21 0.22 -39.22
N GLY G 164 -39.21 -0.42 -39.80
CA GLY G 164 -38.03 0.31 -40.25
C GLY G 164 -36.79 0.07 -39.42
N ARG G 165 -36.95 -0.43 -38.21
CA ARG G 165 -35.85 -0.73 -37.33
C ARG G 165 -34.88 -1.79 -37.80
N THR G 166 -35.28 -2.71 -38.65
CA THR G 166 -34.34 -3.70 -39.12
C THR G 166 -33.48 -3.22 -40.29
N VAL G 167 -34.10 -2.57 -41.24
CA VAL G 167 -33.47 -1.99 -42.45
C VAL G 167 -32.78 -0.65 -42.20
N LEU G 168 -33.27 0.14 -41.25
CA LEU G 168 -32.67 1.45 -40.94
C LEU G 168 -32.46 1.63 -39.42
N PRO G 169 -31.58 0.81 -38.82
CA PRO G 169 -31.28 0.94 -37.38
C PRO G 169 -30.49 2.20 -37.04
N PHE G 170 -29.63 2.62 -37.97
CA PHE G 170 -28.80 3.81 -37.79
C PHE G 170 -29.09 4.81 -38.89
N PRO G 171 -30.13 5.64 -38.72
CA PRO G 171 -30.56 6.57 -39.78
C PRO G 171 -29.45 7.50 -40.25
N HIS G 172 -28.47 7.78 -39.39
CA HIS G 172 -27.29 8.59 -39.78
C HIS G 172 -26.37 7.85 -40.77
N ASP G 173 -26.50 6.52 -40.84
CA ASP G 173 -25.71 5.69 -41.77
C ASP G 173 -26.62 4.80 -42.62
N MET G 174 -27.18 5.38 -43.66
CA MET G 174 -28.29 4.77 -44.39
C MET G 174 -27.96 3.43 -45.07
N PHE G 175 -26.69 3.21 -45.40
CA PHE G 175 -26.27 1.98 -46.08
C PHE G 175 -25.75 0.91 -45.13
N TYR G 176 -25.91 1.13 -43.81
CA TYR G 176 -25.54 0.12 -42.81
C TYR G 176 -26.19 -1.24 -43.11
N VAL G 177 -27.47 -1.22 -43.47
CA VAL G 177 -28.11 -2.39 -44.08
C VAL G 177 -28.26 -2.05 -45.56
N PRO G 178 -27.56 -2.73 -46.41
CA PRO G 178 -27.54 -2.39 -47.81
C PRO G 178 -28.90 -2.48 -48.46
N GLU G 179 -29.73 -3.40 -48.04
CA GLU G 179 -31.10 -3.46 -48.45
C GLU G 179 -31.96 -2.19 -48.32
N PHE G 180 -31.51 -1.21 -47.56
CA PHE G 180 -32.24 0.05 -47.45
C PHE G 180 -32.29 0.88 -48.75
N ARG G 181 -31.22 0.84 -49.53
CA ARG G 181 -31.20 1.52 -50.81
C ARG G 181 -32.50 1.31 -51.63
N LYS G 182 -33.01 0.09 -51.66
CA LYS G 182 -34.24 -0.24 -52.40
C LYS G 182 -35.43 0.66 -52.02
N TYR G 183 -35.55 1.00 -50.74
CA TYR G 183 -36.65 1.86 -50.26
C TYR G 183 -36.42 3.32 -50.58
N ASP G 184 -35.17 3.79 -50.52
CA ASP G 184 -34.83 5.16 -50.97
C ASP G 184 -35.19 5.31 -52.44
N GLU G 185 -35.10 4.20 -53.17
CA GLU G 185 -35.39 4.17 -54.60
C GLU G 185 -36.88 4.08 -54.94
N MET G 186 -37.71 3.86 -53.91
CA MET G 186 -39.16 3.79 -54.09
C MET G 186 -39.84 5.13 -53.93
N SER G 187 -40.93 5.29 -54.69
CA SER G 187 -41.82 6.43 -54.51
C SER G 187 -42.89 6.03 -53.48
N TYR G 188 -43.44 7.03 -52.80
CA TYR G 188 -44.68 6.86 -52.01
C TYR G 188 -45.65 5.96 -52.77
N SER G 189 -45.86 6.34 -54.02
CA SER G 189 -46.80 5.71 -54.91
C SER G 189 -46.52 4.22 -55.04
N GLU G 190 -45.25 3.86 -55.17
CA GLU G 190 -44.90 2.46 -55.31
C GLU G 190 -45.21 1.71 -54.02
N ARG G 191 -44.94 2.35 -52.88
CA ARG G 191 -45.26 1.70 -51.62
C ARG G 191 -46.77 1.49 -51.45
N ILE G 192 -47.53 2.57 -51.62
CA ILE G 192 -48.97 2.54 -51.52
C ILE G 192 -49.60 1.48 -52.43
N ASP G 193 -49.04 1.25 -53.62
CA ASP G 193 -49.53 0.17 -54.47
C ASP G 193 -49.34 -1.21 -53.83
N GLN G 194 -48.29 -1.36 -53.01
CA GLN G 194 -48.03 -2.63 -52.31
C GLN G 194 -49.03 -2.96 -51.17
N ILE G 195 -49.67 -1.95 -50.59
CA ILE G 195 -50.47 -2.15 -49.37
C ILE G 195 -51.92 -1.69 -49.50
N ARG G 196 -52.25 -1.16 -50.65
CA ARG G 196 -53.49 -0.50 -50.85
C ARG G 196 -54.79 -1.31 -50.63
N ASP G 197 -54.81 -2.60 -50.90
CA ASP G 197 -55.97 -3.49 -50.67
C ASP G 197 -56.21 -3.70 -49.17
N GLU G 198 -55.19 -3.35 -48.38
CA GLU G 198 -55.25 -3.49 -46.94
C GLU G 198 -55.64 -2.16 -46.23
N LEU G 199 -55.86 -1.11 -47.02
CA LEU G 199 -56.20 0.24 -46.51
C LEU G 199 -57.59 0.68 -46.90
N SER G 200 -58.31 1.24 -45.94
CA SER G 200 -59.64 1.77 -46.21
C SER G 200 -59.48 3.16 -46.79
N LEU G 201 -60.56 3.75 -47.28
CA LEU G 201 -60.54 5.12 -47.76
C LEU G 201 -60.00 6.11 -46.72
N ASN G 202 -60.41 5.94 -45.46
CA ASN G 202 -60.03 6.86 -44.39
C ASN G 202 -58.57 6.72 -43.95
N GLU G 203 -58.09 5.49 -43.92
CA GLU G 203 -56.71 5.24 -43.71
C GLU G 203 -55.86 5.83 -44.81
N ARG G 204 -56.11 5.45 -46.03
CA ARG G 204 -55.25 5.86 -47.13
C ARG G 204 -55.26 7.38 -47.30
N SER G 205 -56.42 8.00 -47.12
CA SER G 205 -56.56 9.44 -47.30
C SER G 205 -55.72 10.13 -46.27
N SER G 206 -55.89 9.73 -45.01
CA SER G 206 -55.04 10.22 -43.91
C SER G 206 -53.55 10.01 -44.16
N LEU G 207 -53.19 8.78 -44.50
CA LEU G 207 -51.81 8.42 -44.73
C LEU G 207 -51.20 9.33 -45.79
N GLU G 208 -51.84 9.38 -46.96
CA GLU G 208 -51.36 10.18 -48.08
C GLU G 208 -51.24 11.66 -47.73
N ALA G 209 -52.26 12.23 -47.11
CA ALA G 209 -52.16 13.63 -46.70
C ALA G 209 -50.96 13.82 -45.77
N PHE G 210 -50.77 12.91 -44.80
CA PHE G 210 -49.67 13.02 -43.85
C PHE G 210 -48.27 12.92 -44.50
N ILE G 211 -48.07 11.90 -45.34
CA ILE G 211 -46.76 11.71 -45.98
C ILE G 211 -46.41 12.82 -46.98
N LEU G 212 -47.41 13.33 -47.69
CA LEU G 212 -47.27 14.52 -48.53
C LEU G 212 -47.04 15.80 -47.72
N LEU G 213 -47.67 15.90 -46.54
CA LEU G 213 -47.35 17.02 -45.66
C LEU G 213 -45.86 17.02 -45.35
N CYS G 214 -45.26 15.84 -45.18
CA CYS G 214 -43.83 15.72 -44.95
C CYS G 214 -42.97 15.99 -46.20
N SER G 215 -43.49 15.67 -47.37
CA SER G 215 -42.64 15.74 -48.55
C SER G 215 -42.80 17.05 -49.25
N GLY G 216 -43.96 17.66 -49.10
CA GLY G 216 -44.33 18.82 -49.90
C GLY G 216 -44.46 18.54 -51.40
N GLY G 217 -44.28 17.28 -51.81
CA GLY G 217 -44.32 16.91 -53.24
C GLY G 217 -45.60 16.26 -53.77
N THR G 218 -45.42 15.17 -54.54
CA THR G 218 -46.52 14.37 -55.07
C THR G 218 -46.23 12.96 -54.66
N LEU G 219 -47.21 12.08 -54.80
CA LEU G 219 -47.00 10.68 -54.49
C LEU G 219 -46.00 10.07 -55.44
N GLU G 220 -45.96 10.57 -56.67
CA GLU G 220 -45.09 9.97 -57.68
C GLU G 220 -43.66 10.49 -57.59
N ASN G 221 -43.45 11.70 -57.07
CA ASN G 221 -42.07 12.20 -56.99
C ASN G 221 -41.36 12.10 -55.63
N SER G 222 -42.05 11.60 -54.61
CA SER G 222 -41.52 11.54 -53.23
C SER G 222 -40.89 10.18 -52.86
N SER G 223 -39.64 10.24 -52.38
CA SER G 223 -38.93 9.06 -51.86
C SER G 223 -39.56 8.47 -50.61
N PHE G 224 -39.97 7.22 -50.74
CA PHE G 224 -40.44 6.44 -49.61
C PHE G 224 -39.36 6.32 -48.52
N GLY G 225 -38.12 6.03 -48.92
CA GLY G 225 -37.01 5.86 -48.00
C GLY G 225 -36.73 7.14 -47.24
N GLU G 226 -36.81 8.29 -47.89
CA GLU G 226 -36.66 9.54 -47.17
C GLU G 226 -37.71 9.65 -46.05
N PHE G 227 -38.95 9.23 -46.33
CA PHE G 227 -39.92 9.17 -45.25
C PHE G 227 -39.51 8.23 -44.11
N LEU G 228 -39.04 7.01 -44.45
CA LEU G 228 -38.54 6.07 -43.43
C LEU G 228 -37.46 6.71 -42.56
N HIS G 229 -36.72 7.63 -43.17
CA HIS G 229 -35.67 8.37 -42.50
C HIS G 229 -36.20 9.34 -41.44
N TRP G 230 -37.19 10.16 -41.80
CA TRP G 230 -37.93 10.96 -40.82
C TRP G 230 -38.50 10.11 -39.70
N TRP G 231 -39.07 8.96 -40.08
CA TRP G 231 -39.76 8.06 -39.18
C TRP G 231 -38.74 7.53 -38.16
N ALA G 232 -37.64 6.99 -38.65
CA ALA G 232 -36.58 6.47 -37.81
C ALA G 232 -36.05 7.56 -36.87
N MET G 233 -35.58 8.67 -37.42
CA MET G 233 -35.13 9.81 -36.59
C MET G 233 -36.11 10.13 -35.43
N SER G 234 -37.39 10.01 -35.70
CA SER G 234 -38.42 10.38 -34.75
C SER G 234 -38.69 9.32 -33.71
N GLY G 235 -38.11 8.14 -33.86
CA GLY G 235 -38.32 7.05 -32.92
C GLY G 235 -39.22 5.96 -33.45
N TYR G 236 -39.51 6.00 -34.77
CA TYR G 236 -40.27 4.93 -35.45
C TYR G 236 -41.71 4.75 -34.95
N THR G 237 -42.34 5.82 -34.51
CA THR G 237 -43.73 5.72 -34.12
C THR G 237 -44.44 6.93 -34.66
N TYR G 238 -45.76 6.86 -34.77
CA TYR G 238 -46.56 8.03 -35.10
C TYR G 238 -46.40 9.11 -34.04
N GLN G 239 -46.54 8.72 -32.77
CA GLN G 239 -46.47 9.70 -31.67
C GLN G 239 -45.10 10.38 -31.61
N GLY G 240 -44.04 9.59 -31.81
CA GLY G 240 -42.69 10.14 -31.98
C GLY G 240 -42.63 11.19 -33.08
N CYS G 241 -43.29 10.91 -34.21
CA CYS G 241 -43.35 11.87 -35.32
C CYS G 241 -44.03 13.15 -34.91
N MET G 242 -45.21 13.01 -34.29
CA MET G 242 -45.99 14.17 -33.89
C MET G 242 -45.21 15.01 -32.89
N ASP G 243 -44.53 14.36 -31.94
CA ASP G 243 -43.72 15.07 -30.95
C ASP G 243 -42.61 15.87 -31.61
N CYS G 244 -41.91 15.25 -32.54
CA CYS G 244 -40.76 15.84 -33.17
C CYS G 244 -41.10 16.81 -34.30
N LEU G 245 -42.16 16.51 -35.06
CA LEU G 245 -42.51 17.34 -36.23
C LEU G 245 -43.36 18.58 -35.93
N MET G 246 -44.31 18.53 -35.03
CA MET G 246 -45.12 19.69 -34.78
C MET G 246 -45.78 19.90 -33.46
N SER G 247 -45.06 19.72 -32.39
CA SER G 247 -45.63 19.95 -31.05
C SER G 247 -45.19 21.27 -30.42
N TYR G 248 -43.91 21.62 -30.60
CA TYR G 248 -43.28 22.65 -29.78
C TYR G 248 -42.64 23.73 -30.61
N LYS G 249 -43.01 24.97 -30.32
CA LYS G 249 -42.53 26.15 -31.05
C LYS G 249 -42.14 27.24 -30.07
N PHE G 250 -41.36 28.20 -30.56
CA PHE G 250 -40.80 29.26 -29.72
C PHE G 250 -41.86 30.29 -29.39
N LYS G 251 -42.18 30.44 -28.16
CA LYS G 251 -43.20 31.37 -27.89
C LYS G 251 -42.90 32.79 -28.33
N ASP G 252 -41.66 33.15 -28.51
CA ASP G 252 -41.28 34.45 -29.08
C ASP G 252 -40.89 34.39 -30.56
N GLY G 253 -40.98 33.21 -31.15
CA GLY G 253 -40.76 33.06 -32.58
C GLY G 253 -39.33 32.72 -32.93
N GLN G 254 -39.18 31.97 -34.01
CA GLN G 254 -37.86 31.51 -34.46
C GLN G 254 -36.82 32.61 -34.59
N SER G 255 -37.27 33.82 -34.92
CA SER G 255 -36.36 34.92 -35.19
C SER G 255 -35.66 35.40 -33.92
N ALA G 256 -36.31 35.24 -32.77
CA ALA G 256 -35.67 35.54 -31.48
C ALA G 256 -34.51 34.57 -31.20
N PHE G 257 -34.68 33.33 -31.66
CA PHE G 257 -33.69 32.28 -31.55
C PHE G 257 -32.55 32.64 -32.49
N ALA G 258 -32.88 32.89 -33.75
CA ALA G 258 -31.88 33.29 -34.72
C ALA G 258 -31.07 34.50 -34.27
N ARG G 259 -31.75 35.47 -33.64
CA ARG G 259 -31.05 36.62 -33.05
C ARG G 259 -29.95 36.22 -32.09
N ARG G 260 -30.12 35.09 -31.37
CA ARG G 260 -29.11 34.70 -30.38
C ARG G 260 -27.85 34.28 -31.03
N PHE G 261 -27.93 33.57 -32.14
CA PHE G 261 -26.73 33.22 -32.86
C PHE G 261 -26.08 34.54 -33.33
N TRP G 262 -26.91 35.45 -33.81
CA TRP G 262 -26.43 36.72 -34.34
C TRP G 262 -25.67 37.52 -33.27
N GLU G 263 -26.31 37.76 -32.13
CA GLU G 263 -25.71 38.55 -31.06
C GLU G 263 -24.38 37.96 -30.57
N GLU G 264 -24.32 36.65 -30.40
CA GLU G 264 -23.09 36.03 -29.92
C GLU G 264 -21.96 36.29 -30.90
N ALA G 265 -22.25 36.21 -32.19
CA ALA G 265 -21.23 36.49 -33.23
C ALA G 265 -20.87 38.00 -33.31
N ALA G 266 -21.87 38.86 -33.30
CA ALA G 266 -21.63 40.29 -33.33
C ALA G 266 -20.78 40.68 -32.11
N GLY G 267 -21.10 40.09 -30.96
CA GLY G 267 -20.42 40.33 -29.69
C GLY G 267 -18.94 39.98 -29.62
N THR G 268 -18.43 39.18 -30.55
CA THR G 268 -17.02 38.84 -30.55
C THR G 268 -16.14 39.98 -31.10
N GLY G 269 -16.73 40.86 -31.89
CA GLY G 269 -15.97 41.91 -32.58
C GLY G 269 -15.25 41.37 -33.82
N ARG G 270 -15.46 40.09 -34.15
CA ARG G 270 -14.78 39.51 -35.31
C ARG G 270 -15.70 39.22 -36.51
N LEU G 271 -16.92 39.76 -36.43
CA LEU G 271 -17.94 39.58 -37.45
C LEU G 271 -18.03 40.74 -38.45
N GLY G 272 -17.84 40.41 -39.72
CA GLY G 272 -18.15 41.30 -40.84
C GLY G 272 -19.42 40.81 -41.51
N TYR G 273 -20.24 41.75 -42.01
CA TYR G 273 -21.47 41.34 -42.68
C TYR G 273 -22.03 42.31 -43.72
N VAL G 274 -22.55 41.75 -44.82
CA VAL G 274 -23.30 42.50 -45.81
C VAL G 274 -24.63 41.81 -46.17
N PHE G 275 -25.73 42.51 -45.93
CA PHE G 275 -27.04 42.02 -46.35
C PHE G 275 -27.48 42.69 -47.65
N GLY G 276 -28.48 42.11 -48.32
CA GLY G 276 -28.88 42.57 -49.64
C GLY G 276 -27.77 42.32 -50.63
N CYS G 277 -27.00 41.26 -50.40
CA CYS G 277 -25.85 40.95 -51.24
C CYS G 277 -25.94 39.56 -51.87
N PRO G 278 -26.77 39.39 -52.92
CA PRO G 278 -26.81 38.09 -53.61
C PRO G 278 -25.47 37.78 -54.27
N VAL G 279 -24.95 36.58 -54.03
CA VAL G 279 -23.71 36.16 -54.66
C VAL G 279 -24.10 35.55 -56.01
N ARG G 280 -23.17 35.60 -56.96
CA ARG G 280 -23.31 35.00 -58.27
C ARG G 280 -22.24 33.98 -58.70
N SER G 281 -21.07 34.11 -58.10
CA SER G 281 -19.91 33.32 -58.47
C SER G 281 -18.84 33.25 -57.36
N VAL G 282 -18.40 32.02 -57.10
CA VAL G 282 -17.37 31.68 -56.16
C VAL G 282 -16.22 31.03 -56.93
N VAL G 283 -15.02 31.62 -56.85
CA VAL G 283 -13.87 31.11 -57.59
C VAL G 283 -12.69 30.74 -56.69
N ASN G 284 -12.26 29.49 -56.78
CA ASN G 284 -11.09 29.03 -56.02
C ASN G 284 -9.79 29.50 -56.67
N GLU G 285 -8.95 30.16 -55.88
CA GLU G 285 -7.68 30.71 -56.37
C GLU G 285 -6.52 30.05 -55.62
N ARG G 286 -5.40 30.73 -55.55
CA ARG G 286 -4.25 30.20 -54.88
C ARG G 286 -4.27 30.50 -53.42
N ASP G 287 -4.36 29.46 -52.63
CA ASP G 287 -4.50 29.58 -51.17
C ASP G 287 -5.58 30.62 -50.76
N ALA G 288 -6.71 30.62 -51.50
CA ALA G 288 -7.75 31.65 -51.38
C ALA G 288 -8.95 31.35 -52.28
N ALA G 289 -10.04 32.06 -52.06
CA ALA G 289 -11.22 31.97 -52.91
C ALA G 289 -11.91 33.31 -53.04
N ARG G 290 -12.47 33.59 -54.21
CA ARG G 290 -13.08 34.89 -54.49
C ARG G 290 -14.61 34.77 -54.63
N VAL G 291 -15.32 35.65 -53.95
CA VAL G 291 -16.77 35.65 -53.95
C VAL G 291 -17.31 36.96 -54.54
N THR G 292 -18.13 36.84 -55.59
CA THR G 292 -18.55 37.97 -56.38
C THR G 292 -20.07 38.12 -56.35
N ALA G 293 -20.54 39.30 -55.95
CA ALA G 293 -21.97 39.60 -55.87
C ALA G 293 -22.59 39.85 -57.25
N ARG G 294 -23.91 40.01 -57.30
CA ARG G 294 -24.60 40.44 -58.54
C ARG G 294 -24.20 41.87 -58.92
N ASP G 295 -23.84 42.63 -57.91
CA ASP G 295 -23.24 43.93 -57.98
C ASP G 295 -22.02 44.05 -58.85
N GLY G 296 -21.23 43.00 -58.86
CA GLY G 296 -19.84 43.03 -59.33
C GLY G 296 -18.87 43.06 -58.16
N ARG G 297 -19.35 43.41 -56.98
CA ARG G 297 -18.57 43.46 -55.75
C ARG G 297 -17.85 42.18 -55.48
N GLU G 298 -16.60 42.28 -55.05
CA GLU G 298 -15.79 41.09 -54.85
C GLU G 298 -15.31 41.00 -53.41
N PHE G 299 -15.08 39.77 -52.93
CA PHE G 299 -14.65 39.51 -51.56
C PHE G 299 -13.75 38.28 -51.55
N VAL G 300 -12.67 38.36 -50.78
CA VAL G 300 -11.67 37.30 -50.75
C VAL G 300 -11.43 36.81 -49.33
N ALA G 301 -11.19 35.51 -49.20
CA ALA G 301 -10.92 34.90 -47.91
C ALA G 301 -10.27 33.56 -48.15
N LYS G 302 -9.56 33.02 -47.20
CA LYS G 302 -8.80 31.84 -47.45
C LYS G 302 -9.68 30.65 -47.52
N ARG G 303 -10.92 30.45 -46.97
CA ARG G 303 -12.03 29.53 -47.08
C ARG G 303 -13.37 30.25 -47.33
N VAL G 304 -14.12 29.52 -47.90
CA VAL G 304 -15.54 29.87 -48.04
C VAL G 304 -16.52 28.76 -47.58
N VAL G 305 -17.41 29.11 -46.65
CA VAL G 305 -18.55 28.25 -46.31
C VAL G 305 -19.80 28.66 -47.08
N CYS G 306 -20.21 27.83 -48.02
CA CYS G 306 -21.38 28.14 -48.86
C CYS G 306 -22.64 27.44 -48.35
N THR G 307 -23.67 28.19 -47.99
CA THR G 307 -24.89 27.57 -47.47
C THR G 307 -26.13 27.78 -48.34
N ILE G 308 -25.94 28.12 -49.60
CA ILE G 308 -27.03 28.30 -50.55
C ILE G 308 -27.81 26.98 -50.67
N PRO G 309 -29.15 27.05 -50.66
CA PRO G 309 -29.96 25.83 -50.72
C PRO G 309 -29.72 25.03 -52.01
N LEU G 310 -29.85 23.70 -51.94
CA LEU G 310 -29.76 22.86 -53.11
C LEU G 310 -30.50 23.41 -54.34
N ASN G 311 -31.73 23.88 -54.17
CA ASN G 311 -32.60 24.28 -55.28
C ASN G 311 -32.25 25.65 -55.87
N VAL G 312 -31.19 26.25 -55.34
CA VAL G 312 -30.76 27.58 -55.75
C VAL G 312 -29.37 27.48 -56.32
N LEU G 313 -28.69 26.37 -56.04
CA LEU G 313 -27.28 26.30 -56.37
C LEU G 313 -27.01 26.47 -57.87
N SER G 314 -27.97 26.08 -58.71
CA SER G 314 -27.76 26.10 -60.17
C SER G 314 -27.54 27.51 -60.74
N THR G 315 -28.05 28.51 -60.02
CA THR G 315 -27.90 29.92 -60.38
C THR G 315 -26.50 30.49 -60.16
N ILE G 316 -25.63 29.72 -59.51
CA ILE G 316 -24.31 30.18 -59.10
C ILE G 316 -23.24 29.55 -59.99
N GLN G 317 -22.20 30.33 -60.31
CA GLN G 317 -21.07 29.83 -61.07
C GLN G 317 -19.91 29.49 -60.13
N PHE G 318 -19.32 28.32 -60.31
CA PHE G 318 -18.21 27.84 -59.47
C PHE G 318 -16.98 27.51 -60.28
N SER G 319 -15.80 27.80 -59.75
CA SER G 319 -14.53 27.41 -60.37
C SER G 319 -13.67 26.66 -59.36
N PRO G 320 -13.21 25.44 -59.72
CA PRO G 320 -13.54 24.78 -60.98
C PRO G 320 -14.94 24.18 -60.94
N ALA G 321 -15.31 23.37 -61.94
CA ALA G 321 -16.64 22.79 -62.04
C ALA G 321 -16.98 21.83 -60.89
N LEU G 322 -18.27 21.75 -60.56
CA LEU G 322 -18.77 20.82 -59.55
C LEU G 322 -18.83 19.39 -60.10
N SER G 323 -18.96 18.41 -59.21
CA SER G 323 -18.98 17.01 -59.63
C SER G 323 -20.29 16.69 -60.35
N THR G 324 -20.31 15.55 -61.02
CA THR G 324 -21.48 15.06 -61.70
C THR G 324 -22.64 14.94 -60.70
N GLU G 325 -22.33 14.58 -59.45
CA GLU G 325 -23.36 14.25 -58.47
C GLU G 325 -24.03 15.51 -57.94
N ARG G 326 -23.23 16.54 -57.79
CA ARG G 326 -23.68 17.82 -57.40
C ARG G 326 -24.52 18.44 -58.48
N ILE G 327 -24.11 18.31 -59.74
CA ILE G 327 -24.81 18.79 -60.93
C ILE G 327 -26.20 18.14 -60.99
N SER G 328 -26.24 16.80 -60.96
CA SER G 328 -27.48 16.05 -61.03
C SER G 328 -28.52 16.58 -60.06
N ALA G 329 -28.14 16.63 -58.78
CA ALA G 329 -29.03 17.01 -57.71
C ALA G 329 -29.56 18.42 -57.88
N MET G 330 -28.68 19.37 -58.22
CA MET G 330 -29.11 20.74 -58.32
C MET G 330 -29.92 20.99 -59.59
N GLN G 331 -29.74 20.09 -60.57
CA GLN G 331 -30.48 20.19 -61.85
C GLN G 331 -31.91 19.69 -61.68
N ALA G 332 -32.06 18.57 -60.99
CA ALA G 332 -33.38 18.03 -60.70
C ALA G 332 -34.11 18.82 -59.60
N GLY G 333 -33.46 19.03 -58.45
CA GLY G 333 -34.03 19.68 -57.25
C GLY G 333 -34.87 18.81 -56.31
N HIS G 334 -35.00 19.18 -55.07
CA HIS G 334 -35.87 18.49 -54.18
C HIS G 334 -37.32 18.88 -54.51
N VAL G 335 -38.29 18.10 -54.05
CA VAL G 335 -39.70 18.17 -54.48
C VAL G 335 -40.62 19.03 -53.63
N SER G 336 -40.11 19.51 -52.51
CA SER G 336 -41.01 20.14 -51.57
C SER G 336 -41.44 21.54 -52.03
N MET G 337 -42.68 21.61 -52.45
CA MET G 337 -43.27 22.85 -52.90
C MET G 337 -44.34 23.33 -51.90
N CYS G 338 -44.12 23.02 -50.63
CA CYS G 338 -45.12 23.25 -49.60
C CYS G 338 -45.62 24.70 -49.50
N THR G 339 -46.94 24.88 -49.51
CA THR G 339 -47.52 26.17 -49.24
C THR G 339 -47.95 26.18 -47.78
N LYS G 340 -47.69 27.16 -47.10
CA LYS G 340 -47.99 27.27 -45.68
C LYS G 340 -48.71 28.57 -45.43
N VAL G 341 -49.82 28.58 -44.97
CA VAL G 341 -50.71 29.75 -44.87
C VAL G 341 -51.35 29.84 -43.49
N HIS G 342 -51.14 30.96 -42.82
CA HIS G 342 -51.76 31.22 -41.53
C HIS G 342 -53.05 31.97 -41.72
N ALA G 343 -54.07 31.55 -40.99
CA ALA G 343 -55.31 32.29 -40.93
C ALA G 343 -55.71 32.60 -39.49
N GLU G 344 -55.83 33.88 -39.16
CA GLU G 344 -56.52 34.28 -37.93
C GLU G 344 -58.01 34.25 -38.20
N VAL G 345 -58.72 33.39 -37.49
CA VAL G 345 -60.15 33.17 -37.76
C VAL G 345 -61.06 33.63 -36.62
N ASP G 346 -62.34 33.76 -36.91
CA ASP G 346 -63.32 34.30 -35.97
C ASP G 346 -64.05 33.22 -35.16
N ASN G 347 -63.73 31.95 -35.37
CA ASN G 347 -64.26 30.89 -34.53
C ASN G 347 -63.33 30.54 -33.35
N LYS G 348 -63.71 30.97 -32.14
CA LYS G 348 -62.91 30.77 -30.92
C LYS G 348 -62.80 29.30 -30.49
N ASP G 349 -63.81 28.50 -30.85
CA ASP G 349 -63.89 27.11 -30.42
C ASP G 349 -63.02 26.21 -31.29
N MET G 350 -62.42 26.80 -32.33
CA MET G 350 -61.61 26.04 -33.28
C MET G 350 -60.15 25.91 -32.88
N ARG G 351 -59.81 26.45 -31.71
CA ARG G 351 -58.49 26.26 -31.12
C ARG G 351 -58.11 24.77 -31.05
N SER G 352 -59.09 23.91 -30.75
CA SER G 352 -58.84 22.49 -30.61
C SER G 352 -59.23 21.68 -31.85
N TRP G 353 -59.23 22.34 -33.00
CA TRP G 353 -59.64 21.71 -34.27
C TRP G 353 -58.41 21.28 -35.07
N THR G 354 -58.51 20.15 -35.77
CA THR G 354 -57.52 19.75 -36.77
C THR G 354 -58.27 19.22 -37.97
N GLY G 355 -57.69 19.36 -39.15
CA GLY G 355 -58.38 18.95 -40.36
C GLY G 355 -57.48 18.42 -41.45
N ILE G 356 -57.98 17.43 -42.17
CA ILE G 356 -57.38 16.96 -43.40
C ILE G 356 -58.44 17.02 -44.49
N ALA G 357 -58.07 17.62 -45.62
CA ALA G 357 -58.99 17.71 -46.77
C ALA G 357 -58.24 17.31 -48.02
N TYR G 358 -58.57 16.14 -48.56
CA TYR G 358 -57.67 15.44 -49.48
C TYR G 358 -58.48 14.48 -50.35
N PRO G 359 -58.24 14.46 -51.68
CA PRO G 359 -57.20 15.18 -52.45
C PRO G 359 -57.67 16.47 -53.13
N PHE G 360 -58.90 16.88 -52.88
CA PHE G 360 -59.59 17.90 -53.71
C PHE G 360 -59.27 19.37 -53.39
N ASN G 361 -58.54 19.62 -52.30
CA ASN G 361 -58.35 21.00 -51.82
C ASN G 361 -56.91 21.39 -51.94
N LYS G 362 -56.64 22.68 -52.10
CA LYS G 362 -55.27 23.13 -52.34
C LYS G 362 -54.43 23.29 -51.03
N LEU G 363 -55.15 23.24 -49.91
CA LEU G 363 -54.57 23.15 -48.58
C LEU G 363 -55.14 21.86 -47.98
N CYS G 364 -54.28 20.91 -47.63
CA CYS G 364 -54.78 19.59 -47.31
C CYS G 364 -54.65 19.22 -45.85
N TYR G 365 -54.03 20.08 -45.05
CA TYR G 365 -53.72 19.74 -43.66
C TYR G 365 -53.64 21.01 -42.85
N ALA G 366 -54.51 21.13 -41.85
CA ALA G 366 -54.53 22.31 -41.02
C ALA G 366 -54.73 21.96 -39.55
N ILE G 367 -54.25 22.84 -38.66
CA ILE G 367 -54.44 22.70 -37.21
C ILE G 367 -54.71 24.05 -36.52
N GLY G 368 -55.52 24.06 -35.47
CA GLY G 368 -55.50 25.16 -34.48
C GLY G 368 -54.14 25.19 -33.78
N ASP G 369 -53.48 26.36 -33.80
CA ASP G 369 -52.06 26.51 -33.42
C ASP G 369 -51.78 27.53 -32.30
N GLY G 370 -52.78 28.37 -32.02
CA GLY G 370 -52.67 29.34 -30.97
C GLY G 370 -53.88 30.24 -30.90
N THR G 371 -53.79 31.24 -30.02
CA THR G 371 -54.77 32.30 -29.88
C THR G 371 -53.99 33.63 -29.88
N THR G 372 -54.37 34.55 -30.76
CA THR G 372 -53.75 35.87 -30.81
C THR G 372 -54.10 36.69 -29.55
N PRO G 373 -53.26 37.68 -29.18
CA PRO G 373 -53.63 38.60 -28.07
C PRO G 373 -55.03 39.21 -28.23
N ALA G 374 -55.50 39.36 -29.47
CA ALA G 374 -56.88 39.82 -29.72
C ALA G 374 -57.95 38.80 -29.28
N GLY G 375 -57.55 37.55 -29.05
CA GLY G 375 -58.49 36.48 -28.65
C GLY G 375 -59.05 35.65 -29.80
N ASN G 376 -58.43 35.74 -30.98
CA ASN G 376 -58.82 34.88 -32.11
C ASN G 376 -57.92 33.64 -32.26
N THR G 377 -58.52 32.52 -32.65
CA THR G 377 -57.85 31.29 -33.00
C THR G 377 -56.92 31.43 -34.19
N HIS G 378 -55.73 30.90 -34.07
CA HIS G 378 -54.79 30.90 -35.16
C HIS G 378 -54.79 29.50 -35.81
N LEU G 379 -55.03 29.48 -37.12
CA LEU G 379 -54.97 28.24 -37.90
C LEU G 379 -53.72 28.26 -38.76
N VAL G 380 -53.02 27.13 -38.80
CA VAL G 380 -51.93 26.99 -39.74
C VAL G 380 -52.31 25.89 -40.72
N CYS G 381 -52.21 26.21 -42.01
CA CYS G 381 -52.63 25.32 -43.09
C CYS G 381 -51.49 24.99 -44.05
N PHE G 382 -51.41 23.73 -44.47
CA PHE G 382 -50.39 23.30 -45.41
C PHE G 382 -50.99 22.71 -46.66
N GLY G 383 -50.38 23.05 -47.80
CA GLY G 383 -50.70 22.50 -49.12
C GLY G 383 -49.42 21.99 -49.80
N THR G 384 -49.57 21.06 -50.74
CA THR G 384 -48.43 20.40 -51.35
C THR G 384 -48.45 20.51 -52.86
N ASP G 385 -47.45 19.95 -53.52
CA ASP G 385 -47.41 19.97 -54.96
C ASP G 385 -48.48 19.06 -55.59
N ALA G 386 -49.07 18.16 -54.79
CA ALA G 386 -50.12 17.26 -55.24
C ALA G 386 -51.30 18.02 -55.81
N ASN G 387 -51.67 19.11 -55.11
CA ASN G 387 -52.72 20.01 -55.51
C ASN G 387 -52.34 21.44 -55.07
N HIS G 388 -51.59 22.12 -55.92
CA HIS G 388 -50.81 23.24 -55.49
C HIS G 388 -51.48 24.59 -55.66
N ILE G 389 -51.13 25.52 -54.78
CA ILE G 389 -51.56 26.91 -54.90
C ILE G 389 -50.43 27.87 -54.56
N GLN G 390 -50.25 28.87 -55.37
CA GLN G 390 -49.43 29.98 -55.00
C GLN G 390 -50.26 30.96 -54.19
N PRO G 391 -50.03 31.07 -52.90
CA PRO G 391 -50.99 31.80 -52.05
C PRO G 391 -51.07 33.29 -52.36
N ASP G 392 -50.03 33.82 -52.92
CA ASP G 392 -49.95 35.22 -53.29
C ASP G 392 -50.68 35.64 -54.54
N GLU G 393 -51.05 34.81 -55.45
CA GLU G 393 -51.62 35.15 -56.78
C GLU G 393 -53.09 35.56 -56.77
N ASP G 394 -53.89 34.97 -55.92
CA ASP G 394 -55.29 35.27 -55.91
C ASP G 394 -55.77 35.02 -54.55
N VAL G 395 -55.77 36.03 -53.73
CA VAL G 395 -56.27 35.92 -52.35
C VAL G 395 -57.62 35.20 -52.23
N ARG G 396 -58.56 35.53 -53.11
CA ARG G 396 -59.87 34.86 -53.15
C ARG G 396 -59.78 33.31 -53.26
N GLU G 397 -58.89 32.82 -54.13
CA GLU G 397 -58.57 31.39 -54.20
C GLU G 397 -58.00 30.88 -52.88
N THR G 398 -57.02 31.61 -52.32
CA THR G 398 -56.44 31.25 -51.01
C THR G 398 -57.50 31.18 -49.88
N LEU G 399 -58.41 32.14 -49.84
CA LEU G 399 -59.50 32.13 -48.88
C LEU G 399 -60.45 30.95 -49.09
N LYS G 400 -60.76 30.69 -50.37
CA LYS G 400 -61.56 29.52 -50.71
C LYS G 400 -60.90 28.23 -50.22
N ALA G 401 -59.59 28.12 -50.43
CA ALA G 401 -58.82 26.94 -50.00
C ALA G 401 -58.82 26.77 -48.47
N VAL G 402 -58.67 27.89 -47.76
CA VAL G 402 -58.69 27.90 -46.29
C VAL G 402 -60.08 27.49 -45.83
N GLY G 403 -61.11 28.16 -46.37
CA GLY G 403 -62.52 27.89 -46.07
C GLY G 403 -62.93 26.43 -46.22
N GLN G 404 -62.40 25.74 -47.23
CA GLN G 404 -62.88 24.39 -47.50
C GLN G 404 -62.41 23.32 -46.51
N LEU G 405 -61.48 23.70 -45.63
CA LEU G 405 -61.02 22.84 -44.53
C LEU G 405 -62.12 22.59 -43.51
N ALA G 406 -62.95 23.61 -43.28
CA ALA G 406 -64.09 23.48 -42.39
C ALA G 406 -65.23 24.38 -42.87
N PRO G 407 -65.94 23.95 -43.93
CA PRO G 407 -66.87 24.89 -44.59
C PRO G 407 -67.97 25.41 -43.66
N GLY G 408 -68.24 26.71 -43.73
CA GLY G 408 -69.34 27.32 -42.99
C GLY G 408 -69.04 27.65 -41.54
N THR G 409 -67.84 27.32 -41.06
CA THR G 409 -67.58 27.38 -39.63
C THR G 409 -66.83 28.62 -39.14
N PHE G 410 -66.16 29.34 -40.04
CA PHE G 410 -65.44 30.53 -39.63
C PHE G 410 -65.28 31.55 -40.75
N GLY G 411 -64.95 32.78 -40.39
CA GLY G 411 -64.49 33.77 -41.36
C GLY G 411 -63.03 34.12 -41.06
N VAL G 412 -62.33 34.62 -42.07
CA VAL G 412 -60.93 34.94 -41.94
C VAL G 412 -60.76 36.42 -41.65
N LYS G 413 -60.13 36.71 -40.51
CA LYS G 413 -59.81 38.08 -40.09
C LYS G 413 -58.48 38.52 -40.65
N ARG G 414 -57.61 37.56 -41.02
CA ARG G 414 -56.22 37.83 -41.46
C ARG G 414 -55.51 36.59 -42.01
N LEU G 415 -54.73 36.78 -43.09
CA LEU G 415 -53.83 35.74 -43.62
C LEU G 415 -52.42 36.25 -43.56
N VAL G 416 -51.46 35.35 -43.35
CA VAL G 416 -50.03 35.67 -43.34
C VAL G 416 -49.33 34.49 -43.94
N PHE G 417 -48.39 34.74 -44.85
CA PHE G 417 -47.67 33.66 -45.51
C PHE G 417 -46.46 34.20 -46.22
N HIS G 418 -45.56 33.29 -46.59
CA HIS G 418 -44.49 33.62 -47.47
C HIS G 418 -44.46 32.54 -48.54
N ASN G 419 -44.24 32.94 -49.80
CA ASN G 419 -44.19 31.95 -50.89
C ASN G 419 -42.78 31.45 -51.08
N TRP G 420 -42.53 30.23 -50.64
CA TRP G 420 -41.19 29.65 -50.72
C TRP G 420 -40.83 29.18 -52.11
N VAL G 421 -41.85 28.80 -52.89
CA VAL G 421 -41.65 28.29 -54.27
C VAL G 421 -41.15 29.40 -55.17
N LYS G 422 -41.81 30.56 -55.09
CA LYS G 422 -41.47 31.69 -55.93
C LYS G 422 -40.33 32.53 -55.36
N ASP G 423 -39.76 32.09 -54.23
CA ASP G 423 -38.68 32.81 -53.56
C ASP G 423 -37.35 32.44 -54.24
N GLU G 424 -36.74 33.40 -54.91
CA GLU G 424 -35.54 33.16 -55.67
C GLU G 424 -34.40 32.66 -54.82
N PHE G 425 -34.53 32.81 -53.53
CA PHE G 425 -33.48 32.39 -52.60
C PHE G 425 -33.82 31.16 -51.79
N ALA G 426 -34.84 30.43 -52.23
CA ALA G 426 -35.16 29.11 -51.68
C ALA G 426 -35.55 28.14 -52.80
N LYS G 427 -36.42 28.61 -53.68
CA LYS G 427 -36.95 27.82 -54.81
C LYS G 427 -37.51 26.46 -54.39
N GLY G 428 -38.35 26.49 -53.35
CA GLY G 428 -38.83 25.29 -52.67
C GLY G 428 -38.87 25.49 -51.17
N ALA G 429 -39.35 24.48 -50.44
CA ALA G 429 -39.43 24.60 -49.00
C ALA G 429 -38.33 23.65 -48.48
N TRP G 430 -38.42 23.12 -47.30
CA TRP G 430 -37.44 22.13 -46.82
C TRP G 430 -37.07 21.04 -47.84
N PHE G 431 -35.92 20.43 -47.66
CA PHE G 431 -35.48 19.41 -48.59
C PHE G 431 -36.33 18.16 -48.45
N PHE G 432 -36.81 17.64 -49.58
CA PHE G 432 -37.33 16.29 -49.61
C PHE G 432 -37.02 15.67 -50.97
N SER G 433 -36.28 14.55 -50.96
CA SER G 433 -35.66 14.05 -52.18
C SER G 433 -36.62 13.27 -53.07
N ARG G 434 -36.19 13.07 -54.32
CA ARG G 434 -36.80 12.15 -55.29
C ARG G 434 -36.33 10.72 -55.01
N PRO G 435 -37.10 9.71 -55.46
CA PRO G 435 -36.66 8.33 -55.33
C PRO G 435 -35.23 8.17 -55.85
N GLY G 436 -34.34 7.60 -55.05
CA GLY G 436 -32.94 7.41 -55.49
C GLY G 436 -31.99 8.58 -55.29
N MET G 437 -32.52 9.81 -55.29
CA MET G 437 -31.70 11.01 -55.19
C MET G 437 -30.67 10.99 -54.04
N VAL G 438 -31.10 10.68 -52.82
CA VAL G 438 -30.18 10.65 -51.66
C VAL G 438 -29.12 9.54 -51.80
N SER G 439 -29.57 8.34 -52.15
CA SER G 439 -28.71 7.22 -52.57
C SER G 439 -27.58 7.61 -53.51
N GLU G 440 -27.98 8.13 -54.68
CA GLU G 440 -27.09 8.63 -55.70
C GLU G 440 -26.16 9.78 -55.20
N CYS G 441 -26.74 10.86 -54.66
CA CYS G 441 -26.02 12.15 -54.53
C CYS G 441 -25.57 12.66 -53.16
N LEU G 442 -25.89 11.93 -52.09
CA LEU G 442 -25.63 12.45 -50.74
C LEU G 442 -24.12 12.60 -50.50
N GLN G 443 -23.36 11.56 -50.83
CA GLN G 443 -21.93 11.65 -50.77
C GLN G 443 -21.44 12.92 -51.54
N GLY G 444 -21.80 13.05 -52.81
CA GLY G 444 -21.33 14.15 -53.63
C GLY G 444 -21.71 15.53 -53.13
N LEU G 445 -22.85 15.61 -52.45
CA LEU G 445 -23.33 16.86 -51.90
C LEU G 445 -22.57 17.27 -50.65
N ARG G 446 -21.89 16.36 -49.97
CA ARG G 446 -21.29 16.63 -48.68
C ARG G 446 -19.86 17.06 -48.77
N GLU G 447 -19.34 16.72 -49.88
CA GLU G 447 -17.93 16.56 -50.34
C GLU G 447 -17.05 17.80 -50.42
N LYS G 448 -15.78 17.75 -50.22
CA LYS G 448 -14.98 18.97 -50.15
C LYS G 448 -14.74 19.58 -51.54
N HIS G 449 -14.80 20.88 -51.64
CA HIS G 449 -14.57 21.57 -52.90
C HIS G 449 -13.50 22.64 -52.83
N GLY G 450 -12.28 22.24 -52.58
CA GLY G 450 -11.20 23.19 -52.54
C GLY G 450 -11.30 24.00 -51.30
N GLY G 451 -11.49 25.29 -51.41
CA GLY G 451 -11.58 26.08 -50.22
C GLY G 451 -13.00 26.43 -49.93
N VAL G 452 -13.88 25.79 -50.64
CA VAL G 452 -15.33 25.94 -50.49
C VAL G 452 -15.87 24.75 -49.70
N VAL G 453 -16.51 25.05 -48.58
CA VAL G 453 -17.22 24.05 -47.83
C VAL G 453 -18.70 24.16 -48.12
N PHE G 454 -19.29 23.08 -48.65
CA PHE G 454 -20.77 23.00 -48.86
C PHE G 454 -21.52 22.43 -47.66
N ALA G 455 -22.33 23.30 -47.06
CA ALA G 455 -23.07 22.99 -45.86
C ALA G 455 -24.47 23.59 -45.94
N ASN G 456 -25.48 22.79 -45.74
CA ASN G 456 -26.89 23.09 -45.71
C ASN G 456 -27.57 21.83 -45.16
N SER G 457 -28.61 22.09 -44.43
CA SER G 457 -29.63 21.17 -44.13
C SER G 457 -30.03 20.25 -45.27
N ASP G 458 -30.09 20.71 -46.49
CA ASP G 458 -30.42 19.80 -47.58
C ASP G 458 -29.64 18.48 -47.70
N TRP G 459 -28.42 18.42 -47.21
CA TRP G 459 -27.52 17.28 -47.19
C TRP G 459 -26.95 16.89 -45.80
N ALA G 460 -27.68 17.19 -44.73
CA ALA G 460 -27.31 16.67 -43.40
C ALA G 460 -27.50 15.14 -43.35
N LEU G 461 -26.99 14.51 -42.30
CA LEU G 461 -27.08 13.04 -42.11
C LEU G 461 -28.23 12.65 -41.19
N GLY G 462 -28.47 13.47 -40.17
CA GLY G 462 -29.48 13.14 -39.15
C GLY G 462 -30.82 13.74 -39.52
N TRP G 463 -31.17 14.85 -38.86
CA TRP G 463 -32.39 15.55 -39.21
C TRP G 463 -32.23 16.38 -40.48
N ARG G 464 -31.88 15.71 -41.57
CA ARG G 464 -31.82 16.36 -42.85
C ARG G 464 -33.13 17.06 -43.19
N SER G 465 -33.01 18.34 -43.58
CA SER G 465 -34.12 19.17 -44.01
C SER G 465 -34.83 19.91 -42.88
N PHE G 466 -34.28 19.85 -41.67
CA PHE G 466 -34.87 20.46 -40.49
C PHE G 466 -33.96 21.60 -40.03
N ILE G 467 -34.49 22.50 -39.19
CA ILE G 467 -33.61 23.43 -38.50
C ILE G 467 -32.43 22.69 -37.83
N ASP G 468 -32.69 21.50 -37.29
CA ASP G 468 -31.66 20.69 -36.68
C ASP G 468 -30.52 20.27 -37.60
N GLY G 469 -30.86 19.87 -38.83
CA GLY G 469 -29.86 19.49 -39.84
C GLY G 469 -29.04 20.67 -40.28
N ALA G 470 -29.65 21.86 -40.27
CA ALA G 470 -28.91 23.10 -40.61
C ALA G 470 -27.78 23.26 -39.63
N ILE G 471 -28.12 23.14 -38.34
CA ILE G 471 -27.15 23.41 -37.28
C ILE G 471 -26.12 22.33 -37.29
N GLU G 472 -26.44 21.18 -37.38
CA GLU G 472 -25.57 20.09 -37.80
C GLU G 472 -24.60 20.52 -38.90
N GLU G 473 -25.07 21.05 -40.00
CA GLU G 473 -24.21 21.32 -41.12
C GLU G 473 -23.30 22.47 -40.86
N GLY G 474 -23.81 23.50 -40.23
CA GLY G 474 -23.02 24.67 -39.85
C GLY G 474 -21.90 24.31 -38.88
N THR G 475 -22.17 23.43 -37.91
CA THR G 475 -21.21 22.95 -36.95
C THR G 475 -20.11 22.20 -37.62
N ARG G 476 -20.49 21.34 -38.55
CA ARG G 476 -19.52 20.52 -39.29
C ARG G 476 -18.64 21.46 -40.11
N ALA G 477 -19.24 22.47 -40.73
CA ALA G 477 -18.51 23.39 -41.59
C ALA G 477 -17.45 24.17 -40.79
N ALA G 478 -17.77 24.58 -39.59
CA ALA G 478 -16.84 25.31 -38.78
C ALA G 478 -15.68 24.46 -38.27
N ARG G 479 -15.95 23.23 -37.99
CA ARG G 479 -14.97 22.29 -37.57
C ARG G 479 -14.06 21.95 -38.73
N VAL G 480 -14.58 21.92 -39.92
CA VAL G 480 -13.76 21.68 -41.12
C VAL G 480 -12.77 22.81 -41.41
N VAL G 481 -13.23 24.05 -41.43
CA VAL G 481 -12.43 25.23 -41.66
C VAL G 481 -11.29 25.33 -40.66
N LEU G 482 -11.52 25.02 -39.41
CA LEU G 482 -10.55 25.31 -38.41
C LEU G 482 -9.43 24.32 -38.22
N GLU G 483 -9.62 23.20 -38.82
CA GLU G 483 -8.72 22.08 -39.07
C GLU G 483 -7.87 22.46 -40.27
N GLU G 484 -8.28 22.75 -41.17
CA GLU G 484 -7.41 23.50 -42.07
C GLU G 484 -7.10 24.83 -41.37
N LEU G 485 -6.47 25.79 -41.99
CA LEU G 485 -6.32 27.04 -41.28
C LEU G 485 -5.40 26.92 -40.08
N MET H 1 21.95 -33.87 -62.86
CA MET H 1 20.78 -33.45 -63.69
C MET H 1 20.97 -32.02 -64.22
N THR H 2 20.34 -31.72 -65.35
CA THR H 2 20.60 -30.50 -66.11
C THR H 2 19.41 -29.55 -66.08
N SER H 3 19.69 -28.27 -65.84
CA SER H 3 18.68 -27.24 -65.82
C SER H 3 18.63 -26.55 -67.16
N ARG H 4 17.51 -25.91 -67.47
CA ARG H 4 17.41 -25.10 -68.68
C ARG H 4 18.17 -23.78 -68.49
N ASP H 5 18.40 -23.43 -67.22
CA ASP H 5 19.11 -22.21 -66.85
C ASP H 5 20.61 -22.45 -66.95
N GLY H 6 21.37 -21.35 -67.01
CA GLY H 6 22.80 -21.44 -67.01
C GLY H 6 23.39 -21.51 -68.40
N TYR H 7 24.70 -21.38 -68.46
CA TYR H 7 25.47 -21.29 -69.69
C TYR H 7 26.89 -21.70 -69.37
N GLN H 8 27.55 -22.32 -70.33
CA GLN H 8 28.92 -22.71 -70.21
C GLN H 8 29.65 -22.45 -71.51
N TRP H 9 30.91 -22.13 -71.44
CA TRP H 9 31.72 -22.03 -72.64
C TRP H 9 33.11 -22.61 -72.41
N THR H 10 33.52 -23.51 -73.30
CA THR H 10 34.91 -23.94 -73.43
C THR H 10 35.39 -23.63 -74.84
N PRO H 11 36.72 -23.50 -75.04
CA PRO H 11 37.19 -23.26 -76.40
C PRO H 11 36.77 -24.39 -77.33
N GLU H 12 36.65 -25.58 -76.80
CA GLU H 12 36.31 -26.77 -77.53
C GLU H 12 34.86 -26.98 -77.90
N THR H 13 33.95 -26.67 -77.00
CA THR H 13 32.52 -26.93 -77.21
C THR H 13 31.72 -25.69 -77.61
N GLY H 14 32.28 -24.53 -77.40
CA GLY H 14 31.55 -23.29 -77.53
C GLY H 14 30.54 -23.03 -76.43
N LEU H 15 29.53 -22.24 -76.75
CA LEU H 15 28.46 -21.87 -75.85
C LEU H 15 27.30 -22.81 -75.81
N THR H 16 27.06 -23.41 -74.66
CA THR H 16 25.92 -24.26 -74.48
C THR H 16 24.96 -23.71 -73.45
N GLN H 17 23.70 -23.67 -73.78
CA GLN H 17 22.67 -23.29 -72.84
C GLN H 17 22.30 -24.50 -72.03
N GLY H 18 22.36 -24.33 -70.72
CA GLY H 18 22.01 -25.38 -69.82
C GLY H 18 23.17 -26.01 -69.12
N VAL H 19 23.13 -25.93 -67.82
CA VAL H 19 24.08 -26.62 -66.96
C VAL H 19 23.50 -27.46 -65.85
N PRO H 20 24.31 -28.35 -65.33
CA PRO H 20 23.90 -29.24 -64.24
C PRO H 20 23.58 -28.49 -62.93
N SER H 21 22.65 -29.01 -62.12
CA SER H 21 22.39 -28.47 -60.79
C SER H 21 21.64 -29.44 -59.90
N LEU H 22 22.10 -29.58 -58.67
CA LEU H 22 21.39 -30.36 -57.66
C LEU H 22 19.99 -29.80 -57.35
N GLY H 23 19.75 -28.52 -57.65
CA GLY H 23 18.45 -27.90 -57.45
C GLY H 23 17.32 -28.37 -58.36
N VAL H 24 17.69 -29.13 -59.40
CA VAL H 24 16.73 -29.70 -60.33
C VAL H 24 15.97 -30.84 -59.63
N ILE H 25 14.65 -30.75 -59.59
CA ILE H 25 13.86 -31.82 -58.97
C ILE H 25 13.22 -32.79 -59.99
N SER H 26 13.54 -34.08 -59.89
CA SER H 26 13.00 -35.13 -60.75
C SER H 26 12.44 -36.25 -59.91
N PRO H 27 11.22 -36.68 -60.18
CA PRO H 27 10.32 -36.08 -61.18
C PRO H 27 9.85 -34.63 -60.83
N PRO H 28 9.39 -33.86 -61.85
CA PRO H 28 8.90 -32.47 -61.68
C PRO H 28 7.59 -32.30 -60.91
N THR H 29 6.87 -33.33 -60.66
CA THR H 29 5.73 -33.14 -59.89
C THR H 29 5.49 -34.39 -59.17
N ASN H 30 4.75 -34.28 -58.12
CA ASN H 30 4.25 -35.45 -57.44
C ASN H 30 2.73 -35.43 -57.44
N ILE H 31 2.13 -34.59 -58.25
CA ILE H 31 0.69 -34.59 -58.25
C ILE H 31 0.15 -34.84 -59.63
N PRO H 39 -6.99 -31.69 -51.03
CA PRO H 39 -7.16 -30.25 -50.82
C PRO H 39 -5.92 -29.61 -50.16
N TRP H 40 -5.71 -28.31 -50.41
CA TRP H 40 -4.48 -27.61 -49.98
C TRP H 40 -4.77 -26.50 -48.96
N ASP H 41 -3.99 -26.51 -47.87
CA ASP H 41 -4.06 -25.43 -46.89
C ASP H 41 -3.37 -24.18 -47.45
N VAL H 42 -2.20 -24.39 -48.04
CA VAL H 42 -1.41 -23.29 -48.55
C VAL H 42 -0.83 -23.61 -49.93
N ILE H 43 -0.88 -22.61 -50.80
CA ILE H 43 -0.08 -22.60 -52.02
C ILE H 43 1.11 -21.64 -51.85
N VAL H 44 2.31 -22.17 -52.04
CA VAL H 44 3.50 -21.31 -52.07
C VAL H 44 3.95 -21.17 -53.53
N ILE H 45 3.92 -19.96 -54.04
CA ILE H 45 4.39 -19.71 -55.40
C ILE H 45 5.84 -19.30 -55.36
N GLY H 46 6.71 -20.17 -55.86
CA GLY H 46 8.13 -19.85 -56.01
C GLY H 46 8.97 -20.61 -55.02
N GLY H 47 10.06 -21.20 -55.51
CA GLY H 47 10.92 -22.08 -54.73
C GLY H 47 12.35 -21.61 -54.56
N GLY H 48 12.51 -20.29 -54.46
CA GLY H 48 13.74 -19.70 -53.95
C GLY H 48 13.81 -19.94 -52.45
N TYR H 49 14.75 -19.30 -51.77
CA TYR H 49 14.93 -19.49 -50.34
C TYR H 49 13.71 -19.06 -49.51
N CYS H 50 13.05 -17.99 -49.95
CA CYS H 50 11.88 -17.49 -49.29
C CYS H 50 10.79 -18.55 -49.31
N GLY H 51 10.35 -18.92 -50.52
CA GLY H 51 9.46 -20.06 -50.73
C GLY H 51 9.90 -21.34 -50.04
N LEU H 52 11.19 -21.65 -50.09
CA LEU H 52 11.64 -22.86 -49.42
C LEU H 52 11.50 -22.79 -47.89
N THR H 53 11.65 -21.59 -47.33
CA THR H 53 11.57 -21.43 -45.89
C THR H 53 10.12 -21.52 -45.44
N ALA H 54 9.24 -20.85 -46.16
CA ALA H 54 7.83 -20.85 -45.85
C ALA H 54 7.23 -22.28 -45.91
N THR H 55 7.67 -23.05 -46.90
CA THR H 55 7.16 -24.40 -47.15
C THR H 55 7.64 -25.36 -46.06
N ARG H 56 8.94 -25.38 -45.81
CA ARG H 56 9.52 -26.17 -44.74
C ARG H 56 8.86 -25.86 -43.39
N ASP H 57 8.63 -24.58 -43.09
CA ASP H 57 7.94 -24.24 -41.85
C ASP H 57 6.51 -24.74 -41.81
N LEU H 58 5.75 -24.49 -42.87
CA LEU H 58 4.33 -24.86 -42.87
C LEU H 58 4.06 -26.37 -42.90
N THR H 59 4.91 -27.16 -43.55
CA THR H 59 4.69 -28.60 -43.59
C THR H 59 5.04 -29.24 -42.26
N VAL H 60 6.15 -28.81 -41.68
CA VAL H 60 6.60 -29.26 -40.36
C VAL H 60 5.59 -28.90 -39.28
N ALA H 61 4.97 -27.73 -39.40
CA ALA H 61 3.90 -27.36 -38.46
C ALA H 61 2.55 -28.03 -38.76
N GLY H 62 2.48 -28.84 -39.81
CA GLY H 62 1.31 -29.68 -40.06
C GLY H 62 0.41 -29.34 -41.23
N PHE H 63 0.83 -28.39 -42.08
CA PHE H 63 -0.02 -27.94 -43.18
C PHE H 63 0.29 -28.65 -44.49
N LYS H 64 -0.75 -29.18 -45.14
CA LYS H 64 -0.64 -29.71 -46.51
C LYS H 64 -0.35 -28.50 -47.41
N THR H 65 0.88 -28.45 -47.91
CA THR H 65 1.28 -27.28 -48.70
C THR H 65 1.81 -27.62 -50.09
N LEU H 66 1.28 -26.88 -51.06
CA LEU H 66 1.59 -27.08 -52.48
C LEU H 66 2.56 -25.99 -53.00
N LEU H 67 3.60 -26.24 -53.45
CA LEU H 67 4.58 -25.32 -54.00
C LEU H 67 4.48 -25.36 -55.53
N LEU H 68 4.46 -24.36 -56.05
CA LEU H 68 4.40 -24.18 -57.51
C LEU H 68 5.58 -23.36 -57.96
N GLU H 69 6.33 -23.78 -58.81
CA GLU H 69 7.53 -23.14 -59.38
C GLU H 69 7.54 -23.13 -60.93
N ALA H 70 7.82 -21.95 -61.46
CA ALA H 70 8.11 -21.74 -62.86
C ALA H 70 9.31 -22.51 -63.39
N ARG H 71 10.42 -22.42 -62.72
CA ARG H 71 11.67 -23.01 -63.15
C ARG H 71 11.72 -24.51 -63.02
N ASP H 72 12.82 -25.12 -63.41
CA ASP H 72 12.83 -26.58 -63.31
C ASP H 72 13.56 -27.00 -62.06
N ARG H 73 13.84 -26.03 -61.20
CA ARG H 73 14.74 -26.20 -60.06
C ARG H 73 14.30 -25.36 -58.88
N ILE H 74 14.83 -25.69 -57.70
CA ILE H 74 14.74 -24.81 -56.55
C ILE H 74 15.95 -23.86 -56.56
N GLY H 75 15.87 -22.82 -55.72
CA GLY H 75 16.99 -21.91 -55.50
C GLY H 75 16.71 -20.49 -55.95
N GLY H 76 15.85 -20.34 -56.95
CA GLY H 76 15.58 -19.01 -57.49
C GLY H 76 16.87 -18.31 -57.86
N ARG H 77 17.06 -17.11 -57.30
CA ARG H 77 18.20 -16.26 -57.62
C ARG H 77 19.50 -16.80 -57.02
N SER H 78 19.44 -17.96 -56.38
CA SER H 78 20.64 -18.59 -55.85
C SER H 78 20.73 -20.08 -56.17
N TRP H 79 21.76 -20.46 -56.92
CA TRP H 79 21.93 -21.85 -57.30
C TRP H 79 23.33 -22.17 -57.80
N SER H 80 23.61 -23.46 -57.81
CA SER H 80 24.93 -23.96 -57.81
C SER H 80 25.02 -25.06 -58.90
N SER H 81 26.13 -25.06 -59.64
CA SER H 81 26.34 -26.02 -60.70
C SER H 81 27.68 -26.73 -60.58
N ASN H 82 27.61 -28.03 -60.36
CA ASN H 82 28.81 -28.85 -60.26
C ASN H 82 29.28 -29.23 -61.67
N ILE H 83 30.42 -28.67 -62.07
CA ILE H 83 31.00 -28.94 -63.37
C ILE H 83 32.44 -29.35 -63.14
N ASP H 84 32.78 -30.57 -63.59
CA ASP H 84 34.12 -31.13 -63.39
C ASP H 84 34.56 -31.05 -61.92
N GLY H 85 33.61 -31.34 -61.02
CA GLY H 85 33.86 -31.35 -59.58
C GLY H 85 33.86 -29.98 -58.87
N TYR H 86 33.57 -28.90 -59.58
CA TYR H 86 33.58 -27.58 -58.95
C TYR H 86 32.20 -26.91 -58.95
N PRO H 87 31.71 -26.54 -57.75
CA PRO H 87 30.45 -25.81 -57.66
C PRO H 87 30.57 -24.36 -58.15
N TYR H 88 29.93 -24.06 -59.28
CA TYR H 88 29.87 -22.70 -59.77
C TYR H 88 28.59 -22.02 -59.28
N GLU H 89 28.72 -20.91 -58.49
CA GLU H 89 27.59 -20.16 -57.94
C GLU H 89 26.96 -19.28 -59.02
N MET H 90 25.88 -19.60 -59.46
CA MET H 90 25.23 -18.85 -60.52
C MET H 90 24.65 -17.52 -60.07
N GLY H 91 24.21 -17.45 -58.81
CA GLY H 91 23.68 -16.19 -58.25
C GLY H 91 24.19 -15.95 -56.82
N GLY H 92 23.25 -15.79 -55.90
CA GLY H 92 23.60 -15.65 -54.47
C GLY H 92 24.64 -16.63 -53.97
N THR H 93 25.72 -16.07 -53.41
CA THR H 93 26.88 -16.88 -53.02
C THR H 93 27.24 -16.79 -51.54
N TRP H 94 27.48 -15.59 -51.04
CA TRP H 94 28.18 -15.46 -49.75
C TRP H 94 27.28 -15.33 -48.53
N VAL H 95 27.72 -15.93 -47.42
CA VAL H 95 26.99 -15.91 -46.15
C VAL H 95 27.97 -15.67 -44.98
N HIS H 96 27.43 -15.30 -43.83
CA HIS H 96 28.23 -15.04 -42.65
C HIS H 96 27.35 -15.25 -41.41
N TRP H 97 27.96 -15.45 -40.23
CA TRP H 97 27.22 -15.59 -38.99
C TRP H 97 26.62 -14.28 -38.45
N HIS H 98 26.94 -13.13 -39.04
CA HIS H 98 26.25 -11.88 -38.72
C HIS H 98 24.97 -11.73 -39.52
N GLN H 99 24.66 -12.74 -40.29
CA GLN H 99 23.41 -12.78 -40.96
C GLN H 99 22.55 -13.79 -40.25
N SER H 100 21.62 -13.27 -39.51
CA SER H 100 20.82 -14.03 -38.56
C SER H 100 20.11 -15.25 -39.12
N HIS H 101 19.29 -15.02 -40.14
CA HIS H 101 18.35 -16.02 -40.61
C HIS H 101 19.04 -17.13 -41.36
N VAL H 102 19.93 -16.75 -42.29
CA VAL H 102 20.65 -17.74 -43.06
C VAL H 102 21.51 -18.53 -42.09
N TRP H 103 22.10 -17.87 -41.11
CA TRP H 103 23.05 -18.58 -40.23
C TRP H 103 22.33 -19.56 -39.32
N ARG H 104 21.11 -19.23 -38.94
CA ARG H 104 20.27 -20.06 -38.14
C ARG H 104 19.98 -21.36 -38.87
N GLU H 105 19.63 -21.26 -40.11
CA GLU H 105 19.40 -22.43 -40.94
C GLU H 105 20.68 -23.25 -41.14
N ILE H 106 21.80 -22.56 -41.33
CA ILE H 106 23.08 -23.24 -41.51
C ILE H 106 23.46 -24.06 -40.28
N THR H 107 23.21 -23.53 -39.08
CA THR H 107 23.61 -24.28 -37.89
C THR H 107 22.62 -25.39 -37.56
N ARG H 108 21.33 -25.10 -37.75
CA ARG H 108 20.29 -26.11 -37.60
C ARG H 108 20.51 -27.32 -38.55
N TYR H 109 21.00 -27.05 -39.76
CA TYR H 109 21.26 -28.11 -40.73
C TYR H 109 22.71 -28.62 -40.65
N LYS H 110 23.44 -28.26 -39.59
CA LYS H 110 24.81 -28.76 -39.35
C LYS H 110 25.78 -28.55 -40.53
N MET H 111 25.65 -27.40 -41.17
CA MET H 111 26.53 -27.03 -42.26
C MET H 111 27.48 -25.88 -41.88
N HIS H 112 27.55 -25.56 -40.59
CA HIS H 112 28.46 -24.51 -40.10
C HIS H 112 29.91 -24.80 -40.44
N ASN H 113 30.28 -26.09 -40.47
CA ASN H 113 31.65 -26.51 -40.86
C ASN H 113 31.84 -26.85 -42.35
N ALA H 114 30.86 -26.55 -43.17
CA ALA H 114 30.92 -26.87 -44.61
C ALA H 114 31.09 -25.59 -45.45
N LEU H 115 31.98 -24.73 -44.97
CA LEU H 115 32.23 -23.45 -45.64
C LEU H 115 33.66 -23.36 -46.13
N SER H 116 33.87 -22.55 -47.17
CA SER H 116 35.20 -22.26 -47.69
C SER H 116 35.42 -20.77 -47.74
N PRO H 117 36.67 -20.34 -47.47
CA PRO H 117 37.04 -18.94 -47.64
C PRO H 117 37.36 -18.62 -49.09
N SER H 118 36.65 -17.66 -49.68
CA SER H 118 36.91 -17.22 -51.04
C SER H 118 38.32 -16.64 -51.19
N PHE H 119 38.76 -15.89 -50.19
CA PHE H 119 40.06 -15.25 -50.23
C PHE H 119 41.18 -16.17 -49.74
N ASN H 120 42.25 -16.24 -50.52
CA ASN H 120 43.43 -17.01 -50.14
C ASN H 120 44.67 -16.28 -50.65
N PHE H 121 45.41 -15.63 -49.73
CA PHE H 121 46.57 -14.83 -50.12
C PHE H 121 47.90 -15.52 -49.81
N SER H 122 47.85 -16.84 -49.59
CA SER H 122 49.03 -17.62 -49.17
C SER H 122 50.08 -17.95 -50.25
N ARG H 123 49.76 -17.74 -51.53
CA ARG H 123 50.67 -18.01 -52.68
C ARG H 123 50.24 -17.20 -53.89
N GLY H 124 50.98 -17.28 -54.99
CA GLY H 124 50.66 -16.51 -56.21
C GLY H 124 51.04 -15.03 -56.19
N VAL H 125 50.40 -14.23 -57.07
CA VAL H 125 50.77 -12.81 -57.24
C VAL H 125 50.47 -11.92 -56.02
N ASN H 126 49.41 -12.26 -55.27
CA ASN H 126 49.17 -11.63 -53.99
C ASN H 126 49.20 -10.11 -54.12
N HIS H 127 48.56 -9.60 -55.17
CA HIS H 127 48.47 -8.16 -55.37
C HIS H 127 47.10 -7.76 -55.86
N PHE H 128 46.74 -6.51 -55.59
CA PHE H 128 45.52 -5.90 -56.10
C PHE H 128 45.86 -5.10 -57.35
N GLN H 129 45.03 -5.25 -58.38
CA GLN H 129 45.27 -4.59 -59.68
C GLN H 129 44.16 -3.60 -60.01
N LEU H 130 44.51 -2.32 -59.96
CA LEU H 130 43.57 -1.24 -60.23
C LEU H 130 43.80 -0.64 -61.61
N ARG H 131 42.77 -0.69 -62.45
CA ARG H 131 42.82 -0.15 -63.79
C ARG H 131 41.79 0.91 -63.94
N THR H 132 42.19 2.10 -64.29
CA THR H 132 41.28 3.25 -64.42
C THR H 132 41.19 3.78 -65.85
N ASN H 133 41.96 3.16 -66.75
CA ASN H 133 41.86 3.39 -68.20
C ASN H 133 42.31 2.11 -68.92
N PRO H 134 41.95 1.96 -70.21
CA PRO H 134 42.16 0.68 -70.93
C PRO H 134 43.63 0.26 -71.09
N THR H 135 44.62 1.15 -70.86
CA THR H 135 46.07 0.85 -71.10
C THR H 135 47.19 0.85 -70.02
N THR H 136 46.88 0.92 -68.75
CA THR H 136 47.75 1.05 -67.61
C THR H 136 47.18 0.23 -66.44
N SER H 137 48.03 -0.18 -65.53
CA SER H 137 47.57 -0.81 -64.35
C SER H 137 48.34 -0.18 -63.26
N THR H 138 47.72 -0.19 -62.10
CA THR H 138 48.38 0.15 -60.85
C THR H 138 48.32 -1.07 -59.93
N TYR H 139 49.47 -1.48 -59.38
CA TYR H 139 49.55 -2.63 -58.48
C TYR H 139 49.87 -2.19 -57.04
N MET H 140 49.36 -2.59 -55.97
CA MET H 140 49.60 -2.42 -54.54
C MET H 140 49.20 -3.71 -53.86
N THR H 141 49.66 -3.85 -52.63
CA THR H 141 49.41 -4.98 -51.74
C THR H 141 47.91 -5.08 -51.43
N HIS H 142 47.43 -6.15 -50.88
CA HIS H 142 46.02 -6.28 -50.58
C HIS H 142 45.62 -5.41 -49.42
N GLU H 143 46.63 -5.17 -48.70
CA GLU H 143 46.78 -4.27 -47.55
C GLU H 143 46.77 -2.81 -48.01
N ALA H 144 47.39 -2.49 -49.08
CA ALA H 144 47.19 -1.18 -49.55
C ALA H 144 45.77 -1.03 -50.10
N GLU H 145 45.19 -2.11 -50.59
CA GLU H 145 43.84 -2.10 -51.16
C GLU H 145 42.82 -1.78 -50.04
N ASP H 146 42.92 -2.51 -48.92
CA ASP H 146 42.05 -2.30 -47.76
C ASP H 146 42.10 -0.85 -47.27
N GLU H 147 43.29 -0.26 -47.23
CA GLU H 147 43.45 1.08 -46.71
C GLU H 147 42.79 2.08 -47.64
N LEU H 148 42.99 1.91 -48.93
CA LEU H 148 42.38 2.73 -49.92
C LEU H 148 40.87 2.77 -49.89
N LEU H 149 40.26 1.59 -49.86
CA LEU H 149 38.85 1.43 -49.62
C LEU H 149 38.33 1.91 -48.29
N ARG H 150 39.01 1.60 -47.21
CA ARG H 150 38.59 2.13 -45.91
C ARG H 150 38.51 3.66 -45.93
N SER H 151 39.54 4.29 -46.50
CA SER H 151 39.64 5.75 -46.60
C SER H 151 38.48 6.33 -47.43
N ALA H 152 38.28 5.77 -48.62
CA ALA H 152 37.21 6.18 -49.53
C ALA H 152 35.80 5.96 -48.93
N LEU H 153 35.56 4.78 -48.36
CA LEU H 153 34.28 4.49 -47.73
C LEU H 153 34.01 5.32 -46.49
N HIS H 154 35.06 5.69 -45.78
CA HIS H 154 34.93 6.55 -44.62
C HIS H 154 34.37 7.91 -45.00
N LYS H 155 34.91 8.51 -46.07
CA LYS H 155 34.41 9.83 -46.51
C LYS H 155 32.98 9.71 -47.07
N PHE H 156 32.75 8.67 -47.86
CA PHE H 156 31.44 8.37 -48.44
C PHE H 156 30.37 8.19 -47.36
N THR H 157 30.69 7.44 -46.30
CA THR H 157 29.69 7.10 -45.31
C THR H 157 29.52 8.04 -44.12
N ASN H 158 30.44 8.98 -43.92
CA ASN H 158 30.48 9.78 -42.69
C ASN H 158 29.59 11.02 -42.76
N VAL H 159 28.30 10.82 -42.99
CA VAL H 159 27.34 11.92 -43.09
C VAL H 159 26.95 12.52 -41.75
N ASP H 160 27.28 11.84 -40.67
CA ASP H 160 26.71 12.16 -39.38
C ASP H 160 27.82 12.15 -38.33
N GLY H 161 29.07 12.05 -38.80
CA GLY H 161 30.22 12.06 -37.89
C GLY H 161 30.54 10.70 -37.29
N THR H 162 29.66 9.71 -37.51
CA THR H 162 29.88 8.36 -36.97
C THR H 162 29.65 7.28 -38.04
N ASN H 163 29.84 7.64 -39.31
CA ASN H 163 29.74 6.65 -40.39
C ASN H 163 28.37 5.92 -40.45
N GLY H 164 27.29 6.67 -40.19
CA GLY H 164 25.94 6.11 -40.29
C GLY H 164 25.31 5.64 -38.99
N ARG H 165 26.11 5.53 -37.93
CA ARG H 165 25.61 5.09 -36.62
C ARG H 165 24.63 6.07 -35.95
N THR H 166 24.69 7.35 -36.27
CA THR H 166 23.79 8.33 -35.68
C THR H 166 22.44 8.39 -36.44
N VAL H 167 22.50 8.40 -37.79
CA VAL H 167 21.25 8.49 -38.56
C VAL H 167 20.54 7.16 -38.71
N LEU H 168 21.27 6.05 -38.55
CA LEU H 168 20.69 4.71 -38.73
C LEU H 168 21.17 3.73 -37.66
N PRO H 169 20.88 4.01 -36.37
CA PRO H 169 21.31 3.10 -35.32
C PRO H 169 20.61 1.74 -35.37
N PHE H 170 19.40 1.68 -35.93
CA PHE H 170 18.62 0.45 -36.03
C PHE H 170 18.19 0.18 -37.48
N PRO H 171 19.10 -0.39 -38.29
CA PRO H 171 18.81 -0.60 -39.72
C PRO H 171 17.48 -1.31 -39.99
N HIS H 172 17.00 -2.09 -39.03
CA HIS H 172 15.67 -2.73 -39.14
C HIS H 172 14.48 -1.73 -39.13
N ASP H 173 14.73 -0.49 -38.68
CA ASP H 173 13.70 0.53 -38.51
C ASP H 173 14.23 1.87 -39.02
N MET H 174 14.17 2.05 -40.34
CA MET H 174 14.87 3.15 -41.01
C MET H 174 14.40 4.54 -40.61
N PHE H 175 13.19 4.67 -40.05
CA PHE H 175 12.65 5.97 -39.66
C PHE H 175 12.81 6.23 -38.17
N TYR H 176 13.61 5.42 -37.48
CA TYR H 176 13.86 5.60 -36.04
C TYR H 176 14.40 6.99 -35.81
N VAL H 177 15.35 7.41 -36.65
CA VAL H 177 15.82 8.78 -36.69
C VAL H 177 15.24 9.34 -37.96
N PRO H 178 14.44 10.42 -37.87
CA PRO H 178 13.75 10.97 -39.06
C PRO H 178 14.71 11.51 -40.12
N GLU H 179 15.91 11.96 -39.73
CA GLU H 179 16.85 12.45 -40.76
C GLU H 179 17.47 11.37 -41.65
N PHE H 180 17.20 10.09 -41.39
CA PHE H 180 17.68 9.08 -42.33
C PHE H 180 16.99 9.15 -43.70
N ARG H 181 15.73 9.54 -43.70
CA ARG H 181 14.97 9.58 -44.94
C ARG H 181 15.72 10.34 -46.05
N LYS H 182 16.26 11.49 -45.75
CA LYS H 182 16.98 12.25 -46.74
C LYS H 182 18.15 11.53 -47.43
N TYR H 183 18.74 10.57 -46.77
CA TYR H 183 19.79 9.75 -47.40
C TYR H 183 19.21 8.69 -48.32
N ASP H 184 18.10 8.07 -47.93
CA ASP H 184 17.45 7.13 -48.83
C ASP H 184 17.09 7.82 -50.13
N GLU H 185 16.78 9.11 -50.04
CA GLU H 185 16.37 9.90 -51.20
C GLU H 185 17.51 10.47 -52.04
N MET H 186 18.74 10.18 -51.70
CA MET H 186 19.93 10.59 -52.43
C MET H 186 20.41 9.50 -53.34
N SER H 187 21.04 9.85 -54.43
CA SER H 187 21.69 8.87 -55.30
C SER H 187 23.17 8.81 -54.92
N TYR H 188 23.82 7.71 -55.32
CA TYR H 188 25.28 7.58 -55.23
C TYR H 188 25.98 8.83 -55.73
N SER H 189 25.66 9.22 -56.96
CA SER H 189 26.31 10.37 -57.60
C SER H 189 26.11 11.65 -56.80
N GLU H 190 24.97 11.78 -56.12
CA GLU H 190 24.68 12.97 -55.35
C GLU H 190 25.61 13.05 -54.15
N ARG H 191 25.93 11.88 -53.59
CA ARG H 191 26.84 11.83 -52.45
C ARG H 191 28.27 12.03 -52.90
N ILE H 192 28.66 11.33 -53.95
CA ILE H 192 29.98 11.45 -54.52
C ILE H 192 30.28 12.88 -54.89
N ASP H 193 29.27 13.64 -55.31
CA ASP H 193 29.47 15.05 -55.72
C ASP H 193 29.67 15.94 -54.50
N GLN H 194 29.17 15.51 -53.35
CA GLN H 194 29.39 16.25 -52.12
C GLN H 194 30.86 16.18 -51.61
N ILE H 195 31.60 15.14 -52.00
CA ILE H 195 32.91 14.81 -51.41
C ILE H 195 34.03 14.67 -52.47
N ARG H 196 33.66 14.88 -53.71
CA ARG H 196 34.50 14.77 -54.86
C ARG H 196 35.84 15.46 -54.76
N ASP H 197 35.84 16.69 -54.32
CA ASP H 197 37.07 17.45 -54.18
C ASP H 197 38.07 16.83 -53.20
N GLU H 198 37.57 15.93 -52.35
CA GLU H 198 38.38 15.33 -51.31
C GLU H 198 38.87 13.94 -51.70
N LEU H 199 38.40 13.43 -52.83
CA LEU H 199 38.83 12.10 -53.27
C LEU H 199 39.90 12.15 -54.37
N SER H 200 40.97 11.39 -54.20
CA SER H 200 41.87 11.15 -55.33
C SER H 200 41.18 10.28 -56.40
N LEU H 201 41.72 10.26 -57.62
CA LEU H 201 41.18 9.36 -58.63
C LEU H 201 41.12 7.90 -58.14
N ASN H 202 42.16 7.43 -57.43
CA ASN H 202 42.20 6.03 -56.96
C ASN H 202 41.16 5.75 -55.87
N GLU H 203 40.92 6.70 -54.99
CA GLU H 203 39.85 6.59 -54.03
C GLU H 203 38.50 6.55 -54.68
N ARG H 204 38.20 7.49 -55.55
CA ARG H 204 36.90 7.57 -56.17
C ARG H 204 36.64 6.38 -57.09
N SER H 205 37.66 5.92 -57.79
CA SER H 205 37.52 4.76 -58.68
C SER H 205 37.19 3.50 -57.88
N SER H 206 37.97 3.26 -56.84
CA SER H 206 37.72 2.15 -55.92
C SER H 206 36.33 2.22 -55.31
N LEU H 207 36.01 3.39 -54.75
CA LEU H 207 34.74 3.62 -54.09
C LEU H 207 33.59 3.33 -55.05
N GLU H 208 33.61 3.98 -56.21
CA GLU H 208 32.52 3.87 -57.15
C GLU H 208 32.34 2.44 -57.57
N ALA H 209 33.45 1.72 -57.76
CA ALA H 209 33.35 0.33 -58.22
C ALA H 209 32.71 -0.51 -57.14
N PHE H 210 33.12 -0.30 -55.89
CA PHE H 210 32.64 -1.10 -54.77
C PHE H 210 31.15 -0.88 -54.50
N ILE H 211 30.75 0.39 -54.44
CA ILE H 211 29.37 0.70 -54.18
C ILE H 211 28.48 0.30 -55.38
N LEU H 212 29.01 0.38 -56.60
CA LEU H 212 28.27 -0.08 -57.78
C LEU H 212 28.19 -1.58 -57.79
N LEU H 213 29.25 -2.27 -57.40
CA LEU H 213 29.15 -3.71 -57.22
C LEU H 213 28.00 -4.06 -56.25
N CYS H 214 27.69 -3.15 -55.31
CA CYS H 214 26.64 -3.45 -54.35
C CYS H 214 25.25 -3.18 -54.89
N SER H 215 25.11 -2.16 -55.74
CA SER H 215 23.81 -1.85 -56.34
C SER H 215 23.49 -2.59 -57.65
N GLY H 216 24.52 -2.94 -58.43
CA GLY H 216 24.29 -3.44 -59.79
C GLY H 216 23.66 -2.43 -60.76
N GLY H 217 23.54 -1.18 -60.33
CA GLY H 217 22.93 -0.15 -61.14
C GLY H 217 23.92 0.89 -61.66
N THR H 218 23.50 2.16 -61.65
CA THR H 218 24.30 3.27 -62.12
C THR H 218 24.51 4.22 -60.95
N LEU H 219 25.50 5.10 -61.05
CA LEU H 219 25.69 6.12 -60.03
C LEU H 219 24.43 6.93 -59.86
N GLU H 220 23.74 7.12 -60.98
CA GLU H 220 22.61 8.03 -61.02
C GLU H 220 21.32 7.43 -60.44
N ASN H 221 21.12 6.13 -60.62
CA ASN H 221 19.86 5.49 -60.16
C ASN H 221 19.95 4.68 -58.84
N SER H 222 21.12 4.72 -58.18
CA SER H 222 21.34 3.92 -56.98
C SER H 222 21.14 4.74 -55.73
N SER H 223 20.36 4.20 -54.80
CA SER H 223 20.04 4.87 -53.54
C SER H 223 21.21 4.88 -52.55
N PHE H 224 21.67 6.06 -52.17
CA PHE H 224 22.74 6.18 -51.19
C PHE H 224 22.32 5.53 -49.84
N GLY H 225 21.11 5.83 -49.38
CA GLY H 225 20.59 5.30 -48.11
C GLY H 225 20.61 3.80 -48.09
N GLU H 226 20.29 3.17 -49.23
CA GLU H 226 20.22 1.73 -49.32
C GLU H 226 21.63 1.14 -49.16
N PHE H 227 22.64 1.84 -49.66
CA PHE H 227 23.99 1.38 -49.36
C PHE H 227 24.33 1.50 -47.86
N LEU H 228 23.98 2.64 -47.25
CA LEU H 228 24.14 2.82 -45.79
C LEU H 228 23.49 1.70 -44.97
N HIS H 229 22.36 1.19 -45.46
CA HIS H 229 21.64 0.09 -44.84
C HIS H 229 22.50 -1.20 -44.81
N TRP H 230 23.11 -1.52 -45.93
CA TRP H 230 24.01 -2.64 -46.04
C TRP H 230 25.22 -2.42 -45.14
N TRP H 231 25.77 -1.24 -45.21
CA TRP H 231 26.90 -0.82 -44.40
C TRP H 231 26.55 -1.04 -42.91
N ALA H 232 25.41 -0.51 -42.48
CA ALA H 232 24.96 -0.66 -41.10
C ALA H 232 24.78 -2.14 -40.71
N MET H 233 24.05 -2.91 -41.54
CA MET H 233 23.84 -4.33 -41.28
C MET H 233 25.17 -5.03 -41.06
N SER H 234 26.18 -4.55 -41.78
CA SER H 234 27.49 -5.17 -41.78
C SER H 234 28.38 -4.76 -40.61
N GLY H 235 27.96 -3.79 -39.81
CA GLY H 235 28.82 -3.31 -38.70
C GLY H 235 29.47 -1.93 -38.88
N TYR H 236 28.99 -1.18 -39.89
CA TYR H 236 29.51 0.16 -40.23
C TYR H 236 31.05 0.25 -40.45
N THR H 237 31.63 -0.80 -41.02
CA THR H 237 33.03 -0.80 -41.37
C THR H 237 33.21 -1.51 -42.72
N TYR H 238 34.26 -1.12 -43.44
CA TYR H 238 34.72 -1.84 -44.62
C TYR H 238 34.98 -3.34 -44.34
N GLN H 239 35.76 -3.64 -43.31
CA GLN H 239 36.04 -5.05 -43.01
C GLN H 239 34.78 -5.82 -42.68
N GLY H 240 33.84 -5.16 -41.99
CA GLY H 240 32.51 -5.72 -41.76
C GLY H 240 31.77 -6.10 -43.04
N CYS H 241 31.75 -5.19 -44.02
CA CYS H 241 31.19 -5.49 -45.32
C CYS H 241 31.90 -6.67 -45.99
N MET H 242 33.24 -6.63 -46.01
CA MET H 242 33.97 -7.71 -46.66
C MET H 242 33.60 -9.06 -46.04
N ASP H 243 33.52 -9.09 -44.71
CA ASP H 243 33.21 -10.32 -43.98
C ASP H 243 31.82 -10.80 -44.37
N CYS H 244 30.85 -9.89 -44.36
CA CYS H 244 29.47 -10.26 -44.63
C CYS H 244 29.15 -10.48 -46.12
N LEU H 245 29.80 -9.73 -47.01
CA LEU H 245 29.39 -9.73 -48.42
C LEU H 245 30.17 -10.68 -49.32
N MET H 246 31.40 -11.05 -48.96
CA MET H 246 32.23 -11.72 -49.93
C MET H 246 33.22 -12.76 -49.42
N SER H 247 33.09 -13.20 -48.18
CA SER H 247 34.19 -14.01 -47.61
C SER H 247 33.94 -15.50 -47.58
N TYR H 248 32.72 -15.91 -47.25
CA TYR H 248 32.47 -17.31 -46.97
C TYR H 248 31.32 -17.88 -47.79
N LYS H 249 31.57 -19.04 -48.41
CA LYS H 249 30.64 -19.70 -49.35
C LYS H 249 30.59 -21.20 -49.02
N PHE H 250 29.57 -21.89 -49.51
CA PHE H 250 29.39 -23.33 -49.23
C PHE H 250 30.36 -24.22 -50.04
N LYS H 251 31.17 -25.03 -49.35
CA LYS H 251 32.01 -26.05 -50.00
C LYS H 251 31.30 -26.72 -51.18
N ASP H 252 30.11 -27.24 -50.91
CA ASP H 252 29.35 -28.07 -51.84
C ASP H 252 28.33 -27.26 -52.67
N GLY H 253 28.37 -25.94 -52.53
CA GLY H 253 27.54 -25.07 -53.33
C GLY H 253 26.18 -24.80 -52.73
N GLN H 254 25.64 -23.64 -53.03
CA GLN H 254 24.34 -23.24 -52.50
C GLN H 254 23.24 -24.29 -52.71
N SER H 255 23.26 -25.00 -53.84
CA SER H 255 22.18 -25.93 -54.12
C SER H 255 22.16 -27.09 -53.14
N ALA H 256 23.30 -27.42 -52.54
CA ALA H 256 23.31 -28.42 -51.48
C ALA H 256 22.53 -27.91 -50.27
N PHE H 257 22.62 -26.59 -50.04
CA PHE H 257 21.93 -25.93 -48.93
C PHE H 257 20.44 -25.90 -49.17
N ALA H 258 20.04 -25.43 -50.34
CA ALA H 258 18.64 -25.41 -50.77
C ALA H 258 17.98 -26.80 -50.64
N ARG H 259 18.73 -27.84 -50.98
CA ARG H 259 18.20 -29.21 -50.88
C ARG H 259 17.85 -29.63 -49.46
N ARG H 260 18.59 -29.08 -48.59
CA ARG H 260 18.29 -29.41 -47.19
C ARG H 260 16.92 -28.89 -46.76
N PHE H 261 16.43 -27.71 -47.12
CA PHE H 261 15.07 -27.19 -46.94
C PHE H 261 14.07 -28.08 -47.65
N TRP H 262 14.48 -28.59 -48.80
CA TRP H 262 13.61 -29.40 -49.66
C TRP H 262 13.37 -30.78 -49.06
N GLU H 263 14.46 -31.48 -48.75
CA GLU H 263 14.38 -32.78 -48.11
C GLU H 263 13.56 -32.74 -46.81
N GLU H 264 13.73 -31.69 -46.00
CA GLU H 264 12.95 -31.61 -44.77
C GLU H 264 11.46 -31.47 -45.08
N ALA H 265 11.12 -30.64 -46.05
CA ALA H 265 9.70 -30.47 -46.41
C ALA H 265 9.11 -31.74 -47.06
N ALA H 266 9.90 -32.38 -47.93
CA ALA H 266 9.52 -33.66 -48.54
C ALA H 266 9.30 -34.74 -47.47
N GLY H 267 10.17 -34.75 -46.47
CA GLY H 267 10.13 -35.74 -45.39
C GLY H 267 8.87 -35.73 -44.55
N THR H 268 8.12 -34.62 -44.55
CA THR H 268 6.92 -34.51 -43.69
C THR H 268 5.73 -35.29 -44.24
N GLY H 269 5.77 -35.62 -45.52
CA GLY H 269 4.64 -36.21 -46.23
C GLY H 269 3.55 -35.22 -46.57
N ARG H 270 3.75 -33.94 -46.25
CA ARG H 270 2.72 -32.92 -46.50
C ARG H 270 3.00 -32.01 -47.69
N LEU H 271 4.05 -32.34 -48.45
CA LEU H 271 4.45 -31.51 -49.57
C LEU H 271 3.86 -31.94 -50.92
N GLY H 272 3.06 -31.07 -51.51
CA GLY H 272 2.74 -31.17 -52.93
C GLY H 272 3.60 -30.19 -53.72
N TYR H 273 3.99 -30.56 -54.93
CA TYR H 273 4.79 -29.66 -55.75
C TYR H 273 4.59 -29.84 -57.25
N VAL H 274 4.66 -28.73 -57.99
CA VAL H 274 4.70 -28.75 -59.46
C VAL H 274 5.78 -27.78 -59.97
N PHE H 275 6.83 -28.34 -60.58
CA PHE H 275 7.82 -27.50 -61.26
C PHE H 275 7.44 -27.29 -62.72
N GLY H 276 8.13 -26.37 -63.40
CA GLY H 276 7.88 -26.07 -64.80
C GLY H 276 6.47 -25.54 -64.97
N CYS H 277 6.07 -24.70 -64.02
CA CYS H 277 4.68 -24.33 -63.84
C CYS H 277 4.57 -22.83 -63.54
N PRO H 278 4.83 -21.98 -64.55
CA PRO H 278 4.70 -20.53 -64.32
C PRO H 278 3.28 -20.11 -63.97
N VAL H 279 3.12 -19.11 -63.11
CA VAL H 279 1.81 -18.59 -62.71
C VAL H 279 1.48 -17.28 -63.47
N ARG H 280 0.22 -17.10 -63.72
CA ARG H 280 -0.25 -15.87 -64.37
C ARG H 280 -1.32 -15.14 -63.57
N SER H 281 -1.99 -15.81 -62.78
CA SER H 281 -3.20 -15.28 -62.17
C SER H 281 -3.37 -15.70 -60.72
N VAL H 282 -3.66 -14.73 -59.86
CA VAL H 282 -4.00 -15.03 -58.47
C VAL H 282 -5.28 -14.28 -58.11
N VAL H 283 -6.34 -15.05 -57.84
CA VAL H 283 -7.65 -14.47 -57.54
C VAL H 283 -8.12 -14.89 -56.15
N ASN H 284 -8.33 -13.91 -55.26
CA ASN H 284 -8.92 -14.17 -53.96
C ASN H 284 -10.42 -14.45 -54.13
N GLU H 285 -10.86 -15.58 -53.61
CA GLU H 285 -12.29 -15.88 -53.52
C GLU H 285 -12.67 -15.85 -52.03
N ARG H 286 -13.95 -16.07 -51.72
CA ARG H 286 -14.43 -16.13 -50.32
C ARG H 286 -13.82 -17.33 -49.58
N ASP H 287 -13.04 -17.03 -48.54
CA ASP H 287 -12.40 -18.06 -47.69
C ASP H 287 -11.26 -18.86 -48.36
N ALA H 288 -10.99 -18.59 -49.65
CA ALA H 288 -9.95 -19.31 -50.43
C ALA H 288 -9.33 -18.45 -51.56
N ALA H 289 -8.30 -18.98 -52.21
CA ALA H 289 -7.68 -18.27 -53.31
C ALA H 289 -7.40 -19.21 -54.47
N ARG H 290 -7.54 -18.69 -55.69
CA ARG H 290 -7.36 -19.48 -56.91
C ARG H 290 -6.11 -19.04 -57.69
N VAL H 291 -5.25 -20.02 -57.97
CA VAL H 291 -3.98 -19.79 -58.66
C VAL H 291 -4.01 -20.48 -60.04
N THR H 292 -3.90 -19.67 -61.10
CA THR H 292 -3.94 -20.17 -62.47
C THR H 292 -2.57 -20.16 -63.14
N ALA H 293 -2.14 -21.32 -63.62
CA ALA H 293 -0.93 -21.45 -64.43
C ALA H 293 -1.08 -20.75 -65.79
N ARG H 294 0.01 -20.66 -66.55
CA ARG H 294 0.00 -20.05 -67.88
C ARG H 294 -0.80 -20.92 -68.86
N ASP H 295 -0.48 -22.21 -68.87
CA ASP H 295 -1.16 -23.21 -69.66
C ASP H 295 -2.65 -23.35 -69.29
N GLY H 296 -3.02 -23.02 -68.05
CA GLY H 296 -4.41 -23.06 -67.65
C GLY H 296 -4.77 -23.85 -66.40
N ARG H 297 -3.85 -24.67 -65.90
CA ARG H 297 -4.12 -25.47 -64.71
C ARG H 297 -4.50 -24.60 -63.53
N GLU H 298 -5.42 -25.03 -62.70
CA GLU H 298 -5.94 -24.21 -61.64
C GLU H 298 -5.76 -24.90 -60.32
N PHE H 299 -5.43 -24.14 -59.29
CA PHE H 299 -5.15 -24.69 -57.97
C PHE H 299 -5.80 -23.80 -56.92
N VAL H 300 -6.50 -24.40 -55.97
CA VAL H 300 -7.14 -23.64 -54.87
C VAL H 300 -6.57 -24.02 -53.50
N ALA H 301 -6.48 -23.03 -52.61
CA ALA H 301 -5.94 -23.22 -51.28
C ALA H 301 -6.49 -22.13 -50.39
N LYS H 302 -6.52 -22.34 -49.11
CA LYS H 302 -7.06 -21.35 -48.23
C LYS H 302 -6.23 -20.09 -48.21
N ARG H 303 -5.01 -20.05 -48.34
CA ARG H 303 -3.99 -18.97 -48.39
C ARG H 303 -2.88 -19.29 -49.38
N VAL H 304 -2.46 -18.22 -49.95
CA VAL H 304 -1.41 -18.21 -50.95
C VAL H 304 -0.20 -17.41 -50.42
N VAL H 305 0.99 -18.02 -50.43
CA VAL H 305 2.24 -17.30 -50.16
C VAL H 305 2.90 -17.00 -51.51
N CYS H 306 2.96 -15.71 -51.88
CA CYS H 306 3.51 -15.33 -53.19
C CYS H 306 4.94 -14.77 -53.13
N THR H 307 5.90 -15.55 -53.63
CA THR H 307 7.32 -15.15 -53.52
C THR H 307 7.95 -14.69 -54.82
N ILE H 308 7.12 -14.29 -55.78
CA ILE H 308 7.63 -13.82 -57.06
C ILE H 308 8.40 -12.50 -56.85
N PRO H 309 9.60 -12.38 -57.46
CA PRO H 309 10.42 -11.17 -57.26
C PRO H 309 9.69 -9.88 -57.60
N LEU H 310 10.05 -8.79 -56.93
CA LEU H 310 9.47 -7.49 -57.22
C LEU H 310 9.43 -7.19 -58.73
N ASN H 311 10.55 -7.43 -59.42
CA ASN H 311 10.70 -7.07 -60.85
C ASN H 311 9.85 -7.92 -61.83
N VAL H 312 9.38 -9.09 -61.35
CA VAL H 312 8.55 -9.99 -62.15
C VAL H 312 7.04 -9.79 -61.87
N LEU H 313 6.72 -9.10 -60.78
CA LEU H 313 5.35 -9.02 -60.27
C LEU H 313 4.33 -8.43 -61.23
N SER H 314 4.79 -7.53 -62.11
CA SER H 314 3.87 -6.86 -63.01
C SER H 314 3.31 -7.79 -64.08
N THR H 315 3.90 -8.97 -64.24
CA THR H 315 3.43 -9.98 -65.20
C THR H 315 2.25 -10.82 -64.67
N ILE H 316 1.79 -10.54 -63.45
CA ILE H 316 0.78 -11.38 -62.79
C ILE H 316 -0.53 -10.62 -62.67
N GLN H 317 -1.62 -11.30 -62.94
CA GLN H 317 -2.92 -10.69 -62.76
C GLN H 317 -3.42 -11.03 -61.37
N PHE H 318 -3.83 -10.02 -60.62
CA PHE H 318 -4.27 -10.18 -59.24
C PHE H 318 -5.70 -9.67 -59.08
N SER H 319 -6.48 -10.35 -58.26
CA SER H 319 -7.81 -9.90 -57.91
C SER H 319 -8.21 -10.17 -56.48
N PRO H 320 -8.50 -9.13 -55.70
CA PRO H 320 -8.52 -7.74 -56.14
C PRO H 320 -7.17 -7.26 -56.61
N ALA H 321 -7.17 -6.17 -57.38
CA ALA H 321 -5.93 -5.55 -57.85
C ALA H 321 -5.19 -4.88 -56.70
N LEU H 322 -3.89 -4.68 -56.89
CA LEU H 322 -2.99 -4.23 -55.84
C LEU H 322 -3.07 -2.71 -55.56
N SER H 323 -2.36 -2.28 -54.53
CA SER H 323 -2.43 -0.92 -54.00
C SER H 323 -1.53 0.05 -54.78
N THR H 324 -1.74 1.35 -54.59
CA THR H 324 -0.92 2.35 -55.29
C THR H 324 0.57 2.08 -55.09
N GLU H 325 0.97 1.90 -53.82
CA GLU H 325 2.39 1.76 -53.48
C GLU H 325 2.99 0.51 -54.06
N ARG H 326 2.22 -0.58 -54.04
CA ARG H 326 2.71 -1.82 -54.64
C ARG H 326 2.88 -1.63 -56.14
N ILE H 327 1.86 -1.08 -56.82
CA ILE H 327 1.94 -0.78 -58.25
C ILE H 327 3.13 0.15 -58.56
N SER H 328 3.22 1.29 -57.88
CA SER H 328 4.31 2.25 -58.11
C SER H 328 5.67 1.59 -58.02
N ALA H 329 5.85 0.78 -57.00
CA ALA H 329 7.05 0.03 -56.85
C ALA H 329 7.37 -0.90 -58.00
N MET H 330 6.46 -1.77 -58.37
CA MET H 330 6.77 -2.73 -59.42
C MET H 330 6.88 -2.13 -60.80
N GLN H 331 6.25 -1.00 -60.98
CA GLN H 331 6.38 -0.22 -62.21
C GLN H 331 7.77 0.38 -62.32
N ALA H 332 8.26 0.95 -61.22
CA ALA H 332 9.63 1.51 -61.18
C ALA H 332 10.68 0.44 -61.37
N GLY H 333 10.51 -0.69 -60.69
CA GLY H 333 11.49 -1.77 -60.66
C GLY H 333 12.74 -1.42 -59.85
N HIS H 334 13.46 -2.44 -59.39
CA HIS H 334 14.74 -2.19 -58.76
C HIS H 334 15.83 -2.06 -59.86
N VAL H 335 17.01 -1.57 -59.48
CA VAL H 335 18.05 -1.13 -60.44
C VAL H 335 19.19 -2.13 -60.67
N SER H 336 19.25 -3.19 -59.87
CA SER H 336 20.35 -4.13 -60.02
C SER H 336 20.24 -4.98 -61.30
N MET H 337 21.19 -4.78 -62.21
CA MET H 337 21.26 -5.46 -63.49
C MET H 337 22.58 -6.23 -63.60
N CYS H 338 22.96 -6.83 -62.48
CA CYS H 338 24.28 -7.39 -62.31
C CYS H 338 24.60 -8.58 -63.21
N THR H 339 25.78 -8.53 -63.83
CA THR H 339 26.29 -9.65 -64.57
C THR H 339 27.35 -10.36 -63.72
N LYS H 340 27.18 -11.63 -63.47
CA LYS H 340 28.15 -12.44 -62.78
C LYS H 340 28.72 -13.47 -63.71
N VAL H 341 30.01 -13.47 -63.90
CA VAL H 341 30.64 -14.37 -64.83
C VAL H 341 31.79 -15.07 -64.13
N HIS H 342 31.83 -16.41 -64.28
CA HIS H 342 32.94 -17.24 -63.83
C HIS H 342 33.88 -17.53 -64.99
N ALA H 343 35.17 -17.54 -64.69
CA ALA H 343 36.19 -17.91 -65.63
C ALA H 343 37.11 -18.91 -64.95
N GLU H 344 37.30 -20.08 -65.56
CA GLU H 344 38.37 -20.99 -65.17
C GLU H 344 39.55 -20.66 -66.07
N VAL H 345 40.67 -20.28 -65.47
CA VAL H 345 41.79 -19.68 -66.20
C VAL H 345 43.11 -20.38 -65.95
N ASP H 346 44.04 -20.23 -66.90
CA ASP H 346 45.27 -21.01 -66.87
C ASP H 346 46.42 -20.44 -66.02
N ASN H 347 46.19 -19.32 -65.33
CA ASN H 347 47.21 -18.80 -64.40
C ASN H 347 46.98 -19.21 -62.94
N LYS H 348 47.76 -20.17 -62.47
CA LYS H 348 47.72 -20.69 -61.09
C LYS H 348 47.99 -19.61 -60.04
N ASP H 349 48.76 -18.60 -60.42
CA ASP H 349 49.20 -17.58 -59.48
C ASP H 349 48.14 -16.50 -59.23
N MET H 350 47.02 -16.57 -59.95
CA MET H 350 45.97 -15.58 -59.74
C MET H 350 44.98 -15.99 -58.68
N ARG H 351 45.25 -17.09 -57.99
CA ARG H 351 44.46 -17.49 -56.83
C ARG H 351 44.35 -16.34 -55.86
N SER H 352 45.44 -15.61 -55.67
CA SER H 352 45.49 -14.52 -54.71
C SER H 352 45.44 -13.13 -55.37
N TRP H 353 44.82 -13.05 -56.56
CA TRP H 353 44.64 -11.79 -57.30
C TRP H 353 43.26 -11.18 -57.03
N THR H 354 43.18 -9.84 -57.05
CA THR H 354 41.91 -9.14 -57.09
C THR H 354 42.07 -7.97 -58.05
N GLY H 355 41.01 -7.60 -58.75
CA GLY H 355 41.13 -6.45 -59.64
C GLY H 355 39.92 -5.55 -59.68
N ILE H 356 40.15 -4.28 -59.99
CA ILE H 356 39.07 -3.34 -60.30
C ILE H 356 39.40 -2.64 -61.60
N ALA H 357 38.49 -2.77 -62.57
CA ALA H 357 38.61 -2.15 -63.90
C ALA H 357 37.43 -1.26 -64.10
N TYR H 358 37.64 0.04 -63.98
CA TYR H 358 36.54 0.97 -63.84
C TYR H 358 36.90 2.38 -64.33
N PRO H 359 36.02 3.03 -65.12
CA PRO H 359 34.67 2.65 -65.55
C PRO H 359 34.55 2.11 -66.97
N PHE H 360 35.69 1.85 -67.60
CA PHE H 360 35.79 1.58 -69.06
C PHE H 360 35.48 0.12 -69.41
N ASN H 361 35.37 -0.74 -68.41
CA ASN H 361 35.17 -2.16 -68.71
C ASN H 361 33.76 -2.67 -68.40
N LYS H 362 33.30 -3.66 -69.15
CA LYS H 362 31.96 -4.20 -68.90
C LYS H 362 31.91 -5.17 -67.71
N LEU H 363 33.08 -5.59 -67.23
CA LEU H 363 33.23 -6.24 -65.92
C LEU H 363 34.21 -5.38 -65.11
N CYS H 364 33.83 -5.00 -63.91
CA CYS H 364 34.61 -4.00 -63.17
C CYS H 364 35.28 -4.47 -61.88
N TYR H 365 34.87 -5.61 -61.36
CA TYR H 365 35.35 -6.07 -60.06
C TYR H 365 35.51 -7.58 -60.15
N ALA H 366 36.68 -8.09 -59.76
CA ALA H 366 36.93 -9.52 -59.90
C ALA H 366 37.92 -10.03 -58.85
N ILE H 367 37.78 -11.30 -58.47
CA ILE H 367 38.63 -11.93 -57.44
C ILE H 367 38.98 -13.36 -57.79
N GLY H 368 40.15 -13.80 -57.35
CA GLY H 368 40.43 -15.21 -57.35
C GLY H 368 39.57 -15.81 -56.27
N ASP H 369 38.75 -16.78 -56.63
CA ASP H 369 37.75 -17.33 -55.73
C ASP H 369 38.01 -18.76 -55.30
N GLY H 370 38.91 -19.48 -55.98
CA GLY H 370 39.19 -20.88 -55.65
C GLY H 370 39.97 -21.66 -56.70
N THR H 371 40.12 -22.97 -56.48
CA THR H 371 40.85 -23.82 -57.41
C THR H 371 40.03 -25.08 -57.75
N THR H 372 39.85 -25.33 -59.05
CA THR H 372 39.09 -26.50 -59.51
C THR H 372 39.87 -27.79 -59.19
N PRO H 373 39.16 -28.95 -59.12
CA PRO H 373 39.88 -30.23 -58.96
C PRO H 373 41.04 -30.38 -59.97
N ALA H 374 40.86 -29.86 -61.19
CA ALA H 374 41.88 -29.92 -62.25
C ALA H 374 43.14 -29.07 -61.98
N GLY H 375 43.10 -28.26 -60.92
CA GLY H 375 44.23 -27.42 -60.55
C GLY H 375 44.31 -26.06 -61.25
N ASN H 376 43.20 -25.63 -61.83
CA ASN H 376 43.09 -24.29 -62.43
C ASN H 376 42.46 -23.28 -61.46
N THR H 377 42.80 -22.06 -61.59
CA THR H 377 42.24 -20.91 -60.85
C THR H 377 40.88 -20.46 -61.40
N HIS H 378 40.01 -20.37 -60.27
CA HIS H 378 38.69 -19.88 -60.59
C HIS H 378 38.58 -18.39 -60.26
N LEU H 379 38.18 -17.60 -61.25
CA LEU H 379 37.95 -16.18 -61.07
C LEU H 379 36.45 -15.95 -61.14
N VAL H 380 35.93 -15.12 -60.24
CA VAL H 380 34.54 -14.65 -60.38
C VAL H 380 34.60 -13.14 -60.67
N CYS H 381 33.87 -12.71 -61.69
CA CYS H 381 33.88 -11.31 -62.09
C CYS H 381 32.48 -10.75 -62.13
N PHE H 382 32.37 -9.46 -61.81
CA PHE H 382 31.09 -8.77 -61.77
C PHE H 382 31.08 -7.50 -62.60
N GLY H 383 29.93 -7.24 -63.22
CA GLY H 383 29.64 -6.00 -63.92
C GLY H 383 28.24 -5.49 -63.55
N THR H 384 27.99 -4.22 -63.86
CA THR H 384 26.79 -3.54 -63.41
C THR H 384 26.11 -2.82 -64.57
N ASP H 385 25.01 -2.13 -64.29
CA ASP H 385 24.33 -1.39 -65.32
C ASP H 385 25.11 -0.13 -65.69
N ALA H 386 26.17 0.16 -64.92
CA ALA H 386 27.07 1.26 -65.19
C ALA H 386 27.77 1.11 -66.55
N ASN H 387 28.22 -0.09 -66.87
CA ASN H 387 28.76 -0.38 -68.19
C ASN H 387 28.32 -1.78 -68.56
N HIS H 388 27.16 -1.90 -69.17
CA HIS H 388 26.49 -3.20 -69.16
C HIS H 388 26.88 -4.17 -70.27
N ILE H 389 26.91 -5.43 -69.93
CA ILE H 389 27.13 -6.52 -70.83
C ILE H 389 26.20 -7.68 -70.54
N GLN H 390 25.60 -8.18 -71.58
CA GLN H 390 24.84 -9.37 -71.56
C GLN H 390 25.77 -10.52 -71.90
N PRO H 391 26.16 -11.36 -70.98
CA PRO H 391 27.31 -12.26 -71.25
C PRO H 391 27.06 -13.38 -72.29
N ASP H 392 25.95 -13.51 -72.57
CA ASP H 392 25.53 -14.56 -73.51
C ASP H 392 25.49 -14.08 -74.97
N GLU H 393 25.24 -12.81 -75.22
CA GLU H 393 25.09 -12.30 -76.57
C GLU H 393 26.24 -12.42 -77.55
N ASP H 394 27.45 -12.25 -77.09
CA ASP H 394 28.69 -12.35 -77.88
C ASP H 394 29.81 -12.85 -76.97
N VAL H 395 30.14 -14.14 -77.10
CA VAL H 395 31.21 -14.75 -76.29
C VAL H 395 32.58 -14.05 -76.40
N ARG H 396 32.87 -13.49 -77.55
CA ARG H 396 34.09 -12.74 -77.74
C ARG H 396 34.07 -11.35 -77.07
N GLU H 397 32.91 -10.72 -76.97
CA GLU H 397 32.76 -9.53 -76.11
C GLU H 397 33.02 -9.84 -74.63
N THR H 398 32.50 -10.98 -74.19
CA THR H 398 32.56 -11.46 -72.81
C THR H 398 34.00 -11.83 -72.44
N LEU H 399 34.71 -12.49 -73.34
CA LEU H 399 36.13 -12.81 -73.09
C LEU H 399 37.01 -11.55 -73.13
N LYS H 400 36.62 -10.58 -73.94
CA LYS H 400 37.27 -9.29 -73.91
C LYS H 400 37.21 -8.70 -72.49
N ALA H 401 36.00 -8.62 -71.93
CA ALA H 401 35.80 -8.06 -70.59
C ALA H 401 36.56 -8.80 -69.46
N VAL H 402 36.56 -10.13 -69.48
CA VAL H 402 37.33 -10.92 -68.51
C VAL H 402 38.83 -10.61 -68.62
N GLY H 403 39.36 -10.73 -69.85
CA GLY H 403 40.76 -10.42 -70.18
C GLY H 403 41.19 -9.01 -69.78
N GLN H 404 40.33 -8.02 -69.98
CA GLN H 404 40.72 -6.64 -69.67
C GLN H 404 40.84 -6.31 -68.16
N LEU H 405 40.48 -7.27 -67.30
CA LEU H 405 40.61 -7.14 -65.86
C LEU H 405 42.05 -7.32 -65.44
N ALA H 406 42.78 -8.10 -66.24
CA ALA H 406 44.23 -8.32 -66.08
C ALA H 406 44.84 -8.75 -67.43
N PRO H 407 45.07 -7.78 -68.34
CA PRO H 407 45.45 -8.10 -69.73
C PRO H 407 46.75 -8.91 -69.85
N GLY H 408 46.73 -9.93 -70.70
CA GLY H 408 47.91 -10.67 -71.08
C GLY H 408 48.56 -11.45 -69.95
N THR H 409 47.74 -11.88 -68.99
CA THR H 409 48.24 -12.62 -67.83
C THR H 409 47.64 -14.04 -67.76
N PHE H 410 46.60 -14.30 -68.54
CA PHE H 410 45.93 -15.59 -68.51
C PHE H 410 45.09 -15.85 -69.74
N GLY H 411 44.95 -17.13 -70.08
CA GLY H 411 43.95 -17.58 -71.05
C GLY H 411 42.77 -18.25 -70.36
N VAL H 412 41.65 -18.34 -71.05
CA VAL H 412 40.41 -18.81 -70.45
C VAL H 412 40.04 -20.23 -70.87
N LYS H 413 40.08 -21.15 -69.91
CA LYS H 413 39.66 -22.53 -70.17
C LYS H 413 38.12 -22.66 -70.19
N ARG H 414 37.42 -21.88 -69.35
CA ARG H 414 35.96 -22.05 -69.18
C ARG H 414 35.25 -20.76 -68.70
N LEU H 415 34.07 -20.51 -69.26
CA LEU H 415 33.15 -19.52 -68.71
C LEU H 415 31.89 -20.21 -68.20
N VAL H 416 31.35 -19.72 -67.10
CA VAL H 416 30.06 -20.19 -66.57
C VAL H 416 29.28 -18.99 -66.05
N PHE H 417 28.04 -18.87 -66.48
CA PHE H 417 27.21 -17.76 -66.09
C PHE H 417 25.75 -18.09 -66.31
N HIS H 418 24.89 -17.28 -65.68
CA HIS H 418 23.46 -17.28 -65.93
C HIS H 418 23.01 -15.82 -66.08
N ASN H 419 22.31 -15.51 -67.16
CA ASN H 419 21.90 -14.13 -67.38
C ASN H 419 20.64 -13.75 -66.59
N TRP H 420 20.83 -13.03 -65.49
CA TRP H 420 19.70 -12.69 -64.60
C TRP H 420 18.85 -11.60 -65.19
N VAL H 421 19.47 -10.73 -65.97
CA VAL H 421 18.77 -9.57 -66.52
C VAL H 421 17.67 -9.96 -67.54
N LYS H 422 17.96 -10.98 -68.34
CA LYS H 422 17.05 -11.40 -69.41
C LYS H 422 16.19 -12.59 -68.99
N ASP H 423 16.44 -13.08 -67.77
CA ASP H 423 15.66 -14.15 -67.19
C ASP H 423 14.26 -13.69 -66.85
N GLU H 424 13.26 -14.27 -67.51
CA GLU H 424 11.86 -13.81 -67.32
C GLU H 424 11.32 -13.99 -65.89
N PHE H 425 11.96 -14.86 -65.10
CA PHE H 425 11.51 -15.12 -63.74
C PHE H 425 12.37 -14.43 -62.67
N ALA H 426 13.24 -13.51 -63.11
CA ALA H 426 13.94 -12.59 -62.19
C ALA H 426 13.94 -11.13 -62.67
N LYS H 427 14.34 -10.92 -63.93
CA LYS H 427 14.44 -9.57 -64.54
C LYS H 427 15.31 -8.61 -63.72
N GLY H 428 16.39 -9.16 -63.20
CA GLY H 428 17.37 -8.40 -62.47
C GLY H 428 18.00 -9.38 -61.54
N ALA H 429 18.95 -8.87 -60.74
CA ALA H 429 19.68 -9.67 -59.79
C ALA H 429 19.05 -9.24 -58.44
N TRP H 430 19.76 -9.43 -57.32
CA TRP H 430 19.30 -8.97 -56.01
C TRP H 430 18.65 -7.60 -56.01
N PHE H 431 17.66 -7.41 -55.14
CA PHE H 431 17.04 -6.08 -54.99
C PHE H 431 17.99 -4.95 -54.64
N PHE H 432 17.96 -3.86 -55.41
CA PHE H 432 18.57 -2.62 -54.93
C PHE H 432 17.73 -1.45 -55.43
N SER H 433 17.49 -0.46 -54.58
CA SER H 433 16.49 0.55 -54.89
C SER H 433 16.99 1.85 -55.52
N ARG H 434 16.06 2.56 -56.17
CA ARG H 434 16.26 3.90 -56.70
C ARG H 434 16.22 4.86 -55.54
N PRO H 435 16.79 6.07 -55.70
CA PRO H 435 16.63 7.06 -54.61
C PRO H 435 15.15 7.24 -54.25
N GLY H 436 14.85 7.16 -52.94
CA GLY H 436 13.52 7.38 -52.42
C GLY H 436 12.59 6.18 -52.46
N MET H 437 12.94 5.14 -53.22
CA MET H 437 12.02 4.02 -53.41
C MET H 437 11.66 3.25 -52.13
N VAL H 438 12.67 2.94 -51.31
CA VAL H 438 12.46 2.11 -50.13
C VAL H 438 11.62 2.87 -49.07
N SER H 439 11.93 4.15 -48.87
CA SER H 439 11.13 5.06 -48.04
C SER H 439 9.66 5.09 -48.43
N GLU H 440 9.40 5.21 -49.70
CA GLU H 440 8.10 5.32 -50.27
C GLU H 440 7.32 4.03 -50.28
N CYS H 441 7.96 2.94 -50.58
CA CYS H 441 7.26 1.71 -50.96
C CYS H 441 7.38 0.51 -50.03
N LEU H 442 8.39 0.53 -49.15
CA LEU H 442 8.63 -0.61 -48.28
C LEU H 442 7.36 -1.02 -47.54
N GLN H 443 6.66 -0.07 -46.92
CA GLN H 443 5.45 -0.40 -46.17
C GLN H 443 4.46 -1.14 -47.07
N GLY H 444 4.10 -0.51 -48.19
CA GLY H 444 3.21 -1.11 -49.18
C GLY H 444 3.63 -2.47 -49.68
N LEU H 445 4.94 -2.72 -49.75
CA LEU H 445 5.41 -4.02 -50.29
C LEU H 445 5.26 -5.15 -49.27
N ARG H 446 5.13 -4.77 -48.00
CA ARG H 446 4.95 -5.73 -46.89
C ARG H 446 3.48 -5.91 -46.46
N GLU H 447 2.58 -5.13 -47.00
CA GLU H 447 1.22 -5.18 -46.57
C GLU H 447 0.40 -6.40 -46.91
N LYS H 448 -0.60 -6.63 -46.11
CA LYS H 448 -1.45 -7.80 -46.34
C LYS H 448 -2.34 -7.58 -47.58
N HIS H 449 -2.55 -8.65 -48.35
CA HIS H 449 -3.48 -8.62 -49.47
C HIS H 449 -4.50 -9.76 -49.31
N GLY H 450 -5.52 -9.60 -48.49
CA GLY H 450 -6.50 -10.62 -48.36
C GLY H 450 -5.90 -11.97 -48.11
N GLY H 451 -6.02 -12.88 -49.04
CA GLY H 451 -5.55 -14.22 -48.78
C GLY H 451 -4.15 -14.45 -49.28
N VAL H 452 -3.57 -13.40 -49.78
CA VAL H 452 -2.22 -13.52 -50.33
C VAL H 452 -1.20 -12.88 -49.38
N VAL H 453 -0.17 -13.64 -49.04
CA VAL H 453 0.97 -13.14 -48.31
C VAL H 453 2.11 -12.92 -49.28
N PHE H 454 2.45 -11.65 -49.51
CA PHE H 454 3.61 -11.29 -50.33
C PHE H 454 4.90 -11.31 -49.53
N ALA H 455 5.83 -12.19 -49.91
CA ALA H 455 7.07 -12.39 -49.19
C ALA H 455 8.26 -12.63 -50.13
N ASN H 456 9.16 -11.94 -50.09
CA ASN H 456 10.37 -12.04 -50.88
C ASN H 456 11.47 -11.22 -50.22
N SER H 457 12.71 -11.60 -50.37
CA SER H 457 13.84 -10.77 -50.01
C SER H 457 13.84 -9.32 -50.51
N ASP H 458 13.31 -9.03 -51.65
CA ASP H 458 13.23 -7.65 -52.08
C ASP H 458 12.66 -6.58 -51.12
N TRP H 459 11.86 -6.99 -50.16
CA TRP H 459 11.17 -6.20 -49.17
C TRP H 459 11.36 -6.70 -47.71
N ALA H 460 12.45 -7.44 -47.46
CA ALA H 460 12.89 -7.71 -46.07
C ALA H 460 13.29 -6.42 -45.34
N LEU H 461 13.48 -6.53 -44.04
CA LEU H 461 13.73 -5.37 -43.16
C LEU H 461 15.21 -5.32 -42.84
N GLY H 462 15.79 -6.51 -42.66
CA GLY H 462 17.18 -6.65 -42.23
C GLY H 462 18.09 -6.75 -43.41
N TRP H 463 18.64 -7.95 -43.61
CA TRP H 463 19.43 -8.27 -44.81
C TRP H 463 18.52 -8.29 -46.06
N ARG H 464 17.97 -7.13 -46.42
CA ARG H 464 17.09 -7.02 -47.57
C ARG H 464 17.96 -7.22 -48.79
N SER H 465 17.48 -8.06 -49.72
CA SER H 465 18.17 -8.39 -50.98
C SER H 465 19.14 -9.57 -50.83
N PHE H 466 19.28 -10.09 -49.61
CA PHE H 466 20.18 -11.23 -49.36
C PHE H 466 19.41 -12.55 -49.22
N ILE H 467 20.11 -13.67 -49.41
CA ILE H 467 19.59 -14.97 -49.02
C ILE H 467 18.99 -14.85 -47.61
N ASP H 468 19.76 -14.25 -46.69
CA ASP H 468 19.23 -13.96 -45.37
C ASP H 468 17.84 -13.27 -45.36
N GLY H 469 17.67 -12.22 -46.15
CA GLY H 469 16.37 -11.56 -46.29
C GLY H 469 15.25 -12.44 -46.84
N ALA H 470 15.60 -13.44 -47.65
CA ALA H 470 14.59 -14.33 -48.21
C ALA H 470 14.10 -15.22 -47.07
N ILE H 471 15.07 -15.67 -46.28
CA ILE H 471 14.75 -16.53 -45.17
C ILE H 471 13.92 -15.76 -44.13
N GLU H 472 14.38 -14.60 -43.71
CA GLU H 472 13.64 -13.67 -42.93
C GLU H 472 12.20 -13.55 -43.36
N GLU H 473 11.99 -13.31 -44.63
CA GLU H 473 10.66 -13.13 -45.17
C GLU H 473 9.82 -14.37 -45.28
N GLY H 474 10.47 -15.49 -45.52
CA GLY H 474 9.80 -16.79 -45.59
C GLY H 474 9.34 -17.24 -44.21
N THR H 475 10.13 -16.96 -43.18
CA THR H 475 9.77 -17.23 -41.82
C THR H 475 8.56 -16.39 -41.49
N ARG H 476 8.59 -15.14 -41.87
CA ARG H 476 7.49 -14.24 -41.58
C ARG H 476 6.22 -14.66 -42.30
N ALA H 477 6.35 -15.23 -43.51
CA ALA H 477 5.14 -15.63 -44.24
C ALA H 477 4.52 -16.88 -43.61
N ALA H 478 5.33 -17.80 -43.15
CA ALA H 478 4.81 -18.92 -42.47
C ALA H 478 4.03 -18.63 -41.20
N ARG H 479 4.55 -17.74 -40.39
CA ARG H 479 3.85 -17.27 -39.23
CA ARG H 479 3.87 -17.24 -39.24
C ARG H 479 2.54 -16.52 -39.45
N VAL H 480 2.38 -15.71 -40.46
CA VAL H 480 1.12 -15.09 -40.74
C VAL H 480 0.01 -16.05 -41.13
N VAL H 481 0.39 -17.06 -41.87
CA VAL H 481 -0.47 -18.08 -42.40
C VAL H 481 -0.91 -18.97 -41.25
N LEU H 482 0.02 -19.28 -40.40
CA LEU H 482 -0.24 -20.12 -39.31
C LEU H 482 -1.13 -19.47 -38.23
N GLU H 483 -0.87 -18.21 -37.92
CA GLU H 483 -1.74 -17.41 -37.07
C GLU H 483 -3.16 -17.17 -37.60
N GLU H 484 -3.34 -17.03 -38.89
CA GLU H 484 -4.68 -16.87 -39.50
C GLU H 484 -5.40 -18.19 -39.79
N LEU H 485 -4.68 -19.30 -39.62
CA LEU H 485 -5.16 -20.68 -39.87
C LEU H 485 -5.83 -20.91 -41.24
PA FAD I . 35.70 22.32 53.47
O1A FAD I . 36.14 21.16 52.69
O2A FAD I . 35.13 22.06 54.80
O5B FAD I . 36.96 23.28 53.58
C5B FAD I . 37.01 24.48 54.31
C4B FAD I . 37.88 24.27 55.56
O4B FAD I . 38.22 25.57 56.22
C3B FAD I . 39.28 23.74 55.72
O3B FAD I . 39.63 22.48 55.18
C2B FAD I . 38.96 23.63 57.18
O2B FAD I . 39.90 22.88 57.91
C1B FAD I . 39.16 25.13 57.26
N9A FAD I . 38.87 25.73 58.52
C8A FAD I . 37.82 25.49 59.30
N7A FAD I . 37.93 26.27 60.37
C5A FAD I . 39.05 27.01 60.26
C6A FAD I . 39.68 27.97 61.06
N6A FAD I . 39.16 28.33 62.22
N1A FAD I . 40.83 28.51 60.66
C2A FAD I . 41.37 28.13 59.50
N3A FAD I . 40.80 27.22 58.71
C4A FAD I . 39.65 26.64 59.07
N1 FAD I . 30.73 15.66 48.16
C2 FAD I . 30.73 15.09 46.91
O2 FAD I . 30.87 15.81 45.93
N3 FAD I . 30.57 13.72 46.80
C4 FAD I . 30.40 12.92 47.93
O4 FAD I . 30.27 11.69 47.78
C4X FAD I . 30.38 13.49 49.19
N5 FAD I . 30.19 12.75 50.37
C5X FAD I . 30.62 13.29 51.59
C6 FAD I . 30.81 12.46 52.68
C7 FAD I . 31.28 12.99 53.89
C7M FAD I . 31.48 12.06 55.12
C8 FAD I . 31.54 14.35 54.00
C8M FAD I . 32.05 14.93 55.33
C9 FAD I . 31.33 15.19 52.89
C9A FAD I . 30.86 14.67 51.67
N10 FAD I . 30.63 15.47 50.52
C10 FAD I . 30.56 14.86 49.29
C1' FAD I . 30.60 16.96 50.52
C2' FAD I . 31.93 17.61 50.91
O2' FAD I . 32.98 17.05 50.17
C3' FAD I . 31.91 19.17 50.90
O3' FAD I . 30.73 19.70 50.34
C4' FAD I . 33.08 19.90 50.26
O4' FAD I . 34.30 19.16 50.31
C5' FAD I . 33.27 21.16 51.06
O5' FAD I . 34.34 21.87 50.59
P FAD I . 34.47 23.36 51.05
O1P FAD I . 35.83 23.83 50.36
O2P FAD I . 33.32 24.21 50.64
O3P FAD I . 34.70 23.31 52.68
C1 EDO J . 37.11 5.92 33.80
O1 EDO J . 37.86 7.03 34.31
C2 EDO J . 37.76 5.46 32.50
O2 EDO J . 37.22 6.29 31.48
PA FAD K . -23.15 -29.55 13.07
O1A FAD K . -22.92 -29.38 11.60
O2A FAD K . -22.45 -30.59 13.86
O5B FAD K . -24.25 -30.72 12.88
C5B FAD K . -25.42 -30.71 12.09
C4B FAD K . -25.35 -31.71 10.96
O4B FAD K . -26.68 -31.84 10.24
C3B FAD K . -25.11 -33.22 10.93
O3B FAD K . -24.02 -33.83 11.58
C2B FAD K . -24.87 -33.05 9.44
O2B FAD K . -24.33 -34.20 8.84
C1B FAD K . -26.39 -32.95 9.30
N9A FAD K . -26.88 -32.72 7.99
C8A FAD K . -26.43 -31.81 7.13
N7A FAD K . -27.14 -31.90 6.02
C5A FAD K . -28.06 -32.85 6.18
C6A FAD K . -29.06 -33.38 5.37
N6A FAD K . -29.26 -32.89 4.16
N1A FAD K . -29.83 -34.38 5.85
C2A FAD K . -29.64 -34.87 7.08
N3A FAD K . -28.70 -34.39 7.88
C4A FAD K . -27.89 -33.39 7.44
N1 FAD K . -16.06 -25.60 18.50
C2 FAD K . -15.55 -25.60 19.80
O2 FAD K . -16.33 -25.53 20.74
N3 FAD K . -14.17 -25.70 20.01
C4 FAD K . -13.31 -25.77 18.89
O4 FAD K . -12.10 -25.87 19.08
C4X FAD K . -13.81 -25.75 17.59
N5 FAD K . -12.95 -25.78 16.44
C5X FAD K . -13.50 -26.17 15.20
C6 FAD K . -12.67 -26.58 14.15
C7 FAD K . -13.22 -27.01 12.96
C7M FAD K . -12.31 -27.46 11.83
C8 FAD K . -14.62 -27.05 12.83
C8M FAD K . -15.33 -27.50 11.54
C9 FAD K . -15.44 -26.64 13.88
C9A FAD K . -14.89 -26.19 15.07
N10 FAD K . -15.72 -25.74 16.16
C10 FAD K . -15.19 -25.67 17.42
C1' FAD K . -17.16 -25.49 15.99
C2' FAD K . -17.95 -26.73 15.56
O2' FAD K . -17.56 -27.88 16.26
C3' FAD K . -19.48 -26.46 15.56
O3' FAD K . -19.77 -25.17 16.08
C4' FAD K . -20.44 -27.46 16.23
O4' FAD K . -19.96 -28.80 16.15
C5' FAD K . -21.76 -27.32 15.46
O5' FAD K . -22.73 -28.24 15.88
P FAD K . -24.24 -28.21 15.24
O1P FAD K . -24.89 -29.51 15.89
O2P FAD K . -24.95 -26.94 15.50
O3P FAD K . -24.25 -28.63 13.70
PA FAD L . -29.94 -23.53 50.43
O1A FAD L . -30.31 -22.41 49.53
O2A FAD L . -29.46 -23.18 51.77
O5B FAD L . -31.18 -24.51 50.47
C5B FAD L . -31.20 -25.70 51.23
C4B FAD L . -32.19 -25.50 52.41
O4B FAD L . -32.68 -26.73 53.06
C3B FAD L . -33.57 -24.89 52.34
O3B FAD L . -33.73 -23.64 51.72
C2B FAD L . -33.53 -24.73 53.83
O2B FAD L . -34.64 -24.01 54.29
C1B FAD L . -33.73 -26.22 53.96
N9A FAD L . -33.61 -26.79 55.27
C8A FAD L . -32.67 -26.58 56.20
N7A FAD L . -32.92 -27.36 57.25
C5A FAD L . -34.03 -28.05 56.99
C6A FAD L . -34.79 -28.99 57.67
N6A FAD L . -34.42 -29.38 58.88
N1A FAD L . -35.87 -29.52 57.08
C2A FAD L . -36.24 -29.15 55.86
N3A FAD L . -35.56 -28.23 55.18
C4A FAD L . -34.46 -27.70 55.71
N1 FAD L . -24.37 -17.06 45.48
C2 FAD L . -24.23 -16.50 44.22
O2 FAD L . -24.30 -17.21 43.23
N3 FAD L . -24.04 -15.14 44.09
C4 FAD L . -23.97 -14.33 45.21
O4 FAD L . -23.82 -13.12 45.04
C4X FAD L . -24.08 -14.89 46.49
N5 FAD L . -23.98 -14.10 47.69
C5X FAD L . -24.55 -14.61 48.86
C6 FAD L . -24.84 -13.72 49.90
C7 FAD L . -25.43 -14.21 51.06
C7M FAD L . -25.73 -13.23 52.19
C8 FAD L . -25.75 -15.58 51.16
C8M FAD L . -26.41 -16.17 52.42
C9 FAD L . -25.45 -16.46 50.11
C9A FAD L . -24.83 -15.97 48.95
N10 FAD L . -24.48 -16.82 47.84
C10 FAD L . -24.29 -16.25 46.60
C1' FAD L . -24.47 -18.31 47.89
C2' FAD L . -25.87 -18.84 48.21
O2' FAD L . -26.85 -18.35 47.30
C3' FAD L . -25.91 -20.37 48.36
O3' FAD L . -24.61 -20.95 48.15
C4' FAD L . -26.98 -21.12 47.56
O4' FAD L . -28.21 -20.41 47.47
C5' FAD L . -27.27 -22.39 48.32
O5' FAD L . -28.27 -23.12 47.67
P FAD L . -28.55 -24.62 48.15
O1P FAD L . -29.85 -25.03 47.37
O2P FAD L . -27.43 -25.57 47.87
O3P FAD L . -28.90 -24.56 49.75
C1 EDO M . -29.99 4.09 37.60
O1 EDO M . -29.53 5.24 38.33
C2 EDO M . -29.80 2.84 38.45
O2 EDO M . -29.67 1.77 37.52
C1 EDO N . -28.78 -8.17 30.10
O1 EDO N . -29.91 -8.85 30.66
C2 EDO N . -28.65 -8.57 28.62
O2 EDO N . -29.48 -7.69 27.83
PA FAD O . 19.52 -21.55 -17.96
O1A FAD O . 18.87 -20.25 -18.21
O2A FAD O . 20.44 -21.72 -16.81
O5B FAD O . 18.31 -22.60 -17.98
C5B FAD O . 18.37 -23.93 -17.58
C4B FAD O . 17.74 -24.09 -16.19
O4B FAD O . 17.44 -25.52 -15.82
C3B FAD O . 16.42 -23.56 -15.68
O3B FAD O . 16.17 -22.18 -15.76
C2B FAD O . 16.91 -23.86 -14.30
O2B FAD O . 16.09 -23.29 -13.29
C1B FAD O . 16.71 -25.35 -14.56
N9A FAD O . 17.24 -26.26 -13.57
C8A FAD O . 18.41 -26.20 -12.94
N7A FAD O . 18.49 -27.23 -12.11
C5A FAD O . 17.38 -27.95 -12.22
C6A FAD O . 16.89 -29.11 -11.63
N6A FAD O . 17.62 -29.74 -10.73
N1A FAD O . 15.68 -29.56 -11.97
C2A FAD O . 14.94 -28.93 -12.87
N3A FAD O . 15.36 -27.82 -13.45
C4A FAD O . 16.58 -27.32 -13.15
N1 FAD O . 23.38 -13.40 -22.29
C2 FAD O . 23.11 -12.50 -23.30
O2 FAD O . 22.75 -12.93 -24.40
N3 FAD O . 23.24 -11.14 -23.07
C4 FAD O . 23.65 -10.69 -21.81
O4 FAD O . 23.75 -9.48 -21.64
C4X FAD O . 23.94 -11.59 -20.78
N5 FAD O . 24.41 -11.17 -19.50
C5X FAD O . 24.27 -12.05 -18.42
C6 FAD O . 24.34 -11.56 -17.11
C7 FAD O . 24.16 -12.43 -16.03
C7M FAD O . 24.24 -11.92 -14.59
C8 FAD O . 23.91 -13.79 -16.27
C8M FAD O . 23.71 -14.74 -15.11
C9 FAD O . 23.87 -14.27 -17.58
C9A FAD O . 24.05 -13.41 -18.66
N10 FAD O . 24.01 -13.87 -20.01
C10 FAD O . 23.81 -12.95 -21.05
C1' FAD O . 23.98 -15.32 -20.38
C2' FAD O . 22.76 -16.09 -19.80
O2' FAD O . 21.56 -15.39 -20.02
C3' FAD O . 22.69 -17.59 -20.25
O3' FAD O . 23.72 -17.91 -21.18
C4' FAD O . 21.37 -18.13 -20.79
O4' FAD O . 20.22 -17.54 -20.18
C5' FAD O . 21.35 -19.59 -20.43
O5' FAD O . 20.17 -20.21 -20.86
P FAD O . 20.14 -21.82 -20.73
O1P FAD O . 18.65 -22.22 -21.15
O2P FAD O . 21.19 -22.49 -21.54
O3P FAD O . 20.39 -22.11 -19.19
C1 EDO P . 14.73 -0.73 -31.50
O1 EDO P . 13.72 -1.76 -31.54
C2 EDO P . 14.31 0.44 -32.38
O2 EDO P . 13.68 -0.02 -33.57
PA FAD Q . 33.76 26.95 15.30
O1A FAD Q . 32.92 27.82 16.08
O2A FAD Q . 33.24 26.39 14.05
O5B FAD Q . 35.26 27.43 14.97
C5B FAD Q . 35.73 28.71 14.98
C4B FAD Q . 35.98 29.09 13.56
O4B FAD Q . 37.33 29.03 12.97
C3B FAD Q . 35.70 30.52 13.24
O3B FAD Q . 34.51 31.06 13.76
C2B FAD Q . 35.67 30.17 11.78
O2B FAD Q . 35.26 31.25 10.97
C1B FAD Q . 37.18 30.02 11.84
N9A FAD Q . 37.88 29.72 10.62
C8A FAD Q . 37.61 28.75 9.74
N7A FAD Q . 38.53 28.79 8.78
C5A FAD Q . 39.39 29.78 9.03
C6A FAD Q . 40.51 30.30 8.39
N6A FAD Q . 40.96 29.78 7.25
N1A FAD Q . 41.16 31.34 8.96
C2A FAD Q . 40.73 31.88 10.10
N3A FAD Q . 39.66 31.42 10.72
C4A FAD Q . 38.97 30.37 10.21
N1 FAD Q . 25.79 23.02 19.91
C2 FAD Q . 25.21 23.09 21.13
O2 FAD Q . 25.94 23.03 22.12
N3 FAD Q . 23.81 23.22 21.23
C4 FAD Q . 23.02 23.26 20.06
O4 FAD Q . 21.81 23.38 20.20
C4X FAD Q . 23.64 23.16 18.80
N5 FAD Q . 22.94 23.18 17.56
C5X FAD Q . 23.66 23.54 16.40
C6 FAD Q . 22.96 23.99 15.27
C7 FAD Q . 23.67 24.37 14.13
C7M FAD Q . 22.88 24.83 12.90
C8 FAD Q . 25.08 24.33 14.14
C8M FAD Q . 25.91 24.76 12.92
C9 FAD Q . 25.75 23.88 15.28
C9A FAD Q . 25.05 23.47 16.41
N10 FAD Q . 25.71 23.01 17.59
C10 FAD Q . 25.03 23.04 18.77
C1' FAD Q . 27.16 22.67 17.72
C2' FAD Q . 28.05 23.89 17.33
O2' FAD Q . 27.53 25.11 17.87
C3' FAD Q . 29.59 23.65 17.42
O3' FAD Q . 29.89 22.31 17.84
C4' FAD Q . 30.48 24.64 18.17
O4' FAD Q . 29.96 25.95 18.18
C5' FAD Q . 31.82 24.66 17.46
O5' FAD Q . 32.71 25.51 18.15
P FAD Q . 34.28 25.55 17.76
O1P FAD Q . 34.81 26.91 18.43
O2P FAD Q . 34.98 24.30 18.20
O3P FAD Q . 34.27 25.66 16.15
PA FAD R . -17.92 12.65 -13.01
O1A FAD R . -17.71 11.86 -14.22
O2A FAD R . -18.13 11.97 -11.73
O5B FAD R . -16.67 13.63 -12.98
C5B FAD R . -16.39 14.66 -12.02
C4B FAD R . -15.19 14.20 -11.18
O4B FAD R . -14.59 15.24 -10.28
C3B FAD R . -13.87 13.65 -11.67
O3B FAD R . -13.92 12.56 -12.54
C2B FAD R . -13.62 13.10 -10.27
O2B FAD R . -12.51 12.23 -10.16
C1B FAD R . -13.38 14.54 -9.78
N9A FAD R . -13.22 14.66 -8.36
C8A FAD R . -13.94 14.10 -7.38
N7A FAD R . -13.45 14.51 -6.21
C5A FAD R . -12.42 15.32 -6.47
C6A FAD R . -11.53 16.03 -5.70
N6A FAD R . -11.64 15.98 -4.37
N1A FAD R . -10.59 16.79 -6.29
C2A FAD R . -10.50 16.86 -7.61
N3A FAD R . -11.33 16.19 -8.39
C4A FAD R . -12.29 15.43 -7.84
N1 FAD R . -24.45 7.53 -18.32
C2 FAD R . -24.88 7.35 -19.60
O2 FAD R . -24.98 8.32 -20.33
N3 FAD R . -25.18 6.07 -20.06
C4 FAD R . -25.06 4.95 -19.22
O4 FAD R . -25.32 3.84 -19.68
C4X FAD R . -24.65 5.14 -17.90
N5 FAD R . -24.53 4.08 -16.95
C5X FAD R . -23.73 4.27 -15.80
C6 FAD R . -23.28 3.17 -15.10
C7 FAD R . -22.43 3.34 -14.00
C7M FAD R . -21.95 2.10 -13.23
C8 FAD R . -22.03 4.63 -13.64
C8M FAD R . -21.10 4.85 -12.42
C9 FAD R . -22.49 5.72 -14.36
C9A FAD R . -23.33 5.56 -15.46
N10 FAD R . -23.84 6.67 -16.20
C10 FAD R . -24.33 6.44 -17.48
C1' FAD R . -23.84 8.07 -15.74
C2' FAD R . -22.43 8.58 -15.52
O2' FAD R . -21.57 8.27 -16.62
C3' FAD R . -22.40 10.08 -15.11
O3' FAD R . -23.74 10.61 -15.02
C4' FAD R . -21.49 11.04 -15.90
O4' FAD R . -20.31 10.41 -16.45
C5' FAD R . -21.03 12.11 -14.91
O5' FAD R . -20.08 12.97 -15.45
P FAD R . -19.72 14.26 -14.59
O1P FAD R . -18.46 14.87 -15.35
O2P FAD R . -20.87 15.21 -14.44
O3P FAD R . -19.16 13.70 -13.15
C1 EDO S . -29.90 -68.05 -25.94
O1 EDO S . -31.03 -68.01 -25.07
C2 EDO S . -30.40 -68.58 -27.27
O2 EDO S . -30.63 -67.47 -28.13
PA FAD T . -31.53 28.33 -45.50
O1A FAD T . -32.06 28.83 -44.23
O2A FAD T . -32.44 28.30 -46.68
O5B FAD T . -30.15 29.01 -46.00
C5B FAD T . -29.76 30.31 -45.90
C4B FAD T . -29.84 30.95 -47.24
O4B FAD T . -28.71 31.19 -48.19
C3B FAD T . -30.11 32.38 -46.98
O3B FAD T . -31.07 32.67 -45.96
C2B FAD T . -30.62 32.52 -48.38
O2B FAD T . -31.22 33.78 -48.54
C1B FAD T . -29.16 32.47 -48.80
N9A FAD T . -28.90 32.59 -50.20
C8A FAD T . -29.51 31.93 -51.18
N7A FAD T . -29.00 32.33 -52.34
C5A FAD T . -28.06 33.25 -52.10
C6A FAD T . -27.20 34.02 -52.90
N6A FAD T . -27.21 33.91 -54.22
N1A FAD T . -26.36 34.87 -52.29
C2A FAD T . -26.32 35.01 -50.95
N3A FAD T . -27.13 34.31 -50.18
C4A FAD T . -28.00 33.42 -50.72
N1 FAD T . -37.62 22.69 -40.01
C2 FAD T . -37.83 22.29 -38.72
O2 FAD T . -36.86 21.97 -38.03
N3 FAD T . -39.15 22.26 -38.22
C4 FAD T . -40.24 22.62 -39.02
O4 FAD T . -41.36 22.57 -38.54
C4X FAD T . -40.02 23.02 -40.34
N5 FAD T . -41.06 23.36 -41.25
C5X FAD T . -40.75 24.10 -42.40
C6 FAD T . -41.77 24.76 -43.08
C7 FAD T . -41.47 25.55 -44.20
C7M FAD T . -42.60 26.26 -44.95
C8 FAD T . -40.13 25.68 -44.62
C8M FAD T . -39.80 26.54 -45.86
C9 FAD T . -39.11 25.01 -43.93
C9A FAD T . -39.41 24.21 -42.82
N10 FAD T . -38.42 23.49 -42.08
C10 FAD T . -38.71 23.05 -40.81
C1' FAD T . -37.02 23.30 -42.53
C2' FAD T . -36.34 24.63 -42.86
O2' FAD T . -36.53 25.58 -41.83
C3' FAD T . -34.86 24.41 -43.27
O3' FAD T . -34.57 23.02 -43.18
C4' FAD T . -33.78 25.18 -42.51
O4' FAD T . -34.21 26.46 -42.08
C5' FAD T . -32.64 25.38 -43.50
O5' FAD T . -31.51 25.95 -42.89
P FAD T . -30.28 26.32 -43.84
O1P FAD T . -29.52 27.50 -43.14
O2P FAD T . -29.43 25.13 -44.05
O3P FAD T . -30.92 26.85 -45.27
C1 EDO U . -20.97 -9.70 -31.49
O1 EDO U . -21.40 -8.41 -31.91
C2 EDO U . -21.25 -10.60 -32.68
O2 EDO U . -21.24 -11.98 -32.24
C1 EDO V . -23.40 3.21 -35.98
O1 EDO V . -22.23 3.83 -35.43
C2 EDO V . -23.71 3.80 -37.37
O2 EDO V . -23.01 3.01 -38.34
PA FAD W . 13.94 -15.79 -55.59
O1A FAD W . 15.18 -16.51 -55.29
O2A FAD W . 13.84 -14.88 -56.74
O5B FAD W . 12.84 -16.96 -55.65
C5B FAD W . 11.49 -16.68 -56.02
C4B FAD W . 11.25 -17.22 -57.42
O4B FAD W . 9.84 -17.22 -57.81
C3B FAD W . 11.58 -18.60 -58.02
O3B FAD W . 12.89 -19.12 -57.83
C2B FAD W . 11.40 -18.01 -59.40
O2B FAD W . 11.71 -18.91 -60.43
C1B FAD W . 9.89 -17.95 -59.13
N9A FAD W . 8.97 -17.35 -60.07
C8A FAD W . 9.08 -16.19 -60.72
N7A FAD W . 8.00 -16.00 -61.46
C5A FAD W . 7.17 -17.04 -61.25
C6A FAD W . 5.92 -17.41 -61.74
N6A FAD W . 5.27 -16.61 -62.60
N1A FAD W . 5.37 -18.56 -61.32
C2A FAD W . 6.00 -19.36 -60.47
N3A FAD W . 7.20 -19.04 -59.98
C4A FAD W . 7.80 -17.90 -60.37
N1 FAD W . 22.69 -13.06 -51.58
C2 FAD W . 23.60 -13.36 -50.57
O2 FAD W . 23.16 -13.63 -49.45
N3 FAD W . 24.99 -13.35 -50.83
C4 FAD W . 25.43 -13.03 -52.12
O4 FAD W . 26.62 -13.03 -52.35
C4X FAD W . 24.51 -12.71 -53.12
N5 FAD W . 24.94 -12.36 -54.43
C5X FAD W . 24.02 -12.43 -55.50
C6 FAD W . 24.49 -12.46 -56.82
C7 FAD W . 23.61 -12.55 -57.89
C7M FAD W . 24.18 -12.57 -59.31
C8 FAD W . 22.22 -12.64 -57.63
C8M FAD W . 21.20 -12.75 -58.79
C9 FAD W . 21.76 -12.60 -56.31
C9A FAD W . 22.65 -12.49 -55.24
N10 FAD W . 22.22 -12.45 -53.88
C10 FAD W . 23.15 -12.72 -52.85
C1' FAD W . 20.82 -12.22 -53.50
C2' FAD W . 19.90 -13.37 -53.97
O2' FAD W . 20.46 -14.64 -53.64
C3' FAD W . 18.41 -13.17 -53.54
O3' FAD W . 18.25 -11.97 -52.79
C4' FAD W . 17.65 -14.30 -52.83
O4' FAD W . 18.08 -15.62 -53.21
C5' FAD W . 16.18 -14.15 -53.24
O5' FAD W . 15.43 -15.28 -52.83
P FAD W . 13.83 -15.12 -52.82
O1P FAD W . 13.40 -16.61 -52.45
O2P FAD W . 13.29 -14.05 -51.93
O3P FAD W . 13.42 -14.82 -54.37
#